data_4ASV
#
_entry.id   4ASV
#
_cell.length_a   1.000
_cell.length_b   1.000
_cell.length_c   1.000
_cell.angle_alpha   90.00
_cell.angle_beta   90.00
_cell.angle_gamma   90.00
#
_symmetry.space_group_name_H-M   'P 1'
#
_entity_poly.entity_id   1
_entity_poly.type   'polypeptide(L)'
_entity_poly.pdbx_seq_one_letter_code
;MAHHHHHHVDDDDMMSASKEEIAALIVNYFSSIVEKKEISEDGADSLNVAMDCISEAFGFEREAVSGILGKSEFKGQHLA
DILNSASRVPES
;
_entity_poly.pdbx_strand_id   A,B
#
# COMPACT_ATOMS: atom_id res chain seq x y z
N MET A 14 15.69 6.23 -4.99
CA MET A 14 16.57 7.06 -4.12
C MET A 14 15.81 7.52 -2.88
N MET A 15 14.49 7.54 -2.96
CA MET A 15 13.67 7.99 -1.84
C MET A 15 13.60 6.92 -0.77
N SER A 16 13.50 7.36 0.47
CA SER A 16 13.44 6.44 1.60
C SER A 16 12.00 6.05 1.91
N ALA A 17 11.11 6.40 0.97
CA ALA A 17 9.69 6.10 1.08
C ALA A 17 9.06 6.83 2.25
N SER A 18 8.79 8.11 2.06
CA SER A 18 8.13 8.92 3.07
C SER A 18 6.65 8.55 3.13
N LYS A 19 5.96 8.98 4.19
CA LYS A 19 4.58 8.58 4.43
C LYS A 19 3.70 8.88 3.23
N GLU A 20 3.73 10.14 2.78
CA GLU A 20 2.92 10.58 1.66
C GLU A 20 3.27 9.82 0.38
N GLU A 21 4.54 9.50 0.22
CA GLU A 21 5.02 8.81 -0.97
C GLU A 21 4.49 7.38 -1.03
N ILE A 22 4.48 6.73 0.12
CA ILE A 22 3.96 5.37 0.23
C ILE A 22 2.45 5.37 -0.03
N ALA A 23 1.74 6.23 0.70
CA ALA A 23 0.30 6.35 0.56
C ALA A 23 -0.08 6.65 -0.87
N ALA A 24 0.75 7.46 -1.53
CA ALA A 24 0.56 7.80 -2.94
C ALA A 24 0.47 6.54 -3.80
N LEU A 25 1.48 5.68 -3.69
CA LEU A 25 1.51 4.45 -4.46
C LEU A 25 0.35 3.54 -4.09
N ILE A 26 0.02 3.52 -2.80
CA ILE A 26 -1.06 2.68 -2.30
C ILE A 26 -2.40 3.11 -2.91
N VAL A 27 -2.73 4.39 -2.82
CA VAL A 27 -4.00 4.88 -3.35
C VAL A 27 -4.00 4.85 -4.87
N ASN A 28 -2.83 5.02 -5.48
CA ASN A 28 -2.70 4.95 -6.93
C ASN A 28 -3.03 3.54 -7.41
N TYR A 29 -2.50 2.54 -6.70
CA TYR A 29 -2.78 1.14 -7.02
C TYR A 29 -4.26 0.85 -6.90
N PHE A 30 -4.88 1.30 -5.81
CA PHE A 30 -6.31 1.12 -5.61
C PHE A 30 -7.10 1.80 -6.72
N SER A 31 -6.61 2.97 -7.14
CA SER A 31 -7.21 3.70 -8.25
C SER A 31 -7.10 2.89 -9.53
N SER A 32 -5.95 2.25 -9.73
CA SER A 32 -5.73 1.41 -10.91
C SER A 32 -6.67 0.22 -10.93
N ILE A 33 -6.93 -0.35 -9.76
CA ILE A 33 -7.82 -1.50 -9.63
C ILE A 33 -9.24 -1.16 -10.11
N VAL A 34 -9.76 -0.04 -9.65
CA VAL A 34 -11.10 0.39 -10.03
C VAL A 34 -11.09 1.00 -11.43
N GLU A 35 -9.93 1.49 -11.84
CA GLU A 35 -9.75 2.07 -13.17
C GLU A 35 -10.00 1.01 -14.24
N LYS A 36 -9.41 -0.16 -14.05
CA LYS A 36 -9.56 -1.25 -15.00
C LYS A 36 -10.77 -2.12 -14.64
N LYS A 37 -11.57 -1.61 -13.70
CA LYS A 37 -12.77 -2.28 -13.16
C LYS A 37 -12.54 -3.78 -12.95
N GLU A 38 -11.45 -4.12 -12.27
CA GLU A 38 -11.09 -5.51 -12.05
C GLU A 38 -11.73 -6.02 -10.77
N ILE A 39 -11.92 -5.10 -9.84
CA ILE A 39 -12.48 -5.42 -8.54
C ILE A 39 -14.00 -5.42 -8.60
N SER A 40 -14.65 -6.07 -7.64
CA SER A 40 -16.09 -6.13 -7.59
C SER A 40 -16.66 -4.80 -7.09
N GLU A 41 -17.92 -4.53 -7.39
CA GLU A 41 -18.55 -3.25 -7.01
C GLU A 41 -18.39 -2.99 -5.52
N ASP A 42 -18.64 -4.02 -4.72
CA ASP A 42 -18.52 -3.92 -3.26
C ASP A 42 -17.13 -3.44 -2.86
N GLY A 43 -16.12 -4.13 -3.39
CA GLY A 43 -14.74 -3.80 -3.08
C GLY A 43 -14.34 -2.41 -3.57
N ALA A 44 -14.93 -2.01 -4.69
CA ALA A 44 -14.65 -0.69 -5.25
C ALA A 44 -15.09 0.41 -4.29
N ASP A 45 -16.27 0.25 -3.72
CA ASP A 45 -16.79 1.19 -2.74
C ASP A 45 -15.94 1.18 -1.48
N SER A 46 -15.49 -0.01 -1.09
CA SER A 46 -14.61 -0.15 0.06
C SER A 46 -13.34 0.67 -0.13
N LEU A 47 -12.78 0.60 -1.34
CA LEU A 47 -11.55 1.33 -1.65
C LEU A 47 -11.80 2.84 -1.62
N ASN A 48 -13.03 3.26 -1.89
CA ASN A 48 -13.37 4.67 -1.89
C ASN A 48 -13.31 5.24 -0.47
N VAL A 49 -14.07 4.66 0.45
CA VAL A 49 -14.08 5.12 1.83
C VAL A 49 -12.71 4.92 2.47
N ALA A 50 -12.04 3.83 2.09
CA ALA A 50 -10.69 3.57 2.57
C ALA A 50 -9.76 4.67 2.14
N MET A 51 -9.93 5.14 0.92
CA MET A 51 -9.06 6.16 0.34
C MET A 51 -9.25 7.49 1.06
N ASP A 52 -10.49 7.79 1.43
CA ASP A 52 -10.78 8.98 2.22
C ASP A 52 -10.04 8.90 3.55
N CYS A 53 -10.03 7.70 4.11
CA CYS A 53 -9.36 7.45 5.38
C CYS A 53 -7.84 7.53 5.23
N ILE A 54 -7.31 6.96 4.14
CA ILE A 54 -5.88 7.04 3.85
C ILE A 54 -5.46 8.49 3.73
N SER A 55 -6.24 9.26 2.98
CA SER A 55 -5.98 10.66 2.76
C SER A 55 -6.03 11.45 4.07
N GLU A 56 -7.04 11.14 4.89
CA GLU A 56 -7.21 11.78 6.19
C GLU A 56 -6.07 11.42 7.13
N ALA A 57 -5.64 10.16 7.07
CA ALA A 57 -4.59 9.65 7.96
C ALA A 57 -3.24 10.30 7.66
N PHE A 58 -2.84 10.29 6.39
CA PHE A 58 -1.53 10.79 6.01
C PHE A 58 -1.52 12.30 5.81
N GLY A 59 -2.71 12.88 5.74
CA GLY A 59 -2.83 14.33 5.62
C GLY A 59 -2.57 14.84 4.22
N PHE A 60 -3.26 14.26 3.25
CA PHE A 60 -3.12 14.67 1.86
C PHE A 60 -4.43 14.45 1.12
N GLU A 61 -4.55 15.02 -0.07
CA GLU A 61 -5.75 14.86 -0.88
C GLU A 61 -5.52 13.81 -1.95
N ARG A 62 -6.60 13.22 -2.47
CA ARG A 62 -6.47 12.15 -3.46
C ARG A 62 -5.70 12.61 -4.69
N GLU A 63 -6.17 13.67 -5.33
CA GLU A 63 -5.55 14.15 -6.58
C GLU A 63 -4.10 14.59 -6.34
N ALA A 64 -3.73 14.77 -5.08
CA ALA A 64 -2.36 15.15 -4.74
C ALA A 64 -1.38 14.03 -5.05
N VAL A 65 -1.91 12.80 -5.20
CA VAL A 65 -1.06 11.66 -5.54
C VAL A 65 -0.34 11.90 -6.87
N SER A 66 -1.01 12.61 -7.77
CA SER A 66 -0.44 12.93 -9.08
C SER A 66 0.78 13.85 -8.91
N GLY A 67 0.76 14.65 -7.87
CA GLY A 67 1.86 15.55 -7.59
C GLY A 67 2.96 14.84 -6.81
N ILE A 68 2.56 14.05 -5.82
CA ILE A 68 3.50 13.30 -4.99
C ILE A 68 4.32 12.34 -5.86
N LEU A 69 3.64 11.60 -6.72
CA LEU A 69 4.30 10.66 -7.61
C LEU A 69 4.95 11.39 -8.78
N GLY A 70 4.88 12.71 -8.76
CA GLY A 70 5.59 13.50 -9.74
C GLY A 70 6.90 14.01 -9.17
N LYS A 71 6.91 14.21 -7.84
CA LYS A 71 8.11 14.66 -7.15
C LYS A 71 9.00 13.49 -6.79
N SER A 72 8.38 12.42 -6.31
CA SER A 72 9.11 11.21 -5.94
C SER A 72 9.42 10.41 -7.20
N GLU A 73 10.52 9.66 -7.17
CA GLU A 73 10.95 8.93 -8.36
C GLU A 73 10.46 7.49 -8.36
N PHE A 74 9.15 7.34 -8.15
CA PHE A 74 8.46 6.08 -8.39
C PHE A 74 7.76 6.16 -9.73
N LYS A 75 8.15 7.17 -10.52
CA LYS A 75 7.50 7.50 -11.77
C LYS A 75 7.71 6.42 -12.81
N GLY A 76 6.67 6.15 -13.59
CA GLY A 76 6.76 5.13 -14.63
C GLY A 76 6.53 3.74 -14.08
N GLN A 77 6.30 3.64 -12.79
CA GLN A 77 6.08 2.36 -12.14
C GLN A 77 4.75 2.33 -11.42
N HIS A 78 4.42 1.16 -10.89
CA HIS A 78 3.23 1.00 -10.07
C HIS A 78 3.62 0.27 -8.80
N LEU A 79 2.76 0.31 -7.79
CA LEU A 79 3.09 -0.30 -6.49
C LEU A 79 3.44 -1.78 -6.67
N ALA A 80 2.60 -2.51 -7.39
CA ALA A 80 2.79 -3.95 -7.54
C ALA A 80 4.04 -4.27 -8.36
N ASP A 81 4.38 -3.39 -9.30
CA ASP A 81 5.59 -3.57 -10.09
C ASP A 81 6.82 -3.41 -9.20
N ILE A 82 6.70 -2.51 -8.23
CA ILE A 82 7.73 -2.29 -7.24
C ILE A 82 7.89 -3.51 -6.34
N LEU A 83 6.76 -4.06 -5.92
CA LEU A 83 6.75 -5.24 -5.07
C LEU A 83 7.26 -6.47 -5.84
N ASN A 84 7.02 -6.49 -7.14
CA ASN A 84 7.47 -7.58 -8.00
C ASN A 84 8.99 -7.67 -8.03
N SER A 85 9.65 -6.51 -7.98
CA SER A 85 11.10 -6.47 -8.02
C SER A 85 11.73 -6.86 -6.68
N ALA A 86 10.89 -7.03 -5.66
CA ALA A 86 11.38 -7.45 -4.35
C ALA A 86 11.54 -8.97 -4.30
N SER A 87 12.44 -9.43 -3.44
CA SER A 87 12.70 -10.86 -3.31
C SER A 87 13.51 -11.14 -2.05
N ARG A 88 12.87 -11.61 -1.00
CA ARG A 88 13.54 -11.88 0.26
C ARG A 88 13.09 -13.21 0.86
N VAL A 89 13.99 -14.19 0.85
CA VAL A 89 13.69 -15.47 1.45
C VAL A 89 14.59 -15.71 2.66
N PRO A 90 14.16 -15.27 3.85
CA PRO A 90 14.91 -15.47 5.09
C PRO A 90 14.71 -16.90 5.60
N GLU A 91 15.32 -17.85 4.90
CA GLU A 91 15.17 -19.25 5.22
C GLU A 91 15.99 -19.59 6.47
N SER A 92 15.34 -19.49 7.62
CA SER A 92 15.97 -19.75 8.89
C SER A 92 15.71 -21.17 9.34
N MET B 14 10.41 -12.87 -5.99
CA MET B 14 10.01 -13.83 -7.07
C MET B 14 8.52 -13.71 -7.36
N MET B 15 7.76 -13.20 -6.41
CA MET B 15 6.32 -13.08 -6.57
C MET B 15 5.99 -11.90 -7.48
N SER B 16 4.91 -12.03 -8.22
CA SER B 16 4.49 -11.00 -9.14
C SER B 16 3.55 -10.01 -8.45
N ALA B 17 3.51 -10.11 -7.12
CA ALA B 17 2.69 -9.24 -6.28
C ALA B 17 1.21 -9.44 -6.57
N SER B 18 0.65 -10.51 -6.03
CA SER B 18 -0.77 -10.78 -6.17
C SER B 18 -1.57 -9.84 -5.27
N LYS B 19 -2.88 -9.76 -5.49
CA LYS B 19 -3.72 -8.79 -4.80
C LYS B 19 -3.57 -8.91 -3.28
N GLU B 20 -3.78 -10.12 -2.78
CA GLU B 20 -3.69 -10.39 -1.34
C GLU B 20 -2.30 -10.06 -0.80
N GLU B 21 -1.27 -10.33 -1.61
CA GLU B 21 0.11 -10.11 -1.19
C GLU B 21 0.40 -8.63 -1.03
N ILE B 22 -0.11 -7.83 -1.96
CA ILE B 22 0.06 -6.40 -1.91
C ILE B 22 -0.68 -5.82 -0.72
N ALA B 23 -1.96 -6.17 -0.61
CA ALA B 23 -2.80 -5.71 0.49
C ALA B 23 -2.18 -6.07 1.83
N ALA B 24 -1.56 -7.24 1.87
CA ALA B 24 -0.87 -7.72 3.06
C ALA B 24 0.18 -6.71 3.52
N LEU B 25 1.07 -6.33 2.62
CA LEU B 25 2.12 -5.37 2.94
C LEU B 25 1.53 -4.01 3.29
N ILE B 26 0.47 -3.64 2.60
CA ILE B 26 -0.18 -2.36 2.83
C ILE B 26 -0.76 -2.29 4.24
N VAL B 27 -1.55 -3.30 4.62
CA VAL B 27 -2.17 -3.32 5.94
C VAL B 27 -1.13 -3.55 7.03
N ASN B 28 -0.07 -4.28 6.70
CA ASN B 28 1.02 -4.52 7.63
C ASN B 28 1.72 -3.21 7.95
N TYR B 29 1.97 -2.41 6.93
CA TYR B 29 2.59 -1.10 7.11
C TYR B 29 1.72 -0.21 7.98
N PHE B 30 0.43 -0.17 7.68
CA PHE B 30 -0.51 0.61 8.47
C PHE B 30 -0.52 0.12 9.93
N SER B 31 -0.42 -1.19 10.10
CA SER B 31 -0.34 -1.78 11.43
C SER B 31 0.94 -1.32 12.12
N SER B 32 2.04 -1.26 11.38
CA SER B 32 3.32 -0.81 11.93
C SER B 32 3.25 0.65 12.38
N ILE B 33 2.52 1.46 11.62
CA ILE B 33 2.36 2.88 11.93
C ILE B 33 1.69 3.07 13.29
N VAL B 34 0.58 2.37 13.51
CA VAL B 34 -0.15 2.47 14.77
C VAL B 34 0.56 1.68 15.87
N GLU B 35 1.34 0.68 15.46
CA GLU B 35 2.12 -0.14 16.38
C GLU B 35 3.13 0.72 17.14
N LYS B 36 3.84 1.57 16.40
CA LYS B 36 4.83 2.45 16.99
C LYS B 36 4.21 3.78 17.41
N LYS B 37 2.87 3.81 17.36
CA LYS B 37 2.06 4.99 17.67
C LYS B 37 2.67 6.28 17.12
N GLU B 38 3.01 6.26 15.83
CA GLU B 38 3.66 7.39 15.20
C GLU B 38 2.61 8.32 14.61
N ILE B 39 1.48 7.75 14.25
CA ILE B 39 0.40 8.50 13.64
C ILE B 39 -0.50 9.11 14.71
N SER B 40 -1.28 10.11 14.34
CA SER B 40 -2.16 10.77 15.28
C SER B 40 -3.39 9.90 15.53
N GLU B 41 -4.08 10.12 16.65
CA GLU B 41 -5.23 9.32 17.02
C GLU B 41 -6.26 9.27 15.89
N ASP B 42 -6.54 10.44 15.31
CA ASP B 42 -7.49 10.54 14.21
C ASP B 42 -7.09 9.61 13.07
N GLY B 43 -5.85 9.72 12.64
CA GLY B 43 -5.36 8.91 11.53
C GLY B 43 -5.35 7.43 11.86
N ALA B 44 -5.11 7.10 13.12
CA ALA B 44 -5.10 5.72 13.56
C ALA B 44 -6.47 5.08 13.36
N ASP B 45 -7.51 5.81 13.73
CA ASP B 45 -8.89 5.34 13.54
C ASP B 45 -9.21 5.22 12.06
N SER B 46 -8.71 6.17 11.27
CA SER B 46 -8.90 6.14 9.83
C SER B 46 -8.32 4.85 9.25
N LEU B 47 -7.14 4.47 9.72
CA LEU B 47 -6.49 3.26 9.24
C LEU B 47 -7.26 2.02 9.64
N ASN B 48 -8.01 2.10 10.73
CA ASN B 48 -8.80 0.97 11.22
C ASN B 48 -9.95 0.68 10.26
N VAL B 49 -10.80 1.68 10.02
CA VAL B 49 -11.93 1.51 9.11
C VAL B 49 -11.45 1.24 7.69
N ALA B 50 -10.34 1.87 7.32
CA ALA B 50 -9.74 1.65 6.02
C ALA B 50 -9.32 0.19 5.88
N MET B 51 -8.79 -0.37 6.96
CA MET B 51 -8.30 -1.74 6.96
C MET B 51 -9.44 -2.73 6.80
N ASP B 52 -10.56 -2.43 7.43
CA ASP B 52 -11.77 -3.23 7.25
C ASP B 52 -12.18 -3.23 5.80
N CYS B 53 -12.06 -2.07 5.18
CA CYS B 53 -12.41 -1.91 3.77
C CYS B 53 -11.41 -2.63 2.87
N ILE B 54 -10.13 -2.50 3.18
CA ILE B 54 -9.09 -3.21 2.44
C ILE B 54 -9.34 -4.72 2.49
N SER B 55 -9.62 -5.21 3.69
CA SER B 55 -9.89 -6.62 3.91
C SER B 55 -11.14 -7.06 3.14
N GLU B 56 -12.18 -6.23 3.19
CA GLU B 56 -13.43 -6.52 2.48
C GLU B 56 -13.22 -6.50 0.97
N ALA B 57 -12.39 -5.56 0.50
CA ALA B 57 -12.15 -5.38 -0.92
C ALA B 57 -11.40 -6.56 -1.51
N PHE B 58 -10.29 -6.93 -0.89
CA PHE B 58 -9.42 -7.98 -1.41
C PHE B 58 -9.91 -9.38 -1.02
N GLY B 59 -10.82 -9.42 -0.05
CA GLY B 59 -11.41 -10.69 0.36
C GLY B 59 -10.52 -11.49 1.27
N PHE B 60 -10.05 -10.86 2.34
CA PHE B 60 -9.18 -11.53 3.30
C PHE B 60 -9.39 -10.92 4.68
N GLU B 61 -8.90 -11.59 5.71
CA GLU B 61 -9.01 -11.09 7.07
C GLU B 61 -7.71 -10.43 7.51
N ARG B 62 -7.77 -9.55 8.50
CA ARG B 62 -6.59 -8.82 8.95
C ARG B 62 -5.49 -9.77 9.38
N GLU B 63 -5.78 -10.64 10.35
CA GLU B 63 -4.76 -11.54 10.89
C GLU B 63 -4.21 -12.48 9.83
N ALA B 64 -4.90 -12.58 8.70
CA ALA B 64 -4.46 -13.42 7.60
C ALA B 64 -3.18 -12.86 6.96
N VAL B 65 -2.89 -11.58 7.20
CA VAL B 65 -1.68 -10.96 6.69
C VAL B 65 -0.44 -11.70 7.19
N SER B 66 -0.52 -12.21 8.41
CA SER B 66 0.56 -12.97 9.00
C SER B 66 0.82 -14.25 8.23
N GLY B 67 -0.23 -14.79 7.64
CA GLY B 67 -0.11 -15.99 6.84
C GLY B 67 0.33 -15.68 5.42
N ILE B 68 -0.27 -14.64 4.84
CA ILE B 68 0.06 -14.21 3.48
C ILE B 68 1.54 -13.83 3.38
N LEU B 69 2.01 -13.04 4.34
CA LEU B 69 3.41 -12.63 4.36
C LEU B 69 4.29 -13.75 4.88
N GLY B 70 3.70 -14.90 5.14
CA GLY B 70 4.46 -16.07 5.50
C GLY B 70 4.66 -16.97 4.29
N LYS B 71 3.70 -16.92 3.37
CA LYS B 71 3.77 -17.69 2.15
C LYS B 71 4.57 -16.94 1.08
N SER B 72 4.29 -15.64 0.97
CA SER B 72 4.98 -14.80 0.01
C SER B 72 6.36 -14.43 0.56
N GLU B 73 7.32 -14.20 -0.33
CA GLU B 73 8.69 -13.94 0.10
C GLU B 73 8.98 -12.44 0.19
N PHE B 74 8.10 -11.74 0.89
CA PHE B 74 8.36 -10.37 1.32
C PHE B 74 8.80 -10.39 2.77
N LYS B 75 9.16 -11.59 3.24
CA LYS B 75 9.46 -11.83 4.64
C LYS B 75 10.75 -11.13 5.05
N GLY B 76 10.75 -10.58 6.26
CA GLY B 76 11.92 -9.90 6.77
C GLY B 76 12.00 -8.47 6.29
N GLN B 77 11.01 -8.06 5.51
CA GLN B 77 10.97 -6.71 4.97
C GLN B 77 9.68 -6.01 5.35
N HIS B 78 9.60 -4.73 5.00
CA HIS B 78 8.38 -3.96 5.19
C HIS B 78 8.06 -3.24 3.89
N LEU B 79 6.84 -2.77 3.75
CA LEU B 79 6.42 -2.12 2.51
C LEU B 79 7.36 -0.98 2.13
N ALA B 80 7.62 -0.09 3.09
CA ALA B 80 8.44 1.09 2.83
C ALA B 80 9.88 0.72 2.51
N ASP B 81 10.37 -0.36 3.11
CA ASP B 81 11.73 -0.85 2.82
C ASP B 81 11.79 -1.34 1.38
N ILE B 82 10.70 -1.93 0.92
CA ILE B 82 10.58 -2.38 -0.46
C ILE B 82 10.56 -1.19 -1.41
N LEU B 83 9.81 -0.16 -1.04
CA LEU B 83 9.72 1.05 -1.84
C LEU B 83 11.04 1.80 -1.85
N ASN B 84 11.79 1.69 -0.76
CA ASN B 84 13.09 2.34 -0.63
C ASN B 84 14.08 1.78 -1.66
N SER B 85 13.97 0.49 -1.95
CA SER B 85 14.88 -0.15 -2.89
C SER B 85 14.50 0.17 -4.34
N ALA B 86 13.38 0.86 -4.53
CA ALA B 86 12.96 1.26 -5.88
C ALA B 86 13.64 2.56 -6.28
N SER B 87 13.82 2.75 -7.57
CA SER B 87 14.46 3.94 -8.10
C SER B 87 14.22 4.08 -9.60
N ARG B 88 13.31 4.95 -9.98
CA ARG B 88 12.98 5.14 -11.39
C ARG B 88 12.85 6.61 -11.74
N VAL B 89 13.80 7.12 -12.51
CA VAL B 89 13.74 8.49 -12.97
C VAL B 89 13.57 8.55 -14.48
N PRO B 90 12.33 8.53 -14.96
CA PRO B 90 12.03 8.63 -16.39
C PRO B 90 12.15 10.07 -16.87
N GLU B 91 13.37 10.55 -16.94
CA GLU B 91 13.65 11.93 -17.31
C GLU B 91 13.45 12.12 -18.81
N SER B 92 12.23 12.49 -19.18
CA SER B 92 11.85 12.68 -20.56
C SER B 92 11.96 14.14 -20.96
N MET A 14 12.09 10.51 -1.05
CA MET A 14 12.97 10.12 -2.18
C MET A 14 13.90 9.00 -1.76
N MET A 15 13.96 7.95 -2.58
CA MET A 15 14.70 6.71 -2.30
C MET A 15 14.12 6.01 -1.07
N SER A 16 14.32 6.60 0.08
CA SER A 16 13.73 6.11 1.30
C SER A 16 12.26 6.50 1.33
N ALA A 17 11.43 5.62 0.78
CA ALA A 17 9.99 5.84 0.69
C ALA A 17 9.42 6.39 1.99
N SER A 18 9.12 7.68 1.98
CA SER A 18 8.57 8.33 3.15
C SER A 18 7.08 8.05 3.26
N LYS A 19 6.47 8.49 4.36
CA LYS A 19 5.07 8.20 4.63
C LYS A 19 4.17 8.64 3.48
N GLU A 20 4.35 9.86 3.00
CA GLU A 20 3.51 10.40 1.94
C GLU A 20 3.75 9.68 0.62
N GLU A 21 4.99 9.27 0.38
CA GLU A 21 5.36 8.60 -0.88
C GLU A 21 4.71 7.22 -0.95
N ILE A 22 4.75 6.50 0.15
CA ILE A 22 4.17 5.16 0.20
C ILE A 22 2.66 5.23 0.02
N ALA A 23 2.02 6.09 0.80
CA ALA A 23 0.58 6.28 0.73
C ALA A 23 0.15 6.66 -0.68
N ALA A 24 0.97 7.49 -1.32
CA ALA A 24 0.72 7.93 -2.68
C ALA A 24 0.62 6.74 -3.64
N LEU A 25 1.53 5.78 -3.49
CA LEU A 25 1.53 4.60 -4.33
C LEU A 25 0.41 3.65 -3.93
N ILE A 26 0.11 3.61 -2.64
CA ILE A 26 -0.95 2.75 -2.12
C ILE A 26 -2.31 3.16 -2.68
N VAL A 27 -2.64 4.45 -2.58
CA VAL A 27 -3.91 4.93 -3.11
C VAL A 27 -3.92 4.85 -4.64
N ASN A 28 -2.74 4.98 -5.23
CA ASN A 28 -2.58 4.83 -6.68
C ASN A 28 -2.93 3.41 -7.10
N TYR A 29 -2.47 2.45 -6.32
CA TYR A 29 -2.74 1.04 -6.59
C TYR A 29 -4.25 0.76 -6.50
N PHE A 30 -4.86 1.17 -5.39
CA PHE A 30 -6.29 0.91 -5.18
C PHE A 30 -7.15 1.58 -6.25
N SER A 31 -6.81 2.82 -6.60
CA SER A 31 -7.57 3.54 -7.61
C SER A 31 -7.38 2.90 -8.99
N SER A 32 -6.21 2.33 -9.22
CA SER A 32 -5.94 1.62 -10.45
C SER A 32 -6.81 0.36 -10.54
N ILE A 33 -6.94 -0.33 -9.41
CA ILE A 33 -7.76 -1.54 -9.34
C ILE A 33 -9.20 -1.26 -9.78
N VAL A 34 -9.80 -0.22 -9.20
CA VAL A 34 -11.19 0.11 -9.49
C VAL A 34 -11.33 0.72 -10.89
N GLU A 35 -10.27 1.36 -11.35
CA GLU A 35 -10.26 2.00 -12.67
C GLU A 35 -10.43 0.97 -13.77
N LYS A 36 -9.70 -0.14 -13.65
CA LYS A 36 -9.74 -1.18 -14.66
C LYS A 36 -10.74 -2.27 -14.28
N LYS A 37 -11.45 -2.02 -13.18
CA LYS A 37 -12.40 -2.97 -12.61
C LYS A 37 -11.77 -4.34 -12.39
N GLU A 38 -10.67 -4.33 -11.64
CA GLU A 38 -9.96 -5.55 -11.30
C GLU A 38 -10.56 -6.12 -10.02
N ILE A 39 -11.42 -5.33 -9.42
CA ILE A 39 -12.06 -5.70 -8.18
C ILE A 39 -13.57 -5.69 -8.32
N SER A 40 -14.23 -6.50 -7.50
CA SER A 40 -15.69 -6.51 -7.47
C SER A 40 -16.21 -5.20 -6.91
N GLU A 41 -17.31 -4.72 -7.48
CA GLU A 41 -17.87 -3.41 -7.18
C GLU A 41 -18.18 -3.22 -5.70
N ASP A 42 -18.42 -4.33 -4.99
CA ASP A 42 -18.67 -4.25 -3.56
C ASP A 42 -17.38 -3.90 -2.82
N GLY A 43 -16.27 -4.45 -3.29
CA GLY A 43 -14.98 -4.14 -2.71
C GLY A 43 -14.47 -2.80 -3.17
N ALA A 44 -14.89 -2.40 -4.37
CA ALA A 44 -14.55 -1.10 -4.92
C ALA A 44 -15.08 0.01 -4.02
N ASP A 45 -16.32 -0.16 -3.56
CA ASP A 45 -16.95 0.80 -2.66
C ASP A 45 -16.15 0.88 -1.35
N SER A 46 -15.69 -0.27 -0.88
CA SER A 46 -14.87 -0.33 0.32
C SER A 46 -13.57 0.45 0.13
N LEU A 47 -13.01 0.36 -1.07
CA LEU A 47 -11.77 1.09 -1.39
C LEU A 47 -12.04 2.58 -1.51
N ASN A 48 -13.29 2.95 -1.81
CA ASN A 48 -13.66 4.35 -1.94
C ASN A 48 -13.59 5.05 -0.58
N VAL A 49 -14.26 4.48 0.42
CA VAL A 49 -14.24 5.06 1.76
C VAL A 49 -12.84 4.96 2.35
N ALA A 50 -12.14 3.87 2.04
CA ALA A 50 -10.77 3.68 2.50
C ALA A 50 -9.85 4.73 1.86
N MET A 51 -10.14 5.08 0.62
CA MET A 51 -9.35 6.05 -0.13
C MET A 51 -9.20 7.35 0.62
N ASP A 52 -10.32 7.88 1.09
CA ASP A 52 -10.31 9.12 1.85
C ASP A 52 -9.63 8.93 3.20
N CYS A 53 -9.83 7.76 3.79
CA CYS A 53 -9.23 7.44 5.07
C CYS A 53 -7.70 7.41 4.98
N ILE A 54 -7.19 6.76 3.93
CA ILE A 54 -5.75 6.68 3.71
C ILE A 54 -5.18 8.09 3.51
N SER A 55 -5.81 8.84 2.63
CA SER A 55 -5.39 10.19 2.31
C SER A 55 -5.42 11.08 3.55
N GLU A 56 -6.54 11.03 4.27
CA GLU A 56 -6.73 11.82 5.48
C GLU A 56 -5.69 11.47 6.53
N ALA A 57 -5.35 10.19 6.60
CA ALA A 57 -4.40 9.69 7.59
C ALA A 57 -3.01 10.33 7.41
N PHE A 58 -2.64 10.60 6.16
CA PHE A 58 -1.33 11.15 5.87
C PHE A 58 -1.39 12.65 5.62
N GLY A 59 -2.60 13.20 5.66
CA GLY A 59 -2.77 14.64 5.56
C GLY A 59 -2.76 15.14 4.14
N PHE A 60 -3.43 14.42 3.24
CA PHE A 60 -3.59 14.88 1.87
C PHE A 60 -4.95 14.45 1.33
N GLU A 61 -5.39 15.10 0.26
CA GLU A 61 -6.65 14.75 -0.37
C GLU A 61 -6.40 13.91 -1.62
N ARG A 62 -7.45 13.33 -2.20
CA ARG A 62 -7.29 12.45 -3.37
C ARG A 62 -6.52 13.14 -4.48
N GLU A 63 -6.88 14.37 -4.79
CA GLU A 63 -6.25 15.11 -5.88
C GLU A 63 -4.81 15.52 -5.54
N ALA A 64 -4.46 15.41 -4.26
CA ALA A 64 -3.16 15.86 -3.79
C ALA A 64 -2.08 14.82 -4.08
N VAL A 65 -2.49 13.58 -4.35
CA VAL A 65 -1.53 12.52 -4.65
C VAL A 65 -0.76 12.85 -5.93
N SER A 66 -1.40 13.59 -6.82
CA SER A 66 -0.77 14.03 -8.06
C SER A 66 0.42 14.93 -7.75
N GLY A 67 0.27 15.78 -6.74
CA GLY A 67 1.36 16.65 -6.32
C GLY A 67 2.45 15.88 -5.61
N ILE A 68 2.04 14.94 -4.77
CA ILE A 68 3.00 14.10 -4.05
C ILE A 68 3.87 13.34 -5.03
N LEU A 69 3.24 12.62 -5.95
CA LEU A 69 3.95 11.83 -6.95
C LEU A 69 4.65 12.71 -7.97
N GLY A 70 4.45 14.02 -7.85
CA GLY A 70 5.17 14.95 -8.69
C GLY A 70 6.57 15.19 -8.15
N LYS A 71 6.70 15.17 -6.83
CA LYS A 71 7.99 15.35 -6.18
C LYS A 71 8.62 14.00 -5.87
N SER A 72 7.79 13.04 -5.46
CA SER A 72 8.25 11.69 -5.20
C SER A 72 8.82 11.08 -6.47
N GLU A 73 9.88 10.32 -6.33
CA GLU A 73 10.57 9.75 -7.48
C GLU A 73 9.93 8.44 -7.92
N PHE A 74 8.88 8.04 -7.22
CA PHE A 74 8.16 6.82 -7.55
C PHE A 74 7.17 7.08 -8.68
N LYS A 75 7.70 7.56 -9.80
CA LYS A 75 6.89 7.88 -10.96
C LYS A 75 7.23 6.92 -12.09
N GLY A 76 6.24 6.64 -12.92
CA GLY A 76 6.44 5.69 -14.00
C GLY A 76 6.15 4.27 -13.53
N GLN A 77 6.98 3.78 -12.63
CA GLN A 77 6.79 2.46 -12.05
C GLN A 77 5.56 2.45 -11.15
N HIS A 78 4.79 1.37 -11.25
CA HIS A 78 3.65 1.18 -10.36
C HIS A 78 4.08 0.36 -9.16
N LEU A 79 3.29 0.40 -8.09
CA LEU A 79 3.69 -0.20 -6.81
C LEU A 79 4.12 -1.66 -6.96
N ALA A 80 3.31 -2.47 -7.63
CA ALA A 80 3.58 -3.90 -7.71
C ALA A 80 4.80 -4.21 -8.57
N ASP A 81 5.10 -3.34 -9.52
CA ASP A 81 6.29 -3.50 -10.35
C ASP A 81 7.53 -3.29 -9.49
N ILE A 82 7.42 -2.35 -8.56
CA ILE A 82 8.45 -2.11 -7.58
C ILE A 82 8.68 -3.36 -6.72
N LEU A 83 7.59 -3.91 -6.21
CA LEU A 83 7.64 -5.12 -5.40
C LEU A 83 8.14 -6.31 -6.22
N ASN A 84 7.81 -6.31 -7.51
CA ASN A 84 8.24 -7.36 -8.42
C ASN A 84 9.76 -7.31 -8.62
N SER A 85 10.35 -6.16 -8.35
CA SER A 85 11.79 -5.98 -8.50
C SER A 85 12.54 -6.51 -7.27
N ALA A 86 11.79 -6.83 -6.22
CA ALA A 86 12.37 -7.38 -5.01
C ALA A 86 12.65 -8.87 -5.17
N SER A 87 13.28 -9.47 -4.17
CA SER A 87 13.59 -10.88 -4.22
C SER A 87 13.56 -11.48 -2.82
N ARG A 88 12.95 -12.65 -2.69
CA ARG A 88 12.83 -13.33 -1.41
C ARG A 88 14.16 -13.96 -1.02
N VAL A 89 14.48 -13.89 0.27
CA VAL A 89 15.68 -14.52 0.79
C VAL A 89 15.29 -15.54 1.87
N PRO A 90 14.85 -16.74 1.45
CA PRO A 90 14.43 -17.78 2.37
C PRO A 90 15.56 -18.73 2.71
N GLU A 91 15.27 -19.69 3.59
CA GLU A 91 16.24 -20.70 3.99
C GLU A 91 17.48 -20.07 4.59
N SER A 92 17.29 -18.99 5.32
CA SER A 92 18.38 -18.28 5.95
C SER A 92 18.02 -18.01 7.41
N MET B 14 3.80 -14.56 -5.61
CA MET B 14 5.26 -14.77 -5.47
C MET B 14 6.02 -14.08 -6.60
N MET B 15 7.03 -13.30 -6.22
CA MET B 15 7.80 -12.45 -7.14
C MET B 15 6.91 -11.38 -7.75
N SER B 16 6.00 -11.79 -8.61
CA SER B 16 5.03 -10.90 -9.17
C SER B 16 3.95 -10.64 -8.13
N ALA B 17 4.17 -9.60 -7.32
CA ALA B 17 3.26 -9.23 -6.25
C ALA B 17 1.81 -9.26 -6.70
N SER B 18 1.10 -10.28 -6.27
CA SER B 18 -0.29 -10.43 -6.62
C SER B 18 -1.17 -9.56 -5.74
N LYS B 19 -2.45 -9.52 -6.04
CA LYS B 19 -3.38 -8.63 -5.34
C LYS B 19 -3.34 -8.84 -3.83
N GLU B 20 -3.41 -10.10 -3.40
CA GLU B 20 -3.42 -10.42 -1.98
C GLU B 20 -2.08 -10.11 -1.32
N GLU B 21 -0.99 -10.29 -2.06
CA GLU B 21 0.35 -10.06 -1.53
C GLU B 21 0.58 -8.58 -1.26
N ILE B 22 0.16 -7.74 -2.21
CA ILE B 22 0.32 -6.30 -2.08
C ILE B 22 -0.51 -5.78 -0.92
N ALA B 23 -1.79 -6.15 -0.90
CA ALA B 23 -2.70 -5.73 0.16
C ALA B 23 -2.17 -6.15 1.53
N ALA B 24 -1.57 -7.34 1.57
CA ALA B 24 -0.99 -7.86 2.80
C ALA B 24 0.09 -6.93 3.34
N LEU B 25 0.93 -6.42 2.46
CA LEU B 25 1.99 -5.50 2.86
C LEU B 25 1.43 -4.12 3.17
N ILE B 26 0.39 -3.74 2.44
CA ILE B 26 -0.25 -2.45 2.63
C ILE B 26 -0.87 -2.35 4.02
N VAL B 27 -1.67 -3.35 4.40
CA VAL B 27 -2.29 -3.35 5.73
C VAL B 27 -1.23 -3.54 6.80
N ASN B 28 -0.16 -4.24 6.45
CA ASN B 28 0.97 -4.44 7.36
C ASN B 28 1.63 -3.09 7.65
N TYR B 29 1.79 -2.27 6.62
CA TYR B 29 2.38 -0.96 6.76
C TYR B 29 1.52 -0.07 7.66
N PHE B 30 0.22 0.01 7.36
CA PHE B 30 -0.69 0.87 8.12
C PHE B 30 -0.77 0.43 9.58
N SER B 31 -0.84 -0.87 9.82
CA SER B 31 -0.91 -1.39 11.19
C SER B 31 0.39 -1.13 11.94
N SER B 32 1.51 -1.14 11.20
CA SER B 32 2.80 -0.83 11.79
C SER B 32 2.84 0.64 12.22
N ILE B 33 2.28 1.51 11.38
CA ILE B 33 2.23 2.94 11.68
C ILE B 33 1.53 3.20 13.01
N VAL B 34 0.35 2.63 13.18
CA VAL B 34 -0.44 2.85 14.39
C VAL B 34 0.16 2.11 15.58
N GLU B 35 0.87 1.02 15.31
CA GLU B 35 1.49 0.22 16.36
C GLU B 35 2.56 1.03 17.09
N LYS B 36 3.38 1.73 16.32
CA LYS B 36 4.47 2.52 16.89
C LYS B 36 4.05 3.96 17.11
N LYS B 37 2.77 4.22 16.83
CA LYS B 37 2.19 5.55 16.91
C LYS B 37 2.99 6.55 16.08
N GLU B 38 3.15 6.23 14.80
CA GLU B 38 3.87 7.09 13.87
C GLU B 38 2.88 8.07 13.26
N ILE B 39 1.62 7.82 13.56
CA ILE B 39 0.54 8.63 13.03
C ILE B 39 -0.30 9.21 14.15
N SER B 40 -0.92 10.35 13.89
CA SER B 40 -1.83 10.97 14.84
C SER B 40 -3.07 10.10 15.02
N GLU B 41 -3.55 10.04 16.26
CA GLU B 41 -4.63 9.14 16.64
C GLU B 41 -5.91 9.37 15.83
N ASP B 42 -6.07 10.57 15.29
CA ASP B 42 -7.23 10.86 14.45
C ASP B 42 -7.08 10.13 13.10
N GLY B 43 -5.86 10.10 12.59
CA GLY B 43 -5.59 9.39 11.36
C GLY B 43 -5.52 7.89 11.58
N ALA B 44 -5.13 7.51 12.79
CA ALA B 44 -5.09 6.10 13.18
C ALA B 44 -6.48 5.49 13.08
N ASP B 45 -7.47 6.22 13.58
CA ASP B 45 -8.86 5.78 13.49
C ASP B 45 -9.30 5.61 12.04
N SER B 46 -8.86 6.54 11.20
CA SER B 46 -9.15 6.45 9.77
C SER B 46 -8.54 5.19 9.17
N LEU B 47 -7.34 4.83 9.63
CA LEU B 47 -6.68 3.62 9.15
C LEU B 47 -7.37 2.37 9.67
N ASN B 48 -8.09 2.51 10.79
CA ASN B 48 -8.80 1.37 11.37
C ASN B 48 -9.96 0.95 10.47
N VAL B 49 -10.82 1.91 10.12
CA VAL B 49 -11.95 1.63 9.24
C VAL B 49 -11.45 1.24 7.84
N ALA B 50 -10.37 1.88 7.41
CA ALA B 50 -9.76 1.55 6.13
C ALA B 50 -9.19 0.14 6.14
N MET B 51 -8.69 -0.28 7.30
CA MET B 51 -8.08 -1.60 7.46
C MET B 51 -9.05 -2.69 7.04
N ASP B 52 -10.26 -2.62 7.55
CA ASP B 52 -11.28 -3.62 7.22
C ASP B 52 -11.69 -3.49 5.76
N CYS B 53 -11.74 -2.25 5.27
CA CYS B 53 -12.11 -2.00 3.89
C CYS B 53 -11.09 -2.61 2.92
N ILE B 54 -9.81 -2.42 3.21
CA ILE B 54 -8.74 -2.98 2.39
C ILE B 54 -8.83 -4.51 2.38
N SER B 55 -8.94 -5.07 3.57
CA SER B 55 -9.02 -6.51 3.74
C SER B 55 -10.25 -7.07 3.03
N GLU B 56 -11.39 -6.44 3.26
CA GLU B 56 -12.66 -6.87 2.66
C GLU B 56 -12.59 -6.81 1.14
N ALA B 57 -11.90 -5.78 0.63
CA ALA B 57 -11.78 -5.57 -0.80
C ALA B 57 -11.07 -6.72 -1.49
N PHE B 58 -10.12 -7.33 -0.81
CA PHE B 58 -9.35 -8.42 -1.39
C PHE B 58 -9.84 -9.78 -0.92
N GLY B 59 -10.83 -9.76 -0.03
CA GLY B 59 -11.45 -11.00 0.40
C GLY B 59 -10.69 -11.70 1.51
N PHE B 60 -10.20 -10.93 2.48
CA PHE B 60 -9.56 -11.52 3.65
C PHE B 60 -9.85 -10.68 4.88
N GLU B 61 -9.66 -11.25 6.05
CA GLU B 61 -9.86 -10.54 7.31
C GLU B 61 -8.52 -10.11 7.88
N ARG B 62 -8.53 -9.26 8.90
CA ARG B 62 -7.28 -8.74 9.48
C ARG B 62 -6.33 -9.87 9.88
N GLU B 63 -6.86 -10.87 10.56
CA GLU B 63 -6.03 -11.98 11.04
C GLU B 63 -5.56 -12.88 9.89
N ALA B 64 -6.16 -12.71 8.72
CA ALA B 64 -5.87 -13.56 7.57
C ALA B 64 -4.59 -13.12 6.87
N VAL B 65 -4.15 -11.89 7.13
CA VAL B 65 -2.92 -11.39 6.52
C VAL B 65 -1.72 -12.22 6.96
N SER B 66 -1.82 -12.78 8.16
CA SER B 66 -0.79 -13.64 8.70
C SER B 66 -0.62 -14.88 7.83
N GLY B 67 -1.75 -15.41 7.35
CA GLY B 67 -1.73 -16.56 6.47
C GLY B 67 -1.23 -16.19 5.09
N ILE B 68 -1.66 -15.03 4.60
CA ILE B 68 -1.21 -14.56 3.30
C ILE B 68 0.30 -14.40 3.28
N LEU B 69 0.83 -13.67 4.24
CA LEU B 69 2.27 -13.42 4.33
C LEU B 69 3.02 -14.68 4.75
N GLY B 70 2.28 -15.75 5.02
CA GLY B 70 2.90 -17.03 5.28
C GLY B 70 3.30 -17.72 4.00
N LYS B 71 2.49 -17.52 2.97
CA LYS B 71 2.76 -18.10 1.66
C LYS B 71 3.50 -17.10 0.79
N SER B 72 3.11 -15.83 0.87
CA SER B 72 3.77 -14.77 0.15
C SER B 72 5.23 -14.67 0.58
N GLU B 73 6.10 -14.40 -0.38
CA GLU B 73 7.53 -14.38 -0.12
C GLU B 73 7.98 -13.02 0.41
N PHE B 74 7.02 -12.11 0.54
CA PHE B 74 7.31 -10.78 1.06
C PHE B 74 7.35 -10.79 2.58
N LYS B 75 8.23 -11.65 3.11
CA LYS B 75 8.39 -11.79 4.54
C LYS B 75 9.76 -11.27 4.96
N GLY B 76 9.85 -10.75 6.18
CA GLY B 76 11.08 -10.17 6.64
C GLY B 76 11.18 -8.70 6.27
N GLN B 77 11.28 -8.45 4.97
CA GLN B 77 11.31 -7.09 4.45
C GLN B 77 9.96 -6.42 4.65
N HIS B 78 10.00 -5.16 5.04
CA HIS B 78 8.78 -4.38 5.15
C HIS B 78 8.57 -3.60 3.86
N LEU B 79 7.35 -3.12 3.63
CA LEU B 79 6.97 -2.53 2.36
C LEU B 79 7.93 -1.43 1.91
N ALA B 80 8.22 -0.48 2.80
CA ALA B 80 9.03 0.68 2.43
C ALA B 80 10.48 0.30 2.17
N ASP B 81 10.96 -0.78 2.80
CA ASP B 81 12.32 -1.26 2.55
C ASP B 81 12.40 -1.81 1.14
N ILE B 82 11.31 -2.43 0.71
CA ILE B 82 11.18 -2.91 -0.65
C ILE B 82 11.26 -1.74 -1.64
N LEU B 83 10.47 -0.70 -1.36
CA LEU B 83 10.45 0.50 -2.18
C LEU B 83 11.80 1.21 -2.14
N ASN B 84 12.47 1.12 -0.99
CA ASN B 84 13.79 1.73 -0.81
C ASN B 84 14.83 1.04 -1.68
N SER B 85 14.53 -0.20 -2.09
CA SER B 85 15.43 -0.98 -2.91
C SER B 85 15.28 -0.59 -4.39
N ALA B 86 14.25 0.18 -4.69
CA ALA B 86 14.01 0.64 -6.05
C ALA B 86 14.90 1.83 -6.38
N SER B 87 14.86 2.29 -7.62
CA SER B 87 15.66 3.42 -8.04
C SER B 87 14.95 4.21 -9.13
N ARG B 88 14.97 5.52 -9.00
CA ARG B 88 14.32 6.40 -9.95
C ARG B 88 15.11 6.49 -11.25
N VAL B 89 14.41 6.52 -12.37
CA VAL B 89 15.05 6.70 -13.66
C VAL B 89 14.50 7.94 -14.36
N PRO B 90 15.00 9.11 -13.97
CA PRO B 90 14.56 10.39 -14.51
C PRO B 90 15.42 10.83 -15.69
N GLU B 91 15.04 11.96 -16.29
CA GLU B 91 15.79 12.55 -17.40
C GLU B 91 15.88 11.57 -18.56
N SER B 92 14.81 10.80 -18.77
CA SER B 92 14.76 9.83 -19.84
C SER B 92 13.46 10.00 -20.60
N MET A 14 16.79 5.15 -4.90
CA MET A 14 16.75 4.63 -3.52
C MET A 14 16.98 5.75 -2.51
N MET A 15 16.34 6.90 -2.74
CA MET A 15 16.51 8.05 -1.87
C MET A 15 15.82 7.82 -0.53
N SER A 16 14.51 7.98 -0.50
CA SER A 16 13.76 7.82 0.72
C SER A 16 12.38 7.23 0.41
N ALA A 17 11.70 6.81 1.46
CA ALA A 17 10.35 6.31 1.35
C ALA A 17 9.48 6.96 2.42
N SER A 18 9.16 8.22 2.21
CA SER A 18 8.41 8.99 3.19
C SER A 18 6.95 8.55 3.20
N LYS A 19 6.27 8.80 4.31
CA LYS A 19 4.90 8.33 4.50
C LYS A 19 4.00 8.71 3.32
N GLU A 20 4.06 9.98 2.94
CA GLU A 20 3.25 10.51 1.84
C GLU A 20 3.53 9.77 0.53
N GLU A 21 4.81 9.43 0.31
CA GLU A 21 5.22 8.77 -0.92
C GLU A 21 4.65 7.35 -0.97
N ILE A 22 4.65 6.69 0.17
CA ILE A 22 4.11 5.35 0.29
C ILE A 22 2.62 5.35 0.04
N ALA A 23 1.91 6.25 0.73
CA ALA A 23 0.47 6.35 0.60
C ALA A 23 0.07 6.66 -0.83
N ALA A 24 0.91 7.43 -1.52
CA ALA A 24 0.68 7.79 -2.91
C ALA A 24 0.55 6.55 -3.77
N LEU A 25 1.45 5.59 -3.59
CA LEU A 25 1.39 4.33 -4.34
C LEU A 25 0.24 3.45 -3.86
N ILE A 26 -0.03 3.50 -2.56
CA ILE A 26 -1.11 2.71 -1.99
C ILE A 26 -2.45 3.11 -2.59
N VAL A 27 -2.74 4.40 -2.62
CA VAL A 27 -3.98 4.89 -3.21
C VAL A 27 -3.94 4.74 -4.72
N ASN A 28 -2.73 4.81 -5.29
CA ASN A 28 -2.54 4.60 -6.73
C ASN A 28 -2.99 3.22 -7.14
N TYR A 29 -2.54 2.20 -6.41
CA TYR A 29 -2.90 0.83 -6.72
C TYR A 29 -4.41 0.62 -6.60
N PHE A 30 -4.99 1.11 -5.50
CA PHE A 30 -6.43 0.96 -5.28
C PHE A 30 -7.22 1.66 -6.39
N SER A 31 -6.78 2.86 -6.75
CA SER A 31 -7.42 3.61 -7.83
C SER A 31 -7.25 2.87 -9.15
N SER A 32 -6.11 2.20 -9.30
CA SER A 32 -5.81 1.42 -10.48
C SER A 32 -6.76 0.22 -10.58
N ILE A 33 -7.06 -0.41 -9.44
CA ILE A 33 -7.94 -1.56 -9.40
C ILE A 33 -9.32 -1.21 -9.94
N VAL A 34 -9.89 -0.12 -9.45
CA VAL A 34 -11.22 0.30 -9.87
C VAL A 34 -11.20 0.90 -11.27
N GLU A 35 -10.05 1.45 -11.65
CA GLU A 35 -9.89 2.05 -12.97
C GLU A 35 -10.02 1.00 -14.05
N LYS A 36 -9.33 -0.12 -13.88
CA LYS A 36 -9.37 -1.20 -14.85
C LYS A 36 -10.52 -2.15 -14.57
N LYS A 37 -11.34 -1.77 -13.58
CA LYS A 37 -12.54 -2.51 -13.19
C LYS A 37 -12.18 -3.96 -12.84
N GLU A 38 -11.22 -4.12 -11.95
CA GLU A 38 -10.70 -5.43 -11.60
C GLU A 38 -11.34 -5.91 -10.30
N ILE A 39 -11.98 -5.00 -9.61
CA ILE A 39 -12.60 -5.31 -8.33
C ILE A 39 -14.11 -5.25 -8.43
N SER A 40 -14.79 -6.03 -7.59
CA SER A 40 -16.23 -6.06 -7.58
C SER A 40 -16.79 -4.75 -7.03
N GLU A 41 -18.01 -4.40 -7.42
CA GLU A 41 -18.60 -3.10 -7.10
C GLU A 41 -18.50 -2.78 -5.61
N ASP A 42 -18.91 -3.72 -4.77
CA ASP A 42 -18.91 -3.52 -3.32
C ASP A 42 -17.50 -3.26 -2.81
N GLY A 43 -16.52 -3.92 -3.40
CA GLY A 43 -15.14 -3.71 -3.02
C GLY A 43 -14.65 -2.34 -3.46
N ALA A 44 -15.11 -1.90 -4.63
CA ALA A 44 -14.74 -0.60 -5.16
C ALA A 44 -15.21 0.52 -4.23
N ASP A 45 -16.48 0.45 -3.83
CA ASP A 45 -17.04 1.43 -2.92
C ASP A 45 -16.36 1.36 -1.56
N SER A 46 -15.92 0.17 -1.20
CA SER A 46 -15.21 -0.04 0.06
C SER A 46 -13.86 0.66 0.01
N LEU A 47 -13.19 0.58 -1.14
CA LEU A 47 -11.91 1.24 -1.34
C LEU A 47 -12.08 2.76 -1.34
N ASN A 48 -13.26 3.22 -1.76
CA ASN A 48 -13.54 4.66 -1.81
C ASN A 48 -13.45 5.27 -0.41
N VAL A 49 -14.26 4.76 0.52
CA VAL A 49 -14.25 5.29 1.89
C VAL A 49 -12.88 5.09 2.52
N ALA A 50 -12.25 3.97 2.22
CA ALA A 50 -10.94 3.66 2.76
C ALA A 50 -9.88 4.64 2.26
N MET A 51 -10.02 5.05 1.01
CA MET A 51 -8.99 5.88 0.37
C MET A 51 -8.97 7.29 0.93
N ASP A 52 -10.14 7.84 1.22
CA ASP A 52 -10.21 9.15 1.84
C ASP A 52 -9.66 9.07 3.25
N CYS A 53 -9.80 7.90 3.87
CA CYS A 53 -9.19 7.65 5.17
C CYS A 53 -7.68 7.57 5.05
N ILE A 54 -7.20 6.91 3.99
CA ILE A 54 -5.75 6.88 3.70
C ILE A 54 -5.23 8.30 3.55
N SER A 55 -5.95 9.09 2.74
CA SER A 55 -5.60 10.47 2.50
C SER A 55 -5.58 11.27 3.79
N GLU A 56 -6.62 11.06 4.61
CA GLU A 56 -6.77 11.74 5.89
C GLU A 56 -5.63 11.36 6.85
N ALA A 57 -5.27 10.09 6.84
CA ALA A 57 -4.25 9.56 7.75
C ALA A 57 -2.88 10.15 7.47
N PHE A 58 -2.60 10.45 6.21
CA PHE A 58 -1.29 10.97 5.83
C PHE A 58 -1.32 12.47 5.57
N GLY A 59 -2.53 13.03 5.56
CA GLY A 59 -2.68 14.47 5.44
C GLY A 59 -2.55 14.97 4.02
N PHE A 60 -3.08 14.22 3.07
CA PHE A 60 -3.08 14.64 1.67
C PHE A 60 -4.43 14.35 1.03
N GLU A 61 -4.58 14.74 -0.22
CA GLU A 61 -5.82 14.51 -0.94
C GLU A 61 -5.57 13.64 -2.17
N ARG A 62 -6.61 12.94 -2.61
CA ARG A 62 -6.52 12.03 -3.75
C ARG A 62 -6.14 12.75 -5.04
N GLU A 63 -6.29 14.06 -5.05
CA GLU A 63 -5.94 14.86 -6.22
C GLU A 63 -4.48 15.27 -6.17
N ALA A 64 -3.80 14.95 -5.09
CA ALA A 64 -2.40 15.34 -4.90
C ALA A 64 -1.46 14.14 -5.09
N VAL A 65 -2.04 12.98 -5.38
CA VAL A 65 -1.25 11.76 -5.54
C VAL A 65 -0.22 11.89 -6.65
N SER A 66 -0.60 12.56 -7.74
CA SER A 66 0.29 12.74 -8.89
C SER A 66 1.46 13.63 -8.51
N GLY A 67 1.21 14.63 -7.67
CA GLY A 67 2.26 15.52 -7.22
C GLY A 67 3.28 14.81 -6.37
N ILE A 68 2.81 13.88 -5.54
CA ILE A 68 3.70 13.10 -4.68
C ILE A 68 4.51 12.11 -5.51
N LEU A 69 3.82 11.38 -6.38
CA LEU A 69 4.48 10.38 -7.22
C LEU A 69 5.47 11.03 -8.19
N GLY A 70 5.11 12.20 -8.70
CA GLY A 70 5.97 12.91 -9.61
C GLY A 70 7.26 13.38 -8.96
N LYS A 71 7.20 13.65 -7.66
CA LYS A 71 8.36 14.13 -6.93
C LYS A 71 9.22 12.96 -6.43
N SER A 72 8.57 11.87 -6.10
CA SER A 72 9.24 10.69 -5.56
C SER A 72 9.83 9.84 -6.68
N GLU A 73 10.56 8.79 -6.29
CA GLU A 73 11.12 7.85 -7.26
C GLU A 73 10.08 6.80 -7.62
N PHE A 74 8.82 7.15 -7.50
CA PHE A 74 7.74 6.24 -7.82
C PHE A 74 6.99 6.75 -9.04
N LYS A 75 7.55 7.80 -9.64
CA LYS A 75 6.99 8.38 -10.86
C LYS A 75 7.04 7.37 -12.00
N GLY A 76 5.87 7.07 -12.54
CA GLY A 76 5.79 6.14 -13.66
C GLY A 76 5.76 4.69 -13.22
N GLN A 77 5.83 4.46 -11.93
CA GLN A 77 5.85 3.09 -11.41
C GLN A 77 4.50 2.69 -10.83
N HIS A 78 4.10 1.48 -11.12
CA HIS A 78 2.89 0.90 -10.54
C HIS A 78 3.30 0.12 -9.30
N LEU A 79 2.62 0.37 -8.18
CA LEU A 79 3.01 -0.18 -6.87
C LEU A 79 3.40 -1.66 -6.94
N ALA A 80 2.56 -2.49 -7.55
CA ALA A 80 2.78 -3.93 -7.58
C ALA A 80 4.05 -4.30 -8.35
N ASP A 81 4.41 -3.50 -9.35
CA ASP A 81 5.63 -3.74 -10.11
C ASP A 81 6.84 -3.64 -9.20
N ILE A 82 6.79 -2.65 -8.31
CA ILE A 82 7.82 -2.43 -7.31
C ILE A 82 7.91 -3.61 -6.35
N LEU A 83 6.75 -4.13 -5.96
CA LEU A 83 6.69 -5.26 -5.06
C LEU A 83 7.15 -6.54 -5.76
N ASN A 84 6.90 -6.61 -7.06
CA ASN A 84 7.28 -7.78 -7.84
C ASN A 84 8.80 -7.87 -7.97
N SER A 85 9.46 -6.72 -7.96
CA SER A 85 10.91 -6.68 -8.05
C SER A 85 11.58 -7.05 -6.72
N ALA A 86 10.77 -7.19 -5.67
CA ALA A 86 11.29 -7.61 -4.38
C ALA A 86 11.55 -9.11 -4.38
N SER A 87 12.35 -9.58 -3.43
CA SER A 87 12.67 -11.00 -3.33
C SER A 87 13.12 -11.36 -1.93
N ARG A 88 12.78 -12.57 -1.50
CA ARG A 88 13.20 -13.09 -0.21
C ARG A 88 13.50 -14.58 -0.33
N VAL A 89 14.22 -15.11 0.64
CA VAL A 89 14.55 -16.52 0.64
C VAL A 89 13.61 -17.28 1.59
N PRO A 90 12.68 -18.06 1.02
CA PRO A 90 11.72 -18.84 1.82
C PRO A 90 12.35 -20.10 2.37
N GLU A 91 13.31 -19.92 3.26
CA GLU A 91 14.05 -21.01 3.83
C GLU A 91 14.36 -20.73 5.30
N SER A 92 14.20 -21.75 6.13
CA SER A 92 14.50 -21.61 7.54
C SER A 92 15.84 -22.25 7.86
N MET B 14 11.47 -12.36 -6.96
CA MET B 14 10.72 -11.64 -8.02
C MET B 14 9.73 -12.57 -8.70
N MET B 15 9.03 -13.37 -7.91
CA MET B 15 8.06 -14.32 -8.44
C MET B 15 6.83 -13.61 -8.99
N SER B 16 5.94 -13.20 -8.10
CA SER B 16 4.72 -12.53 -8.48
C SER B 16 4.34 -11.49 -7.43
N ALA B 17 3.38 -10.66 -7.78
CA ALA B 17 2.83 -9.68 -6.87
C ALA B 17 1.31 -9.71 -6.95
N SER B 18 0.74 -10.75 -6.37
CA SER B 18 -0.70 -10.96 -6.43
C SER B 18 -1.40 -9.96 -5.52
N LYS B 19 -2.68 -9.72 -5.81
CA LYS B 19 -3.45 -8.71 -5.10
C LYS B 19 -3.36 -8.89 -3.59
N GLU B 20 -3.59 -10.11 -3.13
CA GLU B 20 -3.56 -10.44 -1.71
C GLU B 20 -2.20 -10.12 -1.08
N GLU B 21 -1.13 -10.37 -1.85
CA GLU B 21 0.22 -10.16 -1.36
C GLU B 21 0.50 -8.67 -1.19
N ILE B 22 -0.02 -7.88 -2.12
CA ILE B 22 0.13 -6.43 -2.08
C ILE B 22 -0.61 -5.86 -0.87
N ALA B 23 -1.87 -6.26 -0.74
CA ALA B 23 -2.72 -5.79 0.36
C ALA B 23 -2.11 -6.14 1.70
N ALA B 24 -1.46 -7.29 1.75
CA ALA B 24 -0.80 -7.76 2.96
C ALA B 24 0.23 -6.74 3.46
N LEU B 25 1.03 -6.22 2.55
CA LEU B 25 2.03 -5.22 2.92
C LEU B 25 1.36 -3.87 3.20
N ILE B 26 0.30 -3.57 2.46
CA ILE B 26 -0.43 -2.32 2.64
C ILE B 26 -1.00 -2.23 4.06
N VAL B 27 -1.70 -3.28 4.49
CA VAL B 27 -2.25 -3.30 5.83
C VAL B 27 -1.14 -3.44 6.87
N ASN B 28 -0.04 -4.10 6.46
CA ASN B 28 1.13 -4.24 7.32
C ASN B 28 1.69 -2.89 7.69
N TYR B 29 1.90 -2.03 6.68
CA TYR B 29 2.45 -0.71 6.92
C TYR B 29 1.53 0.11 7.81
N PHE B 30 0.24 0.10 7.51
CA PHE B 30 -0.73 0.86 8.29
C PHE B 30 -0.76 0.37 9.73
N SER B 31 -0.74 -0.95 9.92
CA SER B 31 -0.70 -1.54 11.25
C SER B 31 0.61 -1.17 11.95
N SER B 32 1.67 -1.08 11.17
CA SER B 32 2.98 -0.69 11.67
C SER B 32 2.95 0.75 12.19
N ILE B 33 2.26 1.63 11.46
CA ILE B 33 2.17 3.04 11.83
C ILE B 33 1.54 3.20 13.21
N VAL B 34 0.42 2.53 13.43
CA VAL B 34 -0.29 2.63 14.70
C VAL B 34 0.42 1.84 15.80
N GLU B 35 1.16 0.82 15.40
CA GLU B 35 1.91 -0.02 16.33
C GLU B 35 3.00 0.79 17.01
N LYS B 36 3.76 1.54 16.22
CA LYS B 36 4.83 2.35 16.76
C LYS B 36 4.33 3.73 17.17
N LYS B 37 3.00 3.89 17.09
CA LYS B 37 2.31 5.12 17.48
C LYS B 37 2.89 6.32 16.74
N GLU B 38 2.95 6.22 15.43
CA GLU B 38 3.56 7.24 14.59
C GLU B 38 2.49 8.16 14.02
N ILE B 39 1.24 7.74 14.11
CA ILE B 39 0.15 8.50 13.56
C ILE B 39 -0.74 9.04 14.67
N SER B 40 -1.40 10.16 14.40
CA SER B 40 -2.28 10.78 15.36
C SER B 40 -3.54 9.93 15.56
N GLU B 41 -4.15 10.05 16.74
CA GLU B 41 -5.27 9.19 17.13
C GLU B 41 -6.35 9.11 16.05
N ASP B 42 -6.79 10.28 15.57
CA ASP B 42 -7.84 10.34 14.56
C ASP B 42 -7.43 9.62 13.28
N GLY B 43 -6.16 9.71 12.93
CA GLY B 43 -5.66 9.02 11.77
C GLY B 43 -5.62 7.51 11.98
N ALA B 44 -5.30 7.11 13.21
CA ALA B 44 -5.24 5.70 13.56
C ALA B 44 -6.62 5.05 13.41
N ASP B 45 -7.63 5.70 13.97
CA ASP B 45 -9.01 5.22 13.87
C ASP B 45 -9.47 5.23 12.42
N SER B 46 -8.97 6.18 11.65
CA SER B 46 -9.30 6.30 10.24
C SER B 46 -8.73 5.10 9.49
N LEU B 47 -7.50 4.71 9.84
CA LEU B 47 -6.87 3.54 9.23
C LEU B 47 -7.61 2.26 9.61
N ASN B 48 -8.21 2.24 10.78
CA ASN B 48 -8.95 1.07 11.25
C ASN B 48 -10.09 0.72 10.30
N VAL B 49 -11.00 1.67 10.10
CA VAL B 49 -12.14 1.45 9.20
C VAL B 49 -11.65 1.16 7.78
N ALA B 50 -10.60 1.85 7.38
CA ALA B 50 -10.03 1.69 6.05
C ALA B 50 -9.46 0.30 5.87
N MET B 51 -8.86 -0.24 6.92
CA MET B 51 -8.15 -1.50 6.83
C MET B 51 -9.09 -2.68 6.66
N ASP B 52 -10.23 -2.64 7.34
CA ASP B 52 -11.23 -3.69 7.17
C ASP B 52 -11.82 -3.59 5.76
N CYS B 53 -11.83 -2.38 5.21
CA CYS B 53 -12.24 -2.18 3.83
C CYS B 53 -11.20 -2.76 2.88
N ILE B 54 -9.92 -2.56 3.20
CA ILE B 54 -8.84 -3.16 2.44
C ILE B 54 -9.00 -4.68 2.43
N SER B 55 -9.20 -5.22 3.63
CA SER B 55 -9.39 -6.65 3.81
C SER B 55 -10.60 -7.14 3.00
N GLU B 56 -11.69 -6.40 3.08
CA GLU B 56 -12.92 -6.72 2.38
C GLU B 56 -12.72 -6.69 0.87
N ALA B 57 -11.98 -5.69 0.41
CA ALA B 57 -11.76 -5.48 -1.01
C ALA B 57 -10.97 -6.62 -1.65
N PHE B 58 -10.07 -7.22 -0.88
CA PHE B 58 -9.22 -8.28 -1.40
C PHE B 58 -9.69 -9.66 -0.94
N GLY B 59 -10.65 -9.67 -0.03
CA GLY B 59 -11.26 -10.92 0.42
C GLY B 59 -10.42 -11.66 1.44
N PHE B 60 -9.79 -10.93 2.35
CA PHE B 60 -9.01 -11.55 3.41
C PHE B 60 -9.29 -10.86 4.73
N GLU B 61 -8.69 -11.35 5.80
CA GLU B 61 -8.87 -10.77 7.12
C GLU B 61 -7.52 -10.31 7.67
N ARG B 62 -7.57 -9.32 8.57
CA ARG B 62 -6.37 -8.73 9.17
C ARG B 62 -5.57 -9.77 9.95
N GLU B 63 -6.19 -10.88 10.29
CA GLU B 63 -5.51 -11.94 11.03
C GLU B 63 -4.81 -12.91 10.08
N ALA B 64 -5.01 -12.71 8.79
CA ALA B 64 -4.43 -13.59 7.78
C ALA B 64 -3.25 -12.95 7.08
N VAL B 65 -2.92 -11.72 7.47
CA VAL B 65 -1.83 -10.98 6.84
C VAL B 65 -0.50 -11.71 6.96
N SER B 66 -0.27 -12.33 8.11
CA SER B 66 0.97 -13.07 8.36
C SER B 66 1.07 -14.29 7.46
N GLY B 67 -0.08 -14.92 7.20
CA GLY B 67 -0.10 -16.07 6.33
C GLY B 67 0.24 -15.71 4.89
N ILE B 68 -0.22 -14.55 4.46
CA ILE B 68 0.06 -14.07 3.11
C ILE B 68 1.53 -13.66 2.99
N LEU B 69 1.99 -12.86 3.94
CA LEU B 69 3.37 -12.38 3.93
C LEU B 69 4.36 -13.54 4.06
N GLY B 70 4.00 -14.52 4.88
CA GLY B 70 4.86 -15.68 5.06
C GLY B 70 5.01 -16.51 3.81
N LYS B 71 3.99 -16.51 2.97
CA LYS B 71 4.01 -17.29 1.73
C LYS B 71 4.68 -16.52 0.60
N SER B 72 4.49 -15.21 0.61
CA SER B 72 5.03 -14.34 -0.43
C SER B 72 6.49 -14.00 -0.18
N GLU B 73 7.11 -13.30 -1.13
CA GLU B 73 8.49 -12.86 -0.97
C GLU B 73 8.54 -11.55 -0.21
N PHE B 74 7.54 -11.33 0.63
CA PHE B 74 7.47 -10.12 1.44
C PHE B 74 7.64 -10.49 2.90
N LYS B 75 7.95 -11.76 3.14
CA LYS B 75 8.19 -12.25 4.48
C LYS B 75 9.41 -11.56 5.09
N GLY B 76 9.19 -10.91 6.23
CA GLY B 76 10.27 -10.25 6.92
C GLY B 76 10.56 -8.86 6.38
N GLN B 77 9.81 -8.45 5.35
CA GLN B 77 10.04 -7.15 4.74
C GLN B 77 8.99 -6.14 5.17
N HIS B 78 9.44 -4.93 5.45
CA HIS B 78 8.55 -3.83 5.74
C HIS B 78 8.28 -3.07 4.44
N LEU B 79 6.99 -2.82 4.15
CA LEU B 79 6.58 -2.26 2.85
C LEU B 79 7.47 -1.11 2.37
N ALA B 80 7.71 -0.14 3.25
CA ALA B 80 8.46 1.05 2.87
C ALA B 80 9.91 0.74 2.49
N ASP B 81 10.47 -0.29 3.09
CA ASP B 81 11.83 -0.71 2.78
C ASP B 81 11.90 -1.15 1.32
N ILE B 82 10.88 -1.87 0.90
CA ILE B 82 10.73 -2.31 -0.47
C ILE B 82 10.62 -1.12 -1.43
N LEU B 83 9.87 -0.12 -1.02
CA LEU B 83 9.69 1.07 -1.82
C LEU B 83 10.96 1.92 -1.85
N ASN B 84 11.72 1.87 -0.76
CA ASN B 84 12.97 2.62 -0.67
C ASN B 84 14.02 2.04 -1.61
N SER B 85 13.94 0.74 -1.87
CA SER B 85 14.87 0.10 -2.78
C SER B 85 14.53 0.37 -4.25
N ALA B 86 13.40 1.03 -4.47
CA ALA B 86 13.00 1.42 -5.82
C ALA B 86 13.78 2.65 -6.26
N SER B 87 13.81 2.89 -7.56
CA SER B 87 14.53 4.05 -8.08
C SER B 87 14.01 4.43 -9.46
N ARG B 88 14.00 5.73 -9.74
CA ARG B 88 13.60 6.24 -11.05
C ARG B 88 14.47 7.43 -11.41
N VAL B 89 14.48 7.78 -12.69
CA VAL B 89 15.25 8.92 -13.17
C VAL B 89 14.36 10.13 -13.33
N PRO B 90 14.48 11.13 -12.43
CA PRO B 90 13.69 12.36 -12.49
C PRO B 90 14.23 13.32 -13.53
N GLU B 91 14.12 12.91 -14.77
CA GLU B 91 14.65 13.69 -15.89
C GLU B 91 13.73 13.57 -17.09
N SER B 92 13.48 14.68 -17.76
CA SER B 92 12.65 14.68 -18.94
C SER B 92 13.52 14.75 -20.19
N MET A 14 17.61 8.23 -1.04
CA MET A 14 16.87 8.90 -2.13
C MET A 14 15.49 9.34 -1.65
N MET A 15 14.56 8.40 -1.61
CA MET A 15 13.19 8.71 -1.17
C MET A 15 13.03 8.48 0.32
N SER A 16 13.62 7.39 0.80
CA SER A 16 13.52 6.96 2.19
C SER A 16 12.13 6.40 2.52
N ALA A 17 11.21 6.59 1.58
CA ALA A 17 9.83 6.12 1.70
C ALA A 17 9.12 6.79 2.86
N SER A 18 8.75 8.04 2.66
CA SER A 18 8.01 8.79 3.68
C SER A 18 6.54 8.40 3.64
N LYS A 19 5.81 8.73 4.71
CA LYS A 19 4.42 8.32 4.84
C LYS A 19 3.59 8.73 3.61
N GLU A 20 3.63 10.01 3.28
CA GLU A 20 2.85 10.55 2.16
C GLU A 20 3.25 9.92 0.83
N GLU A 21 4.54 9.61 0.70
CA GLU A 21 5.07 9.03 -0.55
C GLU A 21 4.55 7.62 -0.73
N ILE A 22 4.57 6.86 0.36
CA ILE A 22 4.09 5.49 0.35
C ILE A 22 2.58 5.46 0.11
N ALA A 23 1.86 6.30 0.84
CA ALA A 23 0.42 6.40 0.71
C ALA A 23 0.03 6.76 -0.72
N ALA A 24 0.84 7.60 -1.35
CA ALA A 24 0.62 8.00 -2.73
C ALA A 24 0.62 6.78 -3.66
N LEU A 25 1.52 5.85 -3.40
CA LEU A 25 1.59 4.62 -4.19
C LEU A 25 0.45 3.68 -3.82
N ILE A 26 0.09 3.68 -2.55
CA ILE A 26 -1.00 2.85 -2.05
C ILE A 26 -2.33 3.25 -2.69
N VAL A 27 -2.62 4.55 -2.67
CA VAL A 27 -3.86 5.04 -3.27
C VAL A 27 -3.83 4.89 -4.79
N ASN A 28 -2.63 5.01 -5.36
CA ASN A 28 -2.44 4.78 -6.80
C ASN A 28 -2.79 3.34 -7.15
N TYR A 29 -2.34 2.43 -6.30
CA TYR A 29 -2.63 1.01 -6.48
C TYR A 29 -4.13 0.76 -6.49
N PHE A 30 -4.81 1.23 -5.45
CA PHE A 30 -6.26 1.05 -5.34
C PHE A 30 -6.98 1.72 -6.50
N SER A 31 -6.54 2.92 -6.84
CA SER A 31 -7.12 3.66 -7.94
C SER A 31 -6.96 2.90 -9.25
N SER A 32 -5.81 2.27 -9.43
CA SER A 32 -5.53 1.52 -10.64
C SER A 32 -6.32 0.20 -10.66
N ILE A 33 -6.73 -0.27 -9.49
CA ILE A 33 -7.56 -1.48 -9.40
C ILE A 33 -8.94 -1.19 -9.98
N VAL A 34 -9.57 -0.13 -9.49
CA VAL A 34 -10.90 0.24 -9.96
C VAL A 34 -10.82 0.82 -11.37
N GLU A 35 -9.65 1.35 -11.71
CA GLU A 35 -9.36 1.88 -13.04
C GLU A 35 -9.66 0.85 -14.12
N LYS A 36 -9.12 -0.34 -13.94
CA LYS A 36 -9.29 -1.42 -14.92
C LYS A 36 -10.29 -2.47 -14.42
N LYS A 37 -11.19 -2.01 -13.54
CA LYS A 37 -12.22 -2.84 -12.89
C LYS A 37 -11.70 -4.23 -12.50
N GLU A 38 -10.72 -4.25 -11.62
CA GLU A 38 -10.12 -5.49 -11.16
C GLU A 38 -10.74 -5.89 -9.82
N ILE A 39 -11.62 -5.05 -9.34
CA ILE A 39 -12.32 -5.31 -8.10
C ILE A 39 -13.81 -5.07 -8.28
N SER A 40 -14.63 -5.72 -7.46
CA SER A 40 -16.07 -5.62 -7.60
C SER A 40 -16.60 -4.34 -6.95
N GLU A 41 -17.87 -4.05 -7.21
CA GLU A 41 -18.51 -2.80 -6.81
C GLU A 41 -18.31 -2.51 -5.32
N ASP A 42 -18.73 -3.44 -4.47
CA ASP A 42 -18.65 -3.25 -3.02
C ASP A 42 -17.20 -3.11 -2.57
N GLY A 43 -16.31 -3.85 -3.23
CA GLY A 43 -14.89 -3.75 -2.94
C GLY A 43 -14.34 -2.38 -3.26
N ALA A 44 -14.77 -1.83 -4.38
CA ALA A 44 -14.38 -0.49 -4.79
C ALA A 44 -15.02 0.54 -3.87
N ASP A 45 -16.28 0.29 -3.52
CA ASP A 45 -17.05 1.16 -2.64
C ASP A 45 -16.34 1.39 -1.31
N SER A 46 -15.86 0.31 -0.71
CA SER A 46 -15.15 0.41 0.55
C SER A 46 -13.79 1.08 0.35
N LEU A 47 -13.15 0.81 -0.78
CA LEU A 47 -11.88 1.45 -1.11
C LEU A 47 -12.06 2.96 -1.27
N ASN A 48 -13.27 3.37 -1.62
CA ASN A 48 -13.57 4.79 -1.80
C ASN A 48 -13.50 5.54 -0.46
N VAL A 49 -14.19 5.02 0.56
CA VAL A 49 -14.14 5.63 1.88
C VAL A 49 -12.73 5.53 2.46
N ALA A 50 -12.05 4.44 2.13
CA ALA A 50 -10.67 4.25 2.56
C ALA A 50 -9.75 5.24 1.85
N MET A 51 -10.13 5.64 0.64
CA MET A 51 -9.34 6.54 -0.17
C MET A 51 -9.26 7.91 0.50
N ASP A 52 -10.42 8.41 0.90
CA ASP A 52 -10.50 9.68 1.62
C ASP A 52 -9.77 9.55 2.95
N CYS A 53 -9.86 8.37 3.56
CA CYS A 53 -9.16 8.05 4.78
C CYS A 53 -7.65 8.22 4.62
N ILE A 54 -7.07 7.46 3.70
CA ILE A 54 -5.62 7.48 3.47
C ILE A 54 -5.15 8.90 3.17
N SER A 55 -5.89 9.60 2.33
CA SER A 55 -5.54 10.96 1.95
C SER A 55 -5.56 11.88 3.18
N GLU A 56 -6.65 11.87 3.91
CA GLU A 56 -6.83 12.76 5.05
C GLU A 56 -5.87 12.41 6.18
N ALA A 57 -5.73 11.12 6.48
CA ALA A 57 -4.90 10.66 7.59
C ALA A 57 -3.43 11.01 7.37
N PHE A 58 -2.97 10.87 6.14
CA PHE A 58 -1.57 11.15 5.81
C PHE A 58 -1.35 12.64 5.55
N GLY A 59 -2.44 13.34 5.24
CA GLY A 59 -2.37 14.79 5.09
C GLY A 59 -2.07 15.21 3.66
N PHE A 60 -2.63 14.51 2.69
CA PHE A 60 -2.47 14.88 1.29
C PHE A 60 -3.80 14.77 0.57
N GLU A 61 -3.92 15.47 -0.54
CA GLU A 61 -5.15 15.44 -1.32
C GLU A 61 -5.08 14.36 -2.38
N ARG A 62 -6.22 13.71 -2.61
CA ARG A 62 -6.33 12.64 -3.59
C ARG A 62 -6.06 13.17 -5.01
N GLU A 63 -6.20 14.48 -5.18
CA GLU A 63 -5.90 15.12 -6.45
C GLU A 63 -4.41 15.51 -6.52
N ALA A 64 -3.69 15.27 -5.44
CA ALA A 64 -2.29 15.69 -5.35
C ALA A 64 -1.35 14.50 -5.41
N VAL A 65 -1.90 13.31 -5.59
CA VAL A 65 -1.12 12.08 -5.59
C VAL A 65 -0.09 12.06 -6.73
N SER A 66 -0.48 12.58 -7.89
CA SER A 66 0.41 12.59 -9.04
C SER A 66 1.59 13.53 -8.79
N GLY A 67 1.35 14.60 -8.03
CA GLY A 67 2.40 15.52 -7.68
C GLY A 67 3.43 14.86 -6.76
N ILE A 68 2.94 14.15 -5.75
CA ILE A 68 3.82 13.43 -4.83
C ILE A 68 4.66 12.40 -5.58
N LEU A 69 4.00 11.64 -6.44
CA LEU A 69 4.66 10.60 -7.22
C LEU A 69 5.64 11.18 -8.22
N GLY A 70 5.45 12.44 -8.57
CA GLY A 70 6.34 13.10 -9.50
C GLY A 70 7.56 13.68 -8.82
N LYS A 71 7.40 14.05 -7.55
CA LYS A 71 8.50 14.58 -6.76
C LYS A 71 9.42 13.46 -6.31
N SER A 72 8.83 12.39 -5.79
CA SER A 72 9.58 11.24 -5.33
C SER A 72 10.07 10.40 -6.51
N GLU A 73 11.17 9.68 -6.30
CA GLU A 73 11.78 8.89 -7.38
C GLU A 73 10.98 7.62 -7.67
N PHE A 74 9.73 7.59 -7.26
CA PHE A 74 8.85 6.47 -7.57
C PHE A 74 8.29 6.62 -8.98
N LYS A 75 8.38 7.85 -9.50
CA LYS A 75 8.08 8.16 -10.90
C LYS A 75 6.65 7.78 -11.27
N GLY A 76 5.76 7.76 -10.29
CA GLY A 76 4.38 7.41 -10.55
C GLY A 76 4.21 5.98 -11.01
N GLN A 77 5.13 5.11 -10.60
CA GLN A 77 5.04 3.70 -10.94
C GLN A 77 4.03 3.00 -10.04
N HIS A 78 3.33 2.03 -10.60
CA HIS A 78 2.34 1.27 -9.87
C HIS A 78 3.00 0.49 -8.74
N LEU A 79 2.39 0.59 -7.56
CA LEU A 79 2.90 -0.08 -6.36
C LEU A 79 3.08 -1.57 -6.60
N ALA A 80 2.19 -2.16 -7.38
CA ALA A 80 2.23 -3.58 -7.67
C ALA A 80 3.45 -3.92 -8.54
N ASP A 81 3.79 -3.02 -9.44
CA ASP A 81 4.96 -3.21 -10.30
C ASP A 81 6.22 -3.12 -9.44
N ILE A 82 6.21 -2.16 -8.53
CA ILE A 82 7.30 -1.98 -7.57
C ILE A 82 7.51 -3.23 -6.73
N LEU A 83 6.42 -3.80 -6.24
CA LEU A 83 6.49 -4.99 -5.40
C LEU A 83 6.96 -6.21 -6.19
N ASN A 84 6.64 -6.23 -7.49
CA ASN A 84 7.10 -7.30 -8.36
C ASN A 84 8.60 -7.17 -8.61
N SER A 85 9.11 -5.96 -8.41
CA SER A 85 10.53 -5.69 -8.58
C SER A 85 11.31 -6.06 -7.32
N ALA A 86 10.58 -6.34 -6.25
CA ALA A 86 11.19 -6.73 -4.99
C ALA A 86 11.30 -8.25 -4.89
N SER A 87 11.92 -8.84 -5.91
CA SER A 87 12.05 -10.28 -5.99
C SER A 87 13.18 -10.79 -5.09
N ARG A 88 12.85 -11.12 -3.86
CA ARG A 88 13.81 -11.65 -2.91
C ARG A 88 14.03 -13.13 -3.11
N VAL A 89 15.20 -13.61 -2.73
CA VAL A 89 15.52 -15.02 -2.80
C VAL A 89 15.31 -15.67 -1.43
N PRO A 90 14.56 -16.78 -1.37
CA PRO A 90 14.25 -17.47 -0.11
C PRO A 90 15.50 -17.91 0.64
N GLU A 91 15.66 -17.41 1.86
CA GLU A 91 16.76 -17.82 2.70
C GLU A 91 16.24 -18.67 3.86
N SER A 92 17.13 -19.41 4.49
CA SER A 92 16.77 -20.25 5.62
C SER A 92 18.01 -20.51 6.47
N MET B 14 8.10 -14.79 -9.76
CA MET B 14 8.10 -15.27 -8.36
C MET B 14 6.76 -15.01 -7.70
N MET B 15 6.54 -13.79 -7.25
CA MET B 15 5.30 -13.43 -6.59
C MET B 15 4.28 -12.89 -7.59
N SER B 16 4.76 -12.08 -8.52
CA SER B 16 3.93 -11.40 -9.52
C SER B 16 3.09 -10.29 -8.91
N ALA B 17 3.09 -10.23 -7.58
CA ALA B 17 2.37 -9.22 -6.82
C ALA B 17 0.86 -9.34 -7.05
N SER B 18 0.25 -10.33 -6.43
CA SER B 18 -1.19 -10.52 -6.54
C SER B 18 -1.90 -9.58 -5.59
N LYS B 19 -3.20 -9.38 -5.80
CA LYS B 19 -3.98 -8.43 -5.01
C LYS B 19 -3.82 -8.67 -3.51
N GLU B 20 -4.10 -9.89 -3.09
CA GLU B 20 -4.05 -10.24 -1.66
C GLU B 20 -2.63 -10.08 -1.09
N GLU B 21 -1.63 -10.36 -1.92
CA GLU B 21 -0.24 -10.28 -1.49
C GLU B 21 0.16 -8.82 -1.24
N ILE B 22 -0.25 -7.96 -2.16
CA ILE B 22 0.02 -6.54 -2.07
C ILE B 22 -0.72 -5.93 -0.88
N ALA B 23 -2.00 -6.27 -0.77
CA ALA B 23 -2.84 -5.78 0.31
C ALA B 23 -2.25 -6.19 1.66
N ALA B 24 -1.68 -7.39 1.71
CA ALA B 24 -1.04 -7.89 2.91
C ALA B 24 0.08 -6.97 3.37
N LEU B 25 0.85 -6.45 2.41
CA LEU B 25 1.93 -5.52 2.71
C LEU B 25 1.36 -4.15 3.07
N ILE B 26 0.28 -3.77 2.40
CA ILE B 26 -0.37 -2.50 2.64
C ILE B 26 -0.93 -2.42 4.06
N VAL B 27 -1.65 -3.46 4.47
CA VAL B 27 -2.20 -3.50 5.82
C VAL B 27 -1.09 -3.64 6.85
N ASN B 28 -0.02 -4.34 6.49
CA ASN B 28 1.16 -4.46 7.35
C ASN B 28 1.77 -3.09 7.58
N TYR B 29 1.86 -2.31 6.51
CA TYR B 29 2.38 -0.95 6.60
C TYR B 29 1.57 -0.11 7.57
N PHE B 30 0.26 -0.07 7.38
CA PHE B 30 -0.62 0.71 8.24
C PHE B 30 -0.56 0.20 9.67
N SER B 31 -0.55 -1.11 9.82
CA SER B 31 -0.47 -1.74 11.14
C SER B 31 0.83 -1.34 11.83
N SER B 32 1.92 -1.28 11.07
CA SER B 32 3.21 -0.93 11.63
C SER B 32 3.28 0.56 11.94
N ILE B 33 2.44 1.35 11.30
CA ILE B 33 2.37 2.79 11.59
C ILE B 33 1.80 3.01 12.99
N VAL B 34 0.65 2.40 13.25
CA VAL B 34 0.00 2.53 14.55
C VAL B 34 0.77 1.74 15.61
N GLU B 35 1.49 0.72 15.15
CA GLU B 35 2.34 -0.10 15.98
C GLU B 35 3.33 0.76 16.78
N LYS B 36 4.03 1.64 16.09
CA LYS B 36 5.02 2.50 16.72
C LYS B 36 4.50 3.93 16.87
N LYS B 37 3.17 4.04 16.91
CA LYS B 37 2.44 5.32 17.01
C LYS B 37 3.08 6.42 16.15
N GLU B 38 3.08 6.19 14.84
CA GLU B 38 3.64 7.13 13.89
C GLU B 38 2.53 7.97 13.29
N ILE B 39 1.31 7.67 13.69
CA ILE B 39 0.15 8.40 13.22
C ILE B 39 -0.73 8.78 14.41
N SER B 40 -1.52 9.84 14.26
CA SER B 40 -2.35 10.31 15.35
C SER B 40 -3.64 9.50 15.46
N GLU B 41 -4.35 9.71 16.56
CA GLU B 41 -5.54 8.93 16.92
C GLU B 41 -6.54 8.84 15.77
N ASP B 42 -6.99 10.00 15.29
CA ASP B 42 -7.99 10.04 14.22
C ASP B 42 -7.47 9.40 12.94
N GLY B 43 -6.17 9.57 12.69
CA GLY B 43 -5.56 8.96 11.53
C GLY B 43 -5.57 7.45 11.63
N ALA B 44 -5.29 6.94 12.82
CA ALA B 44 -5.33 5.51 13.07
C ALA B 44 -6.77 5.01 13.04
N ASP B 45 -7.67 5.82 13.58
CA ASP B 45 -9.09 5.49 13.63
C ASP B 45 -9.64 5.24 12.24
N SER B 46 -9.31 6.11 11.30
CA SER B 46 -9.78 5.95 9.92
C SER B 46 -9.09 4.75 9.26
N LEU B 47 -7.82 4.53 9.60
CA LEU B 47 -7.09 3.38 9.08
C LEU B 47 -7.71 2.08 9.59
N ASN B 48 -8.38 2.14 10.72
CA ASN B 48 -9.03 0.97 11.30
C ASN B 48 -10.19 0.51 10.42
N VAL B 49 -11.09 1.43 10.07
CA VAL B 49 -12.21 1.09 9.20
C VAL B 49 -11.69 0.69 7.81
N ALA B 50 -10.61 1.34 7.39
CA ALA B 50 -9.98 1.02 6.12
C ALA B 50 -9.33 -0.36 6.18
N MET B 51 -8.92 -0.77 7.36
CA MET B 51 -8.26 -2.06 7.56
C MET B 51 -9.23 -3.20 7.27
N ASP B 52 -10.42 -3.10 7.85
CA ASP B 52 -11.47 -4.08 7.60
C ASP B 52 -11.88 -4.03 6.14
N CYS B 53 -11.86 -2.81 5.57
CA CYS B 53 -12.12 -2.62 4.16
C CYS B 53 -11.16 -3.41 3.29
N ILE B 54 -9.87 -3.13 3.42
CA ILE B 54 -8.84 -3.79 2.61
C ILE B 54 -8.94 -5.31 2.74
N SER B 55 -9.10 -5.77 3.97
CA SER B 55 -9.20 -7.20 4.25
C SER B 55 -10.41 -7.81 3.53
N GLU B 56 -11.57 -7.22 3.76
CA GLU B 56 -12.83 -7.74 3.21
C GLU B 56 -12.85 -7.64 1.68
N ALA B 57 -12.44 -6.48 1.15
CA ALA B 57 -12.49 -6.22 -0.28
C ALA B 57 -11.60 -7.17 -1.06
N PHE B 58 -10.42 -7.45 -0.52
CA PHE B 58 -9.46 -8.34 -1.18
C PHE B 58 -9.77 -9.80 -0.88
N GLY B 59 -10.50 -10.04 0.19
CA GLY B 59 -10.95 -11.38 0.50
C GLY B 59 -9.98 -12.14 1.39
N PHE B 60 -9.38 -11.44 2.35
CA PHE B 60 -8.49 -12.08 3.30
C PHE B 60 -8.78 -11.56 4.70
N GLU B 61 -8.38 -12.33 5.70
CA GLU B 61 -8.59 -11.94 7.09
C GLU B 61 -7.38 -11.17 7.61
N ARG B 62 -7.66 -10.18 8.44
CA ARG B 62 -6.61 -9.34 9.04
C ARG B 62 -5.72 -10.17 9.96
N GLU B 63 -6.23 -11.32 10.39
CA GLU B 63 -5.44 -12.24 11.21
C GLU B 63 -4.65 -13.21 10.33
N ALA B 64 -4.84 -13.11 9.01
CA ALA B 64 -4.22 -14.04 8.08
C ALA B 64 -3.11 -13.37 7.28
N VAL B 65 -2.85 -12.10 7.58
CA VAL B 65 -1.86 -11.32 6.84
C VAL B 65 -0.46 -11.93 6.96
N SER B 66 -0.11 -12.43 8.14
CA SER B 66 1.20 -13.01 8.36
C SER B 66 1.37 -14.29 7.54
N GLY B 67 0.28 -15.02 7.35
CA GLY B 67 0.30 -16.21 6.54
C GLY B 67 0.58 -15.88 5.08
N ILE B 68 -0.11 -14.88 4.56
CA ILE B 68 0.10 -14.43 3.18
C ILE B 68 1.54 -13.99 2.98
N LEU B 69 2.03 -13.19 3.91
CA LEU B 69 3.39 -12.66 3.84
C LEU B 69 4.44 -13.75 3.99
N GLY B 70 4.02 -14.87 4.58
CA GLY B 70 4.93 -15.99 4.77
C GLY B 70 4.97 -16.88 3.54
N LYS B 71 3.87 -16.93 2.81
CA LYS B 71 3.79 -17.71 1.60
C LYS B 71 4.51 -17.00 0.46
N SER B 72 4.23 -15.72 0.31
CA SER B 72 4.86 -14.92 -0.74
C SER B 72 6.30 -14.59 -0.36
N GLU B 73 7.13 -14.34 -1.38
CA GLU B 73 8.55 -14.08 -1.16
C GLU B 73 8.79 -12.66 -0.64
N PHE B 74 7.75 -12.05 -0.08
CA PHE B 74 7.88 -10.75 0.54
C PHE B 74 8.44 -10.90 1.95
N LYS B 75 8.34 -12.13 2.48
CA LYS B 75 8.97 -12.52 3.75
C LYS B 75 8.51 -11.65 4.91
N GLY B 76 7.31 -11.10 4.80
CA GLY B 76 6.78 -10.26 5.87
C GLY B 76 7.58 -8.99 6.06
N GLN B 77 8.22 -8.52 5.00
CA GLN B 77 8.97 -7.29 5.06
C GLN B 77 8.04 -6.09 4.97
N HIS B 78 8.40 -5.03 5.68
CA HIS B 78 7.61 -3.81 5.70
C HIS B 78 7.56 -3.19 4.32
N LEU B 79 6.35 -2.83 3.89
CA LEU B 79 6.12 -2.23 2.58
C LEU B 79 7.01 -1.00 2.37
N ALA B 80 7.24 -0.25 3.43
CA ALA B 80 8.05 0.95 3.37
C ALA B 80 9.52 0.61 3.11
N ASP B 81 9.97 -0.49 3.67
CA ASP B 81 11.34 -0.96 3.45
C ASP B 81 11.49 -1.40 2.01
N ILE B 82 10.47 -2.10 1.53
CA ILE B 82 10.41 -2.55 0.15
C ILE B 82 10.49 -1.37 -0.82
N LEU B 83 9.73 -0.33 -0.53
CA LEU B 83 9.69 0.87 -1.39
C LEU B 83 11.01 1.62 -1.34
N ASN B 84 11.71 1.55 -0.21
CA ASN B 84 13.02 2.16 -0.08
C ASN B 84 14.04 1.39 -0.90
N SER B 85 13.74 0.13 -1.17
CA SER B 85 14.60 -0.73 -1.96
C SER B 85 14.37 -0.49 -3.46
N ALA B 86 13.32 0.25 -3.78
CA ALA B 86 13.00 0.56 -5.16
C ALA B 86 13.63 1.89 -5.57
N SER B 87 14.93 1.99 -5.35
CA SER B 87 15.66 3.21 -5.63
C SER B 87 15.96 3.35 -7.13
N ARG B 88 15.05 4.00 -7.84
CA ARG B 88 15.20 4.24 -9.27
C ARG B 88 16.10 5.46 -9.52
N VAL B 89 16.75 5.46 -10.67
CA VAL B 89 17.58 6.58 -11.09
C VAL B 89 16.79 7.48 -12.03
N PRO B 90 16.75 8.79 -11.76
CA PRO B 90 15.98 9.75 -12.56
C PRO B 90 16.42 9.77 -14.02
N GLU B 91 15.50 9.47 -14.91
CA GLU B 91 15.76 9.52 -16.35
C GLU B 91 15.01 10.71 -16.97
N SER B 92 15.43 11.11 -18.15
CA SER B 92 14.80 12.21 -18.85
C SER B 92 15.09 12.08 -20.35
N MET A 14 18.29 9.01 -2.99
CA MET A 14 17.21 8.03 -2.73
C MET A 14 16.50 8.38 -1.44
N MET A 15 15.18 8.20 -1.41
CA MET A 15 14.40 8.45 -0.22
C MET A 15 14.14 7.15 0.52
N SER A 16 14.04 7.24 1.84
CA SER A 16 13.84 6.06 2.66
C SER A 16 12.37 5.68 2.74
N ALA A 17 11.64 5.94 1.66
CA ALA A 17 10.20 5.69 1.56
C ALA A 17 9.44 6.45 2.64
N SER A 18 9.22 7.73 2.41
CA SER A 18 8.53 8.57 3.36
C SER A 18 7.04 8.24 3.39
N LYS A 19 6.36 8.60 4.47
CA LYS A 19 4.96 8.23 4.66
C LYS A 19 4.10 8.64 3.48
N GLU A 20 4.21 9.92 3.11
CA GLU A 20 3.43 10.47 2.00
C GLU A 20 3.70 9.74 0.69
N GLU A 21 4.97 9.37 0.47
CA GLU A 21 5.36 8.68 -0.75
C GLU A 21 4.67 7.33 -0.84
N ILE A 22 4.71 6.59 0.26
CA ILE A 22 4.13 5.26 0.31
C ILE A 22 2.61 5.32 0.16
N ALA A 23 1.98 6.19 0.94
CA ALA A 23 0.53 6.35 0.90
C ALA A 23 0.07 6.73 -0.49
N ALA A 24 0.86 7.57 -1.15
CA ALA A 24 0.56 8.00 -2.52
C ALA A 24 0.53 6.80 -3.47
N LEU A 25 1.48 5.90 -3.30
CA LEU A 25 1.55 4.69 -4.13
C LEU A 25 0.40 3.75 -3.78
N ILE A 26 0.06 3.70 -2.50
CA ILE A 26 -1.03 2.85 -2.03
C ILE A 26 -2.37 3.26 -2.65
N VAL A 27 -2.70 4.55 -2.55
CA VAL A 27 -3.94 5.05 -3.12
C VAL A 27 -3.90 4.98 -4.65
N ASN A 28 -2.70 5.12 -5.21
CA ASN A 28 -2.50 5.00 -6.65
C ASN A 28 -2.85 3.59 -7.11
N TYR A 29 -2.41 2.59 -6.34
CA TYR A 29 -2.70 1.20 -6.65
C TYR A 29 -4.20 0.94 -6.61
N PHE A 30 -4.84 1.33 -5.51
CA PHE A 30 -6.27 1.09 -5.33
C PHE A 30 -7.09 1.78 -6.42
N SER A 31 -6.75 3.03 -6.72
CA SER A 31 -7.49 3.78 -7.72
C SER A 31 -7.30 3.16 -9.11
N SER A 32 -6.18 2.47 -9.31
CA SER A 32 -5.91 1.78 -10.56
C SER A 32 -6.77 0.53 -10.69
N ILE A 33 -7.07 -0.10 -9.57
CA ILE A 33 -7.88 -1.31 -9.57
C ILE A 33 -9.32 -0.99 -9.96
N VAL A 34 -9.86 0.07 -9.38
CA VAL A 34 -11.23 0.48 -9.63
C VAL A 34 -11.34 1.25 -10.94
N GLU A 35 -10.21 1.71 -11.46
CA GLU A 35 -10.19 2.45 -12.73
C GLU A 35 -10.58 1.52 -13.88
N LYS A 36 -9.94 0.36 -13.94
CA LYS A 36 -10.21 -0.60 -14.98
C LYS A 36 -11.20 -1.66 -14.52
N LYS A 37 -11.70 -1.46 -13.30
CA LYS A 37 -12.74 -2.29 -12.70
C LYS A 37 -12.31 -3.76 -12.63
N GLU A 38 -11.24 -4.02 -11.88
CA GLU A 38 -10.68 -5.36 -11.80
C GLU A 38 -11.01 -6.01 -10.45
N ILE A 39 -11.63 -5.24 -9.58
CA ILE A 39 -12.00 -5.73 -8.25
C ILE A 39 -13.50 -5.93 -8.17
N SER A 40 -13.95 -6.70 -7.19
CA SER A 40 -15.37 -6.98 -7.00
C SER A 40 -16.11 -5.70 -6.58
N GLU A 41 -17.42 -5.69 -6.79
CA GLU A 41 -18.22 -4.47 -6.60
C GLU A 41 -18.07 -3.93 -5.17
N ASP A 42 -18.30 -4.78 -4.19
CA ASP A 42 -18.23 -4.39 -2.78
C ASP A 42 -16.80 -3.96 -2.43
N GLY A 43 -15.83 -4.59 -3.07
CA GLY A 43 -14.44 -4.25 -2.84
C GLY A 43 -14.11 -2.86 -3.35
N ALA A 44 -14.64 -2.53 -4.52
CA ALA A 44 -14.45 -1.21 -5.11
C ALA A 44 -15.01 -0.13 -4.21
N ASP A 45 -16.21 -0.37 -3.70
CA ASP A 45 -16.87 0.55 -2.77
C ASP A 45 -16.05 0.73 -1.50
N SER A 46 -15.49 -0.38 -1.01
CA SER A 46 -14.67 -0.36 0.18
C SER A 46 -13.39 0.45 -0.05
N LEU A 47 -12.89 0.43 -1.28
CA LEU A 47 -11.70 1.19 -1.63
C LEU A 47 -12.02 2.68 -1.68
N ASN A 48 -13.28 3.01 -1.91
CA ASN A 48 -13.70 4.41 -1.99
C ASN A 48 -13.63 5.07 -0.62
N VAL A 49 -14.23 4.44 0.38
CA VAL A 49 -14.17 4.97 1.74
C VAL A 49 -12.75 4.90 2.28
N ALA A 50 -12.03 3.84 1.92
CA ALA A 50 -10.63 3.70 2.31
C ALA A 50 -9.79 4.81 1.71
N MET A 51 -10.16 5.24 0.51
CA MET A 51 -9.44 6.30 -0.19
C MET A 51 -9.38 7.57 0.64
N ASP A 52 -10.52 7.96 1.19
CA ASP A 52 -10.59 9.11 2.10
C ASP A 52 -9.75 8.87 3.33
N CYS A 53 -9.85 7.66 3.86
CA CYS A 53 -9.16 7.29 5.09
C CYS A 53 -7.63 7.37 4.93
N ILE A 54 -7.11 6.78 3.86
CA ILE A 54 -5.67 6.74 3.63
C ILE A 54 -5.13 8.17 3.45
N SER A 55 -5.78 8.93 2.57
CA SER A 55 -5.33 10.27 2.27
C SER A 55 -5.42 11.18 3.50
N GLU A 56 -6.54 11.11 4.20
CA GLU A 56 -6.75 11.92 5.40
C GLU A 56 -5.77 11.55 6.50
N ALA A 57 -5.41 10.28 6.56
CA ALA A 57 -4.51 9.79 7.59
C ALA A 57 -3.12 10.40 7.45
N PHE A 58 -2.66 10.56 6.22
CA PHE A 58 -1.32 11.06 5.98
C PHE A 58 -1.31 12.58 5.75
N GLY A 59 -2.49 13.13 5.51
CA GLY A 59 -2.62 14.58 5.40
C GLY A 59 -2.50 15.08 3.99
N PHE A 60 -3.15 14.40 3.05
CA PHE A 60 -3.19 14.84 1.67
C PHE A 60 -4.51 14.44 1.03
N GLU A 61 -4.78 14.94 -0.15
CA GLU A 61 -5.98 14.57 -0.88
C GLU A 61 -5.63 13.81 -2.15
N ARG A 62 -6.60 13.11 -2.73
CA ARG A 62 -6.34 12.28 -3.90
C ARG A 62 -5.72 13.10 -5.04
N GLU A 63 -6.25 14.29 -5.28
CA GLU A 63 -5.76 15.14 -6.36
C GLU A 63 -4.31 15.59 -6.13
N ALA A 64 -3.80 15.33 -4.93
CA ALA A 64 -2.44 15.72 -4.59
C ALA A 64 -1.47 14.56 -4.79
N VAL A 65 -2.00 13.39 -5.12
CA VAL A 65 -1.15 12.20 -5.26
C VAL A 65 -0.16 12.35 -6.42
N SER A 66 -0.61 13.00 -7.48
CA SER A 66 0.24 13.22 -8.65
C SER A 66 1.45 14.07 -8.30
N GLY A 67 1.22 15.11 -7.50
CA GLY A 67 2.30 15.95 -7.04
C GLY A 67 3.28 15.21 -6.17
N ILE A 68 2.76 14.47 -5.20
CA ILE A 68 3.59 13.68 -4.30
C ILE A 68 4.42 12.66 -5.09
N LEU A 69 3.76 11.96 -6.01
CA LEU A 69 4.42 10.93 -6.80
C LEU A 69 5.48 11.53 -7.72
N GLY A 70 5.22 12.74 -8.21
CA GLY A 70 6.18 13.41 -9.06
C GLY A 70 7.43 13.81 -8.30
N LYS A 71 7.27 14.08 -7.02
CA LYS A 71 8.38 14.47 -6.16
C LYS A 71 9.11 13.23 -5.63
N SER A 72 8.33 12.20 -5.33
CA SER A 72 8.85 10.98 -4.73
C SER A 72 9.85 10.27 -5.63
N GLU A 73 10.74 9.49 -5.01
CA GLU A 73 11.72 8.68 -5.74
C GLU A 73 11.05 7.43 -6.31
N PHE A 74 9.73 7.46 -6.39
CA PHE A 74 8.98 6.34 -6.96
C PHE A 74 8.39 6.75 -8.30
N LYS A 75 8.42 8.05 -8.59
CA LYS A 75 8.13 8.59 -9.92
C LYS A 75 6.72 8.24 -10.39
N GLY A 76 5.82 8.00 -9.44
CA GLY A 76 4.44 7.73 -9.78
C GLY A 76 4.23 6.39 -10.45
N GLN A 77 5.10 5.44 -10.15
CA GLN A 77 4.94 4.09 -10.64
C GLN A 77 3.94 3.35 -9.75
N HIS A 78 3.16 2.48 -10.36
CA HIS A 78 2.15 1.72 -9.61
C HIS A 78 2.84 0.85 -8.57
N LEU A 79 2.27 0.87 -7.36
CA LEU A 79 2.83 0.12 -6.22
C LEU A 79 3.05 -1.34 -6.56
N ALA A 80 2.19 -1.88 -7.43
CA ALA A 80 2.29 -3.28 -7.82
C ALA A 80 3.52 -3.53 -8.69
N ASP A 81 3.75 -2.64 -9.65
CA ASP A 81 4.92 -2.73 -10.53
C ASP A 81 6.19 -2.62 -9.71
N ILE A 82 6.14 -1.76 -8.70
CA ILE A 82 7.25 -1.59 -7.77
C ILE A 82 7.52 -2.89 -7.01
N LEU A 83 6.48 -3.43 -6.41
CA LEU A 83 6.59 -4.68 -5.65
C LEU A 83 7.01 -5.85 -6.56
N ASN A 84 6.53 -5.83 -7.79
CA ASN A 84 6.90 -6.84 -8.77
C ASN A 84 8.41 -6.80 -9.01
N SER A 85 8.97 -5.60 -9.00
CA SER A 85 10.40 -5.41 -9.22
C SER A 85 11.19 -5.72 -7.96
N ALA A 86 10.52 -5.69 -6.81
CA ALA A 86 11.19 -5.89 -5.53
C ALA A 86 10.81 -7.24 -4.93
N SER A 87 10.98 -8.31 -5.71
CA SER A 87 10.67 -9.64 -5.23
C SER A 87 11.77 -10.16 -4.31
N ARG A 88 11.38 -10.84 -3.25
CA ARG A 88 12.33 -11.39 -2.30
C ARG A 88 12.26 -12.92 -2.33
N VAL A 89 13.39 -13.58 -2.14
CA VAL A 89 13.43 -15.04 -2.21
C VAL A 89 13.13 -15.65 -0.84
N PRO A 90 12.04 -16.44 -0.74
CA PRO A 90 11.63 -17.10 0.51
C PRO A 90 12.57 -18.23 0.91
N GLU A 91 13.73 -17.87 1.46
CA GLU A 91 14.65 -18.84 1.99
C GLU A 91 14.42 -19.01 3.49
N SER A 92 14.87 -20.14 4.04
CA SER A 92 14.71 -20.44 5.46
C SER A 92 13.23 -20.53 5.84
N MET B 14 9.51 -16.10 -8.69
CA MET B 14 9.07 -14.75 -8.29
C MET B 14 7.62 -14.54 -8.69
N MET B 15 6.87 -13.83 -7.84
CA MET B 15 5.48 -13.53 -8.12
C MET B 15 5.35 -12.14 -8.72
N SER B 16 4.37 -11.95 -9.57
CA SER B 16 4.17 -10.66 -10.22
C SER B 16 3.37 -9.70 -9.35
N ALA B 17 3.55 -9.84 -8.03
CA ALA B 17 2.84 -9.02 -7.04
C ALA B 17 1.34 -9.22 -7.17
N SER B 18 0.83 -10.31 -6.62
CA SER B 18 -0.58 -10.62 -6.69
C SER B 18 -1.37 -9.69 -5.76
N LYS B 19 -2.66 -9.55 -6.01
CA LYS B 19 -3.50 -8.61 -5.28
C LYS B 19 -3.39 -8.84 -3.77
N GLU B 20 -3.59 -10.08 -3.35
CA GLU B 20 -3.56 -10.46 -1.94
C GLU B 20 -2.20 -10.13 -1.32
N GLU B 21 -1.12 -10.36 -2.08
CA GLU B 21 0.22 -10.12 -1.59
C GLU B 21 0.43 -8.63 -1.29
N ILE B 22 0.00 -7.80 -2.23
CA ILE B 22 0.16 -6.36 -2.11
C ILE B 22 -0.69 -5.82 -0.96
N ALA B 23 -1.97 -6.21 -0.94
CA ALA B 23 -2.89 -5.76 0.10
C ALA B 23 -2.38 -6.15 1.47
N ALA B 24 -1.79 -7.34 1.56
CA ALA B 24 -1.22 -7.83 2.80
C ALA B 24 -0.12 -6.91 3.29
N LEU B 25 0.73 -6.47 2.37
CA LEU B 25 1.82 -5.56 2.71
C LEU B 25 1.28 -4.17 3.07
N ILE B 26 0.21 -3.78 2.39
CA ILE B 26 -0.41 -2.49 2.64
C ILE B 26 -0.99 -2.41 4.05
N VAL B 27 -1.78 -3.42 4.43
CA VAL B 27 -2.35 -3.45 5.77
C VAL B 27 -1.27 -3.66 6.82
N ASN B 28 -0.21 -4.38 6.43
CA ASN B 28 0.94 -4.59 7.31
C ASN B 28 1.62 -3.27 7.62
N TYR B 29 1.76 -2.43 6.61
CA TYR B 29 2.37 -1.12 6.79
C TYR B 29 1.53 -0.26 7.73
N PHE B 30 0.24 -0.16 7.44
CA PHE B 30 -0.66 0.67 8.24
C PHE B 30 -0.71 0.21 9.70
N SER B 31 -0.82 -1.10 9.90
CA SER B 31 -0.89 -1.64 11.24
C SER B 31 0.42 -1.40 12.00
N SER B 32 1.52 -1.27 11.27
CA SER B 32 2.81 -0.99 11.87
C SER B 32 2.90 0.46 12.32
N ILE B 33 2.21 1.35 11.61
CA ILE B 33 2.21 2.76 11.95
C ILE B 33 1.47 3.00 13.26
N VAL B 34 0.30 2.36 13.39
CA VAL B 34 -0.53 2.52 14.57
C VAL B 34 -0.03 1.66 15.72
N GLU B 35 0.83 0.69 15.40
CA GLU B 35 1.39 -0.20 16.42
C GLU B 35 2.32 0.59 17.34
N LYS B 36 3.23 1.36 16.75
CA LYS B 36 4.17 2.15 17.53
C LYS B 36 3.68 3.59 17.67
N LYS B 37 2.46 3.83 17.17
CA LYS B 37 1.77 5.11 17.31
C LYS B 37 2.59 6.24 16.70
N GLU B 38 2.84 6.17 15.41
CA GLU B 38 3.67 7.16 14.73
C GLU B 38 2.83 8.10 13.89
N ILE B 39 1.54 7.81 13.81
CA ILE B 39 0.63 8.63 13.02
C ILE B 39 -0.27 9.45 13.95
N SER B 40 -0.89 10.49 13.42
CA SER B 40 -1.77 11.35 14.19
C SER B 40 -3.04 10.59 14.62
N GLU B 41 -3.70 11.08 15.66
CA GLU B 41 -4.82 10.35 16.27
C GLU B 41 -5.92 10.05 15.25
N ASP B 42 -6.37 11.08 14.55
CA ASP B 42 -7.43 10.94 13.56
C ASP B 42 -6.98 10.02 12.42
N GLY B 43 -5.70 10.08 12.11
CA GLY B 43 -5.15 9.24 11.07
C GLY B 43 -5.17 7.78 11.45
N ALA B 44 -4.84 7.50 12.70
CA ALA B 44 -4.86 6.14 13.21
C ALA B 44 -6.26 5.55 13.14
N ASP B 45 -7.24 6.35 13.55
CA ASP B 45 -8.65 5.95 13.49
C ASP B 45 -9.07 5.68 12.05
N SER B 46 -8.62 6.53 11.14
CA SER B 46 -8.93 6.37 9.73
C SER B 46 -8.33 5.08 9.18
N LEU B 47 -7.18 4.69 9.71
CA LEU B 47 -6.53 3.46 9.29
C LEU B 47 -7.29 2.24 9.80
N ASN B 48 -8.05 2.42 10.88
CA ASN B 48 -8.82 1.34 11.46
C ASN B 48 -9.97 0.94 10.53
N VAL B 49 -10.77 1.93 10.13
CA VAL B 49 -11.87 1.67 9.21
C VAL B 49 -11.34 1.23 7.84
N ALA B 50 -10.22 1.82 7.43
CA ALA B 50 -9.57 1.45 6.18
C ALA B 50 -9.10 0.00 6.23
N MET B 51 -8.70 -0.44 7.42
CA MET B 51 -8.21 -1.80 7.62
C MET B 51 -9.26 -2.82 7.20
N ASP B 52 -10.49 -2.60 7.65
CA ASP B 52 -11.61 -3.44 7.25
C ASP B 52 -11.84 -3.37 5.75
N CYS B 53 -11.77 -2.15 5.22
CA CYS B 53 -12.03 -1.90 3.81
C CYS B 53 -11.02 -2.62 2.91
N ILE B 54 -9.74 -2.48 3.22
CA ILE B 54 -8.69 -3.10 2.41
C ILE B 54 -8.81 -4.62 2.42
N SER B 55 -8.94 -5.18 3.61
CA SER B 55 -9.00 -6.62 3.77
C SER B 55 -10.25 -7.19 3.10
N GLU B 56 -11.39 -6.55 3.33
CA GLU B 56 -12.67 -6.98 2.78
C GLU B 56 -12.67 -6.86 1.25
N ALA B 57 -11.95 -5.86 0.75
CA ALA B 57 -11.90 -5.61 -0.68
C ALA B 57 -11.21 -6.76 -1.43
N PHE B 58 -10.16 -7.30 -0.83
CA PHE B 58 -9.39 -8.35 -1.47
C PHE B 58 -9.85 -9.73 -1.05
N GLY B 59 -10.64 -9.79 0.02
CA GLY B 59 -11.24 -11.04 0.43
C GLY B 59 -10.41 -11.80 1.46
N PHE B 60 -9.90 -11.08 2.44
CA PHE B 60 -9.16 -11.71 3.53
C PHE B 60 -9.37 -10.90 4.81
N GLU B 61 -8.94 -11.45 5.94
CA GLU B 61 -9.03 -10.74 7.20
C GLU B 61 -7.65 -10.43 7.74
N ARG B 62 -7.56 -9.51 8.69
CA ARG B 62 -6.27 -9.07 9.21
C ARG B 62 -5.45 -10.25 9.74
N GLU B 63 -6.10 -11.14 10.49
CA GLU B 63 -5.42 -12.29 11.07
C GLU B 63 -4.87 -13.24 10.00
N ALA B 64 -5.27 -13.02 8.75
CA ALA B 64 -4.83 -13.87 7.65
C ALA B 64 -3.62 -13.27 6.95
N VAL B 65 -3.24 -12.05 7.33
CA VAL B 65 -2.14 -11.36 6.66
C VAL B 65 -0.82 -12.10 6.84
N SER B 66 -0.63 -12.69 8.02
CA SER B 66 0.58 -13.43 8.32
C SER B 66 0.73 -14.63 7.39
N GLY B 67 -0.37 -15.33 7.15
CA GLY B 67 -0.37 -16.45 6.25
C GLY B 67 -0.04 -16.04 4.83
N ILE B 68 -0.71 -14.99 4.36
CA ILE B 68 -0.49 -14.47 3.02
C ILE B 68 0.96 -14.03 2.85
N LEU B 69 1.46 -13.29 3.82
CA LEU B 69 2.83 -12.78 3.76
C LEU B 69 3.85 -13.91 3.82
N GLY B 70 3.53 -14.97 4.54
CA GLY B 70 4.42 -16.11 4.62
C GLY B 70 4.50 -16.86 3.30
N LYS B 71 3.41 -16.81 2.54
CA LYS B 71 3.36 -17.47 1.23
C LYS B 71 3.95 -16.57 0.15
N SER B 72 3.69 -15.27 0.28
CA SER B 72 4.11 -14.29 -0.71
C SER B 72 5.63 -14.23 -0.86
N GLU B 73 6.07 -13.78 -2.03
CA GLU B 73 7.49 -13.58 -2.32
C GLU B 73 7.98 -12.29 -1.68
N PHE B 74 7.22 -11.78 -0.73
CA PHE B 74 7.60 -10.58 0.00
C PHE B 74 7.99 -10.93 1.42
N LYS B 75 7.66 -12.15 1.83
CA LYS B 75 8.16 -12.74 3.07
C LYS B 75 7.76 -11.93 4.32
N GLY B 76 6.68 -11.19 4.20
CA GLY B 76 6.17 -10.43 5.33
C GLY B 76 7.05 -9.27 5.71
N GLN B 77 7.76 -8.72 4.75
CA GLN B 77 8.55 -7.52 4.98
C GLN B 77 7.65 -6.30 4.88
N HIS B 78 7.93 -5.30 5.69
CA HIS B 78 7.13 -4.08 5.72
C HIS B 78 7.20 -3.41 4.35
N LEU B 79 6.03 -2.98 3.87
CA LEU B 79 5.90 -2.35 2.56
C LEU B 79 6.86 -1.18 2.40
N ALA B 80 7.15 -0.50 3.50
CA ALA B 80 8.05 0.65 3.47
C ALA B 80 9.49 0.21 3.23
N ASP B 81 9.91 -0.85 3.90
CA ASP B 81 11.26 -1.39 3.73
C ASP B 81 11.44 -1.88 2.29
N ILE B 82 10.38 -2.46 1.76
CA ILE B 82 10.35 -2.90 0.38
C ILE B 82 10.53 -1.71 -0.58
N LEU B 83 9.72 -0.69 -0.39
CA LEU B 83 9.78 0.50 -1.23
C LEU B 83 11.12 1.22 -1.08
N ASN B 84 11.66 1.19 0.14
CA ASN B 84 12.97 1.77 0.41
C ASN B 84 14.03 1.07 -0.45
N SER B 85 13.88 -0.23 -0.61
CA SER B 85 14.82 -1.03 -1.38
C SER B 85 14.58 -0.87 -2.89
N ALA B 86 13.38 -0.42 -3.24
CA ALA B 86 13.01 -0.28 -4.64
C ALA B 86 12.92 1.19 -5.05
N SER B 87 13.98 1.93 -4.80
CA SER B 87 14.03 3.34 -5.15
C SER B 87 14.29 3.50 -6.65
N ARG B 88 13.60 4.46 -7.27
CA ARG B 88 13.77 4.73 -8.68
C ARG B 88 14.36 6.12 -8.88
N VAL B 89 15.21 6.28 -9.89
CA VAL B 89 15.87 7.55 -10.12
C VAL B 89 15.01 8.47 -11.00
N PRO B 90 14.61 9.63 -10.47
CA PRO B 90 13.79 10.60 -11.21
C PRO B 90 14.55 11.31 -12.32
N GLU B 91 14.74 10.60 -13.42
CA GLU B 91 15.34 11.18 -14.61
C GLU B 91 14.25 11.69 -15.56
N SER B 92 14.61 12.61 -16.45
CA SER B 92 13.68 13.18 -17.42
C SER B 92 12.55 13.92 -16.70
N MET A 14 15.61 6.80 -3.34
CA MET A 14 16.72 7.77 -3.10
C MET A 14 16.22 8.95 -2.28
N MET A 15 14.91 9.13 -2.22
CA MET A 15 14.33 10.24 -1.49
C MET A 15 13.74 9.77 -0.17
N SER A 16 13.91 8.47 0.08
CA SER A 16 13.40 7.79 1.27
C SER A 16 11.89 7.59 1.16
N ALA A 17 11.45 6.39 1.53
CA ALA A 17 10.03 6.05 1.46
C ALA A 17 9.27 6.65 2.64
N SER A 18 8.97 7.93 2.54
CA SER A 18 8.20 8.62 3.57
C SER A 18 6.73 8.21 3.48
N LYS A 19 6.04 8.23 4.61
CA LYS A 19 4.69 7.66 4.68
C LYS A 19 3.74 8.23 3.63
N GLU A 20 3.71 9.55 3.47
CA GLU A 20 2.78 10.18 2.54
C GLU A 20 3.10 9.80 1.09
N GLU A 21 4.38 9.58 0.81
CA GLU A 21 4.82 9.15 -0.51
C GLU A 21 4.32 7.75 -0.79
N ILE A 22 4.42 6.90 0.23
CA ILE A 22 3.96 5.53 0.17
C ILE A 22 2.44 5.48 -0.03
N ALA A 23 1.74 6.28 0.76
CA ALA A 23 0.29 6.36 0.68
C ALA A 23 -0.15 6.73 -0.73
N ALA A 24 0.61 7.61 -1.36
CA ALA A 24 0.33 8.03 -2.73
C ALA A 24 0.34 6.84 -3.68
N LEU A 25 1.32 5.97 -3.52
CA LEU A 25 1.40 4.75 -4.33
C LEU A 25 0.28 3.78 -3.98
N ILE A 26 -0.05 3.71 -2.70
CA ILE A 26 -1.11 2.83 -2.23
C ILE A 26 -2.47 3.25 -2.80
N VAL A 27 -2.82 4.51 -2.63
CA VAL A 27 -4.10 5.02 -3.12
C VAL A 27 -4.16 4.97 -4.64
N ASN A 28 -3.01 5.15 -5.29
CA ASN A 28 -2.92 5.08 -6.74
C ASN A 28 -3.14 3.64 -7.20
N TYR A 29 -2.57 2.69 -6.47
CA TYR A 29 -2.75 1.28 -6.78
C TYR A 29 -4.21 0.89 -6.63
N PHE A 30 -4.83 1.32 -5.55
CA PHE A 30 -6.25 1.07 -5.32
C PHE A 30 -7.08 1.67 -6.46
N SER A 31 -6.69 2.86 -6.88
CA SER A 31 -7.36 3.52 -8.00
C SER A 31 -7.08 2.76 -9.31
N SER A 32 -5.95 2.09 -9.37
CA SER A 32 -5.59 1.29 -10.53
C SER A 32 -6.44 0.01 -10.56
N ILE A 33 -6.78 -0.50 -9.39
CA ILE A 33 -7.61 -1.70 -9.29
C ILE A 33 -9.00 -1.44 -9.86
N VAL A 34 -9.55 -0.26 -9.57
CA VAL A 34 -10.85 0.12 -10.10
C VAL A 34 -10.71 0.65 -11.54
N GLU A 35 -9.50 1.07 -11.89
CA GLU A 35 -9.21 1.50 -13.25
C GLU A 35 -9.29 0.31 -14.19
N LYS A 36 -8.59 -0.76 -13.84
CA LYS A 36 -8.64 -2.00 -14.61
C LYS A 36 -9.95 -2.74 -14.33
N LYS A 37 -10.59 -2.32 -13.24
CA LYS A 37 -11.88 -2.85 -12.80
C LYS A 37 -11.81 -4.36 -12.61
N GLU A 38 -10.83 -4.81 -11.83
CA GLU A 38 -10.66 -6.22 -11.55
C GLU A 38 -11.39 -6.55 -10.25
N ILE A 39 -11.74 -5.50 -9.53
CA ILE A 39 -12.41 -5.64 -8.24
C ILE A 39 -13.91 -5.41 -8.40
N SER A 40 -14.71 -6.06 -7.57
CA SER A 40 -16.15 -5.96 -7.65
C SER A 40 -16.64 -4.71 -6.91
N GLU A 41 -17.91 -4.38 -7.11
CA GLU A 41 -18.51 -3.14 -6.62
C GLU A 41 -18.23 -2.89 -5.14
N ASP A 42 -18.54 -3.88 -4.30
CA ASP A 42 -18.36 -3.74 -2.85
C ASP A 42 -16.90 -3.44 -2.52
N GLY A 43 -15.99 -4.19 -3.14
CA GLY A 43 -14.58 -3.96 -2.93
C GLY A 43 -14.15 -2.59 -3.38
N ALA A 44 -14.68 -2.15 -4.52
CA ALA A 44 -14.37 -0.83 -5.05
C ALA A 44 -14.83 0.25 -4.09
N ASP A 45 -16.06 0.13 -3.60
CA ASP A 45 -16.62 1.09 -2.65
C ASP A 45 -15.81 1.11 -1.35
N SER A 46 -15.34 -0.07 -0.96
CA SER A 46 -14.50 -0.20 0.22
C SER A 46 -13.20 0.57 0.03
N LEU A 47 -12.68 0.55 -1.20
CA LEU A 47 -11.47 1.30 -1.52
C LEU A 47 -11.77 2.80 -1.57
N ASN A 48 -13.00 3.14 -1.90
CA ASN A 48 -13.41 4.53 -1.99
C ASN A 48 -13.43 5.19 -0.61
N VAL A 49 -14.06 4.53 0.36
CA VAL A 49 -14.09 5.06 1.72
C VAL A 49 -12.69 5.03 2.33
N ALA A 50 -11.94 3.97 2.02
CA ALA A 50 -10.56 3.85 2.48
C ALA A 50 -9.71 4.95 1.88
N MET A 51 -10.05 5.35 0.67
CA MET A 51 -9.31 6.37 -0.07
C MET A 51 -9.25 7.67 0.74
N ASP A 52 -10.42 8.10 1.21
CA ASP A 52 -10.51 9.30 2.04
C ASP A 52 -9.77 9.11 3.35
N CYS A 53 -9.91 7.92 3.92
CA CYS A 53 -9.26 7.59 5.18
C CYS A 53 -7.75 7.68 5.05
N ILE A 54 -7.19 7.05 4.02
CA ILE A 54 -5.74 7.08 3.79
C ILE A 54 -5.27 8.51 3.58
N SER A 55 -5.99 9.25 2.74
CA SER A 55 -5.63 10.61 2.41
C SER A 55 -5.54 11.49 3.67
N GLU A 56 -6.61 11.47 4.47
CA GLU A 56 -6.66 12.31 5.66
C GLU A 56 -5.72 11.78 6.76
N ALA A 57 -5.49 10.47 6.75
CA ALA A 57 -4.62 9.86 7.75
C ALA A 57 -3.18 10.31 7.58
N PHE A 58 -2.69 10.29 6.35
CA PHE A 58 -1.32 10.67 6.06
C PHE A 58 -1.20 12.18 5.91
N GLY A 59 -2.32 12.83 5.62
CA GLY A 59 -2.35 14.28 5.57
C GLY A 59 -2.12 14.83 4.18
N PHE A 60 -2.72 14.21 3.18
CA PHE A 60 -2.59 14.69 1.81
C PHE A 60 -3.93 14.64 1.11
N GLU A 61 -4.09 15.47 0.09
CA GLU A 61 -5.33 15.52 -0.68
C GLU A 61 -5.30 14.49 -1.79
N ARG A 62 -6.46 13.92 -2.09
CA ARG A 62 -6.59 12.85 -3.07
C ARG A 62 -6.25 13.35 -4.46
N GLU A 63 -6.34 14.66 -4.66
CA GLU A 63 -6.02 15.25 -5.96
C GLU A 63 -4.53 15.58 -6.06
N ALA A 64 -3.79 15.26 -5.00
CA ALA A 64 -2.36 15.55 -4.96
C ALA A 64 -1.54 14.28 -5.12
N VAL A 65 -2.21 13.15 -5.28
CA VAL A 65 -1.53 11.87 -5.42
C VAL A 65 -0.61 11.86 -6.66
N SER A 66 -1.11 12.41 -7.77
CA SER A 66 -0.31 12.50 -8.98
C SER A 66 0.89 13.42 -8.77
N GLY A 67 0.71 14.40 -7.89
CA GLY A 67 1.78 15.31 -7.56
C GLY A 67 2.87 14.65 -6.76
N ILE A 68 2.48 13.92 -5.72
CA ILE A 68 3.42 13.21 -4.86
C ILE A 68 4.22 12.18 -5.67
N LEU A 69 3.52 11.47 -6.56
CA LEU A 69 4.15 10.44 -7.39
C LEU A 69 5.00 11.07 -8.48
N GLY A 70 4.98 12.39 -8.55
CA GLY A 70 5.84 13.11 -9.46
C GLY A 70 6.63 14.15 -8.71
N LYS A 71 6.81 13.91 -7.41
CA LYS A 71 7.47 14.86 -6.53
C LYS A 71 8.84 14.34 -6.12
N SER A 72 8.86 13.23 -5.40
CA SER A 72 10.12 12.64 -4.96
C SER A 72 10.66 11.69 -6.02
N GLU A 73 10.04 10.53 -6.16
CA GLU A 73 10.46 9.52 -7.11
C GLU A 73 9.31 8.56 -7.38
N PHE A 74 9.64 7.32 -7.72
CA PHE A 74 8.64 6.31 -8.11
C PHE A 74 8.00 6.76 -9.41
N LYS A 75 8.84 7.26 -10.30
CA LYS A 75 8.39 7.93 -11.51
C LYS A 75 8.10 6.93 -12.62
N GLY A 76 6.97 6.25 -12.54
CA GLY A 76 6.58 5.35 -13.60
C GLY A 76 6.00 4.05 -13.08
N GLN A 77 6.68 3.44 -12.13
CA GLN A 77 6.21 2.19 -11.57
C GLN A 77 5.18 2.45 -10.47
N HIS A 78 4.14 1.64 -10.45
CA HIS A 78 3.12 1.74 -9.42
C HIS A 78 3.52 0.87 -8.25
N LEU A 79 2.71 0.85 -7.19
CA LEU A 79 3.02 0.07 -6.01
C LEU A 79 3.25 -1.39 -6.37
N ALA A 80 2.34 -1.95 -7.17
CA ALA A 80 2.41 -3.34 -7.56
C ALA A 80 3.63 -3.62 -8.43
N ASP A 81 3.97 -2.69 -9.31
CA ASP A 81 5.17 -2.82 -10.15
C ASP A 81 6.40 -2.93 -9.25
N ILE A 82 6.44 -2.08 -8.24
CA ILE A 82 7.51 -2.07 -7.26
C ILE A 82 7.60 -3.41 -6.54
N LEU A 83 6.49 -3.86 -5.98
CA LEU A 83 6.44 -5.11 -5.23
C LEU A 83 6.75 -6.31 -6.10
N ASN A 84 6.40 -6.21 -7.38
CA ASN A 84 6.65 -7.31 -8.31
C ASN A 84 8.13 -7.41 -8.62
N SER A 85 8.85 -6.31 -8.41
CA SER A 85 10.28 -6.30 -8.62
C SER A 85 11.00 -6.83 -7.38
N ALA A 86 10.36 -6.71 -6.23
CA ALA A 86 10.89 -7.23 -4.98
C ALA A 86 10.57 -8.72 -4.86
N SER A 87 11.53 -9.51 -4.43
CA SER A 87 11.33 -10.95 -4.35
C SER A 87 12.21 -11.58 -3.26
N ARG A 88 11.70 -12.65 -2.67
CA ARG A 88 12.47 -13.44 -1.72
C ARG A 88 12.19 -14.92 -1.91
N VAL A 89 13.23 -15.66 -2.21
CA VAL A 89 13.12 -17.09 -2.48
C VAL A 89 12.95 -17.88 -1.18
N PRO A 90 11.87 -18.66 -1.06
CA PRO A 90 11.63 -19.53 0.09
C PRO A 90 12.72 -20.59 0.22
N GLU A 91 13.56 -20.46 1.23
CA GLU A 91 14.67 -21.38 1.42
C GLU A 91 14.89 -21.63 2.90
N SER A 92 14.82 -22.88 3.31
CA SER A 92 15.03 -23.27 4.69
C SER A 92 15.65 -24.66 4.77
N MET B 14 8.98 -13.06 -7.03
CA MET B 14 9.09 -14.34 -7.78
C MET B 14 7.75 -15.06 -7.82
N MET B 15 6.84 -14.67 -6.94
CA MET B 15 5.52 -15.30 -6.87
C MET B 15 4.48 -14.41 -7.51
N SER B 16 4.94 -13.27 -8.02
CA SER B 16 4.09 -12.25 -8.64
C SER B 16 3.32 -11.46 -7.58
N ALA B 17 3.29 -10.15 -7.75
CA ALA B 17 2.63 -9.28 -6.80
C ALA B 17 1.12 -9.30 -7.02
N SER B 18 0.47 -10.34 -6.51
CA SER B 18 -0.97 -10.46 -6.60
C SER B 18 -1.64 -9.51 -5.62
N LYS B 19 -2.85 -9.06 -5.95
CA LYS B 19 -3.48 -7.99 -5.19
C LYS B 19 -3.59 -8.29 -3.69
N GLU B 20 -4.02 -9.49 -3.33
CA GLU B 20 -4.22 -9.83 -1.92
C GLU B 20 -2.89 -9.86 -1.18
N GLU B 21 -1.82 -10.23 -1.89
CA GLU B 21 -0.48 -10.26 -1.30
C GLU B 21 -0.03 -8.83 -1.01
N ILE B 22 -0.31 -7.96 -1.96
CA ILE B 22 0.01 -6.54 -1.84
C ILE B 22 -0.76 -5.91 -0.69
N ALA B 23 -2.05 -6.21 -0.64
CA ALA B 23 -2.92 -5.70 0.42
C ALA B 23 -2.39 -6.09 1.79
N ALA B 24 -1.85 -7.29 1.89
CA ALA B 24 -1.26 -7.79 3.12
C ALA B 24 -0.12 -6.89 3.59
N LEU B 25 0.73 -6.48 2.65
CA LEU B 25 1.83 -5.57 2.97
C LEU B 25 1.30 -4.18 3.30
N ILE B 26 0.25 -3.77 2.61
CA ILE B 26 -0.36 -2.46 2.84
C ILE B 26 -0.96 -2.37 4.23
N VAL B 27 -1.81 -3.33 4.58
CA VAL B 27 -2.46 -3.35 5.88
C VAL B 27 -1.44 -3.53 7.00
N ASN B 28 -0.38 -4.28 6.70
CA ASN B 28 0.69 -4.50 7.67
C ASN B 28 1.45 -3.20 7.91
N TYR B 29 1.69 -2.46 6.82
CA TYR B 29 2.37 -1.17 6.93
C TYR B 29 1.54 -0.19 7.75
N PHE B 30 0.24 -0.15 7.46
CA PHE B 30 -0.68 0.70 8.22
C PHE B 30 -0.65 0.32 9.70
N SER B 31 -0.61 -0.99 9.95
CA SER B 31 -0.52 -1.50 11.32
C SER B 31 0.84 -1.16 11.93
N SER B 32 1.85 -1.03 11.09
CA SER B 32 3.18 -0.65 11.53
C SER B 32 3.21 0.83 11.91
N ILE B 33 2.41 1.63 11.22
CA ILE B 33 2.33 3.06 11.49
C ILE B 33 1.76 3.30 12.89
N VAL B 34 0.75 2.51 13.25
CA VAL B 34 0.16 2.62 14.58
C VAL B 34 1.00 1.85 15.61
N GLU B 35 1.81 0.91 15.11
CA GLU B 35 2.73 0.17 15.96
C GLU B 35 3.82 1.11 16.48
N LYS B 36 4.44 1.85 15.56
CA LYS B 36 5.44 2.85 15.92
C LYS B 36 4.76 4.09 16.49
N LYS B 37 3.45 4.17 16.22
CA LYS B 37 2.59 5.24 16.69
C LYS B 37 3.11 6.61 16.25
N GLU B 38 3.36 6.74 14.96
CA GLU B 38 3.85 7.98 14.39
C GLU B 38 2.66 8.79 13.89
N ILE B 39 1.52 8.12 13.80
CA ILE B 39 0.30 8.73 13.30
C ILE B 39 -0.60 9.11 14.48
N SER B 40 -1.39 10.17 14.32
CA SER B 40 -2.26 10.65 15.37
C SER B 40 -3.56 9.86 15.40
N GLU B 41 -4.35 10.06 16.46
CA GLU B 41 -5.54 9.26 16.73
C GLU B 41 -6.48 9.18 15.53
N ASP B 42 -6.84 10.33 14.97
CA ASP B 42 -7.77 10.38 13.84
C ASP B 42 -7.23 9.58 12.66
N GLY B 43 -5.96 9.77 12.36
CA GLY B 43 -5.32 9.03 11.28
C GLY B 43 -5.31 7.54 11.55
N ALA B 44 -5.04 7.17 12.81
CA ALA B 44 -5.03 5.78 13.21
C ALA B 44 -6.41 5.15 13.02
N ASP B 45 -7.44 5.86 13.48
CA ASP B 45 -8.81 5.38 13.35
C ASP B 45 -9.21 5.26 11.89
N SER B 46 -8.72 6.19 11.07
CA SER B 46 -8.95 6.16 9.64
C SER B 46 -8.34 4.91 9.03
N LEU B 47 -7.18 4.51 9.54
CA LEU B 47 -6.54 3.28 9.09
C LEU B 47 -7.29 2.05 9.59
N ASN B 48 -7.96 2.19 10.73
CA ASN B 48 -8.71 1.10 11.31
C ASN B 48 -9.93 0.76 10.45
N VAL B 49 -10.71 1.77 10.07
CA VAL B 49 -11.86 1.54 9.21
C VAL B 49 -11.40 1.10 7.82
N ALA B 50 -10.31 1.69 7.35
CA ALA B 50 -9.73 1.30 6.07
C ALA B 50 -9.25 -0.13 6.10
N MET B 51 -8.80 -0.56 7.28
CA MET B 51 -8.27 -1.91 7.48
C MET B 51 -9.31 -2.95 7.09
N ASP B 52 -10.52 -2.78 7.62
CA ASP B 52 -11.63 -3.68 7.30
C ASP B 52 -11.99 -3.59 5.83
N CYS B 53 -11.97 -2.37 5.31
CA CYS B 53 -12.30 -2.11 3.91
C CYS B 53 -11.33 -2.84 2.98
N ILE B 54 -10.04 -2.69 3.23
CA ILE B 54 -9.01 -3.34 2.42
C ILE B 54 -9.16 -4.86 2.50
N SER B 55 -9.32 -5.36 3.72
CA SER B 55 -9.44 -6.79 3.95
C SER B 55 -10.59 -7.39 3.14
N GLU B 56 -11.78 -6.81 3.29
CA GLU B 56 -12.97 -7.34 2.62
C GLU B 56 -12.92 -7.05 1.12
N ALA B 57 -12.25 -5.98 0.73
CA ALA B 57 -12.14 -5.62 -0.67
C ALA B 57 -11.34 -6.64 -1.46
N PHE B 58 -10.19 -7.02 -0.91
CA PHE B 58 -9.32 -7.98 -1.57
C PHE B 58 -9.76 -9.41 -1.28
N GLY B 59 -10.51 -9.59 -0.19
CA GLY B 59 -11.08 -10.88 0.11
C GLY B 59 -10.22 -11.71 1.04
N PHE B 60 -9.66 -11.09 2.05
CA PHE B 60 -8.83 -11.79 3.02
C PHE B 60 -9.16 -11.32 4.43
N GLU B 61 -8.90 -12.18 5.41
CA GLU B 61 -9.16 -11.83 6.80
C GLU B 61 -7.96 -11.12 7.40
N ARG B 62 -8.25 -10.18 8.29
CA ARG B 62 -7.21 -9.34 8.90
C ARG B 62 -6.26 -10.16 9.76
N GLU B 63 -6.72 -11.33 10.19
CA GLU B 63 -5.88 -12.21 10.99
C GLU B 63 -5.04 -13.13 10.11
N ALA B 64 -5.18 -12.97 8.80
CA ALA B 64 -4.46 -13.80 7.84
C ALA B 64 -3.32 -13.03 7.18
N VAL B 65 -3.16 -11.77 7.55
CA VAL B 65 -2.12 -10.93 6.98
C VAL B 65 -0.73 -11.51 7.24
N SER B 66 -0.50 -11.99 8.45
CA SER B 66 0.78 -12.60 8.80
C SER B 66 0.98 -13.89 8.00
N GLY B 67 -0.13 -14.53 7.66
CA GLY B 67 -0.07 -15.74 6.86
C GLY B 67 0.32 -15.45 5.43
N ILE B 68 -0.32 -14.46 4.83
CA ILE B 68 -0.03 -14.06 3.45
C ILE B 68 1.42 -13.60 3.32
N LEU B 69 1.89 -12.83 4.29
CA LEU B 69 3.25 -12.32 4.27
C LEU B 69 4.26 -13.41 4.59
N GLY B 70 3.76 -14.59 4.89
CA GLY B 70 4.60 -15.75 5.07
C GLY B 70 4.16 -16.88 4.18
N LYS B 71 3.48 -16.51 3.10
CA LYS B 71 2.90 -17.47 2.18
C LYS B 71 3.67 -17.51 0.87
N SER B 72 3.64 -16.40 0.15
CA SER B 72 4.35 -16.31 -1.13
C SER B 72 5.79 -15.87 -0.90
N GLU B 73 5.96 -14.60 -0.58
CA GLU B 73 7.29 -14.03 -0.36
C GLU B 73 7.16 -12.74 0.44
N PHE B 74 8.10 -11.82 0.25
CA PHE B 74 8.17 -10.57 1.03
C PHE B 74 8.48 -10.92 2.47
N LYS B 75 9.38 -11.87 2.62
CA LYS B 75 9.67 -12.49 3.90
C LYS B 75 10.65 -11.67 4.73
N GLY B 76 10.18 -10.58 5.31
CA GLY B 76 11.03 -9.79 6.18
C GLY B 76 10.87 -8.31 5.97
N GLN B 77 10.87 -7.89 4.72
CA GLN B 77 10.71 -6.47 4.41
C GLN B 77 9.24 -6.10 4.38
N HIS B 78 8.91 -4.94 4.93
CA HIS B 78 7.56 -4.44 4.91
C HIS B 78 7.36 -3.63 3.64
N LEU B 79 6.16 -3.10 3.45
CA LEU B 79 5.86 -2.33 2.25
C LEU B 79 6.85 -1.16 2.10
N ALA B 80 7.05 -0.44 3.19
CA ALA B 80 7.94 0.73 3.17
C ALA B 80 9.38 0.33 2.91
N ASP B 81 9.80 -0.80 3.47
CA ASP B 81 11.15 -1.31 3.23
C ASP B 81 11.34 -1.58 1.75
N ILE B 82 10.33 -2.18 1.14
CA ILE B 82 10.31 -2.45 -0.28
C ILE B 82 10.43 -1.17 -1.09
N LEU B 83 9.56 -0.21 -0.81
CA LEU B 83 9.52 1.05 -1.54
C LEU B 83 10.80 1.86 -1.32
N ASN B 84 11.42 1.69 -0.16
CA ASN B 84 12.65 2.42 0.14
C ASN B 84 13.81 1.85 -0.66
N SER B 85 13.66 0.60 -1.11
CA SER B 85 14.66 -0.04 -1.93
C SER B 85 14.47 0.37 -3.39
N ALA B 86 13.24 0.70 -3.75
CA ALA B 86 12.94 1.17 -5.10
C ALA B 86 13.27 2.65 -5.23
N SER B 87 13.88 3.05 -6.32
CA SER B 87 14.29 4.43 -6.50
C SER B 87 14.34 4.83 -7.97
N ARG B 88 14.08 6.09 -8.24
CA ARG B 88 14.22 6.65 -9.59
C ARG B 88 14.78 8.06 -9.51
N VAL B 89 15.93 8.24 -10.14
CA VAL B 89 16.62 9.52 -10.11
C VAL B 89 15.96 10.51 -11.07
N PRO B 90 15.54 11.68 -10.56
CA PRO B 90 14.96 12.75 -11.37
C PRO B 90 15.96 13.29 -12.38
N GLU B 91 15.75 12.99 -13.65
CA GLU B 91 16.67 13.39 -14.70
C GLU B 91 15.89 13.78 -15.95
N SER B 92 16.09 15.01 -16.41
CA SER B 92 15.43 15.50 -17.61
C SER B 92 16.33 16.51 -18.33
N MET A 14 15.56 4.02 -3.21
CA MET A 14 16.95 4.19 -2.74
C MET A 14 17.07 5.43 -1.86
N MET A 15 16.50 6.54 -2.32
CA MET A 15 16.58 7.79 -1.56
C MET A 15 15.85 7.68 -0.23
N SER A 16 14.52 7.73 -0.27
CA SER A 16 13.71 7.63 0.92
C SER A 16 12.28 7.27 0.55
N ALA A 17 11.48 7.02 1.56
CA ALA A 17 10.08 6.69 1.39
C ALA A 17 9.27 7.26 2.54
N SER A 18 8.88 8.51 2.42
CA SER A 18 8.12 9.18 3.45
C SER A 18 6.69 8.63 3.47
N LYS A 19 5.98 8.82 4.58
CA LYS A 19 4.63 8.28 4.75
C LYS A 19 3.74 8.65 3.56
N GLU A 20 3.73 9.93 3.20
CA GLU A 20 2.90 10.42 2.12
C GLU A 20 3.32 9.81 0.77
N GLU A 21 4.60 9.56 0.61
CA GLU A 21 5.13 8.98 -0.62
C GLU A 21 4.66 7.54 -0.77
N ILE A 22 4.67 6.81 0.34
CA ILE A 22 4.21 5.43 0.37
C ILE A 22 2.71 5.38 0.16
N ALA A 23 1.99 6.22 0.88
CA ALA A 23 0.54 6.27 0.77
C ALA A 23 0.12 6.62 -0.65
N ALA A 24 0.97 7.40 -1.33
CA ALA A 24 0.74 7.75 -2.72
C ALA A 24 0.63 6.49 -3.58
N LEU A 25 1.58 5.57 -3.43
CA LEU A 25 1.54 4.31 -4.16
C LEU A 25 0.36 3.46 -3.72
N ILE A 26 0.06 3.51 -2.43
CA ILE A 26 -1.03 2.74 -1.86
C ILE A 26 -2.37 3.13 -2.49
N VAL A 27 -2.67 4.43 -2.52
CA VAL A 27 -3.90 4.90 -3.12
C VAL A 27 -3.86 4.76 -4.64
N ASN A 28 -2.66 4.87 -5.20
CA ASN A 28 -2.45 4.67 -6.64
C ASN A 28 -2.84 3.26 -7.05
N TYR A 29 -2.41 2.28 -6.26
CA TYR A 29 -2.73 0.89 -6.52
C TYR A 29 -4.24 0.67 -6.50
N PHE A 30 -4.89 1.13 -5.44
CA PHE A 30 -6.33 0.99 -5.31
C PHE A 30 -7.04 1.74 -6.44
N SER A 31 -6.53 2.91 -6.79
CA SER A 31 -7.09 3.71 -7.86
C SER A 31 -7.03 2.95 -9.18
N SER A 32 -5.91 2.27 -9.42
CA SER A 32 -5.75 1.49 -10.64
C SER A 32 -6.74 0.32 -10.66
N ILE A 33 -6.98 -0.27 -9.50
CA ILE A 33 -7.92 -1.38 -9.40
C ILE A 33 -9.33 -0.95 -9.76
N VAL A 34 -9.77 0.19 -9.24
CA VAL A 34 -11.12 0.68 -9.50
C VAL A 34 -11.21 1.34 -10.87
N GLU A 35 -10.09 1.83 -11.38
CA GLU A 35 -10.03 2.43 -12.71
C GLU A 35 -10.28 1.37 -13.77
N LYS A 36 -9.55 0.26 -13.68
CA LYS A 36 -9.74 -0.84 -14.61
C LYS A 36 -10.98 -1.66 -14.23
N LYS A 37 -11.47 -1.36 -13.02
CA LYS A 37 -12.67 -1.99 -12.46
C LYS A 37 -12.52 -3.50 -12.38
N GLU A 38 -11.45 -3.95 -11.75
CA GLU A 38 -11.16 -5.38 -11.62
C GLU A 38 -11.83 -5.92 -10.38
N ILE A 39 -12.01 -5.03 -9.41
CA ILE A 39 -12.57 -5.40 -8.12
C ILE A 39 -14.10 -5.31 -8.14
N SER A 40 -14.74 -6.05 -7.25
CA SER A 40 -16.20 -6.09 -7.19
C SER A 40 -16.77 -4.75 -6.69
N GLU A 41 -18.07 -4.56 -6.85
CA GLU A 41 -18.71 -3.29 -6.54
C GLU A 41 -18.47 -2.88 -5.09
N ASP A 42 -18.81 -3.76 -4.15
CA ASP A 42 -18.62 -3.48 -2.73
C ASP A 42 -17.16 -3.23 -2.41
N GLY A 43 -16.28 -4.02 -3.05
CA GLY A 43 -14.86 -3.85 -2.86
C GLY A 43 -14.39 -2.47 -3.28
N ALA A 44 -14.87 -2.02 -4.43
CA ALA A 44 -14.53 -0.70 -4.95
C ALA A 44 -15.04 0.38 -4.01
N ASP A 45 -16.27 0.23 -3.55
CA ASP A 45 -16.87 1.19 -2.62
C ASP A 45 -16.10 1.23 -1.31
N SER A 46 -15.63 0.07 -0.89
CA SER A 46 -14.83 -0.02 0.33
C SER A 46 -13.51 0.74 0.14
N LEU A 47 -12.91 0.59 -1.04
CA LEU A 47 -11.67 1.30 -1.35
C LEU A 47 -11.90 2.81 -1.40
N ASN A 48 -13.11 3.22 -1.77
CA ASN A 48 -13.44 4.63 -1.85
C ASN A 48 -13.34 5.28 -0.47
N VAL A 49 -14.12 4.79 0.49
CA VAL A 49 -14.11 5.34 1.84
C VAL A 49 -12.73 5.16 2.49
N ALA A 50 -12.10 4.03 2.20
CA ALA A 50 -10.78 3.75 2.72
C ALA A 50 -9.77 4.76 2.19
N MET A 51 -9.97 5.20 0.96
CA MET A 51 -9.03 6.10 0.31
C MET A 51 -9.10 7.49 0.93
N ASP A 52 -10.30 7.92 1.28
CA ASP A 52 -10.46 9.19 1.99
C ASP A 52 -9.76 9.10 3.32
N CYS A 53 -9.88 7.94 3.96
CA CYS A 53 -9.21 7.66 5.22
C CYS A 53 -7.68 7.75 5.04
N ILE A 54 -7.15 7.04 4.05
CA ILE A 54 -5.72 7.06 3.76
C ILE A 54 -5.24 8.50 3.53
N SER A 55 -5.91 9.19 2.62
CA SER A 55 -5.52 10.53 2.21
C SER A 55 -5.53 11.50 3.40
N GLU A 56 -6.64 11.53 4.13
CA GLU A 56 -6.81 12.48 5.21
C GLU A 56 -5.89 12.16 6.39
N ALA A 57 -5.68 10.87 6.63
CA ALA A 57 -4.83 10.43 7.73
C ALA A 57 -3.38 10.85 7.52
N PHE A 58 -2.90 10.71 6.29
CA PHE A 58 -1.53 11.07 5.97
C PHE A 58 -1.39 12.57 5.73
N GLY A 59 -2.47 13.17 5.24
CA GLY A 59 -2.47 14.61 5.03
C GLY A 59 -2.23 15.01 3.58
N PHE A 60 -2.77 14.23 2.66
CA PHE A 60 -2.64 14.54 1.24
C PHE A 60 -3.97 14.28 0.54
N GLU A 61 -4.17 14.88 -0.62
CA GLU A 61 -5.39 14.69 -1.39
C GLU A 61 -5.15 13.75 -2.56
N ARG A 62 -6.22 13.09 -2.99
CA ARG A 62 -6.15 12.04 -4.00
C ARG A 62 -5.70 12.56 -5.36
N GLU A 63 -5.78 13.86 -5.57
CA GLU A 63 -5.34 14.45 -6.82
C GLU A 63 -3.87 14.85 -6.75
N ALA A 64 -3.30 14.75 -5.55
CA ALA A 64 -1.91 15.15 -5.33
C ALA A 64 -0.97 13.96 -5.39
N VAL A 65 -1.55 12.77 -5.58
CA VAL A 65 -0.79 11.52 -5.59
C VAL A 65 0.30 11.54 -6.68
N SER A 66 -0.06 12.00 -7.87
CA SER A 66 0.88 12.02 -8.99
C SER A 66 2.04 12.97 -8.72
N GLY A 67 1.75 14.08 -8.04
CA GLY A 67 2.78 15.03 -7.69
C GLY A 67 3.73 14.47 -6.65
N ILE A 68 3.19 13.70 -5.72
CA ILE A 68 3.99 13.05 -4.69
C ILE A 68 4.91 12.00 -5.33
N LEU A 69 4.34 11.22 -6.24
CA LEU A 69 5.08 10.18 -6.95
C LEU A 69 6.19 10.79 -7.79
N GLY A 70 5.88 11.89 -8.46
CA GLY A 70 6.84 12.55 -9.34
C GLY A 70 8.06 13.05 -8.59
N LYS A 71 7.91 13.33 -7.30
CA LYS A 71 9.01 13.84 -6.50
C LYS A 71 9.74 12.72 -5.77
N SER A 72 9.30 11.48 -5.95
CA SER A 72 9.86 10.37 -5.21
C SER A 72 10.50 9.32 -6.12
N GLU A 73 10.90 8.21 -5.51
CA GLU A 73 11.53 7.10 -6.23
C GLU A 73 10.55 6.44 -7.19
N PHE A 74 9.28 6.65 -6.95
CA PHE A 74 8.23 5.92 -7.64
C PHE A 74 7.90 6.56 -8.98
N LYS A 75 8.10 7.88 -9.07
CA LYS A 75 7.98 8.64 -10.31
C LYS A 75 6.52 8.74 -10.80
N GLY A 76 5.94 7.60 -11.14
CA GLY A 76 4.57 7.60 -11.62
C GLY A 76 4.12 6.20 -12.02
N GLN A 77 4.61 5.20 -11.31
CA GLN A 77 4.26 3.82 -11.60
C GLN A 77 3.38 3.27 -10.50
N HIS A 78 2.81 2.10 -10.72
CA HIS A 78 1.91 1.49 -9.75
C HIS A 78 2.69 0.72 -8.70
N LEU A 79 2.16 0.66 -7.49
CA LEU A 79 2.78 -0.07 -6.39
C LEU A 79 3.04 -1.53 -6.78
N ALA A 80 2.11 -2.10 -7.52
CA ALA A 80 2.17 -3.51 -7.89
C ALA A 80 3.34 -3.79 -8.83
N ASP A 81 3.59 -2.88 -9.77
CA ASP A 81 4.72 -3.03 -10.70
C ASP A 81 6.02 -3.15 -9.92
N ILE A 82 6.12 -2.36 -8.88
CA ILE A 82 7.28 -2.36 -8.01
C ILE A 82 7.36 -3.66 -7.21
N LEU A 83 6.27 -4.00 -6.52
CA LEU A 83 6.23 -5.17 -5.65
C LEU A 83 6.40 -6.47 -6.43
N ASN A 84 5.89 -6.51 -7.66
CA ASN A 84 6.04 -7.67 -8.52
C ASN A 84 7.52 -7.92 -8.82
N SER A 85 8.23 -6.83 -9.04
CA SER A 85 9.65 -6.90 -9.38
C SER A 85 10.50 -7.16 -8.14
N ALA A 86 10.16 -6.47 -7.05
CA ALA A 86 10.90 -6.58 -5.80
C ALA A 86 10.87 -8.00 -5.24
N SER A 87 11.95 -8.41 -4.62
CA SER A 87 12.04 -9.73 -4.01
C SER A 87 13.14 -9.74 -2.95
N ARG A 88 12.79 -10.18 -1.76
CA ARG A 88 13.75 -10.23 -0.66
C ARG A 88 13.65 -11.57 0.04
N VAL A 89 14.79 -12.08 0.49
CA VAL A 89 14.81 -13.38 1.15
C VAL A 89 15.61 -13.30 2.46
N PRO A 90 14.96 -12.89 3.56
CA PRO A 90 15.56 -12.89 4.88
C PRO A 90 15.54 -14.28 5.48
N GLU A 91 16.52 -15.09 5.10
CA GLU A 91 16.58 -16.49 5.52
C GLU A 91 16.68 -16.62 7.04
N SER A 92 15.61 -17.13 7.63
CA SER A 92 15.58 -17.37 9.07
C SER A 92 15.02 -18.76 9.34
N MET B 14 10.04 -10.52 -7.55
CA MET B 14 10.51 -11.17 -8.79
C MET B 14 9.47 -12.17 -9.30
N MET B 15 8.97 -13.02 -8.40
CA MET B 15 8.00 -14.04 -8.77
C MET B 15 6.70 -13.40 -9.25
N SER B 16 5.90 -12.92 -8.31
CA SER B 16 4.63 -12.28 -8.64
C SER B 16 4.17 -11.42 -7.48
N ALA B 17 3.09 -10.70 -7.70
CA ALA B 17 2.49 -9.87 -6.67
C ALA B 17 0.98 -9.84 -6.87
N SER B 18 0.30 -10.83 -6.30
CA SER B 18 -1.14 -10.92 -6.40
C SER B 18 -1.80 -9.85 -5.55
N LYS B 19 -3.05 -9.53 -5.83
CA LYS B 19 -3.76 -8.47 -5.12
C LYS B 19 -3.66 -8.64 -3.61
N GLU B 20 -3.96 -9.85 -3.13
CA GLU B 20 -3.94 -10.14 -1.70
C GLU B 20 -2.52 -10.00 -1.12
N GLU B 21 -1.51 -10.33 -1.93
CA GLU B 21 -0.12 -10.24 -1.50
C GLU B 21 0.28 -8.78 -1.31
N ILE B 22 -0.15 -7.95 -2.25
CA ILE B 22 0.11 -6.53 -2.19
C ILE B 22 -0.64 -5.89 -1.03
N ALA B 23 -1.92 -6.21 -0.92
CA ALA B 23 -2.76 -5.69 0.16
C ALA B 23 -2.19 -6.08 1.52
N ALA B 24 -1.54 -7.25 1.57
CA ALA B 24 -0.88 -7.71 2.77
C ALA B 24 0.14 -6.69 3.25
N LEU B 25 1.00 -6.23 2.34
CA LEU B 25 1.99 -5.22 2.67
C LEU B 25 1.32 -3.90 3.01
N ILE B 26 0.24 -3.58 2.30
CA ILE B 26 -0.48 -2.35 2.51
C ILE B 26 -1.02 -2.27 3.93
N VAL B 27 -1.73 -3.30 4.36
CA VAL B 27 -2.28 -3.33 5.72
C VAL B 27 -1.16 -3.49 6.75
N ASN B 28 -0.09 -4.18 6.35
CA ASN B 28 1.09 -4.34 7.20
C ASN B 28 1.70 -2.99 7.53
N TYR B 29 1.84 -2.15 6.52
CA TYR B 29 2.39 -0.82 6.69
C TYR B 29 1.55 0.00 7.65
N PHE B 30 0.25 0.04 7.40
CA PHE B 30 -0.67 0.78 8.27
C PHE B 30 -0.65 0.21 9.69
N SER B 31 -0.58 -1.12 9.78
CA SER B 31 -0.53 -1.79 11.07
C SER B 31 0.72 -1.36 11.84
N SER B 32 1.84 -1.25 11.15
CA SER B 32 3.09 -0.84 11.77
C SER B 32 2.98 0.60 12.27
N ILE B 33 2.28 1.44 11.50
CA ILE B 33 2.10 2.84 11.87
C ILE B 33 1.31 2.97 13.16
N VAL B 34 0.22 2.21 13.28
CA VAL B 34 -0.63 2.28 14.46
C VAL B 34 -0.02 1.49 15.62
N GLU B 35 0.80 0.50 15.29
CA GLU B 35 1.48 -0.29 16.31
C GLU B 35 2.47 0.58 17.07
N LYS B 36 3.33 1.28 16.33
CA LYS B 36 4.30 2.19 16.92
C LYS B 36 3.62 3.49 17.35
N LYS B 37 2.38 3.64 16.88
CA LYS B 37 1.53 4.79 17.17
C LYS B 37 2.19 6.10 16.76
N GLU B 38 2.60 6.17 15.50
CA GLU B 38 3.28 7.35 14.99
C GLU B 38 2.24 8.33 14.45
N ILE B 39 1.11 7.78 14.03
CA ILE B 39 0.06 8.57 13.42
C ILE B 39 -0.89 9.11 14.48
N SER B 40 -1.59 10.20 14.16
CA SER B 40 -2.50 10.84 15.09
C SER B 40 -3.74 9.96 15.35
N GLU B 41 -4.51 10.30 16.38
CA GLU B 41 -5.64 9.47 16.81
C GLU B 41 -6.64 9.26 15.67
N ASP B 42 -7.11 10.35 15.08
CA ASP B 42 -8.07 10.27 13.99
C ASP B 42 -7.50 9.52 12.81
N GLY B 43 -6.21 9.74 12.54
CA GLY B 43 -5.54 9.04 11.47
C GLY B 43 -5.52 7.54 11.69
N ALA B 44 -5.24 7.14 12.92
CA ALA B 44 -5.23 5.73 13.28
C ALA B 44 -6.62 5.12 13.12
N ASP B 45 -7.62 5.84 13.62
CA ASP B 45 -9.00 5.39 13.52
C ASP B 45 -9.44 5.27 12.06
N SER B 46 -8.96 6.20 11.24
CA SER B 46 -9.24 6.17 9.81
C SER B 46 -8.63 4.92 9.18
N LEU B 47 -7.41 4.59 9.60
CA LEU B 47 -6.73 3.39 9.11
C LEU B 47 -7.45 2.13 9.55
N ASN B 48 -8.11 2.19 10.70
CA ASN B 48 -8.85 1.05 11.22
C ASN B 48 -9.99 0.66 10.28
N VAL B 49 -10.92 1.59 10.04
CA VAL B 49 -12.04 1.34 9.16
C VAL B 49 -11.57 1.05 7.73
N ALA B 50 -10.51 1.75 7.32
CA ALA B 50 -9.94 1.55 6.00
C ALA B 50 -9.39 0.13 5.86
N MET B 51 -8.85 -0.39 6.96
CA MET B 51 -8.22 -1.69 6.94
C MET B 51 -9.25 -2.80 6.77
N ASP B 52 -10.40 -2.65 7.42
CA ASP B 52 -11.50 -3.58 7.23
C ASP B 52 -11.93 -3.55 5.78
N CYS B 53 -11.96 -2.35 5.21
CA CYS B 53 -12.29 -2.17 3.81
C CYS B 53 -11.28 -2.89 2.92
N ILE B 54 -9.98 -2.66 3.16
CA ILE B 54 -8.92 -3.31 2.39
C ILE B 54 -9.07 -4.83 2.47
N SER B 55 -9.15 -5.33 3.70
CA SER B 55 -9.20 -6.76 3.95
C SER B 55 -10.39 -7.42 3.28
N GLU B 56 -11.58 -6.87 3.51
CA GLU B 56 -12.82 -7.46 3.01
C GLU B 56 -12.91 -7.33 1.49
N ALA B 57 -12.41 -6.23 0.95
CA ALA B 57 -12.46 -5.98 -0.49
C ALA B 57 -11.60 -6.99 -1.25
N PHE B 58 -10.42 -7.27 -0.72
CA PHE B 58 -9.50 -8.22 -1.36
C PHE B 58 -9.89 -9.66 -1.02
N GLY B 59 -10.45 -9.85 0.17
CA GLY B 59 -10.91 -11.17 0.56
C GLY B 59 -9.94 -11.87 1.50
N PHE B 60 -9.33 -11.12 2.40
CA PHE B 60 -8.43 -11.71 3.38
C PHE B 60 -8.65 -11.05 4.73
N GLU B 61 -8.24 -11.71 5.80
CA GLU B 61 -8.39 -11.17 7.14
C GLU B 61 -7.07 -10.64 7.66
N ARG B 62 -7.16 -9.68 8.59
CA ARG B 62 -6.00 -8.94 9.08
C ARG B 62 -5.01 -9.84 9.83
N GLU B 63 -5.46 -11.01 10.27
CA GLU B 63 -4.58 -11.94 10.96
C GLU B 63 -3.90 -12.89 9.97
N ALA B 64 -4.32 -12.82 8.72
CA ALA B 64 -3.80 -13.71 7.69
C ALA B 64 -2.69 -13.03 6.90
N VAL B 65 -2.43 -11.76 7.21
CA VAL B 65 -1.43 -10.97 6.50
C VAL B 65 -0.04 -11.61 6.54
N SER B 66 0.36 -12.10 7.71
CA SER B 66 1.67 -12.69 7.89
C SER B 66 1.81 -13.98 7.08
N GLY B 67 0.71 -14.73 6.98
CA GLY B 67 0.71 -15.93 6.19
C GLY B 67 0.82 -15.64 4.70
N ILE B 68 0.18 -14.56 4.26
CA ILE B 68 0.25 -14.13 2.88
C ILE B 68 1.67 -13.67 2.54
N LEU B 69 2.26 -12.91 3.45
CA LEU B 69 3.62 -12.40 3.27
C LEU B 69 4.62 -13.56 3.23
N GLY B 70 4.42 -14.53 4.10
CA GLY B 70 5.33 -15.67 4.19
C GLY B 70 5.37 -16.48 2.91
N LYS B 71 4.29 -16.44 2.14
CA LYS B 71 4.21 -17.21 0.91
C LYS B 71 4.62 -16.38 -0.30
N SER B 72 4.99 -15.14 -0.08
CA SER B 72 5.28 -14.23 -1.18
C SER B 72 6.72 -13.71 -1.14
N GLU B 73 7.03 -12.78 -2.04
CA GLU B 73 8.35 -12.17 -2.14
C GLU B 73 8.67 -11.34 -0.90
N PHE B 74 7.64 -10.97 -0.18
CA PHE B 74 7.77 -10.01 0.91
C PHE B 74 8.21 -10.68 2.20
N LYS B 75 7.84 -11.95 2.35
CA LYS B 75 8.30 -12.81 3.46
C LYS B 75 7.70 -12.38 4.80
N GLY B 76 8.05 -11.19 5.26
CA GLY B 76 7.53 -10.70 6.52
C GLY B 76 8.11 -9.35 6.88
N GLN B 77 8.35 -8.53 5.87
CA GLN B 77 8.89 -7.19 6.09
C GLN B 77 7.83 -6.14 5.79
N HIS B 78 8.12 -4.90 6.15
CA HIS B 78 7.16 -3.82 5.95
C HIS B 78 7.26 -3.27 4.54
N LEU B 79 6.14 -2.78 4.03
CA LEU B 79 6.07 -2.19 2.70
C LEU B 79 7.09 -1.06 2.54
N ALA B 80 7.26 -0.30 3.61
CA ALA B 80 8.12 0.87 3.58
C ALA B 80 9.59 0.49 3.43
N ASP B 81 10.01 -0.60 4.08
CA ASP B 81 11.39 -1.09 3.96
C ASP B 81 11.70 -1.38 2.50
N ILE B 82 10.74 -1.96 1.82
CA ILE B 82 10.86 -2.27 0.42
C ILE B 82 10.91 -1.00 -0.43
N LEU B 83 9.91 -0.13 -0.25
CA LEU B 83 9.79 1.09 -1.05
C LEU B 83 10.95 2.05 -0.81
N ASN B 84 11.47 2.07 0.40
CA ASN B 84 12.63 2.90 0.73
C ASN B 84 13.84 2.46 -0.11
N SER B 85 13.99 1.16 -0.24
CA SER B 85 15.10 0.58 -0.97
C SER B 85 14.88 0.68 -2.49
N ALA B 86 13.67 0.41 -2.92
CA ALA B 86 13.32 0.41 -4.34
C ALA B 86 13.50 1.79 -4.95
N SER B 87 13.91 1.82 -6.20
CA SER B 87 14.10 3.07 -6.92
C SER B 87 14.07 2.82 -8.43
N ARG B 88 13.23 3.57 -9.12
CA ARG B 88 13.09 3.41 -10.56
C ARG B 88 13.11 4.77 -11.23
N VAL B 89 13.72 4.85 -12.41
CA VAL B 89 13.82 6.12 -13.12
C VAL B 89 13.40 5.95 -14.57
N PRO B 90 12.08 6.04 -14.85
CA PRO B 90 11.55 6.02 -16.20
C PRO B 90 11.70 7.39 -16.86
N GLU B 91 12.90 7.64 -17.40
CA GLU B 91 13.23 8.94 -17.97
C GLU B 91 12.32 9.28 -19.13
N SER B 92 11.47 10.28 -18.93
CA SER B 92 10.58 10.76 -19.97
C SER B 92 10.64 12.28 -20.02
N MET A 14 14.47 11.91 -1.53
CA MET A 14 14.74 10.88 -2.57
C MET A 14 14.95 9.52 -1.92
N MET A 15 13.93 8.66 -2.03
CA MET A 15 13.98 7.29 -1.48
C MET A 15 14.13 7.32 0.02
N SER A 16 13.76 8.44 0.60
CA SER A 16 13.74 8.60 2.04
C SER A 16 12.49 7.93 2.61
N ALA A 17 11.56 7.64 1.71
CA ALA A 17 10.29 7.00 2.03
C ALA A 17 9.47 7.86 2.97
N SER A 18 9.16 9.08 2.54
CA SER A 18 8.32 9.95 3.32
C SER A 18 6.92 9.36 3.40
N LYS A 19 6.24 9.54 4.52
CA LYS A 19 5.00 8.83 4.79
C LYS A 19 4.00 9.02 3.65
N GLU A 20 3.89 10.25 3.16
CA GLU A 20 2.97 10.57 2.07
C GLU A 20 3.37 9.88 0.76
N GLU A 21 4.67 9.66 0.58
CA GLU A 21 5.17 9.03 -0.64
C GLU A 21 4.77 7.57 -0.71
N ILE A 22 4.77 6.92 0.45
CA ILE A 22 4.35 5.54 0.54
C ILE A 22 2.86 5.42 0.26
N ALA A 23 2.09 6.25 0.96
CA ALA A 23 0.64 6.28 0.78
C ALA A 23 0.29 6.64 -0.65
N ALA A 24 1.15 7.43 -1.29
CA ALA A 24 0.99 7.80 -2.68
C ALA A 24 0.85 6.57 -3.57
N LEU A 25 1.79 5.64 -3.45
CA LEU A 25 1.73 4.41 -4.21
C LEU A 25 0.58 3.54 -3.75
N ILE A 26 0.30 3.57 -2.45
CA ILE A 26 -0.78 2.77 -1.87
C ILE A 26 -2.12 3.15 -2.50
N VAL A 27 -2.45 4.45 -2.50
CA VAL A 27 -3.69 4.91 -3.08
C VAL A 27 -3.67 4.79 -4.60
N ASN A 28 -2.48 4.92 -5.18
CA ASN A 28 -2.31 4.76 -6.62
C ASN A 28 -2.70 3.34 -7.03
N TYR A 29 -2.29 2.36 -6.23
CA TYR A 29 -2.63 0.97 -6.48
C TYR A 29 -4.14 0.77 -6.39
N PHE A 30 -4.74 1.26 -5.31
CA PHE A 30 -6.18 1.13 -5.11
C PHE A 30 -6.95 1.79 -6.26
N SER A 31 -6.48 2.95 -6.69
CA SER A 31 -7.10 3.64 -7.81
C SER A 31 -6.91 2.84 -9.10
N SER A 32 -5.77 2.18 -9.22
CA SER A 32 -5.49 1.35 -10.39
C SER A 32 -6.45 0.16 -10.45
N ILE A 33 -6.87 -0.31 -9.28
CA ILE A 33 -7.82 -1.42 -9.20
C ILE A 33 -9.16 -1.03 -9.83
N VAL A 34 -9.68 0.11 -9.42
CA VAL A 34 -10.96 0.58 -9.94
C VAL A 34 -10.81 1.17 -11.34
N GLU A 35 -9.58 1.62 -11.65
CA GLU A 35 -9.26 2.18 -12.96
C GLU A 35 -9.53 1.16 -14.07
N LYS A 36 -9.21 -0.10 -13.80
CA LYS A 36 -9.42 -1.17 -14.78
C LYS A 36 -10.67 -1.97 -14.44
N LYS A 37 -11.36 -1.54 -13.39
CA LYS A 37 -12.51 -2.26 -12.83
C LYS A 37 -12.14 -3.70 -12.53
N GLU A 38 -11.14 -3.87 -11.69
CA GLU A 38 -10.64 -5.18 -11.31
C GLU A 38 -11.48 -5.72 -10.18
N ILE A 39 -11.93 -4.81 -9.35
CA ILE A 39 -12.65 -5.16 -8.14
C ILE A 39 -14.15 -4.93 -8.31
N SER A 40 -14.93 -5.66 -7.53
CA SER A 40 -16.38 -5.58 -7.62
C SER A 40 -16.90 -4.37 -6.86
N GLU A 41 -18.21 -4.18 -6.88
CA GLU A 41 -18.86 -2.98 -6.35
C GLU A 41 -18.54 -2.77 -4.88
N ASP A 42 -18.74 -3.82 -4.07
CA ASP A 42 -18.50 -3.74 -2.63
C ASP A 42 -17.07 -3.32 -2.35
N GLY A 43 -16.12 -3.96 -3.02
CA GLY A 43 -14.72 -3.64 -2.83
C GLY A 43 -14.39 -2.23 -3.28
N ALA A 44 -14.92 -1.84 -4.44
CA ALA A 44 -14.66 -0.52 -4.99
C ALA A 44 -15.19 0.56 -4.06
N ASP A 45 -16.42 0.36 -3.58
CA ASP A 45 -17.07 1.33 -2.72
C ASP A 45 -16.37 1.44 -1.37
N SER A 46 -15.95 0.30 -0.83
CA SER A 46 -15.24 0.30 0.44
C SER A 46 -13.85 0.93 0.29
N LEU A 47 -13.25 0.76 -0.88
CA LEU A 47 -11.98 1.42 -1.18
C LEU A 47 -12.17 2.93 -1.26
N ASN A 48 -13.38 3.36 -1.62
CA ASN A 48 -13.68 4.78 -1.72
C ASN A 48 -13.66 5.45 -0.36
N VAL A 49 -14.36 4.85 0.61
CA VAL A 49 -14.37 5.41 1.96
C VAL A 49 -12.98 5.27 2.60
N ALA A 50 -12.29 4.19 2.26
CA ALA A 50 -10.93 3.97 2.74
C ALA A 50 -9.98 5.00 2.14
N MET A 51 -10.26 5.41 0.90
CA MET A 51 -9.43 6.37 0.18
C MET A 51 -9.32 7.67 0.96
N ASP A 52 -10.47 8.20 1.35
CA ASP A 52 -10.52 9.46 2.11
C ASP A 52 -9.87 9.29 3.47
N CYS A 53 -9.89 8.07 4.00
CA CYS A 53 -9.25 7.77 5.26
C CYS A 53 -7.72 7.83 5.11
N ILE A 54 -7.22 7.23 4.04
CA ILE A 54 -5.78 7.20 3.79
C ILE A 54 -5.24 8.61 3.56
N SER A 55 -5.92 9.35 2.68
CA SER A 55 -5.49 10.69 2.31
C SER A 55 -5.47 11.62 3.52
N GLU A 56 -6.57 11.63 4.27
CA GLU A 56 -6.72 12.52 5.41
C GLU A 56 -5.78 12.12 6.55
N ALA A 57 -5.36 10.86 6.54
CA ALA A 57 -4.45 10.35 7.54
C ALA A 57 -3.04 10.92 7.38
N PHE A 58 -2.54 10.90 6.15
CA PHE A 58 -1.18 11.33 5.88
C PHE A 58 -1.08 12.83 5.65
N GLY A 59 -2.16 13.44 5.18
CA GLY A 59 -2.19 14.88 5.02
C GLY A 59 -2.09 15.33 3.58
N PHE A 60 -2.61 14.53 2.67
CA PHE A 60 -2.64 14.89 1.26
C PHE A 60 -3.98 14.52 0.66
N GLU A 61 -4.44 15.28 -0.32
CA GLU A 61 -5.70 14.99 -0.96
C GLU A 61 -5.52 13.96 -2.08
N ARG A 62 -6.60 13.30 -2.47
CA ARG A 62 -6.53 12.25 -3.49
C ARG A 62 -5.88 12.78 -4.77
N GLU A 63 -6.34 13.93 -5.24
CA GLU A 63 -5.83 14.51 -6.48
C GLU A 63 -4.39 15.02 -6.32
N ALA A 64 -3.90 15.03 -5.09
CA ALA A 64 -2.56 15.55 -4.81
C ALA A 64 -1.51 14.46 -4.99
N VAL A 65 -1.94 13.21 -5.10
CA VAL A 65 -1.02 12.09 -5.25
C VAL A 65 -0.25 12.19 -6.57
N SER A 66 -0.90 12.74 -7.58
CA SER A 66 -0.28 12.90 -8.89
C SER A 66 0.96 13.79 -8.79
N GLY A 67 0.87 14.86 -8.00
CA GLY A 67 1.99 15.75 -7.80
C GLY A 67 3.10 15.07 -7.03
N ILE A 68 2.73 14.24 -6.06
CA ILE A 68 3.70 13.49 -5.27
C ILE A 68 4.48 12.54 -6.16
N LEU A 69 3.76 11.78 -6.98
CA LEU A 69 4.37 10.79 -7.85
C LEU A 69 5.10 11.44 -9.03
N GLY A 70 5.08 12.76 -9.08
CA GLY A 70 5.87 13.47 -10.05
C GLY A 70 7.25 13.78 -9.52
N LYS A 71 7.30 14.24 -8.28
CA LYS A 71 8.56 14.63 -7.66
C LYS A 71 9.28 13.43 -7.05
N SER A 72 8.53 12.56 -6.40
CA SER A 72 9.10 11.40 -5.71
C SER A 72 9.70 10.40 -6.70
N GLU A 73 10.71 9.67 -6.22
CA GLU A 73 11.44 8.71 -7.04
C GLU A 73 10.58 7.49 -7.34
N PHE A 74 9.48 7.36 -6.62
CA PHE A 74 8.56 6.25 -6.81
C PHE A 74 7.78 6.42 -8.09
N LYS A 75 7.18 7.61 -8.24
CA LYS A 75 6.37 7.95 -9.41
C LYS A 75 5.16 7.03 -9.52
N GLY A 76 4.47 7.10 -10.65
CA GLY A 76 3.28 6.31 -10.85
C GLY A 76 3.54 4.82 -10.84
N GLN A 77 3.91 4.28 -12.01
CA GLN A 77 4.21 2.86 -12.16
C GLN A 77 3.08 2.00 -11.61
N HIS A 78 3.40 0.77 -11.26
CA HIS A 78 2.47 -0.12 -10.60
C HIS A 78 3.12 -0.70 -9.36
N LEU A 79 2.45 -0.52 -8.23
CA LEU A 79 2.97 -0.91 -6.92
C LEU A 79 3.36 -2.37 -6.89
N ALA A 80 2.65 -3.20 -7.62
CA ALA A 80 2.92 -4.62 -7.67
C ALA A 80 4.30 -4.90 -8.28
N ASP A 81 4.58 -4.28 -9.41
CA ASP A 81 5.87 -4.47 -10.08
C ASP A 81 7.00 -4.00 -9.19
N ILE A 82 6.76 -2.86 -8.53
CA ILE A 82 7.69 -2.31 -7.56
C ILE A 82 8.00 -3.33 -6.46
N LEU A 83 6.94 -3.94 -5.93
CA LEU A 83 7.08 -4.94 -4.87
C LEU A 83 7.75 -6.21 -5.39
N ASN A 84 7.49 -6.55 -6.64
CA ASN A 84 8.10 -7.73 -7.27
C ASN A 84 9.59 -7.55 -7.46
N SER A 85 10.05 -6.31 -7.31
CA SER A 85 11.47 -6.00 -7.44
C SER A 85 12.23 -6.31 -6.15
N ALA A 86 11.48 -6.62 -5.09
CA ALA A 86 12.09 -6.94 -3.80
C ALA A 86 12.43 -8.42 -3.71
N SER A 87 12.87 -8.86 -2.53
CA SER A 87 13.27 -10.25 -2.34
C SER A 87 13.10 -10.66 -0.87
N ARG A 88 12.94 -11.94 -0.63
CA ARG A 88 12.78 -12.46 0.74
C ARG A 88 14.13 -12.93 1.27
N VAL A 89 14.29 -12.87 2.58
CA VAL A 89 15.49 -13.39 3.21
C VAL A 89 15.14 -14.68 3.96
N PRO A 90 15.31 -15.84 3.31
CA PRO A 90 14.93 -17.12 3.87
C PRO A 90 16.07 -17.82 4.62
N GLU A 91 15.85 -18.06 5.91
CA GLU A 91 16.80 -18.84 6.71
C GLU A 91 16.46 -20.32 6.61
N SER A 92 15.82 -20.70 5.52
CA SER A 92 15.43 -22.08 5.29
C SER A 92 16.60 -22.88 4.73
N MET B 14 4.99 -16.84 -6.68
CA MET B 14 6.27 -16.21 -6.30
C MET B 14 6.52 -14.97 -7.12
N MET B 15 6.32 -13.80 -6.51
CA MET B 15 6.54 -12.51 -7.16
C MET B 15 5.59 -12.32 -8.34
N SER B 16 4.52 -13.08 -8.32
CA SER B 16 3.46 -12.96 -9.30
C SER B 16 2.60 -11.75 -8.97
N ALA B 17 2.76 -11.27 -7.74
CA ALA B 17 2.03 -10.13 -7.21
C ALA B 17 0.54 -10.39 -7.19
N SER B 18 0.15 -11.43 -6.46
CA SER B 18 -1.26 -11.74 -6.31
C SER B 18 -1.93 -10.61 -5.52
N LYS B 19 -3.17 -10.31 -5.83
CA LYS B 19 -3.82 -9.11 -5.29
C LYS B 19 -3.74 -9.07 -3.77
N GLU B 20 -3.97 -10.21 -3.13
CA GLU B 20 -3.94 -10.31 -1.68
C GLU B 20 -2.51 -10.08 -1.13
N GLU B 21 -1.51 -10.45 -1.92
CA GLU B 21 -0.12 -10.31 -1.50
C GLU B 21 0.27 -8.84 -1.42
N ILE B 22 -0.25 -8.06 -2.36
CA ILE B 22 0.02 -6.63 -2.38
C ILE B 22 -0.66 -5.97 -1.19
N ALA B 23 -1.94 -6.27 -1.02
CA ALA B 23 -2.72 -5.75 0.09
C ALA B 23 -2.11 -6.17 1.42
N ALA B 24 -1.47 -7.34 1.42
CA ALA B 24 -0.79 -7.85 2.59
C ALA B 24 0.24 -6.85 3.11
N LEU B 25 1.10 -6.38 2.22
CA LEU B 25 2.10 -5.38 2.59
C LEU B 25 1.43 -4.04 2.90
N ILE B 26 0.38 -3.74 2.17
CA ILE B 26 -0.35 -2.49 2.35
C ILE B 26 -0.90 -2.38 3.78
N VAL B 27 -1.63 -3.41 4.21
CA VAL B 27 -2.20 -3.41 5.56
C VAL B 27 -1.10 -3.57 6.61
N ASN B 28 -0.03 -4.28 6.23
CA ASN B 28 1.11 -4.45 7.12
C ASN B 28 1.74 -3.10 7.44
N TYR B 29 1.85 -2.26 6.42
CA TYR B 29 2.38 -0.91 6.59
C TYR B 29 1.48 -0.09 7.51
N PHE B 30 0.18 -0.11 7.24
CA PHE B 30 -0.78 0.64 8.05
C PHE B 30 -0.74 0.16 9.49
N SER B 31 -0.64 -1.14 9.69
CA SER B 31 -0.55 -1.70 11.02
C SER B 31 0.77 -1.29 11.68
N SER B 32 1.82 -1.18 10.89
CA SER B 32 3.13 -0.75 11.38
C SER B 32 3.07 0.70 11.88
N ILE B 33 2.22 1.49 11.25
CA ILE B 33 2.04 2.88 11.64
C ILE B 33 1.48 2.98 13.06
N VAL B 34 0.42 2.24 13.33
CA VAL B 34 -0.20 2.25 14.64
C VAL B 34 0.60 1.42 15.64
N GLU B 35 1.37 0.47 15.11
CA GLU B 35 2.22 -0.40 15.92
C GLU B 35 3.23 0.43 16.73
N LYS B 36 3.76 1.48 16.11
CA LYS B 36 4.74 2.34 16.77
C LYS B 36 4.07 3.64 17.23
N LYS B 37 2.75 3.72 17.02
CA LYS B 37 1.98 4.92 17.28
C LYS B 37 2.60 6.12 16.57
N GLU B 38 2.70 6.00 15.25
CA GLU B 38 3.30 7.03 14.42
C GLU B 38 2.23 8.06 14.08
N ILE B 39 1.01 7.57 13.97
CA ILE B 39 -0.09 8.39 13.52
C ILE B 39 -0.98 8.78 14.70
N SER B 40 -1.70 9.89 14.55
CA SER B 40 -2.55 10.39 15.60
C SER B 40 -3.89 9.65 15.63
N GLU B 41 -4.75 10.02 16.56
CA GLU B 41 -5.98 9.30 16.83
C GLU B 41 -6.88 9.23 15.59
N ASP B 42 -7.12 10.40 14.98
CA ASP B 42 -7.97 10.48 13.79
C ASP B 42 -7.47 9.57 12.69
N GLY B 43 -6.17 9.63 12.42
CA GLY B 43 -5.58 8.81 11.39
C GLY B 43 -5.64 7.33 11.74
N ALA B 44 -5.35 7.00 12.98
CA ALA B 44 -5.37 5.61 13.42
C ALA B 44 -6.76 5.03 13.30
N ASP B 45 -7.75 5.78 13.76
CA ASP B 45 -9.14 5.33 13.75
C ASP B 45 -9.67 5.19 12.34
N SER B 46 -9.30 6.12 11.46
CA SER B 46 -9.73 6.06 10.07
C SER B 46 -9.04 4.91 9.35
N LEU B 47 -7.80 4.60 9.75
CA LEU B 47 -7.11 3.44 9.21
C LEU B 47 -7.79 2.15 9.66
N ASN B 48 -8.45 2.20 10.81
CA ASN B 48 -9.14 1.03 11.34
C ASN B 48 -10.34 0.66 10.46
N VAL B 49 -11.17 1.64 10.13
CA VAL B 49 -12.32 1.40 9.27
C VAL B 49 -11.85 1.06 7.86
N ALA B 50 -10.76 1.68 7.44
CA ALA B 50 -10.17 1.41 6.14
C ALA B 50 -9.60 -0.01 6.10
N MET B 51 -9.10 -0.47 7.24
CA MET B 51 -8.50 -1.79 7.36
C MET B 51 -9.49 -2.87 6.96
N ASP B 52 -10.68 -2.81 7.55
CA ASP B 52 -11.74 -3.78 7.25
C ASP B 52 -12.19 -3.67 5.80
N CYS B 53 -12.06 -2.47 5.24
CA CYS B 53 -12.40 -2.25 3.85
C CYS B 53 -11.40 -2.95 2.93
N ILE B 54 -10.11 -2.80 3.24
CA ILE B 54 -9.06 -3.41 2.45
C ILE B 54 -9.14 -4.93 2.50
N SER B 55 -9.28 -5.47 3.70
CA SER B 55 -9.31 -6.92 3.90
C SER B 55 -10.50 -7.55 3.19
N GLU B 56 -11.68 -6.97 3.40
CA GLU B 56 -12.92 -7.50 2.84
C GLU B 56 -12.95 -7.34 1.32
N ALA B 57 -12.16 -6.39 0.83
CA ALA B 57 -12.08 -6.12 -0.60
C ALA B 57 -11.35 -7.24 -1.34
N PHE B 58 -10.20 -7.65 -0.80
CA PHE B 58 -9.36 -8.63 -1.47
C PHE B 58 -9.76 -10.06 -1.11
N GLY B 59 -10.34 -10.24 0.07
CA GLY B 59 -10.85 -11.55 0.44
C GLY B 59 -9.99 -12.24 1.48
N PHE B 60 -9.37 -11.47 2.36
CA PHE B 60 -8.59 -12.03 3.45
C PHE B 60 -8.86 -11.24 4.71
N GLU B 61 -8.77 -11.90 5.86
CA GLU B 61 -9.00 -11.24 7.13
C GLU B 61 -7.70 -10.59 7.62
N ARG B 62 -7.82 -9.62 8.52
CA ARG B 62 -6.66 -8.89 9.02
C ARG B 62 -5.61 -9.86 9.59
N GLU B 63 -6.04 -10.77 10.44
CA GLU B 63 -5.12 -11.72 11.07
C GLU B 63 -4.57 -12.74 10.08
N ALA B 64 -5.11 -12.75 8.87
CA ALA B 64 -4.69 -13.70 7.85
C ALA B 64 -3.48 -13.19 7.07
N VAL B 65 -3.16 -11.91 7.23
CA VAL B 65 -2.04 -11.32 6.51
C VAL B 65 -0.72 -11.94 6.95
N SER B 66 -0.65 -12.36 8.22
CA SER B 66 0.54 -12.97 8.76
C SER B 66 0.87 -14.26 8.01
N GLY B 67 -0.17 -15.04 7.68
CA GLY B 67 0.02 -16.26 6.93
C GLY B 67 0.47 -15.98 5.51
N ILE B 68 -0.08 -14.92 4.93
CA ILE B 68 0.28 -14.51 3.58
C ILE B 68 1.76 -14.12 3.52
N LEU B 69 2.18 -13.30 4.46
CA LEU B 69 3.55 -12.81 4.51
C LEU B 69 4.53 -13.89 4.98
N GLY B 70 4.00 -15.07 5.24
CA GLY B 70 4.85 -16.21 5.53
C GLY B 70 5.21 -16.96 4.27
N LYS B 71 4.21 -17.17 3.42
CA LYS B 71 4.40 -17.93 2.18
C LYS B 71 4.93 -17.05 1.05
N SER B 72 4.38 -15.84 0.95
CA SER B 72 4.74 -14.92 -0.12
C SER B 72 6.18 -14.44 0.00
N GLU B 73 6.78 -14.12 -1.15
CA GLU B 73 8.17 -13.70 -1.23
C GLU B 73 8.36 -12.31 -0.64
N PHE B 74 7.25 -11.62 -0.43
CA PHE B 74 7.27 -10.28 0.13
C PHE B 74 7.59 -10.33 1.62
N LYS B 75 6.84 -11.18 2.33
CA LYS B 75 6.99 -11.35 3.77
C LYS B 75 6.70 -10.04 4.52
N GLY B 76 7.01 -10.03 5.81
CA GLY B 76 6.75 -8.86 6.63
C GLY B 76 7.52 -7.65 6.17
N GLN B 77 8.75 -7.52 6.68
CA GLN B 77 9.62 -6.40 6.33
C GLN B 77 8.91 -5.05 6.57
N HIS B 78 9.39 -4.03 5.89
CA HIS B 78 8.73 -2.74 5.90
C HIS B 78 8.53 -2.27 4.47
N LEU B 79 7.28 -1.96 4.14
CA LEU B 79 6.87 -1.60 2.78
C LEU B 79 7.69 -0.44 2.23
N ALA B 80 8.09 0.46 3.12
CA ALA B 80 8.88 1.62 2.72
C ALA B 80 10.23 1.20 2.17
N ASP B 81 10.93 0.33 2.90
CA ASP B 81 12.24 -0.14 2.47
C ASP B 81 12.13 -0.88 1.14
N ILE B 82 11.08 -1.68 1.02
CA ILE B 82 10.76 -2.39 -0.21
C ILE B 82 10.62 -1.41 -1.37
N LEU B 83 9.87 -0.34 -1.13
CA LEU B 83 9.64 0.69 -2.15
C LEU B 83 10.92 1.45 -2.46
N ASN B 84 11.76 1.66 -1.44
CA ASN B 84 13.04 2.35 -1.60
C ASN B 84 14.00 1.54 -2.45
N SER B 85 13.67 0.28 -2.66
CA SER B 85 14.50 -0.61 -3.47
C SER B 85 14.21 -0.42 -4.97
N ALA B 86 13.17 0.35 -5.27
CA ALA B 86 12.80 0.62 -6.66
C ALA B 86 13.56 1.82 -7.21
N SER B 87 13.21 2.23 -8.42
CA SER B 87 13.89 3.36 -9.07
C SER B 87 12.95 4.04 -10.07
N ARG B 88 13.23 5.31 -10.36
CA ARG B 88 12.42 6.06 -11.32
C ARG B 88 13.08 6.03 -12.69
N VAL B 89 12.27 6.13 -13.72
CA VAL B 89 12.77 6.22 -15.08
C VAL B 89 12.58 7.65 -15.59
N PRO B 90 13.60 8.51 -15.45
CA PRO B 90 13.51 9.91 -15.82
C PRO B 90 13.98 10.19 -17.24
N GLU B 91 13.09 10.73 -18.05
CA GLU B 91 13.45 11.17 -19.40
C GLU B 91 13.91 12.63 -19.36
N SER B 92 14.42 13.03 -18.21
CA SER B 92 14.90 14.39 -18.01
C SER B 92 16.33 14.52 -18.53
N MET A 14 16.54 7.19 -4.23
CA MET A 14 15.84 6.72 -3.01
C MET A 14 16.14 7.63 -1.82
N MET A 15 16.09 8.94 -2.06
CA MET A 15 16.44 9.94 -1.04
C MET A 15 15.59 9.80 0.22
N SER A 16 14.28 9.83 0.07
CA SER A 16 13.40 9.82 1.22
C SER A 16 12.23 8.87 1.00
N ALA A 17 11.62 8.47 2.10
CA ALA A 17 10.41 7.68 2.07
C ALA A 17 9.40 8.26 3.04
N SER A 18 8.87 9.43 2.68
CA SER A 18 7.94 10.13 3.54
C SER A 18 6.56 9.48 3.47
N LYS A 19 5.72 9.78 4.44
CA LYS A 19 4.46 9.06 4.61
C LYS A 19 3.57 9.20 3.38
N GLU A 20 3.36 10.46 2.96
CA GLU A 20 2.47 10.74 1.83
C GLU A 20 3.01 10.14 0.53
N GLU A 21 4.34 10.01 0.44
CA GLU A 21 4.97 9.46 -0.75
C GLU A 21 4.63 7.98 -0.89
N ILE A 22 4.70 7.28 0.23
CA ILE A 22 4.35 5.87 0.29
C ILE A 22 2.85 5.71 0.00
N ALA A 23 2.04 6.52 0.69
CA ALA A 23 0.60 6.48 0.52
C ALA A 23 0.19 6.79 -0.91
N ALA A 24 1.00 7.60 -1.59
CA ALA A 24 0.76 7.95 -2.98
C ALA A 24 0.66 6.70 -3.85
N LEU A 25 1.66 5.83 -3.77
CA LEU A 25 1.64 4.59 -4.53
C LEU A 25 0.55 3.66 -4.02
N ILE A 26 0.30 3.70 -2.72
CA ILE A 26 -0.73 2.85 -2.12
C ILE A 26 -2.11 3.19 -2.69
N VAL A 27 -2.48 4.47 -2.65
CA VAL A 27 -3.78 4.89 -3.16
C VAL A 27 -3.85 4.77 -4.67
N ASN A 28 -2.71 4.97 -5.33
CA ASN A 28 -2.65 4.88 -6.78
C ASN A 28 -2.94 3.46 -7.24
N TYR A 29 -2.43 2.49 -6.50
CA TYR A 29 -2.69 1.09 -6.82
C TYR A 29 -4.19 0.80 -6.74
N PHE A 30 -4.82 1.22 -5.65
CA PHE A 30 -6.26 1.03 -5.48
C PHE A 30 -7.01 1.76 -6.59
N SER A 31 -6.53 2.94 -6.96
CA SER A 31 -7.11 3.71 -8.04
C SER A 31 -7.00 2.94 -9.35
N SER A 32 -5.85 2.31 -9.56
CA SER A 32 -5.62 1.50 -10.77
C SER A 32 -6.57 0.31 -10.81
N ILE A 33 -6.89 -0.23 -9.65
CA ILE A 33 -7.81 -1.35 -9.53
C ILE A 33 -9.22 -0.94 -9.96
N VAL A 34 -9.71 0.15 -9.39
CA VAL A 34 -11.08 0.60 -9.66
C VAL A 34 -11.19 1.28 -11.02
N GLU A 35 -10.07 1.76 -11.55
CA GLU A 35 -10.05 2.43 -12.84
C GLU A 35 -10.49 1.49 -13.96
N LYS A 36 -9.76 0.39 -14.11
CA LYS A 36 -10.05 -0.57 -15.17
C LYS A 36 -10.92 -1.72 -14.68
N LYS A 37 -11.46 -1.54 -13.47
CA LYS A 37 -12.41 -2.47 -12.86
C LYS A 37 -11.81 -3.87 -12.71
N GLU A 38 -10.78 -3.97 -11.87
CA GLU A 38 -10.13 -5.25 -11.60
C GLU A 38 -10.73 -5.90 -10.38
N ILE A 39 -11.48 -5.10 -9.64
CA ILE A 39 -12.09 -5.56 -8.40
C ILE A 39 -13.61 -5.59 -8.55
N SER A 40 -14.29 -6.23 -7.60
CA SER A 40 -15.73 -6.28 -7.62
C SER A 40 -16.32 -4.91 -7.32
N GLU A 41 -17.60 -4.72 -7.63
CA GLU A 41 -18.24 -3.44 -7.40
C GLU A 41 -18.26 -3.11 -5.91
N ASP A 42 -18.64 -4.08 -5.11
CA ASP A 42 -18.66 -3.93 -3.65
C ASP A 42 -17.27 -3.58 -3.13
N GLY A 43 -16.27 -4.29 -3.64
CA GLY A 43 -14.89 -4.02 -3.24
C GLY A 43 -14.43 -2.64 -3.65
N ALA A 44 -14.87 -2.20 -4.82
CA ALA A 44 -14.54 -0.87 -5.32
C ALA A 44 -15.10 0.21 -4.40
N ASP A 45 -16.34 0.04 -3.99
CA ASP A 45 -16.98 0.97 -3.06
C ASP A 45 -16.25 0.98 -1.72
N SER A 46 -15.80 -0.19 -1.31
CA SER A 46 -15.06 -0.32 -0.06
C SER A 46 -13.73 0.44 -0.15
N LEU A 47 -13.08 0.35 -1.30
CA LEU A 47 -11.84 1.06 -1.54
C LEU A 47 -12.05 2.57 -1.54
N ASN A 48 -13.26 2.99 -1.88
CA ASN A 48 -13.59 4.41 -1.93
C ASN A 48 -13.52 5.03 -0.54
N VAL A 49 -14.23 4.45 0.42
CA VAL A 49 -14.20 4.96 1.79
C VAL A 49 -12.82 4.75 2.40
N ALA A 50 -12.17 3.65 2.03
CA ALA A 50 -10.82 3.38 2.48
C ALA A 50 -9.87 4.47 2.05
N MET A 51 -9.99 4.87 0.79
CA MET A 51 -9.10 5.86 0.19
C MET A 51 -9.26 7.22 0.85
N ASP A 52 -10.50 7.56 1.22
CA ASP A 52 -10.76 8.79 1.94
C ASP A 52 -10.02 8.76 3.27
N CYS A 53 -10.06 7.61 3.91
CA CYS A 53 -9.41 7.42 5.19
C CYS A 53 -7.88 7.42 5.05
N ILE A 54 -7.37 6.84 3.96
CA ILE A 54 -5.93 6.86 3.69
C ILE A 54 -5.46 8.31 3.57
N SER A 55 -6.17 9.07 2.76
CA SER A 55 -5.84 10.47 2.53
C SER A 55 -5.99 11.28 3.82
N GLU A 56 -7.05 10.99 4.56
CA GLU A 56 -7.34 11.67 5.82
C GLU A 56 -6.27 11.37 6.88
N ALA A 57 -5.88 10.11 6.95
CA ALA A 57 -4.90 9.67 7.95
C ALA A 57 -3.53 10.29 7.72
N PHE A 58 -3.09 10.32 6.47
CA PHE A 58 -1.78 10.85 6.14
C PHE A 58 -1.83 12.37 5.98
N GLY A 59 -3.02 12.90 5.74
CA GLY A 59 -3.20 14.33 5.65
C GLY A 59 -2.85 14.89 4.29
N PHE A 60 -3.28 14.22 3.23
CA PHE A 60 -2.99 14.69 1.88
C PHE A 60 -4.22 14.52 0.99
N GLU A 61 -4.31 15.34 -0.04
CA GLU A 61 -5.42 15.29 -0.97
C GLU A 61 -5.19 14.22 -2.03
N ARG A 62 -6.28 13.61 -2.48
CA ARG A 62 -6.23 12.55 -3.49
C ARG A 62 -5.73 13.10 -4.80
N GLU A 63 -5.77 14.42 -4.95
CA GLU A 63 -5.33 15.06 -6.18
C GLU A 63 -3.83 15.33 -6.15
N ALA A 64 -3.22 15.18 -4.98
CA ALA A 64 -1.80 15.47 -4.80
C ALA A 64 -0.95 14.28 -5.21
N VAL A 65 -1.58 13.11 -5.31
CA VAL A 65 -0.86 11.87 -5.62
C VAL A 65 -0.07 11.99 -6.93
N SER A 66 -0.66 12.65 -7.93
CA SER A 66 -0.03 12.82 -9.23
C SER A 66 1.27 13.61 -9.09
N GLY A 67 1.23 14.68 -8.32
CA GLY A 67 2.42 15.50 -8.10
C GLY A 67 3.47 14.76 -7.31
N ILE A 68 3.04 14.01 -6.31
CA ILE A 68 3.94 13.23 -5.48
C ILE A 68 4.68 12.19 -6.30
N LEU A 69 3.96 11.48 -7.16
CA LEU A 69 4.54 10.43 -7.99
C LEU A 69 5.43 11.00 -9.08
N GLY A 70 5.43 12.32 -9.22
CA GLY A 70 6.33 12.96 -10.16
C GLY A 70 7.57 13.49 -9.47
N LYS A 71 7.38 14.10 -8.32
CA LYS A 71 8.48 14.70 -7.57
C LYS A 71 9.28 13.66 -6.79
N SER A 72 8.57 12.85 -6.02
CA SER A 72 9.20 11.94 -5.08
C SER A 72 9.92 10.79 -5.78
N GLU A 73 10.77 10.11 -4.99
CA GLU A 73 11.61 9.02 -5.47
C GLU A 73 10.79 7.79 -5.80
N PHE A 74 9.51 7.84 -5.49
CA PHE A 74 8.59 6.74 -5.72
C PHE A 74 8.01 6.82 -7.12
N LYS A 75 8.72 7.51 -8.00
CA LYS A 75 8.31 7.68 -9.38
C LYS A 75 8.60 6.42 -10.21
N GLY A 76 8.06 5.31 -9.76
CA GLY A 76 8.21 4.06 -10.48
C GLY A 76 6.89 3.54 -10.98
N GLN A 77 5.82 3.80 -10.21
CA GLN A 77 4.46 3.42 -10.56
C GLN A 77 4.27 1.90 -10.51
N HIS A 78 3.00 1.49 -10.55
CA HIS A 78 2.63 0.09 -10.41
C HIS A 78 3.14 -0.49 -9.11
N LEU A 79 2.40 -0.24 -8.04
CA LEU A 79 2.78 -0.69 -6.70
C LEU A 79 3.09 -2.19 -6.69
N ALA A 80 2.25 -2.97 -7.35
CA ALA A 80 2.43 -4.41 -7.39
C ALA A 80 3.74 -4.80 -8.06
N ASP A 81 4.02 -4.16 -9.19
CA ASP A 81 5.27 -4.37 -9.92
C ASP A 81 6.46 -4.01 -9.04
N ILE A 82 6.30 -2.92 -8.31
CA ILE A 82 7.32 -2.44 -7.38
C ILE A 82 7.59 -3.46 -6.27
N LEU A 83 6.52 -3.99 -5.68
CA LEU A 83 6.65 -4.98 -4.60
C LEU A 83 7.18 -6.31 -5.13
N ASN A 84 6.70 -6.70 -6.30
CA ASN A 84 7.13 -7.94 -6.94
C ASN A 84 8.59 -7.85 -7.37
N SER A 85 9.08 -6.62 -7.54
CA SER A 85 10.45 -6.37 -7.93
C SER A 85 11.40 -6.70 -6.77
N ALA A 86 10.87 -6.67 -5.55
CA ALA A 86 11.65 -7.02 -4.38
C ALA A 86 11.90 -8.52 -4.35
N SER A 87 13.07 -8.92 -4.82
CA SER A 87 13.40 -10.33 -4.93
C SER A 87 13.79 -10.91 -3.58
N ARG A 88 12.85 -11.61 -2.97
CA ARG A 88 13.08 -12.24 -1.67
C ARG A 88 13.35 -13.72 -1.84
N VAL A 89 14.38 -14.20 -1.17
CA VAL A 89 14.71 -15.61 -1.17
C VAL A 89 13.89 -16.35 -0.11
N PRO A 90 13.14 -17.39 -0.51
CA PRO A 90 12.36 -18.19 0.42
C PRO A 90 13.23 -19.05 1.34
N GLU A 91 13.93 -18.39 2.25
CA GLU A 91 14.80 -19.06 3.19
C GLU A 91 13.99 -19.86 4.21
N SER A 92 14.55 -20.95 4.69
CA SER A 92 13.89 -21.81 5.65
C SER A 92 14.92 -22.56 6.50
N MET B 14 10.02 -13.97 -6.93
CA MET B 14 8.96 -13.04 -7.40
C MET B 14 7.96 -13.77 -8.30
N MET B 15 7.55 -14.97 -7.87
CA MET B 15 6.67 -15.82 -8.67
C MET B 15 5.35 -15.14 -9.02
N SER B 16 4.64 -14.65 -8.03
CA SER B 16 3.33 -14.08 -8.24
C SER B 16 3.16 -12.80 -7.46
N ALA B 17 2.20 -12.01 -7.91
CA ALA B 17 1.80 -10.79 -7.21
C ALA B 17 0.29 -10.74 -7.11
N SER B 18 -0.27 -11.63 -6.30
CA SER B 18 -1.70 -11.73 -6.15
C SER B 18 -2.24 -10.59 -5.29
N LYS B 19 -3.53 -10.35 -5.35
CA LYS B 19 -4.11 -9.16 -4.75
C LYS B 19 -3.89 -9.14 -3.23
N GLU B 20 -4.24 -10.24 -2.57
CA GLU B 20 -4.13 -10.33 -1.12
C GLU B 20 -2.67 -10.23 -0.67
N GLU B 21 -1.75 -10.67 -1.52
CA GLU B 21 -0.33 -10.64 -1.19
C GLU B 21 0.15 -9.20 -1.11
N ILE B 22 -0.27 -8.41 -2.09
CA ILE B 22 0.05 -6.99 -2.13
C ILE B 22 -0.60 -6.29 -0.95
N ALA B 23 -1.89 -6.56 -0.75
CA ALA B 23 -2.65 -5.96 0.34
C ALA B 23 -2.05 -6.32 1.69
N ALA B 24 -1.43 -7.50 1.77
CA ALA B 24 -0.78 -7.95 2.99
C ALA B 24 0.25 -6.94 3.46
N LEU B 25 1.17 -6.57 2.57
CA LEU B 25 2.18 -5.57 2.92
C LEU B 25 1.56 -4.20 3.14
N ILE B 26 0.51 -3.90 2.38
CA ILE B 26 -0.18 -2.63 2.50
C ILE B 26 -0.77 -2.45 3.91
N VAL B 27 -1.55 -3.44 4.35
CA VAL B 27 -2.18 -3.37 5.67
C VAL B 27 -1.14 -3.50 6.77
N ASN B 28 -0.08 -4.27 6.51
CA ASN B 28 0.97 -4.46 7.48
C ASN B 28 1.68 -3.14 7.77
N TYR B 29 1.90 -2.35 6.72
CA TYR B 29 2.53 -1.04 6.88
C TYR B 29 1.69 -0.16 7.80
N PHE B 30 0.38 -0.09 7.51
CA PHE B 30 -0.52 0.69 8.33
C PHE B 30 -0.54 0.17 9.76
N SER B 31 -0.48 -1.15 9.90
CA SER B 31 -0.41 -1.79 11.21
C SER B 31 0.86 -1.37 11.94
N SER B 32 1.96 -1.31 11.20
CA SER B 32 3.24 -0.89 11.77
C SER B 32 3.18 0.55 12.24
N ILE B 33 2.41 1.37 11.52
CA ILE B 33 2.24 2.77 11.87
C ILE B 33 1.50 2.91 13.21
N VAL B 34 0.37 2.23 13.32
CA VAL B 34 -0.47 2.34 14.51
C VAL B 34 0.11 1.55 15.68
N GLU B 35 0.95 0.57 15.38
CA GLU B 35 1.57 -0.26 16.40
C GLU B 35 2.44 0.57 17.33
N LYS B 36 3.44 1.23 16.76
CA LYS B 36 4.38 2.02 17.56
C LYS B 36 3.99 3.49 17.58
N LYS B 37 2.76 3.76 17.12
CA LYS B 37 2.15 5.09 17.17
C LYS B 37 2.98 6.12 16.41
N GLU B 38 3.09 5.94 15.10
CA GLU B 38 3.83 6.86 14.25
C GLU B 38 2.89 7.90 13.66
N ILE B 39 1.61 7.62 13.77
CA ILE B 39 0.59 8.49 13.22
C ILE B 39 -0.22 9.13 14.35
N SER B 40 -1.02 10.13 14.02
CA SER B 40 -1.87 10.78 15.01
C SER B 40 -2.99 9.84 15.44
N GLU B 41 -3.64 10.14 16.55
CA GLU B 41 -4.72 9.30 17.05
C GLU B 41 -5.86 9.26 16.05
N ASP B 42 -6.24 10.43 15.56
CA ASP B 42 -7.30 10.54 14.56
C ASP B 42 -6.95 9.75 13.31
N GLY B 43 -5.70 9.89 12.87
CA GLY B 43 -5.24 9.16 11.70
C GLY B 43 -5.25 7.66 11.93
N ALA B 44 -4.92 7.24 13.14
CA ALA B 44 -4.91 5.83 13.49
C ALA B 44 -6.31 5.24 13.40
N ASP B 45 -7.29 5.99 13.92
CA ASP B 45 -8.69 5.57 13.85
C ASP B 45 -9.16 5.49 12.41
N SER B 46 -8.68 6.43 11.59
CA SER B 46 -9.03 6.45 10.18
C SER B 46 -8.47 5.22 9.48
N LEU B 47 -7.25 4.84 9.85
CA LEU B 47 -6.62 3.65 9.29
C LEU B 47 -7.37 2.38 9.70
N ASN B 48 -8.05 2.43 10.85
CA ASN B 48 -8.80 1.29 11.35
C ASN B 48 -9.95 0.95 10.41
N VAL B 49 -10.79 1.92 10.10
CA VAL B 49 -11.91 1.69 9.19
C VAL B 49 -11.40 1.41 7.78
N ALA B 50 -10.31 2.07 7.43
CA ALA B 50 -9.67 1.85 6.13
C ALA B 50 -9.24 0.39 6.00
N MET B 51 -8.63 -0.13 7.05
CA MET B 51 -8.09 -1.49 7.04
C MET B 51 -9.20 -2.52 6.92
N ASP B 52 -10.33 -2.24 7.55
CA ASP B 52 -11.49 -3.12 7.42
C ASP B 52 -11.92 -3.18 5.97
N CYS B 53 -11.91 -2.01 5.33
CA CYS B 53 -12.30 -1.89 3.94
C CYS B 53 -11.27 -2.55 3.01
N ILE B 54 -9.99 -2.41 3.34
CA ILE B 54 -8.94 -3.08 2.56
C ILE B 54 -9.16 -4.59 2.58
N SER B 55 -9.35 -5.12 3.77
CA SER B 55 -9.57 -6.55 3.96
C SER B 55 -10.87 -6.98 3.28
N GLU B 56 -11.90 -6.17 3.41
CA GLU B 56 -13.21 -6.43 2.83
C GLU B 56 -13.15 -6.43 1.30
N ALA B 57 -12.45 -5.45 0.75
CA ALA B 57 -12.35 -5.28 -0.70
C ALA B 57 -11.61 -6.45 -1.35
N PHE B 58 -10.50 -6.85 -0.74
CA PHE B 58 -9.70 -7.93 -1.31
C PHE B 58 -10.24 -9.30 -0.90
N GLY B 59 -11.02 -9.32 0.17
CA GLY B 59 -11.66 -10.54 0.61
C GLY B 59 -10.76 -11.44 1.43
N PHE B 60 -10.02 -10.85 2.37
CA PHE B 60 -9.13 -11.62 3.23
C PHE B 60 -9.20 -11.11 4.66
N GLU B 61 -8.90 -11.98 5.61
CA GLU B 61 -8.92 -11.63 7.02
C GLU B 61 -7.63 -10.95 7.42
N ARG B 62 -7.74 -10.04 8.39
CA ARG B 62 -6.59 -9.28 8.89
C ARG B 62 -5.61 -10.21 9.60
N GLU B 63 -6.07 -11.40 9.94
CA GLU B 63 -5.23 -12.36 10.64
C GLU B 63 -4.45 -13.22 9.64
N ALA B 64 -4.82 -13.13 8.38
CA ALA B 64 -4.19 -13.95 7.34
C ALA B 64 -2.91 -13.30 6.83
N VAL B 65 -2.74 -12.01 7.13
CA VAL B 65 -1.59 -11.25 6.65
C VAL B 65 -0.26 -11.91 7.09
N SER B 66 -0.22 -12.42 8.31
CA SER B 66 0.98 -13.06 8.83
C SER B 66 1.36 -14.28 7.99
N GLY B 67 0.36 -15.09 7.66
CA GLY B 67 0.61 -16.26 6.84
C GLY B 67 1.03 -15.90 5.43
N ILE B 68 0.38 -14.88 4.88
CA ILE B 68 0.69 -14.41 3.54
C ILE B 68 2.14 -13.93 3.44
N LEU B 69 2.56 -13.15 4.43
CA LEU B 69 3.91 -12.58 4.44
C LEU B 69 4.96 -13.64 4.72
N GLY B 70 4.51 -14.85 5.04
CA GLY B 70 5.43 -15.95 5.22
C GLY B 70 5.50 -16.82 3.98
N LYS B 71 4.35 -17.10 3.39
CA LYS B 71 4.27 -17.96 2.22
C LYS B 71 4.66 -17.21 0.95
N SER B 72 4.05 -16.06 0.74
CA SER B 72 4.17 -15.34 -0.53
C SER B 72 5.55 -14.73 -0.73
N GLU B 73 5.81 -14.34 -1.97
CA GLU B 73 7.10 -13.79 -2.39
C GLU B 73 7.33 -12.40 -1.80
N PHE B 74 6.30 -11.87 -1.16
CA PHE B 74 6.35 -10.54 -0.57
C PHE B 74 6.93 -10.62 0.85
N LYS B 75 7.67 -11.68 1.11
CA LYS B 75 8.28 -11.92 2.41
C LYS B 75 9.54 -11.05 2.59
N GLY B 76 9.36 -9.74 2.45
CA GLY B 76 10.45 -8.81 2.63
C GLY B 76 10.19 -7.88 3.80
N GLN B 77 8.92 -7.55 4.01
CA GLN B 77 8.48 -6.71 5.12
C GLN B 77 8.94 -5.27 4.95
N HIS B 78 8.37 -4.39 5.77
CA HIS B 78 8.62 -2.95 5.69
C HIS B 78 8.29 -2.42 4.30
N LEU B 79 7.01 -2.15 4.08
CA LEU B 79 6.52 -1.67 2.78
C LEU B 79 7.31 -0.46 2.31
N ALA B 80 7.58 0.47 3.21
CA ALA B 80 8.30 1.68 2.88
C ALA B 80 9.71 1.37 2.39
N ASP B 81 10.39 0.49 3.13
CA ASP B 81 11.73 0.04 2.77
C ASP B 81 11.71 -0.62 1.39
N ILE B 82 10.67 -1.40 1.16
CA ILE B 82 10.48 -2.09 -0.11
C ILE B 82 10.29 -1.10 -1.27
N LEU B 83 9.46 -0.09 -1.05
CA LEU B 83 9.22 0.92 -2.08
C LEU B 83 10.45 1.80 -2.29
N ASN B 84 11.11 2.16 -1.19
CA ASN B 84 12.31 2.98 -1.25
C ASN B 84 13.46 2.22 -1.91
N SER B 85 13.36 0.89 -1.90
CA SER B 85 14.37 0.05 -2.51
C SER B 85 14.30 0.15 -4.04
N ALA B 86 13.14 0.55 -4.55
CA ALA B 86 12.95 0.74 -5.97
C ALA B 86 13.70 1.99 -6.43
N SER B 87 14.90 1.79 -6.95
CA SER B 87 15.76 2.89 -7.34
C SER B 87 15.32 3.48 -8.67
N ARG B 88 14.63 4.61 -8.59
CA ARG B 88 14.14 5.29 -9.78
C ARG B 88 15.02 6.49 -10.10
N VAL B 89 15.41 6.60 -11.37
CA VAL B 89 16.18 7.74 -11.83
C VAL B 89 15.26 8.91 -12.16
N PRO B 90 15.51 10.08 -11.56
CA PRO B 90 14.72 11.29 -11.83
C PRO B 90 14.98 11.85 -13.22
N GLU B 91 14.52 11.13 -14.23
CA GLU B 91 14.69 11.54 -15.61
C GLU B 91 13.84 12.76 -15.93
N SER B 92 14.31 13.58 -16.85
CA SER B 92 13.60 14.79 -17.23
C SER B 92 13.96 15.18 -18.66
N MET A 14 9.21 13.19 0.99
CA MET A 14 9.70 12.45 -0.21
C MET A 14 11.06 11.83 0.07
N MET A 15 11.44 10.86 -0.76
CA MET A 15 12.73 10.17 -0.68
C MET A 15 12.80 9.23 0.54
N SER A 16 13.56 8.15 0.37
CA SER A 16 13.79 7.19 1.45
C SER A 16 12.49 6.51 1.90
N ALA A 17 11.61 6.24 0.94
CA ALA A 17 10.32 5.64 1.21
C ALA A 17 9.54 6.47 2.22
N SER A 18 9.29 7.71 1.86
CA SER A 18 8.55 8.63 2.70
C SER A 18 7.09 8.21 2.75
N LYS A 19 6.49 8.35 3.92
CA LYS A 19 5.11 7.92 4.15
C LYS A 19 4.13 8.55 3.18
N GLU A 20 4.44 9.77 2.74
CA GLU A 20 3.60 10.46 1.76
C GLU A 20 3.66 9.77 0.41
N GLU A 21 4.84 9.29 0.04
CA GLU A 21 5.06 8.61 -1.22
C GLU A 21 4.37 7.26 -1.22
N ILE A 22 4.57 6.53 -0.13
CA ILE A 22 4.02 5.19 0.02
C ILE A 22 2.51 5.24 -0.06
N ALA A 23 1.90 6.10 0.74
CA ALA A 23 0.45 6.26 0.75
C ALA A 23 -0.07 6.64 -0.62
N ALA A 24 0.65 7.52 -1.30
CA ALA A 24 0.29 7.96 -2.64
C ALA A 24 0.31 6.79 -3.62
N LEU A 25 1.33 5.94 -3.52
CA LEU A 25 1.43 4.75 -4.35
C LEU A 25 0.32 3.76 -3.99
N ILE A 26 0.02 3.66 -2.70
CA ILE A 26 -1.02 2.77 -2.22
C ILE A 26 -2.40 3.17 -2.75
N VAL A 27 -2.77 4.44 -2.58
CA VAL A 27 -4.06 4.92 -3.05
C VAL A 27 -4.12 4.86 -4.58
N ASN A 28 -2.98 5.09 -5.22
CA ASN A 28 -2.90 5.02 -6.67
C ASN A 28 -3.11 3.58 -7.15
N TYR A 29 -2.57 2.64 -6.39
CA TYR A 29 -2.74 1.22 -6.71
C TYR A 29 -4.21 0.83 -6.61
N PHE A 30 -4.84 1.18 -5.51
CA PHE A 30 -6.25 0.87 -5.31
C PHE A 30 -7.10 1.58 -6.37
N SER A 31 -6.70 2.79 -6.73
CA SER A 31 -7.39 3.54 -7.78
C SER A 31 -7.21 2.84 -9.12
N SER A 32 -6.04 2.25 -9.32
CA SER A 32 -5.75 1.51 -10.54
C SER A 32 -6.60 0.25 -10.62
N ILE A 33 -6.87 -0.35 -9.47
CA ILE A 33 -7.70 -1.55 -9.41
C ILE A 33 -9.11 -1.25 -9.91
N VAL A 34 -9.68 -0.15 -9.44
CA VAL A 34 -11.03 0.23 -9.84
C VAL A 34 -11.02 0.91 -11.21
N GLU A 35 -9.87 1.43 -11.61
CA GLU A 35 -9.70 2.05 -12.92
C GLU A 35 -9.91 1.01 -14.02
N LYS A 36 -9.23 -0.13 -13.89
CA LYS A 36 -9.38 -1.21 -14.84
C LYS A 36 -10.54 -2.11 -14.44
N LYS A 37 -11.15 -1.76 -13.31
CA LYS A 37 -12.28 -2.50 -12.74
C LYS A 37 -11.96 -3.98 -12.59
N GLU A 38 -10.84 -4.27 -11.94
CA GLU A 38 -10.40 -5.64 -11.75
C GLU A 38 -11.09 -6.21 -10.51
N ILE A 39 -11.43 -5.31 -9.60
CA ILE A 39 -12.07 -5.67 -8.35
C ILE A 39 -13.59 -5.62 -8.52
N SER A 40 -14.29 -6.36 -7.68
CA SER A 40 -15.75 -6.42 -7.74
C SER A 40 -16.37 -5.15 -7.15
N GLU A 41 -17.66 -4.95 -7.40
CA GLU A 41 -18.36 -3.73 -7.00
C GLU A 41 -18.17 -3.44 -5.51
N ASP A 42 -18.42 -4.45 -4.67
CA ASP A 42 -18.29 -4.30 -3.23
C ASP A 42 -16.89 -3.83 -2.84
N GLY A 43 -15.89 -4.44 -3.46
CA GLY A 43 -14.52 -4.07 -3.18
C GLY A 43 -14.19 -2.68 -3.68
N ALA A 44 -14.77 -2.32 -4.81
CA ALA A 44 -14.54 -1.01 -5.41
C ALA A 44 -15.04 0.10 -4.49
N ASP A 45 -16.26 -0.05 -3.98
CA ASP A 45 -16.82 0.92 -3.03
C ASP A 45 -16.01 0.92 -1.74
N SER A 46 -15.52 -0.24 -1.36
CA SER A 46 -14.73 -0.39 -0.16
C SER A 46 -13.41 0.36 -0.29
N LEU A 47 -12.82 0.32 -1.48
CA LEU A 47 -11.56 1.02 -1.74
C LEU A 47 -11.77 2.53 -1.72
N ASN A 48 -12.99 2.97 -2.01
CA ASN A 48 -13.30 4.39 -2.03
C ASN A 48 -13.20 4.98 -0.63
N VAL A 49 -13.94 4.41 0.32
CA VAL A 49 -13.90 4.88 1.70
C VAL A 49 -12.51 4.67 2.30
N ALA A 50 -11.88 3.56 1.94
CA ALA A 50 -10.53 3.27 2.39
C ALA A 50 -9.58 4.37 1.94
N MET A 51 -9.70 4.75 0.67
CA MET A 51 -8.82 5.74 0.06
C MET A 51 -8.93 7.08 0.74
N ASP A 52 -10.16 7.47 1.05
CA ASP A 52 -10.40 8.71 1.79
C ASP A 52 -9.71 8.63 3.14
N CYS A 53 -9.85 7.48 3.80
CA CYS A 53 -9.26 7.26 5.10
C CYS A 53 -7.73 7.24 5.03
N ILE A 54 -7.18 6.65 3.98
CA ILE A 54 -5.73 6.65 3.77
C ILE A 54 -5.22 8.08 3.67
N SER A 55 -5.87 8.85 2.81
CA SER A 55 -5.48 10.23 2.57
C SER A 55 -5.68 11.08 3.83
N GLU A 56 -6.81 10.86 4.50
CA GLU A 56 -7.15 11.57 5.72
C GLU A 56 -6.12 11.27 6.82
N ALA A 57 -5.64 10.04 6.83
CA ALA A 57 -4.71 9.58 7.85
C ALA A 57 -3.34 10.23 7.70
N PHE A 58 -2.81 10.22 6.48
CA PHE A 58 -1.49 10.76 6.23
C PHE A 58 -1.51 12.28 6.13
N GLY A 59 -2.69 12.83 5.81
CA GLY A 59 -2.85 14.26 5.77
C GLY A 59 -2.64 14.84 4.39
N PHE A 60 -3.27 14.23 3.39
CA PHE A 60 -3.23 14.75 2.03
C PHE A 60 -4.56 14.52 1.34
N GLU A 61 -4.75 15.16 0.21
CA GLU A 61 -5.99 15.01 -0.56
C GLU A 61 -5.76 14.09 -1.75
N ARG A 62 -6.82 13.39 -2.14
CA ARG A 62 -6.77 12.43 -3.24
C ARG A 62 -6.60 13.16 -4.57
N GLU A 63 -6.91 14.44 -4.58
CA GLU A 63 -6.71 15.27 -5.76
C GLU A 63 -5.26 15.73 -5.84
N ALA A 64 -4.50 15.46 -4.79
CA ALA A 64 -3.11 15.87 -4.73
C ALA A 64 -2.16 14.68 -4.84
N VAL A 65 -2.72 13.52 -5.18
CA VAL A 65 -1.91 12.32 -5.31
C VAL A 65 -0.95 12.45 -6.48
N SER A 66 -1.39 13.14 -7.54
CA SER A 66 -0.54 13.40 -8.69
C SER A 66 0.57 14.39 -8.33
N GLY A 67 0.28 15.24 -7.35
CA GLY A 67 1.27 16.18 -6.86
C GLY A 67 2.36 15.48 -6.07
N ILE A 68 1.95 14.55 -5.22
CA ILE A 68 2.90 13.76 -4.45
C ILE A 68 3.71 12.86 -5.39
N LEU A 69 3.01 12.14 -6.26
CA LEU A 69 3.66 11.22 -7.19
C LEU A 69 4.36 11.95 -8.32
N GLY A 70 4.38 13.28 -8.25
CA GLY A 70 5.11 14.06 -9.21
C GLY A 70 6.45 14.50 -8.68
N LYS A 71 6.58 14.48 -7.35
CA LYS A 71 7.80 14.92 -6.70
C LYS A 71 8.50 13.75 -6.01
N SER A 72 7.78 12.66 -5.84
CA SER A 72 8.29 11.48 -5.16
C SER A 72 9.32 10.76 -6.04
N GLU A 73 10.12 9.91 -5.40
CA GLU A 73 11.14 9.13 -6.12
C GLU A 73 10.53 7.86 -6.70
N PHE A 74 9.21 7.90 -6.91
CA PHE A 74 8.49 6.79 -7.50
C PHE A 74 7.50 7.34 -8.52
N LYS A 75 7.89 8.43 -9.17
CA LYS A 75 7.03 9.12 -10.11
C LYS A 75 6.90 8.36 -11.41
N GLY A 76 5.69 8.32 -11.95
CA GLY A 76 5.45 7.62 -13.20
C GLY A 76 5.54 6.11 -13.03
N GLN A 77 5.43 5.66 -11.78
CA GLN A 77 5.57 4.25 -11.46
C GLN A 77 4.38 3.78 -10.64
N HIS A 78 4.20 2.47 -10.58
CA HIS A 78 3.09 1.88 -9.86
C HIS A 78 3.58 0.96 -8.75
N LEU A 79 2.92 0.98 -7.61
CA LEU A 79 3.34 0.20 -6.44
C LEU A 79 3.56 -1.27 -6.80
N ALA A 80 2.54 -1.86 -7.40
CA ALA A 80 2.56 -3.28 -7.71
C ALA A 80 3.69 -3.64 -8.67
N ASP A 81 3.95 -2.77 -9.65
CA ASP A 81 5.02 -3.00 -10.60
C ASP A 81 6.37 -2.95 -9.91
N ILE A 82 6.47 -2.05 -8.93
CA ILE A 82 7.65 -1.96 -8.07
C ILE A 82 7.87 -3.28 -7.33
N LEU A 83 6.81 -3.76 -6.68
CA LEU A 83 6.87 -5.01 -5.92
C LEU A 83 7.11 -6.20 -6.85
N ASN A 84 6.59 -6.11 -8.07
CA ASN A 84 6.73 -7.18 -9.05
C ASN A 84 8.20 -7.38 -9.42
N SER A 85 8.97 -6.31 -9.34
CA SER A 85 10.39 -6.37 -9.66
C SER A 85 11.18 -6.85 -8.46
N ALA A 86 10.53 -6.93 -7.31
CA ALA A 86 11.19 -7.35 -6.08
C ALA A 86 10.73 -8.73 -5.65
N SER A 87 11.53 -9.38 -4.82
CA SER A 87 11.19 -10.70 -4.30
C SER A 87 12.06 -10.99 -3.09
N ARG A 88 11.45 -11.03 -1.91
CA ARG A 88 12.18 -11.22 -0.67
C ARG A 88 11.64 -12.41 0.09
N VAL A 89 12.32 -13.53 -0.02
CA VAL A 89 11.91 -14.74 0.69
C VAL A 89 13.03 -15.21 1.63
N PRO A 90 13.09 -14.65 2.85
CA PRO A 90 14.08 -15.04 3.85
C PRO A 90 13.82 -16.44 4.38
N GLU A 91 14.65 -17.38 3.96
CA GLU A 91 14.52 -18.75 4.39
C GLU A 91 14.90 -18.87 5.86
N SER A 92 13.97 -19.34 6.68
CA SER A 92 14.18 -19.43 8.11
C SER A 92 13.39 -20.60 8.68
N MET B 14 -0.47 -15.41 -4.66
CA MET B 14 0.93 -15.16 -4.26
C MET B 14 1.83 -15.11 -5.50
N MET B 15 3.02 -14.53 -5.34
CA MET B 15 4.02 -14.43 -6.40
C MET B 15 3.63 -13.41 -7.46
N SER B 16 4.64 -12.77 -8.05
CA SER B 16 4.46 -11.82 -9.14
C SER B 16 3.62 -10.61 -8.70
N ALA B 17 3.85 -10.17 -7.47
CA ALA B 17 3.12 -9.05 -6.89
C ALA B 17 1.62 -9.32 -6.93
N SER B 18 1.21 -10.39 -6.29
CA SER B 18 -0.18 -10.76 -6.23
C SER B 18 -0.93 -9.78 -5.34
N LYS B 19 -2.16 -9.46 -5.75
CA LYS B 19 -2.98 -8.47 -5.06
C LYS B 19 -3.17 -8.81 -3.59
N GLU B 20 -3.18 -10.09 -3.27
CA GLU B 20 -3.32 -10.54 -1.89
C GLU B 20 -2.07 -10.17 -1.08
N GLU B 21 -0.91 -10.29 -1.70
CA GLU B 21 0.35 -9.99 -1.07
C GLU B 21 0.49 -8.49 -0.84
N ILE B 22 0.17 -7.74 -1.88
CA ILE B 22 0.28 -6.29 -1.84
C ILE B 22 -0.61 -5.72 -0.74
N ALA B 23 -1.89 -6.11 -0.75
CA ALA B 23 -2.83 -5.65 0.25
C ALA B 23 -2.37 -6.01 1.65
N ALA B 24 -1.83 -7.22 1.79
CA ALA B 24 -1.31 -7.69 3.07
C ALA B 24 -0.17 -6.81 3.55
N LEU B 25 0.73 -6.47 2.63
CA LEU B 25 1.84 -5.57 2.96
C LEU B 25 1.33 -4.17 3.29
N ILE B 26 0.31 -3.74 2.56
CA ILE B 26 -0.29 -2.43 2.75
C ILE B 26 -0.93 -2.32 4.13
N VAL B 27 -1.79 -3.28 4.48
CA VAL B 27 -2.45 -3.26 5.78
C VAL B 27 -1.42 -3.44 6.91
N ASN B 28 -0.39 -4.23 6.63
CA ASN B 28 0.68 -4.44 7.60
C ASN B 28 1.45 -3.15 7.83
N TYR B 29 1.66 -2.39 6.76
CA TYR B 29 2.35 -1.11 6.86
C TYR B 29 1.55 -0.14 7.71
N PHE B 30 0.27 -0.01 7.42
CA PHE B 30 -0.60 0.88 8.18
C PHE B 30 -0.68 0.42 9.64
N SER B 31 -0.69 -0.89 9.84
CA SER B 31 -0.70 -1.46 11.17
C SER B 31 0.60 -1.15 11.89
N SER B 32 1.69 -1.12 11.13
CA SER B 32 3.00 -0.79 11.69
C SER B 32 3.05 0.68 12.10
N ILE B 33 2.34 1.52 11.36
CA ILE B 33 2.30 2.94 11.67
C ILE B 33 1.65 3.17 13.04
N VAL B 34 0.53 2.49 13.28
CA VAL B 34 -0.18 2.63 14.54
C VAL B 34 0.49 1.79 15.63
N GLU B 35 1.25 0.78 15.22
CA GLU B 35 1.98 -0.07 16.16
C GLU B 35 3.03 0.76 16.90
N LYS B 36 3.81 1.52 16.16
CA LYS B 36 4.83 2.40 16.74
C LYS B 36 4.22 3.76 17.09
N LYS B 37 2.92 3.88 16.76
CA LYS B 37 2.14 5.10 16.99
C LYS B 37 2.83 6.32 16.40
N GLU B 38 3.19 6.23 15.13
CA GLU B 38 3.90 7.31 14.45
C GLU B 38 2.87 8.31 13.96
N ILE B 39 1.68 7.80 13.69
CA ILE B 39 0.59 8.60 13.17
C ILE B 39 -0.26 9.15 14.32
N SER B 40 -0.95 10.26 14.08
CA SER B 40 -1.77 10.88 15.10
C SER B 40 -3.06 10.10 15.32
N GLU B 41 -3.76 10.40 16.41
CA GLU B 41 -4.96 9.67 16.81
C GLU B 41 -5.98 9.59 15.67
N ASP B 42 -6.28 10.73 15.07
CA ASP B 42 -7.25 10.80 13.97
C ASP B 42 -6.85 9.86 12.83
N GLY B 43 -5.57 9.90 12.48
CA GLY B 43 -5.08 9.05 11.42
C GLY B 43 -5.09 7.60 11.79
N ALA B 44 -4.83 7.31 13.06
CA ALA B 44 -4.82 5.94 13.55
C ALA B 44 -6.20 5.31 13.42
N ASP B 45 -7.23 6.02 13.87
CA ASP B 45 -8.61 5.55 13.74
C ASP B 45 -9.00 5.43 12.27
N SER B 46 -8.48 6.35 11.47
CA SER B 46 -8.76 6.37 10.04
C SER B 46 -8.16 5.13 9.36
N LEU B 47 -6.98 4.72 9.82
CA LEU B 47 -6.33 3.54 9.27
C LEU B 47 -7.09 2.26 9.65
N ASN B 48 -7.80 2.32 10.77
CA ASN B 48 -8.56 1.17 11.24
C ASN B 48 -9.70 0.84 10.27
N VAL B 49 -10.56 1.82 10.01
CA VAL B 49 -11.67 1.62 9.07
C VAL B 49 -11.14 1.33 7.67
N ALA B 50 -10.06 2.01 7.30
CA ALA B 50 -9.41 1.79 6.01
C ALA B 50 -8.98 0.34 5.89
N MET B 51 -8.34 -0.17 6.93
CA MET B 51 -7.80 -1.52 6.94
C MET B 51 -8.89 -2.56 6.76
N ASP B 52 -10.01 -2.36 7.45
CA ASP B 52 -11.16 -3.23 7.29
C ASP B 52 -11.62 -3.21 5.85
N CYS B 53 -11.68 -2.02 5.28
CA CYS B 53 -12.12 -1.84 3.91
C CYS B 53 -11.13 -2.46 2.92
N ILE B 54 -9.84 -2.33 3.19
CA ILE B 54 -8.82 -2.96 2.36
C ILE B 54 -9.02 -4.47 2.33
N SER B 55 -9.14 -5.04 3.52
CA SER B 55 -9.32 -6.48 3.68
C SER B 55 -10.63 -6.94 3.05
N GLU B 56 -11.69 -6.17 3.30
CA GLU B 56 -13.02 -6.46 2.78
C GLU B 56 -13.01 -6.43 1.25
N ALA B 57 -12.22 -5.51 0.70
CA ALA B 57 -12.16 -5.31 -0.73
C ALA B 57 -11.49 -6.48 -1.44
N PHE B 58 -10.34 -6.89 -0.94
CA PHE B 58 -9.57 -7.97 -1.57
C PHE B 58 -10.14 -9.34 -1.21
N GLY B 59 -10.86 -9.40 -0.09
CA GLY B 59 -11.52 -10.62 0.30
C GLY B 59 -10.69 -11.46 1.25
N PHE B 60 -10.14 -10.82 2.28
CA PHE B 60 -9.41 -11.54 3.31
C PHE B 60 -9.66 -10.90 4.67
N GLU B 61 -9.26 -11.60 5.72
CA GLU B 61 -9.43 -11.08 7.07
C GLU B 61 -8.11 -10.56 7.61
N ARG B 62 -8.21 -9.56 8.49
CA ARG B 62 -7.04 -8.92 9.07
C ARG B 62 -6.32 -9.86 10.03
N GLU B 63 -7.03 -10.89 10.48
CA GLU B 63 -6.45 -11.91 11.32
C GLU B 63 -5.69 -12.94 10.48
N ALA B 64 -5.84 -12.82 9.16
CA ALA B 64 -5.21 -13.75 8.24
C ALA B 64 -4.06 -13.10 7.48
N VAL B 65 -3.70 -11.88 7.89
CA VAL B 65 -2.62 -11.16 7.23
C VAL B 65 -1.30 -11.88 7.43
N SER B 66 -1.12 -12.49 8.60
CA SER B 66 0.07 -13.27 8.90
C SER B 66 0.09 -14.54 8.06
N GLY B 67 -1.10 -15.03 7.71
CA GLY B 67 -1.22 -16.19 6.84
C GLY B 67 -0.80 -15.87 5.43
N ILE B 68 -1.24 -14.72 4.93
CA ILE B 68 -0.85 -14.27 3.60
C ILE B 68 0.63 -13.96 3.56
N LEU B 69 1.09 -13.17 4.53
CA LEU B 69 2.50 -12.77 4.59
C LEU B 69 3.39 -13.91 5.05
N GLY B 70 2.81 -15.09 5.22
CA GLY B 70 3.60 -16.26 5.55
C GLY B 70 3.87 -17.11 4.33
N LYS B 71 3.06 -16.92 3.30
CA LYS B 71 3.19 -17.70 2.07
C LYS B 71 3.61 -16.82 0.91
N SER B 72 3.50 -15.52 1.09
CA SER B 72 3.84 -14.55 0.05
C SER B 72 5.35 -14.48 -0.15
N GLU B 73 5.76 -13.93 -1.29
CA GLU B 73 7.17 -13.78 -1.61
C GLU B 73 7.72 -12.49 -1.00
N PHE B 74 7.04 -12.02 0.04
CA PHE B 74 7.45 -10.83 0.77
C PHE B 74 7.33 -11.10 2.26
N LYS B 75 7.57 -12.35 2.65
CA LYS B 75 7.38 -12.77 4.02
C LYS B 75 8.52 -12.26 4.91
N GLY B 76 8.16 -11.82 6.11
CA GLY B 76 9.14 -11.29 7.04
C GLY B 76 9.70 -9.97 6.59
N GLN B 77 8.97 -9.30 5.70
CA GLN B 77 9.41 -8.04 5.13
C GLN B 77 8.31 -6.98 5.26
N HIS B 78 8.70 -5.73 5.11
CA HIS B 78 7.76 -4.62 5.26
C HIS B 78 7.69 -3.81 3.98
N LEU B 79 6.50 -3.36 3.62
CA LEU B 79 6.29 -2.65 2.36
C LEU B 79 7.25 -1.47 2.21
N ALA B 80 7.30 -0.62 3.23
CA ALA B 80 8.10 0.59 3.18
C ALA B 80 9.59 0.28 3.05
N ASP B 81 10.05 -0.78 3.72
CA ASP B 81 11.46 -1.17 3.64
C ASP B 81 11.77 -1.65 2.23
N ILE B 82 10.81 -2.32 1.61
CA ILE B 82 10.90 -2.74 0.23
C ILE B 82 11.07 -1.52 -0.68
N LEU B 83 10.18 -0.56 -0.51
CA LEU B 83 10.21 0.67 -1.32
C LEU B 83 11.47 1.49 -1.02
N ASN B 84 11.95 1.40 0.21
CA ASN B 84 13.14 2.14 0.63
C ASN B 84 14.37 1.66 -0.14
N SER B 85 14.35 0.39 -0.52
CA SER B 85 15.45 -0.19 -1.27
C SER B 85 15.32 0.12 -2.76
N ALA B 86 14.17 0.67 -3.14
CA ALA B 86 13.91 0.98 -4.54
C ALA B 86 13.90 2.49 -4.77
N SER B 87 14.08 2.88 -6.02
CA SER B 87 14.06 4.29 -6.40
C SER B 87 13.89 4.41 -7.91
N ARG B 88 12.73 4.89 -8.33
CA ARG B 88 12.41 4.97 -9.74
C ARG B 88 12.05 6.38 -10.13
N VAL B 89 12.99 7.10 -10.69
CA VAL B 89 12.75 8.46 -11.14
C VAL B 89 12.99 8.59 -12.65
N PRO B 90 11.98 8.27 -13.46
CA PRO B 90 12.06 8.38 -14.93
C PRO B 90 12.11 9.84 -15.37
N GLU B 91 13.29 10.27 -15.79
CA GLU B 91 13.47 11.64 -16.26
C GLU B 91 12.76 11.83 -17.58
N SER B 92 11.82 12.77 -17.61
CA SER B 92 11.01 13.01 -18.78
C SER B 92 10.60 14.48 -18.86
N MET A 14 12.21 10.21 -0.79
CA MET A 14 13.44 10.35 -1.60
C MET A 14 14.65 10.07 -0.73
N MET A 15 15.50 9.12 -1.17
CA MET A 15 16.63 8.61 -0.40
C MET A 15 16.13 7.75 0.76
N SER A 16 14.81 7.72 0.91
CA SER A 16 14.11 6.92 1.89
C SER A 16 12.64 6.89 1.49
N ALA A 17 11.87 6.02 2.10
CA ALA A 17 10.45 5.93 1.81
C ALA A 17 9.64 6.71 2.84
N SER A 18 9.27 7.93 2.49
CA SER A 18 8.52 8.78 3.41
C SER A 18 7.06 8.37 3.45
N LYS A 19 6.35 8.78 4.49
CA LYS A 19 4.98 8.33 4.73
C LYS A 19 4.07 8.65 3.55
N GLU A 20 4.12 9.90 3.08
CA GLU A 20 3.25 10.36 2.01
C GLU A 20 3.64 9.71 0.67
N GLU A 21 4.93 9.42 0.50
CA GLU A 21 5.41 8.78 -0.71
C GLU A 21 4.81 7.38 -0.83
N ILE A 22 4.78 6.67 0.29
CA ILE A 22 4.22 5.33 0.34
C ILE A 22 2.71 5.38 0.14
N ALA A 23 2.05 6.27 0.88
CA ALA A 23 0.61 6.42 0.80
C ALA A 23 0.17 6.76 -0.62
N ALA A 24 0.97 7.57 -1.30
CA ALA A 24 0.70 7.95 -2.68
C ALA A 24 0.61 6.72 -3.58
N LEU A 25 1.56 5.80 -3.39
CA LEU A 25 1.57 4.57 -4.17
C LEU A 25 0.41 3.66 -3.77
N ILE A 26 0.08 3.67 -2.49
CA ILE A 26 -1.01 2.86 -1.96
C ILE A 26 -2.35 3.29 -2.57
N VAL A 27 -2.64 4.58 -2.54
CA VAL A 27 -3.88 5.08 -3.12
C VAL A 27 -3.85 4.97 -4.64
N ASN A 28 -2.65 5.08 -5.21
CA ASN A 28 -2.46 4.91 -6.65
C ASN A 28 -2.83 3.49 -7.07
N TYR A 29 -2.38 2.51 -6.29
CA TYR A 29 -2.69 1.12 -6.55
C TYR A 29 -4.20 0.88 -6.50
N PHE A 30 -4.83 1.33 -5.42
CA PHE A 30 -6.27 1.17 -5.28
C PHE A 30 -7.03 1.93 -6.36
N SER A 31 -6.52 3.10 -6.70
CA SER A 31 -7.10 3.91 -7.77
C SER A 31 -7.08 3.14 -9.09
N SER A 32 -5.94 2.53 -9.38
CA SER A 32 -5.79 1.75 -10.60
C SER A 32 -6.77 0.56 -10.59
N ILE A 33 -6.91 -0.06 -9.42
CA ILE A 33 -7.82 -1.20 -9.26
C ILE A 33 -9.25 -0.82 -9.63
N VAL A 34 -9.75 0.27 -9.07
CA VAL A 34 -11.13 0.68 -9.31
C VAL A 34 -11.29 1.33 -10.68
N GLU A 35 -10.17 1.78 -11.24
CA GLU A 35 -10.18 2.44 -12.54
C GLU A 35 -10.43 1.42 -13.66
N LYS A 36 -9.59 0.40 -13.73
CA LYS A 36 -9.69 -0.59 -14.80
C LYS A 36 -10.55 -1.78 -14.35
N LYS A 37 -11.08 -1.68 -13.14
CA LYS A 37 -11.95 -2.70 -12.56
C LYS A 37 -11.22 -4.02 -12.37
N GLU A 38 -10.41 -4.07 -11.31
CA GLU A 38 -9.68 -5.28 -10.96
C GLU A 38 -10.26 -5.87 -9.69
N ILE A 39 -11.30 -5.24 -9.19
CA ILE A 39 -11.93 -5.65 -7.95
C ILE A 39 -13.45 -5.66 -8.13
N SER A 40 -14.16 -6.23 -7.16
CA SER A 40 -15.61 -6.33 -7.22
C SER A 40 -16.26 -4.96 -6.99
N GLU A 41 -17.54 -4.84 -7.32
CA GLU A 41 -18.27 -3.59 -7.13
C GLU A 41 -18.19 -3.16 -5.66
N ASP A 42 -18.46 -4.10 -4.76
CA ASP A 42 -18.42 -3.82 -3.33
C ASP A 42 -17.01 -3.48 -2.87
N GLY A 43 -16.04 -4.22 -3.39
CA GLY A 43 -14.65 -3.96 -3.05
C GLY A 43 -14.19 -2.59 -3.50
N ALA A 44 -14.68 -2.16 -4.65
CA ALA A 44 -14.36 -0.83 -5.17
C ALA A 44 -14.99 0.25 -4.30
N ASP A 45 -16.17 -0.06 -3.78
CA ASP A 45 -16.91 0.85 -2.93
C ASP A 45 -16.20 1.06 -1.59
N SER A 46 -15.76 -0.04 -1.00
CA SER A 46 -15.08 0.03 0.29
C SER A 46 -13.72 0.72 0.15
N LEU A 47 -13.07 0.51 -1.00
CA LEU A 47 -11.81 1.19 -1.28
C LEU A 47 -12.00 2.71 -1.33
N ASN A 48 -13.19 3.15 -1.70
CA ASN A 48 -13.49 4.58 -1.77
C ASN A 48 -13.43 5.22 -0.39
N VAL A 49 -14.23 4.70 0.55
CA VAL A 49 -14.24 5.25 1.90
C VAL A 49 -12.88 5.04 2.58
N ALA A 50 -12.23 3.94 2.23
CA ALA A 50 -10.90 3.66 2.75
C ALA A 50 -9.90 4.69 2.23
N MET A 51 -10.05 5.08 0.98
CA MET A 51 -9.15 6.02 0.36
C MET A 51 -9.29 7.41 0.97
N ASP A 52 -10.52 7.78 1.31
CA ASP A 52 -10.76 9.02 2.03
C ASP A 52 -9.99 8.99 3.34
N CYS A 53 -10.01 7.84 3.98
CA CYS A 53 -9.29 7.62 5.23
C CYS A 53 -7.77 7.72 5.00
N ILE A 54 -7.26 6.96 4.03
CA ILE A 54 -5.82 6.96 3.73
C ILE A 54 -5.30 8.38 3.51
N SER A 55 -5.97 9.09 2.62
CA SER A 55 -5.57 10.44 2.26
C SER A 55 -5.62 11.38 3.47
N GLU A 56 -6.73 11.36 4.19
CA GLU A 56 -6.93 12.25 5.32
C GLU A 56 -6.00 11.91 6.48
N ALA A 57 -5.73 10.62 6.64
CA ALA A 57 -4.88 10.14 7.72
C ALA A 57 -3.45 10.66 7.56
N PHE A 58 -2.96 10.67 6.34
CA PHE A 58 -1.61 11.15 6.06
C PHE A 58 -1.59 12.65 5.86
N GLY A 59 -2.73 13.20 5.43
CA GLY A 59 -2.86 14.63 5.30
C GLY A 59 -2.68 15.12 3.87
N PHE A 60 -3.20 14.36 2.91
CA PHE A 60 -3.13 14.76 1.51
C PHE A 60 -4.45 14.41 0.83
N GLU A 61 -4.59 14.83 -0.43
CA GLU A 61 -5.79 14.53 -1.20
C GLU A 61 -5.43 13.74 -2.46
N ARG A 62 -6.35 12.89 -2.88
CA ARG A 62 -6.14 11.97 -4.00
C ARG A 62 -5.85 12.72 -5.31
N GLU A 63 -6.24 13.98 -5.37
CA GLU A 63 -5.99 14.79 -6.56
C GLU A 63 -4.52 15.23 -6.61
N ALA A 64 -3.84 15.17 -5.48
CA ALA A 64 -2.46 15.63 -5.38
C ALA A 64 -1.47 14.48 -5.49
N VAL A 65 -1.98 13.28 -5.76
CA VAL A 65 -1.14 12.09 -5.80
C VAL A 65 -0.09 12.16 -6.91
N SER A 66 -0.45 12.76 -8.04
CA SER A 66 0.47 12.89 -9.16
C SER A 66 1.61 13.83 -8.78
N GLY A 67 1.29 14.91 -8.08
CA GLY A 67 2.28 15.85 -7.64
C GLY A 67 3.25 15.21 -6.66
N ILE A 68 2.72 14.38 -5.77
CA ILE A 68 3.54 13.66 -4.82
C ILE A 68 4.45 12.67 -5.55
N LEU A 69 3.86 11.82 -6.38
CA LEU A 69 4.61 10.79 -7.10
C LEU A 69 5.62 11.41 -8.05
N GLY A 70 5.28 12.54 -8.63
CA GLY A 70 6.20 13.22 -9.55
C GLY A 70 7.45 13.72 -8.86
N LYS A 71 7.31 14.11 -7.60
CA LYS A 71 8.45 14.60 -6.84
C LYS A 71 9.16 13.45 -6.14
N SER A 72 8.38 12.42 -5.81
CA SER A 72 8.92 11.26 -5.14
C SER A 72 9.64 10.34 -6.13
N GLU A 73 10.44 9.42 -5.60
CA GLU A 73 11.22 8.52 -6.44
C GLU A 73 10.41 7.28 -6.79
N PHE A 74 9.13 7.48 -7.04
CA PHE A 74 8.21 6.38 -7.30
C PHE A 74 7.25 6.76 -8.43
N LYS A 75 7.75 7.53 -9.38
CA LYS A 75 6.94 8.00 -10.49
C LYS A 75 6.96 7.00 -11.64
N GLY A 76 5.88 6.97 -12.41
CA GLY A 76 5.79 6.08 -13.56
C GLY A 76 5.34 4.69 -13.17
N GLN A 77 6.00 4.12 -12.19
CA GLN A 77 5.71 2.76 -11.74
C GLN A 77 4.64 2.79 -10.65
N HIS A 78 3.74 1.82 -10.68
CA HIS A 78 2.72 1.71 -9.65
C HIS A 78 3.28 0.91 -8.49
N LEU A 79 2.58 0.91 -7.36
CA LEU A 79 3.03 0.16 -6.18
C LEU A 79 3.28 -1.29 -6.56
N ALA A 80 2.34 -1.87 -7.28
CA ALA A 80 2.41 -3.27 -7.66
C ALA A 80 3.60 -3.55 -8.59
N ASP A 81 3.92 -2.61 -9.46
CA ASP A 81 5.06 -2.77 -10.37
C ASP A 81 6.34 -2.86 -9.55
N ILE A 82 6.41 -2.02 -8.53
CA ILE A 82 7.53 -2.01 -7.62
C ILE A 82 7.66 -3.34 -6.87
N LEU A 83 6.54 -3.81 -6.33
CA LEU A 83 6.50 -5.07 -5.59
C LEU A 83 6.78 -6.25 -6.52
N ASN A 84 6.31 -6.15 -7.75
CA ASN A 84 6.55 -7.19 -8.75
C ASN A 84 8.05 -7.31 -9.05
N SER A 85 8.77 -6.21 -8.81
CA SER A 85 10.20 -6.18 -9.02
C SER A 85 10.94 -6.63 -7.76
N ALA A 86 10.20 -6.76 -6.66
CA ALA A 86 10.80 -7.09 -5.37
C ALA A 86 10.39 -8.49 -4.92
N SER A 87 10.33 -9.42 -5.85
CA SER A 87 9.97 -10.79 -5.54
C SER A 87 11.14 -11.49 -4.85
N ARG A 88 11.11 -11.51 -3.53
CA ARG A 88 12.18 -12.09 -2.73
C ARG A 88 11.97 -13.59 -2.54
N VAL A 89 12.96 -14.38 -2.94
CA VAL A 89 12.87 -15.83 -2.88
C VAL A 89 12.55 -16.33 -1.46
N PRO A 90 11.42 -17.02 -1.28
CA PRO A 90 11.03 -17.59 0.00
C PRO A 90 11.85 -18.84 0.34
N GLU A 91 12.82 -18.68 1.22
CA GLU A 91 13.64 -19.81 1.65
C GLU A 91 13.17 -20.33 3.00
N SER A 92 13.79 -21.39 3.47
CA SER A 92 13.47 -21.95 4.77
C SER A 92 14.75 -22.17 5.57
N MET B 14 3.80 -14.28 -5.95
CA MET B 14 5.03 -15.05 -6.18
C MET B 14 5.30 -15.15 -7.68
N MET B 15 6.50 -14.72 -8.09
CA MET B 15 6.87 -14.59 -9.51
C MET B 15 6.14 -13.41 -10.14
N SER B 16 5.25 -12.83 -9.36
CA SER B 16 4.48 -11.66 -9.72
C SER B 16 3.87 -11.09 -8.44
N ALA B 17 3.35 -9.89 -8.51
CA ALA B 17 2.71 -9.28 -7.35
C ALA B 17 1.21 -9.46 -7.41
N SER B 18 0.71 -10.46 -6.69
CA SER B 18 -0.71 -10.76 -6.70
C SER B 18 -1.47 -9.78 -5.80
N LYS B 19 -2.78 -9.68 -6.00
CA LYS B 19 -3.59 -8.68 -5.32
C LYS B 19 -3.48 -8.80 -3.80
N GLU B 20 -3.65 -10.02 -3.29
CA GLU B 20 -3.63 -10.26 -1.85
C GLU B 20 -2.23 -10.06 -1.27
N GLU B 21 -1.21 -10.37 -2.07
CA GLU B 21 0.18 -10.20 -1.65
C GLU B 21 0.47 -8.73 -1.39
N ILE B 22 -0.02 -7.88 -2.29
CA ILE B 22 0.15 -6.45 -2.17
C ILE B 22 -0.65 -5.90 -1.00
N ALA B 23 -1.92 -6.31 -0.94
CA ALA B 23 -2.82 -5.86 0.13
C ALA B 23 -2.27 -6.23 1.50
N ALA B 24 -1.64 -7.40 1.58
CA ALA B 24 -1.03 -7.87 2.81
C ALA B 24 0.04 -6.88 3.29
N LEU B 25 0.87 -6.41 2.38
CA LEU B 25 1.90 -5.44 2.71
C LEU B 25 1.29 -4.09 3.04
N ILE B 26 0.21 -3.75 2.36
CA ILE B 26 -0.48 -2.48 2.58
C ILE B 26 -1.05 -2.41 3.99
N VAL B 27 -1.78 -3.46 4.39
CA VAL B 27 -2.36 -3.49 5.73
C VAL B 27 -1.25 -3.67 6.78
N ASN B 28 -0.18 -4.36 6.40
CA ASN B 28 0.98 -4.52 7.27
C ASN B 28 1.62 -3.17 7.57
N TYR B 29 1.77 -2.35 6.54
CA TYR B 29 2.34 -1.03 6.70
C TYR B 29 1.47 -0.18 7.64
N PHE B 30 0.17 -0.15 7.38
CA PHE B 30 -0.74 0.63 8.22
C PHE B 30 -0.78 0.06 9.64
N SER B 31 -0.71 -1.27 9.74
CA SER B 31 -0.68 -1.92 11.04
C SER B 31 0.54 -1.48 11.84
N SER B 32 1.69 -1.44 11.17
CA SER B 32 2.92 -1.01 11.81
C SER B 32 2.81 0.44 12.26
N ILE B 33 2.18 1.27 11.42
CA ILE B 33 1.98 2.68 11.71
C ILE B 33 1.21 2.87 13.02
N VAL B 34 0.08 2.19 13.14
CA VAL B 34 -0.78 2.35 14.31
C VAL B 34 -0.20 1.60 15.51
N GLU B 35 0.67 0.63 15.24
CA GLU B 35 1.28 -0.17 16.29
C GLU B 35 2.30 0.65 17.08
N LYS B 36 3.28 1.20 16.38
CA LYS B 36 4.34 1.96 17.04
C LYS B 36 4.01 3.45 17.10
N LYS B 37 2.82 3.79 16.62
CA LYS B 37 2.31 5.16 16.62
C LYS B 37 3.17 6.07 15.74
N GLU B 38 2.98 5.96 14.44
CA GLU B 38 3.67 6.81 13.49
C GLU B 38 2.71 7.80 12.87
N ILE B 39 1.47 7.73 13.33
CA ILE B 39 0.40 8.58 12.80
C ILE B 39 -0.40 9.19 13.96
N SER B 40 -1.25 10.16 13.64
CA SER B 40 -2.05 10.82 14.65
C SER B 40 -3.16 9.90 15.16
N GLU B 41 -3.76 10.27 16.28
CA GLU B 41 -4.86 9.48 16.85
C GLU B 41 -5.99 9.31 15.84
N ASP B 42 -6.37 10.42 15.21
CA ASP B 42 -7.43 10.41 14.21
C ASP B 42 -7.02 9.59 12.99
N GLY B 43 -5.77 9.77 12.57
CA GLY B 43 -5.26 9.03 11.43
C GLY B 43 -5.24 7.54 11.68
N ALA B 44 -4.93 7.15 12.90
CA ALA B 44 -4.92 5.75 13.28
C ALA B 44 -6.34 5.19 13.28
N ASP B 45 -7.29 6.03 13.66
CA ASP B 45 -8.70 5.66 13.71
C ASP B 45 -9.26 5.42 12.31
N SER B 46 -8.95 6.32 11.38
CA SER B 46 -9.42 6.21 10.02
C SER B 46 -8.78 5.01 9.32
N LEU B 47 -7.53 4.73 9.67
CA LEU B 47 -6.83 3.56 9.14
C LEU B 47 -7.54 2.28 9.55
N ASN B 48 -8.19 2.30 10.70
CA ASN B 48 -8.92 1.13 11.21
C ASN B 48 -10.08 0.77 10.29
N VAL B 49 -11.00 1.72 10.08
CA VAL B 49 -12.15 1.47 9.20
C VAL B 49 -11.68 1.21 7.77
N ALA B 50 -10.61 1.87 7.37
CA ALA B 50 -10.02 1.67 6.06
C ALA B 50 -9.50 0.25 5.92
N MET B 51 -8.90 -0.26 7.00
CA MET B 51 -8.30 -1.59 6.99
C MET B 51 -9.37 -2.66 6.89
N ASP B 52 -10.51 -2.42 7.54
CA ASP B 52 -11.65 -3.31 7.40
C ASP B 52 -12.06 -3.38 5.94
N CYS B 53 -12.03 -2.22 5.29
CA CYS B 53 -12.34 -2.12 3.88
C CYS B 53 -11.31 -2.86 3.03
N ILE B 54 -10.03 -2.57 3.24
CA ILE B 54 -8.95 -3.20 2.48
C ILE B 54 -9.07 -4.72 2.53
N SER B 55 -9.16 -5.24 3.74
CA SER B 55 -9.22 -6.68 3.97
C SER B 55 -10.45 -7.28 3.29
N GLU B 56 -11.61 -6.69 3.52
CA GLU B 56 -12.87 -7.22 3.01
C GLU B 56 -12.95 -7.09 1.49
N ALA B 57 -12.36 -6.01 0.97
CA ALA B 57 -12.38 -5.74 -0.47
C ALA B 57 -11.61 -6.82 -1.23
N PHE B 58 -10.48 -7.24 -0.69
CA PHE B 58 -9.66 -8.27 -1.31
C PHE B 58 -10.15 -9.66 -0.92
N GLY B 59 -10.76 -9.77 0.25
CA GLY B 59 -11.34 -11.01 0.68
C GLY B 59 -10.46 -11.77 1.66
N PHE B 60 -9.82 -11.05 2.56
CA PHE B 60 -9.00 -11.67 3.59
C PHE B 60 -9.19 -10.94 4.92
N GLU B 61 -8.61 -11.47 5.97
CA GLU B 61 -8.69 -10.84 7.29
C GLU B 61 -7.29 -10.51 7.80
N ARG B 62 -7.22 -9.44 8.58
CA ARG B 62 -5.95 -8.89 9.09
C ARG B 62 -5.19 -9.91 9.95
N GLU B 63 -5.91 -10.89 10.48
CA GLU B 63 -5.28 -11.92 11.29
C GLU B 63 -4.53 -12.92 10.42
N ALA B 64 -4.86 -12.96 9.14
CA ALA B 64 -4.28 -13.92 8.21
C ALA B 64 -3.12 -13.31 7.42
N VAL B 65 -2.76 -12.07 7.75
CA VAL B 65 -1.73 -11.35 7.00
C VAL B 65 -0.36 -12.04 7.10
N SER B 66 -0.06 -12.63 8.26
CA SER B 66 1.20 -13.31 8.45
C SER B 66 1.27 -14.56 7.57
N GLY B 67 0.14 -15.27 7.49
CA GLY B 67 0.07 -16.45 6.64
C GLY B 67 0.25 -16.10 5.18
N ILE B 68 -0.34 -14.98 4.77
CA ILE B 68 -0.17 -14.51 3.40
C ILE B 68 1.27 -14.12 3.14
N LEU B 69 1.82 -13.26 3.98
CA LEU B 69 3.19 -12.78 3.81
C LEU B 69 4.21 -13.90 3.91
N GLY B 70 3.92 -14.89 4.75
CA GLY B 70 4.82 -16.02 4.91
C GLY B 70 4.92 -16.87 3.65
N LYS B 71 3.82 -16.94 2.91
CA LYS B 71 3.80 -17.73 1.68
C LYS B 71 4.22 -16.85 0.50
N SER B 72 3.95 -15.57 0.61
CA SER B 72 4.30 -14.61 -0.44
C SER B 72 5.78 -14.27 -0.38
N GLU B 73 6.29 -13.68 -1.45
CA GLU B 73 7.71 -13.34 -1.54
C GLU B 73 7.96 -11.96 -0.94
N PHE B 74 7.27 -11.66 0.13
CA PHE B 74 7.33 -10.34 0.76
C PHE B 74 7.37 -10.47 2.27
N LYS B 75 7.99 -11.53 2.75
CA LYS B 75 8.06 -11.81 4.18
C LYS B 75 9.26 -11.13 4.82
N GLY B 76 9.14 -10.79 6.09
CA GLY B 76 10.22 -10.16 6.81
C GLY B 76 10.25 -8.66 6.60
N GLN B 77 10.23 -8.24 5.35
CA GLN B 77 10.30 -6.83 5.01
C GLN B 77 8.90 -6.23 4.95
N HIS B 78 8.76 -5.01 5.42
CA HIS B 78 7.49 -4.32 5.35
C HIS B 78 7.37 -3.63 4.00
N LEU B 79 6.17 -3.14 3.67
CA LEU B 79 5.96 -2.45 2.40
C LEU B 79 6.97 -1.31 2.24
N ALA B 80 7.12 -0.54 3.30
CA ALA B 80 8.00 0.63 3.27
C ALA B 80 9.46 0.24 3.08
N ASP B 81 9.87 -0.90 3.66
CA ASP B 81 11.24 -1.38 3.50
C ASP B 81 11.51 -1.69 2.04
N ILE B 82 10.51 -2.27 1.40
CA ILE B 82 10.58 -2.59 -0.01
C ILE B 82 10.69 -1.33 -0.85
N LEU B 83 9.83 -0.36 -0.56
CA LEU B 83 9.83 0.91 -1.29
C LEU B 83 11.11 1.70 -1.02
N ASN B 84 11.62 1.60 0.20
CA ASN B 84 12.87 2.25 0.57
C ASN B 84 14.03 1.69 -0.24
N SER B 85 13.87 0.46 -0.72
CA SER B 85 14.87 -0.19 -1.53
C SER B 85 14.65 0.12 -3.02
N ALA B 86 13.51 0.73 -3.32
CA ALA B 86 13.13 1.00 -4.70
C ALA B 86 13.14 2.50 -4.99
N SER B 87 14.12 3.19 -4.44
CA SER B 87 14.25 4.63 -4.66
C SER B 87 14.79 4.90 -6.07
N ARG B 88 13.87 5.15 -7.00
CA ARG B 88 14.22 5.38 -8.39
C ARG B 88 14.59 6.83 -8.64
N VAL B 89 15.79 7.06 -9.16
CA VAL B 89 16.29 8.41 -9.39
C VAL B 89 15.33 9.23 -10.28
N PRO B 90 14.81 10.35 -9.76
CA PRO B 90 13.93 11.25 -10.52
C PRO B 90 14.71 12.08 -11.52
N GLU B 91 14.65 11.70 -12.79
CA GLU B 91 15.31 12.45 -13.84
C GLU B 91 14.32 13.34 -14.56
N SER B 92 14.82 14.11 -15.52
CA SER B 92 13.98 14.96 -16.33
C SER B 92 14.30 14.77 -17.80
N MET A 14 14.60 6.32 -2.67
CA MET A 14 15.90 5.88 -2.09
C MET A 14 16.50 6.95 -1.19
N MET A 15 16.36 8.21 -1.58
CA MET A 15 16.88 9.31 -0.77
C MET A 15 16.00 9.56 0.44
N SER A 16 14.74 9.17 0.34
CA SER A 16 13.81 9.26 1.43
C SER A 16 12.69 8.25 1.25
N ALA A 17 12.00 7.97 2.33
CA ALA A 17 10.82 7.13 2.31
C ALA A 17 9.79 7.68 3.27
N SER A 18 9.34 8.89 2.99
CA SER A 18 8.41 9.57 3.87
C SER A 18 7.04 8.95 3.79
N LYS A 19 6.29 9.00 4.89
CA LYS A 19 4.98 8.37 4.96
C LYS A 19 4.10 8.76 3.77
N GLU A 20 4.09 10.05 3.45
CA GLU A 20 3.29 10.57 2.34
C GLU A 20 3.73 9.99 1.00
N GLU A 21 5.04 9.83 0.81
CA GLU A 21 5.59 9.27 -0.41
C GLU A 21 5.14 7.83 -0.59
N ILE A 22 5.17 7.09 0.52
CA ILE A 22 4.75 5.71 0.54
C ILE A 22 3.25 5.60 0.23
N ALA A 23 2.46 6.39 0.94
CA ALA A 23 1.01 6.39 0.78
C ALA A 23 0.61 6.76 -0.65
N ALA A 24 1.41 7.60 -1.27
CA ALA A 24 1.17 8.03 -2.64
C ALA A 24 1.12 6.84 -3.59
N LEU A 25 2.03 5.89 -3.42
CA LEU A 25 2.04 4.70 -4.25
C LEU A 25 0.96 3.72 -3.78
N ILE A 26 0.63 3.78 -2.49
CA ILE A 26 -0.40 2.91 -1.94
C ILE A 26 -1.77 3.22 -2.54
N VAL A 27 -2.15 4.50 -2.51
CA VAL A 27 -3.44 4.90 -3.09
C VAL A 27 -3.43 4.73 -4.60
N ASN A 28 -2.23 4.81 -5.19
CA ASN A 28 -2.07 4.59 -6.63
C ASN A 28 -2.53 3.20 -7.02
N TYR A 29 -2.14 2.20 -6.22
CA TYR A 29 -2.53 0.82 -6.48
C TYR A 29 -4.05 0.67 -6.41
N PHE A 30 -4.64 1.17 -5.35
CA PHE A 30 -6.09 1.05 -5.17
C PHE A 30 -6.84 1.70 -6.33
N SER A 31 -6.35 2.86 -6.76
CA SER A 31 -6.97 3.58 -7.86
C SER A 31 -6.78 2.81 -9.17
N SER A 32 -5.74 1.99 -9.24
CA SER A 32 -5.45 1.21 -10.44
C SER A 32 -6.36 -0.03 -10.50
N ILE A 33 -6.74 -0.54 -9.34
CA ILE A 33 -7.61 -1.72 -9.30
C ILE A 33 -9.00 -1.37 -9.81
N VAL A 34 -9.54 -0.27 -9.32
CA VAL A 34 -10.87 0.18 -9.72
C VAL A 34 -10.86 0.69 -11.17
N GLU A 35 -9.70 1.14 -11.62
CA GLU A 35 -9.53 1.64 -12.98
C GLU A 35 -9.93 0.58 -14.01
N LYS A 36 -9.39 -0.62 -13.86
CA LYS A 36 -9.67 -1.69 -14.79
C LYS A 36 -10.74 -2.65 -14.24
N LYS A 37 -11.29 -2.27 -13.09
CA LYS A 37 -12.34 -3.03 -12.41
C LYS A 37 -11.89 -4.47 -12.14
N GLU A 38 -10.80 -4.59 -11.39
CA GLU A 38 -10.26 -5.89 -11.00
C GLU A 38 -10.69 -6.21 -9.58
N ILE A 39 -11.42 -5.27 -9.01
CA ILE A 39 -11.92 -5.39 -7.66
C ILE A 39 -13.43 -5.59 -7.68
N SER A 40 -13.97 -6.19 -6.63
CA SER A 40 -15.39 -6.40 -6.52
C SER A 40 -16.13 -5.06 -6.43
N GLU A 41 -17.34 -5.00 -6.98
CA GLU A 41 -18.13 -3.77 -6.97
C GLU A 41 -18.25 -3.20 -5.55
N ASP A 42 -18.58 -4.07 -4.61
CA ASP A 42 -18.69 -3.69 -3.21
C ASP A 42 -17.36 -3.16 -2.69
N GLY A 43 -16.30 -3.92 -2.95
CA GLY A 43 -14.98 -3.55 -2.47
C GLY A 43 -14.51 -2.21 -3.01
N ALA A 44 -14.90 -1.91 -4.24
CA ALA A 44 -14.53 -0.64 -4.87
C ALA A 44 -15.06 0.54 -4.06
N ASP A 45 -16.31 0.44 -3.64
CA ASP A 45 -16.93 1.48 -2.84
C ASP A 45 -16.32 1.52 -1.44
N SER A 46 -15.97 0.34 -0.94
CA SER A 46 -15.31 0.23 0.35
C SER A 46 -13.95 0.93 0.31
N LEU A 47 -13.26 0.85 -0.82
CA LEU A 47 -11.99 1.53 -0.98
C LEU A 47 -12.18 3.03 -1.15
N ASN A 48 -13.40 3.45 -1.46
CA ASN A 48 -13.70 4.87 -1.61
C ASN A 48 -13.75 5.54 -0.24
N VAL A 49 -14.45 4.94 0.71
CA VAL A 49 -14.50 5.47 2.06
C VAL A 49 -13.12 5.34 2.72
N ALA A 50 -12.42 4.26 2.38
CA ALA A 50 -11.07 4.02 2.86
C ALA A 50 -10.10 5.03 2.26
N MET A 51 -10.35 5.41 1.01
CA MET A 51 -9.48 6.34 0.29
C MET A 51 -9.35 7.65 1.04
N ASP A 52 -10.48 8.16 1.53
CA ASP A 52 -10.48 9.38 2.30
C ASP A 52 -9.72 9.19 3.60
N CYS A 53 -9.89 8.02 4.22
CA CYS A 53 -9.22 7.70 5.47
C CYS A 53 -7.70 7.63 5.27
N ILE A 54 -7.26 7.03 4.17
CA ILE A 54 -5.84 6.96 3.85
C ILE A 54 -5.29 8.37 3.67
N SER A 55 -5.97 9.16 2.85
CA SER A 55 -5.56 10.53 2.57
C SER A 55 -5.54 11.35 3.87
N GLU A 56 -6.56 11.15 4.70
CA GLU A 56 -6.68 11.85 5.98
C GLU A 56 -5.55 11.47 6.93
N ALA A 57 -5.19 10.19 6.92
CA ALA A 57 -4.16 9.67 7.81
C ALA A 57 -2.80 10.33 7.57
N PHE A 58 -2.53 10.66 6.31
CA PHE A 58 -1.24 11.23 5.96
C PHE A 58 -1.33 12.74 5.75
N GLY A 59 -2.55 13.24 5.59
CA GLY A 59 -2.77 14.68 5.50
C GLY A 59 -2.67 15.22 4.09
N PHE A 60 -3.10 14.44 3.11
CA PHE A 60 -3.10 14.90 1.72
C PHE A 60 -4.45 14.60 1.08
N GLU A 61 -4.64 15.09 -0.13
CA GLU A 61 -5.87 14.84 -0.87
C GLU A 61 -5.58 13.89 -2.02
N ARG A 62 -6.58 13.14 -2.47
CA ARG A 62 -6.38 12.18 -3.55
C ARG A 62 -5.86 12.87 -4.80
N GLU A 63 -6.44 14.01 -5.14
CA GLU A 63 -6.03 14.74 -6.34
C GLU A 63 -4.68 15.43 -6.18
N ALA A 64 -3.99 15.11 -5.09
CA ALA A 64 -2.67 15.67 -4.84
C ALA A 64 -1.59 14.60 -4.91
N VAL A 65 -2.00 13.35 -5.13
CA VAL A 65 -1.05 12.25 -5.20
C VAL A 65 -0.09 12.42 -6.38
N SER A 66 -0.60 13.01 -7.46
CA SER A 66 0.22 13.29 -8.62
C SER A 66 1.40 14.19 -8.25
N GLY A 67 1.11 15.23 -7.46
CA GLY A 67 2.14 16.14 -7.01
C GLY A 67 3.14 15.46 -6.11
N ILE A 68 2.64 14.66 -5.18
CA ILE A 68 3.51 13.92 -4.26
C ILE A 68 4.44 13.00 -5.03
N LEU A 69 3.89 12.23 -5.96
CA LEU A 69 4.67 11.31 -6.76
C LEU A 69 5.71 12.04 -7.59
N GLY A 70 5.32 13.17 -8.17
CA GLY A 70 6.24 13.95 -8.96
C GLY A 70 7.39 14.50 -8.14
N LYS A 71 7.13 14.76 -6.86
CA LYS A 71 8.14 15.32 -5.97
C LYS A 71 8.60 14.29 -4.94
N SER A 72 8.42 13.03 -5.26
CA SER A 72 8.81 11.96 -4.34
C SER A 72 10.15 11.38 -4.75
N GLU A 73 10.81 10.74 -3.80
CA GLU A 73 12.03 10.00 -4.09
C GLU A 73 11.68 8.54 -4.37
N PHE A 74 10.42 8.34 -4.73
CA PHE A 74 9.91 7.05 -5.13
C PHE A 74 9.61 7.07 -6.62
N LYS A 75 8.57 7.82 -6.99
CA LYS A 75 8.09 7.88 -8.37
C LYS A 75 7.98 6.47 -8.93
N GLY A 76 7.26 5.63 -8.19
CA GLY A 76 7.28 4.20 -8.42
C GLY A 76 6.40 3.73 -9.55
N GLN A 77 5.72 4.65 -10.23
CA GLN A 77 4.84 4.32 -11.35
C GLN A 77 3.60 3.59 -10.87
N HIS A 78 3.77 2.31 -10.65
CA HIS A 78 2.74 1.44 -10.13
C HIS A 78 3.29 0.55 -9.04
N LEU A 79 2.61 0.58 -7.89
CA LEU A 79 3.04 -0.10 -6.68
C LEU A 79 3.15 -1.60 -6.88
N ALA A 80 2.18 -2.19 -7.57
CA ALA A 80 2.13 -3.63 -7.74
C ALA A 80 3.31 -4.16 -8.54
N ASP A 81 3.67 -3.42 -9.60
CA ASP A 81 4.81 -3.79 -10.44
C ASP A 81 6.09 -3.79 -9.62
N ILE A 82 6.17 -2.83 -8.70
CA ILE A 82 7.28 -2.70 -7.79
C ILE A 82 7.37 -3.90 -6.86
N LEU A 83 6.30 -4.16 -6.13
CA LEU A 83 6.27 -5.23 -5.14
C LEU A 83 6.49 -6.59 -5.80
N ASN A 84 6.08 -6.70 -7.06
CA ASN A 84 6.31 -7.91 -7.83
C ASN A 84 7.80 -8.23 -7.90
N SER A 85 8.60 -7.22 -8.20
CA SER A 85 10.04 -7.40 -8.34
C SER A 85 10.73 -7.30 -6.98
N ALA A 86 9.99 -6.89 -5.96
CA ALA A 86 10.57 -6.67 -4.64
C ALA A 86 10.26 -7.83 -3.69
N SER A 87 10.85 -8.98 -3.95
CA SER A 87 10.72 -10.12 -3.07
C SER A 87 11.89 -10.13 -2.08
N ARG A 88 11.57 -10.28 -0.80
CA ARG A 88 12.58 -10.23 0.24
C ARG A 88 12.87 -11.63 0.78
N VAL A 89 14.14 -11.99 0.81
CA VAL A 89 14.55 -13.29 1.30
C VAL A 89 15.54 -13.11 2.45
N PRO A 90 15.04 -12.99 3.69
CA PRO A 90 15.87 -12.83 4.87
C PRO A 90 16.62 -14.11 5.22
N GLU A 91 17.81 -13.97 5.78
CA GLU A 91 18.61 -15.11 6.19
C GLU A 91 18.08 -15.70 7.49
N SER A 92 17.27 -16.74 7.37
CA SER A 92 16.68 -17.38 8.51
C SER A 92 16.47 -18.86 8.20
N MET B 14 8.12 -12.13 -6.89
CA MET B 14 8.69 -12.16 -8.26
C MET B 14 8.01 -13.21 -9.12
N MET B 15 7.68 -14.35 -8.52
CA MET B 15 7.01 -15.41 -9.27
C MET B 15 5.54 -15.07 -9.49
N SER B 16 5.00 -14.22 -8.63
CA SER B 16 3.65 -13.73 -8.77
C SER B 16 3.51 -12.39 -8.07
N ALA B 17 2.47 -11.68 -8.40
CA ALA B 17 2.11 -10.45 -7.74
C ALA B 17 0.59 -10.35 -7.63
N SER B 18 0.02 -11.30 -6.92
CA SER B 18 -1.42 -11.38 -6.80
C SER B 18 -1.95 -10.26 -5.91
N LYS B 19 -3.17 -9.82 -6.18
CA LYS B 19 -3.77 -8.70 -5.46
C LYS B 19 -3.65 -8.90 -3.95
N GLU B 20 -3.97 -10.11 -3.48
CA GLU B 20 -3.92 -10.43 -2.06
C GLU B 20 -2.50 -10.32 -1.51
N GLU B 21 -1.51 -10.74 -2.29
CA GLU B 21 -0.12 -10.68 -1.88
C GLU B 21 0.31 -9.22 -1.69
N ILE B 22 -0.11 -8.40 -2.64
CA ILE B 22 0.18 -6.97 -2.60
C ILE B 22 -0.47 -6.32 -1.40
N ALA B 23 -1.77 -6.58 -1.23
CA ALA B 23 -2.54 -6.01 -0.13
C ALA B 23 -1.98 -6.42 1.23
N ALA B 24 -1.40 -7.61 1.27
CA ALA B 24 -0.80 -8.13 2.49
C ALA B 24 0.30 -7.21 3.00
N LEU B 25 1.13 -6.72 2.08
CA LEU B 25 2.18 -5.78 2.46
C LEU B 25 1.61 -4.38 2.69
N ILE B 26 0.52 -4.07 2.01
CA ILE B 26 -0.14 -2.77 2.15
C ILE B 26 -0.69 -2.60 3.56
N VAL B 27 -1.46 -3.58 4.03
CA VAL B 27 -2.03 -3.51 5.38
C VAL B 27 -0.93 -3.62 6.43
N ASN B 28 0.18 -4.28 6.06
CA ASN B 28 1.34 -4.40 6.93
C ASN B 28 1.89 -3.02 7.28
N TYR B 29 1.99 -2.16 6.27
CA TYR B 29 2.50 -0.81 6.48
C TYR B 29 1.60 -0.03 7.43
N PHE B 30 0.30 -0.05 7.17
CA PHE B 30 -0.66 0.68 8.00
C PHE B 30 -0.59 0.20 9.45
N SER B 31 -0.47 -1.10 9.62
CA SER B 31 -0.39 -1.69 10.95
C SER B 31 0.92 -1.30 11.63
N SER B 32 1.93 -1.00 10.83
CA SER B 32 3.24 -0.63 11.36
C SER B 32 3.24 0.84 11.80
N ILE B 33 2.43 1.66 11.15
CA ILE B 33 2.35 3.08 11.49
C ILE B 33 1.71 3.25 12.86
N VAL B 34 0.60 2.56 13.07
CA VAL B 34 -0.12 2.64 14.34
C VAL B 34 0.65 1.93 15.45
N GLU B 35 1.49 0.98 15.07
CA GLU B 35 2.30 0.23 16.01
C GLU B 35 3.19 1.16 16.83
N LYS B 36 3.91 2.03 16.14
CA LYS B 36 4.81 2.98 16.81
C LYS B 36 4.17 4.36 16.97
N LYS B 37 2.90 4.43 16.58
CA LYS B 37 2.11 5.66 16.68
C LYS B 37 2.79 6.82 15.93
N GLU B 38 3.00 6.61 14.64
CA GLU B 38 3.59 7.62 13.78
C GLU B 38 2.49 8.31 12.99
N ILE B 39 1.28 7.88 13.24
CA ILE B 39 0.10 8.41 12.59
C ILE B 39 -0.73 9.20 13.60
N SER B 40 -1.52 10.14 13.11
CA SER B 40 -2.38 10.93 13.97
C SER B 40 -3.43 10.05 14.63
N GLU B 41 -3.81 10.40 15.86
CA GLU B 41 -4.81 9.63 16.59
C GLU B 41 -6.08 9.41 15.77
N ASP B 42 -6.56 10.49 15.17
CA ASP B 42 -7.75 10.43 14.30
C ASP B 42 -7.50 9.50 13.12
N GLY B 43 -6.36 9.69 12.45
CA GLY B 43 -6.04 8.90 11.28
C GLY B 43 -5.93 7.42 11.58
N ALA B 44 -5.45 7.10 12.78
CA ALA B 44 -5.32 5.71 13.21
C ALA B 44 -6.67 5.01 13.18
N ASP B 45 -7.68 5.69 13.71
CA ASP B 45 -9.03 5.14 13.75
C ASP B 45 -9.62 5.08 12.34
N SER B 46 -9.27 6.09 11.54
CA SER B 46 -9.69 6.13 10.15
C SER B 46 -9.12 4.94 9.38
N LEU B 47 -7.90 4.54 9.71
CA LEU B 47 -7.30 3.37 9.09
C LEU B 47 -7.92 2.08 9.60
N ASN B 48 -8.62 2.16 10.73
CA ASN B 48 -9.28 0.98 11.27
C ASN B 48 -10.51 0.63 10.45
N VAL B 49 -11.33 1.63 10.14
CA VAL B 49 -12.50 1.39 9.30
C VAL B 49 -12.05 1.06 7.88
N ALA B 50 -10.95 1.68 7.46
CA ALA B 50 -10.36 1.42 6.16
C ALA B 50 -9.77 0.02 6.10
N MET B 51 -9.23 -0.43 7.23
CA MET B 51 -8.59 -1.74 7.33
C MET B 51 -9.56 -2.84 6.92
N ASP B 52 -10.78 -2.74 7.43
CA ASP B 52 -11.82 -3.71 7.09
C ASP B 52 -12.15 -3.63 5.61
N CYS B 53 -12.20 -2.41 5.08
CA CYS B 53 -12.49 -2.19 3.68
C CYS B 53 -11.41 -2.78 2.77
N ILE B 54 -10.16 -2.61 3.16
CA ILE B 54 -9.04 -3.19 2.41
C ILE B 54 -9.15 -4.71 2.42
N SER B 55 -9.34 -5.27 3.60
CA SER B 55 -9.47 -6.71 3.76
C SER B 55 -10.66 -7.24 2.96
N GLU B 56 -11.77 -6.51 3.03
CA GLU B 56 -13.00 -6.86 2.32
C GLU B 56 -12.80 -6.82 0.81
N ALA B 57 -12.05 -5.83 0.34
CA ALA B 57 -11.81 -5.63 -1.07
C ALA B 57 -11.08 -6.82 -1.71
N PHE B 58 -10.20 -7.45 -0.95
CA PHE B 58 -9.41 -8.55 -1.46
C PHE B 58 -9.95 -9.90 -0.99
N GLY B 59 -10.78 -9.87 0.05
CA GLY B 59 -11.44 -11.08 0.50
C GLY B 59 -10.64 -11.85 1.54
N PHE B 60 -9.92 -11.14 2.40
CA PHE B 60 -9.17 -11.78 3.47
C PHE B 60 -9.43 -11.07 4.79
N GLU B 61 -8.93 -11.64 5.87
CA GLU B 61 -9.06 -11.04 7.19
C GLU B 61 -7.72 -10.50 7.65
N ARG B 62 -7.72 -9.49 8.52
CA ARG B 62 -6.48 -8.90 8.98
C ARG B 62 -5.59 -9.94 9.65
N GLU B 63 -6.18 -10.79 10.47
CA GLU B 63 -5.42 -11.80 11.20
C GLU B 63 -4.99 -12.95 10.28
N ALA B 64 -5.18 -12.77 8.98
CA ALA B 64 -4.77 -13.77 8.01
C ALA B 64 -3.62 -13.27 7.13
N VAL B 65 -3.21 -12.02 7.35
CA VAL B 65 -2.14 -11.44 6.55
C VAL B 65 -0.82 -12.19 6.79
N SER B 66 -0.63 -12.68 8.00
CA SER B 66 0.54 -13.47 8.33
C SER B 66 0.64 -14.69 7.42
N GLY B 67 -0.49 -15.37 7.24
CA GLY B 67 -0.54 -16.54 6.38
C GLY B 67 -0.27 -16.20 4.94
N ILE B 68 -0.88 -15.10 4.46
CA ILE B 68 -0.68 -14.64 3.10
C ILE B 68 0.79 -14.33 2.84
N LEU B 69 1.40 -13.58 3.76
CA LEU B 69 2.80 -13.20 3.64
C LEU B 69 3.71 -14.43 3.66
N GLY B 70 3.39 -15.38 4.53
CA GLY B 70 4.18 -16.60 4.61
C GLY B 70 4.09 -17.42 3.33
N LYS B 71 2.96 -17.33 2.65
CA LYS B 71 2.74 -18.09 1.43
C LYS B 71 2.75 -17.18 0.19
N SER B 72 3.37 -16.03 0.32
CA SER B 72 3.41 -15.08 -0.78
C SER B 72 4.75 -15.17 -1.50
N GLU B 73 4.77 -14.72 -2.73
CA GLU B 73 6.01 -14.60 -3.48
C GLU B 73 6.58 -13.20 -3.30
N PHE B 74 6.13 -12.56 -2.23
CA PHE B 74 6.63 -11.26 -1.83
C PHE B 74 7.46 -11.41 -0.56
N LYS B 75 6.77 -11.72 0.54
CA LYS B 75 7.38 -11.81 1.87
C LYS B 75 8.26 -10.59 2.11
N GLY B 76 7.66 -9.43 1.91
CA GLY B 76 8.42 -8.20 1.81
C GLY B 76 8.83 -7.59 3.13
N GLN B 77 8.52 -8.27 4.24
CA GLN B 77 8.88 -7.80 5.58
C GLN B 77 8.10 -6.55 5.95
N HIS B 78 8.57 -5.44 5.45
CA HIS B 78 7.94 -4.14 5.63
C HIS B 78 7.89 -3.39 4.31
N LEU B 79 6.69 -2.94 3.96
CA LEU B 79 6.41 -2.30 2.69
C LEU B 79 7.24 -1.03 2.48
N ALA B 80 7.35 -0.23 3.54
CA ALA B 80 8.02 1.06 3.44
C ALA B 80 9.50 0.90 3.12
N ASP B 81 10.13 -0.08 3.77
CA ASP B 81 11.55 -0.36 3.53
C ASP B 81 11.77 -0.75 2.07
N ILE B 82 10.81 -1.48 1.54
CA ILE B 82 10.82 -1.90 0.15
C ILE B 82 10.74 -0.70 -0.79
N LEU B 83 9.68 0.08 -0.62
CA LEU B 83 9.44 1.23 -1.50
C LEU B 83 10.57 2.25 -1.41
N ASN B 84 11.22 2.29 -0.25
CA ASN B 84 12.38 3.15 -0.07
C ASN B 84 13.47 2.82 -1.09
N SER B 85 13.75 1.53 -1.23
CA SER B 85 14.79 1.08 -2.14
C SER B 85 14.25 0.93 -3.57
N ALA B 86 12.94 1.06 -3.73
CA ALA B 86 12.31 0.84 -5.02
C ALA B 86 11.94 2.15 -5.69
N SER B 87 12.96 2.90 -6.10
CA SER B 87 12.75 4.13 -6.85
C SER B 87 12.79 3.83 -8.35
N ARG B 88 11.79 4.31 -9.07
CA ARG B 88 11.69 4.03 -10.50
C ARG B 88 12.06 5.25 -11.31
N VAL B 89 12.96 5.06 -12.25
CA VAL B 89 13.42 6.13 -13.12
C VAL B 89 13.16 5.77 -14.58
N PRO B 90 11.97 6.08 -15.10
CA PRO B 90 11.60 5.80 -16.48
C PRO B 90 12.34 6.70 -17.47
N GLU B 91 12.63 6.17 -18.65
CA GLU B 91 13.31 6.94 -19.67
C GLU B 91 12.35 7.89 -20.35
N SER B 92 12.36 9.14 -19.90
CA SER B 92 11.49 10.16 -20.44
C SER B 92 12.17 11.52 -20.33
N MET A 14 16.95 10.11 -4.31
CA MET A 14 17.07 9.04 -3.29
C MET A 14 16.27 9.40 -2.04
N MET A 15 14.97 9.54 -2.20
CA MET A 15 14.07 9.77 -1.08
C MET A 15 13.90 8.48 -0.30
N SER A 16 13.79 8.59 1.01
CA SER A 16 13.70 7.43 1.88
C SER A 16 12.26 6.94 2.02
N ALA A 17 11.37 7.49 1.19
CA ALA A 17 9.96 7.13 1.18
C ALA A 17 9.28 7.46 2.50
N SER A 18 8.83 8.71 2.63
CA SER A 18 8.12 9.15 3.82
C SER A 18 6.69 8.62 3.81
N LYS A 19 5.93 8.91 4.86
CA LYS A 19 4.57 8.38 4.99
C LYS A 19 3.70 8.74 3.77
N GLU A 20 3.76 10.01 3.35
CA GLU A 20 2.94 10.47 2.24
C GLU A 20 3.36 9.81 0.92
N GLU A 21 4.67 9.58 0.78
CA GLU A 21 5.22 8.99 -0.43
C GLU A 21 4.71 7.56 -0.59
N ILE A 22 4.69 6.83 0.51
CA ILE A 22 4.20 5.46 0.51
C ILE A 22 2.70 5.43 0.28
N ALA A 23 1.98 6.31 0.97
CA ALA A 23 0.53 6.39 0.84
C ALA A 23 0.14 6.72 -0.60
N ALA A 24 0.96 7.53 -1.25
CA ALA A 24 0.75 7.88 -2.65
C ALA A 24 0.68 6.63 -3.52
N LEU A 25 1.64 5.72 -3.33
CA LEU A 25 1.67 4.49 -4.09
C LEU A 25 0.53 3.56 -3.68
N ILE A 26 0.16 3.61 -2.40
CA ILE A 26 -0.92 2.78 -1.89
C ILE A 26 -2.24 3.12 -2.58
N VAL A 27 -2.59 4.40 -2.61
CA VAL A 27 -3.82 4.83 -3.28
C VAL A 27 -3.66 4.71 -4.80
N ASN A 28 -2.42 4.79 -5.26
CA ASN A 28 -2.09 4.61 -6.67
C ASN A 28 -2.46 3.20 -7.14
N TYR A 29 -2.28 2.22 -6.25
CA TYR A 29 -2.64 0.85 -6.57
C TYR A 29 -4.16 0.67 -6.56
N PHE A 30 -4.81 1.20 -5.52
CA PHE A 30 -6.26 1.06 -5.39
C PHE A 30 -6.99 1.74 -6.54
N SER A 31 -6.50 2.89 -6.96
CA SER A 31 -7.11 3.62 -8.07
C SER A 31 -7.02 2.82 -9.37
N SER A 32 -5.96 2.04 -9.52
CA SER A 32 -5.80 1.17 -10.68
C SER A 32 -6.87 0.06 -10.66
N ILE A 33 -7.09 -0.50 -9.48
CA ILE A 33 -8.04 -1.60 -9.31
C ILE A 33 -9.44 -1.19 -9.76
N VAL A 34 -9.90 -0.04 -9.28
CA VAL A 34 -11.24 0.42 -9.61
C VAL A 34 -11.32 0.95 -11.04
N GLU A 35 -10.20 1.45 -11.55
CA GLU A 35 -10.16 2.02 -12.90
C GLU A 35 -10.43 0.94 -13.94
N LYS A 36 -9.74 -0.19 -13.84
CA LYS A 36 -9.91 -1.26 -14.81
C LYS A 36 -11.00 -2.23 -14.38
N LYS A 37 -11.66 -1.91 -13.27
CA LYS A 37 -12.72 -2.74 -12.70
C LYS A 37 -12.19 -4.15 -12.41
N GLU A 38 -11.12 -4.22 -11.64
CA GLU A 38 -10.49 -5.49 -11.31
C GLU A 38 -11.17 -6.07 -10.08
N ILE A 39 -11.83 -5.20 -9.36
CA ILE A 39 -12.50 -5.56 -8.12
C ILE A 39 -14.01 -5.48 -8.29
N SER A 40 -14.75 -6.15 -7.40
CA SER A 40 -16.20 -6.18 -7.48
C SER A 40 -16.82 -4.88 -6.94
N GLU A 41 -18.12 -4.71 -7.14
CA GLU A 41 -18.82 -3.47 -6.79
C GLU A 41 -18.57 -3.05 -5.34
N ASP A 42 -18.80 -3.96 -4.41
CA ASP A 42 -18.65 -3.65 -2.98
C ASP A 42 -17.22 -3.25 -2.67
N GLY A 43 -16.27 -3.99 -3.23
CA GLY A 43 -14.87 -3.70 -3.01
C GLY A 43 -14.47 -2.35 -3.59
N ALA A 44 -15.00 -2.02 -4.76
CA ALA A 44 -14.71 -0.76 -5.41
C ALA A 44 -15.18 0.41 -4.54
N ASP A 45 -16.41 0.30 -4.05
CA ASP A 45 -16.98 1.32 -3.16
C ASP A 45 -16.19 1.39 -1.87
N SER A 46 -15.75 0.23 -1.39
CA SER A 46 -14.96 0.14 -0.19
C SER A 46 -13.64 0.90 -0.37
N LEU A 47 -12.99 0.70 -1.51
CA LEU A 47 -11.74 1.38 -1.81
C LEU A 47 -11.93 2.89 -1.86
N ASN A 48 -13.16 3.33 -2.09
CA ASN A 48 -13.46 4.75 -2.14
C ASN A 48 -13.38 5.38 -0.75
N VAL A 49 -13.95 4.69 0.25
CA VAL A 49 -13.88 5.21 1.62
C VAL A 49 -12.44 5.09 2.13
N ALA A 50 -11.74 4.07 1.65
CA ALA A 50 -10.33 3.90 1.96
C ALA A 50 -9.50 5.03 1.34
N MET A 51 -9.92 5.48 0.17
CA MET A 51 -9.24 6.57 -0.52
C MET A 51 -9.25 7.82 0.35
N ASP A 52 -10.44 8.21 0.78
CA ASP A 52 -10.60 9.35 1.66
C ASP A 52 -9.89 9.12 2.99
N CYS A 53 -9.98 7.89 3.48
CA CYS A 53 -9.32 7.48 4.71
C CYS A 53 -7.82 7.78 4.66
N ILE A 54 -7.16 7.22 3.65
CA ILE A 54 -5.72 7.40 3.49
C ILE A 54 -5.38 8.87 3.28
N SER A 55 -6.23 9.57 2.54
CA SER A 55 -6.06 11.00 2.31
C SER A 55 -6.09 11.76 3.63
N GLU A 56 -7.09 11.49 4.46
CA GLU A 56 -7.25 12.15 5.76
C GLU A 56 -6.12 11.75 6.71
N ALA A 57 -5.86 10.45 6.79
CA ALA A 57 -4.88 9.91 7.72
C ALA A 57 -3.48 10.46 7.48
N PHE A 58 -3.08 10.55 6.21
CA PHE A 58 -1.74 11.01 5.88
C PHE A 58 -1.69 12.51 5.62
N GLY A 59 -2.85 13.09 5.33
CA GLY A 59 -2.93 14.52 5.16
C GLY A 59 -2.59 14.99 3.75
N PHE A 60 -3.18 14.34 2.76
CA PHE A 60 -2.97 14.73 1.38
C PHE A 60 -4.27 14.57 0.58
N GLU A 61 -4.27 15.08 -0.64
CA GLU A 61 -5.44 14.98 -1.51
C GLU A 61 -5.18 13.98 -2.62
N ARG A 62 -6.27 13.40 -3.13
CA ARG A 62 -6.20 12.39 -4.19
C ARG A 62 -5.65 12.98 -5.49
N GLU A 63 -5.71 14.30 -5.60
CA GLU A 63 -5.16 14.99 -6.75
C GLU A 63 -3.67 15.28 -6.54
N ALA A 64 -3.21 15.09 -5.32
CA ALA A 64 -1.83 15.39 -4.97
C ALA A 64 -0.96 14.14 -5.04
N VAL A 65 -1.57 13.01 -5.39
CA VAL A 65 -0.82 11.76 -5.46
C VAL A 65 0.30 11.84 -6.50
N SER A 66 0.00 12.40 -7.66
CA SER A 66 1.01 12.58 -8.70
C SER A 66 2.10 13.54 -8.25
N GLY A 67 1.71 14.52 -7.44
CA GLY A 67 2.67 15.47 -6.90
C GLY A 67 3.62 14.80 -5.91
N ILE A 68 3.06 13.98 -5.04
CA ILE A 68 3.86 13.24 -4.07
C ILE A 68 4.78 12.25 -4.77
N LEU A 69 4.27 11.60 -5.82
CA LEU A 69 5.06 10.67 -6.60
C LEU A 69 6.18 11.40 -7.33
N GLY A 70 5.87 12.60 -7.84
CA GLY A 70 6.88 13.43 -8.46
C GLY A 70 7.92 13.90 -7.46
N LYS A 71 7.49 14.08 -6.21
CA LYS A 71 8.37 14.46 -5.12
C LYS A 71 9.31 13.32 -4.76
N SER A 72 8.78 12.10 -4.78
CA SER A 72 9.52 10.92 -4.38
C SER A 72 10.28 10.32 -5.56
N GLU A 73 10.78 9.11 -5.39
CA GLU A 73 11.47 8.39 -6.45
C GLU A 73 10.45 7.83 -7.44
N PHE A 74 9.22 7.71 -6.98
CA PHE A 74 8.17 7.03 -7.72
C PHE A 74 7.51 7.96 -8.72
N LYS A 75 8.33 8.80 -9.34
CA LYS A 75 7.86 9.79 -10.31
C LYS A 75 7.16 9.11 -11.47
N GLY A 76 7.64 7.93 -11.81
CA GLY A 76 7.03 7.13 -12.85
C GLY A 76 7.02 5.66 -12.49
N GLN A 77 6.39 5.34 -11.37
CA GLN A 77 6.30 3.97 -10.91
C GLN A 77 4.91 3.63 -10.44
N HIS A 78 4.63 2.34 -10.38
CA HIS A 78 3.34 1.82 -9.93
C HIS A 78 3.59 0.81 -8.83
N LEU A 79 2.89 0.95 -7.70
CA LEU A 79 3.17 0.16 -6.49
C LEU A 79 3.34 -1.32 -6.78
N ALA A 80 2.35 -1.92 -7.43
CA ALA A 80 2.34 -3.36 -7.68
C ALA A 80 3.54 -3.79 -8.53
N ASP A 81 3.93 -2.94 -9.47
CA ASP A 81 5.06 -3.23 -10.35
C ASP A 81 6.35 -3.28 -9.52
N ILE A 82 6.41 -2.42 -8.53
CA ILE A 82 7.52 -2.40 -7.60
C ILE A 82 7.58 -3.70 -6.81
N LEU A 83 6.43 -4.10 -6.26
CA LEU A 83 6.34 -5.34 -5.48
C LEU A 83 6.59 -6.56 -6.36
N ASN A 84 6.14 -6.49 -7.61
CA ASN A 84 6.38 -7.55 -8.58
C ASN A 84 7.87 -7.76 -8.81
N SER A 85 8.61 -6.66 -8.75
CA SER A 85 10.06 -6.70 -8.99
C SER A 85 10.80 -7.11 -7.72
N ALA A 86 10.09 -7.16 -6.59
CA ALA A 86 10.70 -7.48 -5.31
C ALA A 86 10.60 -8.98 -5.03
N SER A 87 11.00 -9.79 -6.00
CA SER A 87 10.99 -11.23 -5.85
C SER A 87 12.24 -11.69 -5.10
N ARG A 88 12.09 -12.75 -4.32
CA ARG A 88 13.18 -13.24 -3.49
C ARG A 88 12.85 -14.62 -2.93
N VAL A 89 13.86 -15.43 -2.71
CA VAL A 89 13.67 -16.77 -2.16
C VAL A 89 14.34 -16.88 -0.80
N PRO A 90 13.64 -16.51 0.28
CA PRO A 90 14.14 -16.65 1.64
C PRO A 90 14.00 -18.09 2.13
N GLU A 91 15.01 -18.89 1.83
CA GLU A 91 14.99 -20.31 2.19
C GLU A 91 14.85 -20.49 3.69
N SER A 92 13.69 -20.93 4.10
CA SER A 92 13.37 -21.07 5.51
C SER A 92 13.34 -22.55 5.91
N MET B 14 9.11 -16.72 -6.68
CA MET B 14 8.92 -15.64 -7.67
C MET B 14 7.44 -15.42 -7.96
N MET B 15 6.69 -15.05 -6.94
CA MET B 15 5.29 -14.69 -7.09
C MET B 15 5.20 -13.32 -7.76
N SER B 16 4.19 -13.15 -8.59
CA SER B 16 4.03 -11.93 -9.35
C SER B 16 3.24 -10.87 -8.56
N ALA B 17 3.04 -11.15 -7.28
CA ALA B 17 2.33 -10.24 -6.37
C ALA B 17 0.88 -10.05 -6.79
N SER B 18 0.01 -10.96 -6.37
CA SER B 18 -1.40 -10.85 -6.65
C SER B 18 -2.05 -9.79 -5.77
N LYS B 19 -3.34 -9.55 -5.95
CA LYS B 19 -4.04 -8.51 -5.21
C LYS B 19 -3.91 -8.69 -3.69
N GLU B 20 -4.09 -9.91 -3.22
CA GLU B 20 -4.03 -10.18 -1.78
C GLU B 20 -2.61 -9.99 -1.25
N GLU B 21 -1.64 -10.35 -2.06
CA GLU B 21 -0.22 -10.24 -1.69
C GLU B 21 0.16 -8.79 -1.47
N ILE B 22 -0.30 -7.94 -2.37
CA ILE B 22 -0.04 -6.51 -2.28
C ILE B 22 -0.79 -5.91 -1.09
N ALA B 23 -2.06 -6.28 -0.95
CA ALA B 23 -2.88 -5.79 0.14
C ALA B 23 -2.28 -6.16 1.49
N ALA B 24 -1.66 -7.34 1.55
CA ALA B 24 -1.00 -7.81 2.74
C ALA B 24 0.07 -6.81 3.19
N LEU B 25 0.89 -6.37 2.25
CA LEU B 25 1.93 -5.40 2.57
C LEU B 25 1.34 -4.02 2.88
N ILE B 26 0.22 -3.70 2.23
CA ILE B 26 -0.44 -2.43 2.45
C ILE B 26 -0.92 -2.31 3.90
N VAL B 27 -1.64 -3.32 4.39
CA VAL B 27 -2.10 -3.32 5.77
C VAL B 27 -0.93 -3.54 6.73
N ASN B 28 0.11 -4.20 6.23
CA ASN B 28 1.34 -4.41 6.98
C ASN B 28 2.01 -3.07 7.32
N TYR B 29 1.92 -2.13 6.40
CA TYR B 29 2.47 -0.80 6.63
C TYR B 29 1.62 -0.02 7.63
N PHE B 30 0.30 -0.05 7.42
CA PHE B 30 -0.62 0.69 8.28
C PHE B 30 -0.55 0.19 9.72
N SER B 31 -0.44 -1.12 9.89
CA SER B 31 -0.37 -1.72 11.21
C SER B 31 0.89 -1.26 11.95
N SER B 32 1.96 -1.02 11.19
CA SER B 32 3.20 -0.50 11.78
C SER B 32 3.00 0.92 12.28
N ILE B 33 2.29 1.73 11.50
CA ILE B 33 2.04 3.12 11.83
C ILE B 33 1.33 3.25 13.18
N VAL B 34 0.25 2.50 13.34
CA VAL B 34 -0.54 2.57 14.57
C VAL B 34 0.18 1.90 15.73
N GLU B 35 0.99 0.89 15.43
CA GLU B 35 1.70 0.14 16.45
C GLU B 35 2.69 1.03 17.21
N LYS B 36 3.49 1.78 16.46
CA LYS B 36 4.49 2.64 17.08
C LYS B 36 3.93 4.03 17.36
N LYS B 37 2.64 4.20 17.06
CA LYS B 37 1.95 5.47 17.22
C LYS B 37 2.65 6.58 16.43
N GLU B 38 2.82 6.34 15.13
CA GLU B 38 3.51 7.27 14.25
C GLU B 38 2.49 8.28 13.73
N ILE B 39 1.23 7.90 13.82
CA ILE B 39 0.13 8.70 13.32
C ILE B 39 -0.71 9.22 14.48
N SER B 40 -1.48 10.27 14.24
CA SER B 40 -2.31 10.88 15.27
C SER B 40 -3.58 10.06 15.53
N GLU B 41 -4.30 10.41 16.58
CA GLU B 41 -5.47 9.65 17.03
C GLU B 41 -6.48 9.42 15.90
N ASP B 42 -6.88 10.50 15.22
CA ASP B 42 -7.87 10.40 14.16
C ASP B 42 -7.38 9.50 13.04
N GLY B 43 -6.13 9.69 12.66
CA GLY B 43 -5.54 8.89 11.60
C GLY B 43 -5.46 7.42 11.98
N ALA B 44 -5.11 7.14 13.23
CA ALA B 44 -5.02 5.77 13.72
C ALA B 44 -6.37 5.08 13.62
N ASP B 45 -7.42 5.76 14.08
CA ASP B 45 -8.78 5.24 14.01
C ASP B 45 -9.20 5.07 12.56
N SER B 46 -8.78 6.01 11.72
CA SER B 46 -9.08 5.97 10.31
C SER B 46 -8.46 4.72 9.68
N LEU B 47 -7.20 4.44 10.02
CA LEU B 47 -6.52 3.27 9.50
C LEU B 47 -7.22 1.99 9.93
N ASN B 48 -7.99 2.06 11.00
CA ASN B 48 -8.72 0.89 11.48
C ASN B 48 -9.88 0.54 10.55
N VAL B 49 -10.63 1.55 10.10
CA VAL B 49 -11.72 1.30 9.16
C VAL B 49 -11.14 0.91 7.80
N ALA B 50 -9.96 1.45 7.49
CA ALA B 50 -9.25 1.09 6.29
C ALA B 50 -8.79 -0.37 6.35
N MET B 51 -8.44 -0.82 7.56
CA MET B 51 -7.99 -2.18 7.76
C MET B 51 -9.10 -3.15 7.37
N ASP B 52 -10.28 -2.93 7.95
CA ASP B 52 -11.46 -3.74 7.63
C ASP B 52 -11.82 -3.58 6.15
N CYS B 53 -11.70 -2.37 5.65
CA CYS B 53 -11.96 -2.07 4.24
C CYS B 53 -11.14 -2.95 3.32
N ILE B 54 -9.82 -2.90 3.49
CA ILE B 54 -8.90 -3.67 2.66
C ILE B 54 -9.17 -5.17 2.84
N SER B 55 -9.47 -5.58 4.06
CA SER B 55 -9.79 -6.97 4.36
C SER B 55 -11.02 -7.41 3.57
N GLU B 56 -12.08 -6.61 3.62
CA GLU B 56 -13.32 -6.91 2.91
C GLU B 56 -13.12 -6.85 1.39
N ALA B 57 -12.48 -5.78 0.93
CA ALA B 57 -12.29 -5.53 -0.50
C ALA B 57 -11.50 -6.64 -1.18
N PHE B 58 -10.44 -7.10 -0.52
CA PHE B 58 -9.57 -8.12 -1.12
C PHE B 58 -9.98 -9.53 -0.70
N GLY B 59 -10.73 -9.63 0.38
CA GLY B 59 -11.25 -10.92 0.80
C GLY B 59 -10.28 -11.70 1.66
N PHE B 60 -9.71 -11.06 2.66
CA PHE B 60 -8.79 -11.73 3.58
C PHE B 60 -8.99 -11.19 4.99
N GLU B 61 -8.37 -11.86 5.96
CA GLU B 61 -8.45 -11.45 7.34
C GLU B 61 -7.13 -10.84 7.80
N ARG B 62 -7.21 -9.98 8.80
CA ARG B 62 -6.04 -9.27 9.33
C ARG B 62 -5.07 -10.26 9.99
N GLU B 63 -5.56 -11.43 10.34
CA GLU B 63 -4.73 -12.47 10.92
C GLU B 63 -4.08 -13.30 9.81
N ALA B 64 -4.55 -13.11 8.58
CA ALA B 64 -4.07 -13.89 7.45
C ALA B 64 -2.97 -13.14 6.69
N VAL B 65 -2.65 -11.93 7.15
CA VAL B 65 -1.63 -11.12 6.49
C VAL B 65 -0.28 -11.84 6.47
N SER B 66 0.10 -12.43 7.61
CA SER B 66 1.35 -13.17 7.70
C SER B 66 1.30 -14.40 6.80
N GLY B 67 0.12 -14.99 6.66
CA GLY B 67 -0.05 -16.13 5.78
C GLY B 67 0.14 -15.76 4.33
N ILE B 68 -0.46 -14.63 3.93
CA ILE B 68 -0.33 -14.14 2.57
C ILE B 68 1.12 -13.75 2.28
N LEU B 69 1.77 -13.14 3.25
CA LEU B 69 3.17 -12.76 3.12
C LEU B 69 4.05 -14.00 3.02
N GLY B 70 3.71 -15.03 3.79
CA GLY B 70 4.42 -16.30 3.68
C GLY B 70 4.18 -16.97 2.34
N LYS B 71 3.00 -16.74 1.79
CA LYS B 71 2.64 -17.25 0.47
C LYS B 71 3.44 -16.54 -0.62
N SER B 72 3.61 -15.25 -0.45
CA SER B 72 4.29 -14.43 -1.45
C SER B 72 5.79 -14.41 -1.22
N GLU B 73 6.48 -13.49 -1.90
CA GLU B 73 7.92 -13.32 -1.73
C GLU B 73 8.20 -12.57 -0.42
N PHE B 74 7.18 -11.88 0.07
CA PHE B 74 7.32 -10.96 1.18
C PHE B 74 7.22 -11.70 2.51
N LYS B 75 7.80 -12.89 2.54
CA LYS B 75 7.75 -13.77 3.71
C LYS B 75 8.40 -13.07 4.91
N GLY B 76 9.41 -12.25 4.62
CA GLY B 76 10.06 -11.48 5.63
C GLY B 76 10.41 -10.10 5.15
N GLN B 77 9.41 -9.36 4.70
CA GLN B 77 9.60 -8.00 4.20
C GLN B 77 8.57 -7.05 4.75
N HIS B 78 8.88 -5.78 4.68
CA HIS B 78 8.01 -4.71 5.14
C HIS B 78 7.83 -3.70 4.01
N LEU B 79 6.58 -3.35 3.70
CA LEU B 79 6.25 -2.55 2.51
C LEU B 79 7.16 -1.34 2.35
N ALA B 80 7.23 -0.51 3.38
CA ALA B 80 7.99 0.73 3.31
C ALA B 80 9.47 0.49 3.04
N ASP B 81 10.01 -0.60 3.61
CA ASP B 81 11.40 -0.96 3.40
C ASP B 81 11.65 -1.29 1.94
N ILE B 82 10.66 -1.92 1.33
CA ILE B 82 10.70 -2.22 -0.09
C ILE B 82 10.73 -0.94 -0.91
N LEU B 83 9.83 -0.03 -0.59
CA LEU B 83 9.75 1.25 -1.30
C LEU B 83 11.00 2.09 -1.05
N ASN B 84 11.54 1.99 0.15
CA ASN B 84 12.78 2.68 0.51
C ASN B 84 13.92 2.22 -0.38
N SER B 85 13.90 0.94 -0.74
CA SER B 85 14.95 0.35 -1.56
C SER B 85 14.71 0.63 -3.04
N ALA B 86 13.54 1.16 -3.36
CA ALA B 86 13.18 1.42 -4.75
C ALA B 86 13.53 2.85 -5.14
N SER B 87 14.78 3.25 -4.86
CA SER B 87 15.24 4.57 -5.21
C SER B 87 15.69 4.60 -6.67
N ARG B 88 15.51 5.73 -7.32
CA ARG B 88 15.81 5.88 -8.73
C ARG B 88 15.78 7.34 -9.14
N VAL B 89 16.59 7.69 -10.12
CA VAL B 89 16.64 9.06 -10.62
C VAL B 89 16.19 9.14 -12.07
N PRO B 90 14.87 9.27 -12.29
CA PRO B 90 14.31 9.42 -13.62
C PRO B 90 14.48 10.84 -14.13
N GLU B 91 15.63 11.11 -14.74
CA GLU B 91 15.96 12.44 -15.22
C GLU B 91 14.92 12.92 -16.23
N SER B 92 14.11 13.87 -15.81
CA SER B 92 13.02 14.36 -16.63
C SER B 92 13.34 15.76 -17.15
N MET A 14 11.86 10.31 -1.42
CA MET A 14 12.84 9.80 -2.41
C MET A 14 14.12 9.37 -1.70
N MET A 15 14.78 8.33 -2.24
CA MET A 15 15.93 7.68 -1.60
C MET A 15 15.51 6.96 -0.32
N SER A 16 14.24 7.13 0.01
CA SER A 16 13.62 6.50 1.16
C SER A 16 12.12 6.51 0.92
N ALA A 17 11.39 5.70 1.67
CA ALA A 17 9.95 5.64 1.52
C ALA A 17 9.27 6.49 2.58
N SER A 18 8.96 7.74 2.23
CA SER A 18 8.32 8.65 3.16
C SER A 18 6.84 8.31 3.29
N LYS A 19 6.23 8.73 4.39
CA LYS A 19 4.84 8.41 4.68
C LYS A 19 3.93 8.77 3.51
N GLU A 20 4.02 10.02 3.08
CA GLU A 20 3.18 10.53 1.98
C GLU A 20 3.43 9.76 0.68
N GLU A 21 4.68 9.38 0.44
CA GLU A 21 5.07 8.71 -0.80
C GLU A 21 4.45 7.33 -0.88
N ILE A 22 4.47 6.62 0.23
CA ILE A 22 3.91 5.28 0.30
C ILE A 22 2.40 5.34 0.11
N ALA A 23 1.77 6.24 0.86
CA ALA A 23 0.32 6.44 0.77
C ALA A 23 -0.08 6.79 -0.66
N ALA A 24 0.74 7.61 -1.31
CA ALA A 24 0.52 8.01 -2.69
C ALA A 24 0.42 6.78 -3.60
N LEU A 25 1.39 5.88 -3.47
CA LEU A 25 1.41 4.67 -4.27
C LEU A 25 0.23 3.76 -3.91
N ILE A 26 -0.06 3.68 -2.62
CA ILE A 26 -1.15 2.84 -2.14
C ILE A 26 -2.50 3.30 -2.70
N VAL A 27 -2.81 4.59 -2.57
CA VAL A 27 -4.08 5.11 -3.05
C VAL A 27 -4.15 5.04 -4.58
N ASN A 28 -3.02 5.26 -5.25
CA ASN A 28 -2.99 5.23 -6.69
C ASN A 28 -3.15 3.80 -7.20
N TYR A 29 -2.67 2.83 -6.42
CA TYR A 29 -2.85 1.43 -6.77
C TYR A 29 -4.33 1.06 -6.69
N PHE A 30 -4.96 1.37 -5.56
CA PHE A 30 -6.37 1.08 -5.38
C PHE A 30 -7.20 1.81 -6.45
N SER A 31 -6.79 3.03 -6.77
CA SER A 31 -7.46 3.84 -7.78
C SER A 31 -7.37 3.17 -9.15
N SER A 32 -6.20 2.64 -9.48
CA SER A 32 -6.00 1.99 -10.77
C SER A 32 -6.65 0.62 -10.81
N ILE A 33 -6.88 0.03 -9.63
CA ILE A 33 -7.62 -1.23 -9.53
C ILE A 33 -9.05 -1.03 -9.98
N VAL A 34 -9.74 -0.08 -9.37
CA VAL A 34 -11.13 0.18 -9.67
C VAL A 34 -11.29 0.82 -11.04
N GLU A 35 -10.20 1.42 -11.53
CA GLU A 35 -10.19 2.08 -12.83
C GLU A 35 -10.43 1.06 -13.95
N LYS A 36 -9.70 -0.05 -13.93
CA LYS A 36 -9.83 -1.05 -14.98
C LYS A 36 -10.58 -2.28 -14.48
N LYS A 37 -11.29 -2.11 -13.37
CA LYS A 37 -12.10 -3.16 -12.76
C LYS A 37 -11.29 -4.42 -12.49
N GLU A 38 -10.37 -4.31 -11.53
CA GLU A 38 -9.51 -5.43 -11.15
C GLU A 38 -9.95 -5.97 -9.79
N ILE A 39 -11.05 -5.42 -9.31
CA ILE A 39 -11.61 -5.82 -8.03
C ILE A 39 -13.12 -5.95 -8.14
N SER A 40 -13.71 -6.69 -7.21
CA SER A 40 -15.16 -6.89 -7.19
C SER A 40 -15.88 -5.57 -6.89
N GLU A 41 -17.12 -5.44 -7.35
CA GLU A 41 -17.88 -4.20 -7.19
C GLU A 41 -17.89 -3.75 -5.72
N ASP A 42 -18.19 -4.69 -4.83
CA ASP A 42 -18.23 -4.41 -3.39
C ASP A 42 -16.90 -3.86 -2.91
N GLY A 43 -15.82 -4.52 -3.33
CA GLY A 43 -14.49 -4.11 -2.91
C GLY A 43 -14.10 -2.75 -3.45
N ALA A 44 -14.54 -2.45 -4.67
CA ALA A 44 -14.30 -1.16 -5.27
C ALA A 44 -14.90 -0.05 -4.42
N ASP A 45 -16.10 -0.32 -3.92
CA ASP A 45 -16.80 0.63 -3.06
C ASP A 45 -16.07 0.78 -1.73
N SER A 46 -15.62 -0.34 -1.18
CA SER A 46 -14.86 -0.35 0.07
C SER A 46 -13.58 0.47 -0.07
N LEU A 47 -12.94 0.35 -1.23
CA LEU A 47 -11.71 1.09 -1.50
C LEU A 47 -11.96 2.60 -1.51
N ASN A 48 -13.18 3.00 -1.85
CA ASN A 48 -13.50 4.43 -1.91
C ASN A 48 -13.48 5.06 -0.52
N VAL A 49 -14.23 4.49 0.43
CA VAL A 49 -14.24 5.01 1.79
C VAL A 49 -12.86 4.86 2.43
N ALA A 50 -12.19 3.77 2.10
CA ALA A 50 -10.85 3.52 2.62
C ALA A 50 -9.89 4.59 2.15
N MET A 51 -10.01 4.97 0.87
CA MET A 51 -9.09 5.92 0.25
C MET A 51 -9.19 7.28 0.90
N ASP A 52 -10.42 7.70 1.21
CA ASP A 52 -10.63 8.96 1.91
C ASP A 52 -9.97 8.91 3.27
N CYS A 53 -10.05 7.74 3.90
CA CYS A 53 -9.45 7.54 5.21
C CYS A 53 -7.92 7.47 5.12
N ILE A 54 -7.40 6.91 4.03
CA ILE A 54 -5.96 6.90 3.80
C ILE A 54 -5.45 8.33 3.66
N SER A 55 -6.15 9.11 2.84
CA SER A 55 -5.82 10.50 2.62
C SER A 55 -5.93 11.29 3.92
N GLU A 56 -7.01 11.05 4.64
CA GLU A 56 -7.27 11.68 5.93
C GLU A 56 -6.18 11.32 6.94
N ALA A 57 -5.72 10.08 6.87
CA ALA A 57 -4.73 9.57 7.80
C ALA A 57 -3.38 10.25 7.64
N PHE A 58 -2.87 10.30 6.42
CA PHE A 58 -1.56 10.86 6.17
C PHE A 58 -1.61 12.38 5.98
N GLY A 59 -2.83 12.91 5.94
CA GLY A 59 -3.01 14.35 5.84
C GLY A 59 -2.77 14.88 4.44
N PHE A 60 -3.28 14.16 3.45
CA PHE A 60 -3.13 14.59 2.07
C PHE A 60 -4.42 14.34 1.31
N GLU A 61 -4.44 14.62 0.03
CA GLU A 61 -5.63 14.45 -0.78
C GLU A 61 -5.39 13.45 -1.90
N ARG A 62 -6.45 12.78 -2.31
CA ARG A 62 -6.41 11.81 -3.41
C ARG A 62 -6.02 12.51 -4.71
N GLU A 63 -6.26 13.81 -4.77
CA GLU A 63 -5.92 14.60 -5.94
C GLU A 63 -4.47 15.10 -5.83
N ALA A 64 -3.91 15.01 -4.64
CA ALA A 64 -2.56 15.51 -4.40
C ALA A 64 -1.52 14.43 -4.65
N VAL A 65 -1.99 13.23 -4.96
CA VAL A 65 -1.11 12.09 -5.23
C VAL A 65 -0.18 12.39 -6.41
N SER A 66 -0.70 13.14 -7.38
CA SER A 66 0.07 13.51 -8.56
C SER A 66 1.26 14.40 -8.18
N GLY A 67 1.03 15.29 -7.22
CA GLY A 67 2.09 16.17 -6.76
C GLY A 67 3.16 15.40 -5.99
N ILE A 68 2.72 14.46 -5.17
CA ILE A 68 3.64 13.64 -4.39
C ILE A 68 4.49 12.76 -5.32
N LEU A 69 3.82 12.03 -6.21
CA LEU A 69 4.51 11.14 -7.14
C LEU A 69 5.37 11.91 -8.13
N GLY A 70 5.15 13.23 -8.21
CA GLY A 70 5.96 14.07 -9.06
C GLY A 70 7.39 14.18 -8.55
N LYS A 71 7.53 14.11 -7.23
CA LYS A 71 8.84 14.21 -6.61
C LYS A 71 9.40 12.82 -6.30
N SER A 72 8.51 11.90 -5.95
CA SER A 72 8.89 10.53 -5.62
C SER A 72 9.52 9.82 -6.81
N GLU A 73 10.55 9.02 -6.54
CA GLU A 73 11.28 8.30 -7.59
C GLU A 73 10.50 7.09 -8.06
N PHE A 74 9.29 6.94 -7.55
CA PHE A 74 8.40 5.86 -7.93
C PHE A 74 7.63 6.24 -9.19
N LYS A 75 7.77 7.51 -9.59
CA LYS A 75 7.07 8.05 -10.75
C LYS A 75 7.38 7.23 -12.00
N GLY A 76 6.36 7.00 -12.81
CA GLY A 76 6.52 6.21 -14.01
C GLY A 76 6.02 4.80 -13.83
N GLN A 77 6.21 4.27 -12.63
CA GLN A 77 5.76 2.92 -12.30
C GLN A 77 4.62 2.99 -11.30
N HIS A 78 4.07 1.83 -10.95
CA HIS A 78 3.03 1.75 -9.94
C HIS A 78 3.51 0.88 -8.78
N LEU A 79 2.76 0.87 -7.69
CA LEU A 79 3.16 0.16 -6.48
C LEU A 79 3.44 -1.32 -6.75
N ALA A 80 2.52 -1.97 -7.43
CA ALA A 80 2.62 -3.41 -7.66
C ALA A 80 3.82 -3.77 -8.52
N ASP A 81 4.17 -2.91 -9.47
CA ASP A 81 5.35 -3.14 -10.31
C ASP A 81 6.61 -3.16 -9.44
N ILE A 82 6.63 -2.26 -8.47
CA ILE A 82 7.71 -2.20 -7.50
C ILE A 82 7.82 -3.51 -6.73
N LEU A 83 6.69 -3.98 -6.22
CA LEU A 83 6.64 -5.23 -5.47
C LEU A 83 6.93 -6.42 -6.37
N ASN A 84 6.50 -6.34 -7.62
CA ASN A 84 6.78 -7.37 -8.62
C ASN A 84 8.28 -7.53 -8.80
N SER A 85 8.99 -6.41 -8.71
CA SER A 85 10.44 -6.39 -8.88
C SER A 85 11.15 -6.88 -7.62
N ALA A 86 10.39 -7.03 -6.54
CA ALA A 86 10.95 -7.46 -5.28
C ALA A 86 10.71 -8.95 -5.04
N SER A 87 11.05 -9.76 -6.03
CA SER A 87 10.92 -11.21 -5.92
C SER A 87 12.10 -11.78 -5.14
N ARG A 88 12.10 -11.52 -3.85
CA ARG A 88 13.19 -11.90 -2.96
C ARG A 88 13.29 -13.41 -2.81
N VAL A 89 14.40 -13.86 -2.25
CA VAL A 89 14.62 -15.29 -2.05
C VAL A 89 14.71 -15.61 -0.56
N PRO A 90 13.55 -15.83 0.09
CA PRO A 90 13.47 -16.14 1.51
C PRO A 90 13.72 -17.62 1.78
N GLU A 91 14.97 -17.98 1.98
CA GLU A 91 15.34 -19.37 2.22
C GLU A 91 15.00 -19.80 3.64
N SER A 92 14.23 -20.86 3.75
CA SER A 92 13.85 -21.43 5.03
C SER A 92 13.80 -22.95 4.92
N MET B 14 3.98 -14.36 -5.23
CA MET B 14 5.46 -14.47 -5.27
C MET B 14 5.93 -14.49 -6.72
N MET B 15 7.13 -13.93 -6.97
CA MET B 15 7.66 -13.70 -8.32
C MET B 15 6.84 -12.67 -9.07
N SER B 16 5.77 -12.23 -8.42
CA SER B 16 4.88 -11.22 -8.92
C SER B 16 4.11 -10.66 -7.74
N ALA B 17 3.50 -9.51 -7.91
CA ALA B 17 2.75 -8.88 -6.85
C ALA B 17 1.26 -9.19 -7.00
N SER B 18 0.80 -10.23 -6.33
CA SER B 18 -0.60 -10.62 -6.41
C SER B 18 -1.45 -9.68 -5.56
N LYS B 19 -2.75 -9.63 -5.86
CA LYS B 19 -3.66 -8.71 -5.17
C LYS B 19 -3.56 -8.87 -3.66
N GLU B 20 -3.73 -10.10 -3.18
CA GLU B 20 -3.71 -10.40 -1.75
C GLU B 20 -2.37 -10.04 -1.13
N GLU B 21 -1.28 -10.25 -1.87
CA GLU B 21 0.06 -10.03 -1.35
C GLU B 21 0.31 -8.55 -1.11
N ILE B 22 -0.13 -7.73 -2.06
CA ILE B 22 0.03 -6.29 -1.95
C ILE B 22 -0.80 -5.75 -0.79
N ALA B 23 -2.06 -6.18 -0.73
CA ALA B 23 -2.96 -5.78 0.34
C ALA B 23 -2.39 -6.17 1.70
N ALA B 24 -1.77 -7.35 1.74
CA ALA B 24 -1.14 -7.85 2.96
C ALA B 24 -0.08 -6.88 3.45
N LEU B 25 0.79 -6.44 2.56
CA LEU B 25 1.84 -5.49 2.90
C LEU B 25 1.27 -4.14 3.29
N ILE B 26 0.23 -3.73 2.55
CA ILE B 26 -0.42 -2.44 2.79
C ILE B 26 -1.04 -2.39 4.19
N VAL B 27 -1.85 -3.40 4.53
CA VAL B 27 -2.51 -3.43 5.83
C VAL B 27 -1.49 -3.60 6.95
N ASN B 28 -0.45 -4.37 6.70
CA ASN B 28 0.58 -4.61 7.72
C ASN B 28 1.40 -3.35 7.94
N TYR B 29 1.56 -2.55 6.89
CA TYR B 29 2.26 -1.28 7.01
C TYR B 29 1.46 -0.34 7.90
N PHE B 30 0.19 -0.16 7.57
CA PHE B 30 -0.68 0.71 8.36
C PHE B 30 -0.77 0.22 9.80
N SER B 31 -0.80 -1.09 9.96
CA SER B 31 -0.86 -1.72 11.27
C SER B 31 0.40 -1.39 12.07
N SER B 32 1.56 -1.45 11.43
CA SER B 32 2.82 -1.19 12.11
C SER B 32 3.01 0.31 12.33
N ILE B 33 2.31 1.12 11.55
CA ILE B 33 2.32 2.58 11.76
C ILE B 33 1.67 2.92 13.10
N VAL B 34 0.45 2.45 13.28
CA VAL B 34 -0.31 2.74 14.49
C VAL B 34 0.25 1.99 15.69
N GLU B 35 0.99 0.93 15.41
CA GLU B 35 1.63 0.11 16.43
C GLU B 35 2.64 0.93 17.23
N LYS B 36 3.53 1.62 16.52
CA LYS B 36 4.58 2.39 17.18
C LYS B 36 4.29 3.89 17.13
N LYS B 37 3.03 4.21 16.83
CA LYS B 37 2.55 5.60 16.78
C LYS B 37 3.38 6.44 15.81
N GLU B 38 3.26 6.13 14.52
CA GLU B 38 3.98 6.85 13.48
C GLU B 38 3.01 7.74 12.72
N ILE B 39 1.79 7.78 13.21
CA ILE B 39 0.76 8.59 12.60
C ILE B 39 -0.05 9.31 13.67
N SER B 40 -0.74 10.37 13.28
CA SER B 40 -1.55 11.15 14.20
C SER B 40 -2.74 10.32 14.71
N GLU B 41 -3.23 10.62 15.91
CA GLU B 41 -4.32 9.86 16.51
C GLU B 41 -5.50 9.72 15.56
N ASP B 42 -5.90 10.84 14.95
CA ASP B 42 -7.01 10.85 14.00
C ASP B 42 -6.75 9.90 12.85
N GLY B 43 -5.54 9.96 12.31
CA GLY B 43 -5.19 9.13 11.17
C GLY B 43 -5.14 7.66 11.54
N ALA B 44 -4.71 7.37 12.75
CA ALA B 44 -4.68 6.00 13.25
C ALA B 44 -6.08 5.40 13.23
N ASP B 45 -7.04 6.21 13.65
CA ASP B 45 -8.44 5.80 13.67
C ASP B 45 -8.96 5.60 12.25
N SER B 46 -8.59 6.51 11.36
CA SER B 46 -8.97 6.43 9.96
C SER B 46 -8.43 5.15 9.32
N LEU B 47 -7.21 4.79 9.70
CA LEU B 47 -6.58 3.56 9.18
C LEU B 47 -7.34 2.32 9.62
N ASN B 48 -8.02 2.40 10.76
CA ASN B 48 -8.77 1.25 11.28
C ASN B 48 -9.95 0.92 10.37
N VAL B 49 -10.81 1.89 10.10
CA VAL B 49 -11.96 1.67 9.23
C VAL B 49 -11.49 1.34 7.81
N ALA B 50 -10.41 1.99 7.40
CA ALA B 50 -9.84 1.76 6.09
C ALA B 50 -9.37 0.31 5.96
N MET B 51 -8.73 -0.19 7.00
CA MET B 51 -8.15 -1.53 6.99
C MET B 51 -9.21 -2.60 6.84
N ASP B 52 -10.34 -2.40 7.51
CA ASP B 52 -11.46 -3.33 7.38
C ASP B 52 -11.95 -3.32 5.94
N CYS B 53 -11.95 -2.14 5.35
CA CYS B 53 -12.38 -1.97 3.97
C CYS B 53 -11.37 -2.56 2.99
N ILE B 54 -10.08 -2.46 3.32
CA ILE B 54 -9.03 -3.09 2.51
C ILE B 54 -9.22 -4.60 2.51
N SER B 55 -9.41 -5.14 3.70
CA SER B 55 -9.63 -6.58 3.88
C SER B 55 -10.91 -7.01 3.16
N GLU B 56 -11.96 -6.22 3.34
CA GLU B 56 -13.25 -6.46 2.69
C GLU B 56 -13.11 -6.41 1.18
N ALA B 57 -12.27 -5.50 0.70
CA ALA B 57 -12.09 -5.27 -0.72
C ALA B 57 -11.44 -6.48 -1.41
N PHE B 58 -10.32 -6.93 -0.86
CA PHE B 58 -9.57 -8.03 -1.48
C PHE B 58 -10.11 -9.40 -1.05
N GLY B 59 -11.04 -9.37 -0.10
CA GLY B 59 -11.67 -10.61 0.34
C GLY B 59 -10.80 -11.42 1.27
N PHE B 60 -10.14 -10.75 2.19
CA PHE B 60 -9.28 -11.42 3.16
C PHE B 60 -9.46 -10.79 4.53
N GLU B 61 -8.72 -11.27 5.51
CA GLU B 61 -8.83 -10.76 6.87
C GLU B 61 -7.51 -10.16 7.33
N ARG B 62 -7.61 -9.18 8.22
CA ARG B 62 -6.44 -8.54 8.81
C ARG B 62 -5.62 -9.54 9.61
N GLU B 63 -6.26 -10.61 10.03
CA GLU B 63 -5.58 -11.67 10.77
C GLU B 63 -4.97 -12.68 9.81
N ALA B 64 -5.40 -12.64 8.55
CA ALA B 64 -4.95 -13.59 7.56
C ALA B 64 -3.69 -13.10 6.85
N VAL B 65 -3.28 -11.88 7.18
CA VAL B 65 -2.10 -11.28 6.58
C VAL B 65 -0.86 -12.12 6.86
N SER B 66 -0.82 -12.75 8.02
CA SER B 66 0.30 -13.60 8.41
C SER B 66 0.40 -14.83 7.49
N GLY B 67 -0.75 -15.36 7.10
CA GLY B 67 -0.77 -16.50 6.20
C GLY B 67 -0.33 -16.13 4.81
N ILE B 68 -0.76 -14.96 4.36
CA ILE B 68 -0.39 -14.46 3.04
C ILE B 68 1.11 -14.19 2.97
N LEU B 69 1.61 -13.42 3.93
CA LEU B 69 3.03 -13.06 3.97
C LEU B 69 3.90 -14.28 4.24
N GLY B 70 3.27 -15.37 4.67
CA GLY B 70 4.00 -16.60 4.87
C GLY B 70 4.48 -17.21 3.57
N LYS B 71 3.72 -16.97 2.51
CA LYS B 71 4.06 -17.50 1.20
C LYS B 71 4.75 -16.43 0.36
N SER B 72 4.35 -15.18 0.56
CA SER B 72 4.92 -14.06 -0.18
C SER B 72 6.40 -13.88 0.13
N GLU B 73 7.17 -13.55 -0.90
CA GLU B 73 8.62 -13.39 -0.78
C GLU B 73 8.96 -12.05 -0.11
N PHE B 74 7.94 -11.34 0.31
CA PHE B 74 8.11 -10.07 1.00
C PHE B 74 8.32 -10.31 2.49
N LYS B 75 8.16 -11.56 2.90
CA LYS B 75 8.30 -11.96 4.29
C LYS B 75 9.67 -11.58 4.85
N GLY B 76 9.70 -11.10 6.07
CA GLY B 76 10.93 -10.67 6.68
C GLY B 76 11.08 -9.16 6.65
N GLN B 77 10.59 -8.56 5.57
CA GLN B 77 10.65 -7.11 5.40
C GLN B 77 9.25 -6.52 5.48
N HIS B 78 9.17 -5.21 5.40
CA HIS B 78 7.88 -4.53 5.36
C HIS B 78 7.74 -3.75 4.06
N LEU B 79 6.53 -3.24 3.78
CA LEU B 79 6.26 -2.56 2.51
C LEU B 79 7.23 -1.40 2.27
N ALA B 80 7.40 -0.55 3.27
CA ALA B 80 8.20 0.66 3.13
C ALA B 80 9.67 0.33 2.86
N ASP B 81 10.16 -0.75 3.44
CA ASP B 81 11.54 -1.18 3.21
C ASP B 81 11.74 -1.52 1.74
N ILE B 82 10.72 -2.16 1.17
CA ILE B 82 10.70 -2.50 -0.24
C ILE B 82 10.79 -1.23 -1.09
N LEU B 83 9.95 -0.26 -0.77
CA LEU B 83 9.91 1.00 -1.49
C LEU B 83 11.19 1.80 -1.25
N ASN B 84 11.74 1.68 -0.05
CA ASN B 84 13.01 2.32 0.30
C ASN B 84 14.12 1.81 -0.61
N SER B 85 14.03 0.54 -0.97
CA SER B 85 15.02 -0.10 -1.81
C SER B 85 14.80 0.26 -3.28
N ALA B 86 13.68 0.89 -3.57
CA ALA B 86 13.33 1.27 -4.94
C ALA B 86 13.63 2.74 -5.20
N SER B 87 14.86 3.15 -4.85
CA SER B 87 15.29 4.53 -5.09
C SER B 87 15.72 4.67 -6.55
N ARG B 88 14.73 4.67 -7.43
CA ARG B 88 14.96 4.71 -8.87
C ARG B 88 15.54 6.05 -9.30
N VAL B 89 16.02 6.10 -10.54
CA VAL B 89 16.60 7.32 -11.07
C VAL B 89 15.77 7.83 -12.25
N PRO B 90 14.73 8.62 -11.97
CA PRO B 90 13.84 9.18 -13.00
C PRO B 90 14.42 10.44 -13.61
N GLU B 91 15.19 10.28 -14.66
CA GLU B 91 15.83 11.41 -15.33
C GLU B 91 14.84 12.18 -16.19
N SER B 92 14.73 13.47 -15.93
CA SER B 92 13.87 14.35 -16.69
C SER B 92 14.53 15.72 -16.83
N MET A 14 11.31 11.89 -1.12
CA MET A 14 12.23 11.86 -2.28
C MET A 14 13.26 10.75 -2.11
N MET A 15 13.19 9.76 -3.00
CA MET A 15 14.08 8.58 -2.98
C MET A 15 13.79 7.70 -1.78
N SER A 16 13.97 8.25 -0.59
CA SER A 16 13.65 7.56 0.63
C SER A 16 12.14 7.59 0.83
N ALA A 17 11.50 6.46 0.53
CA ALA A 17 10.05 6.34 0.60
C ALA A 17 9.49 6.84 1.91
N SER A 18 9.00 8.08 1.90
CA SER A 18 8.39 8.66 3.08
C SER A 18 6.92 8.25 3.16
N LYS A 19 6.29 8.46 4.31
CA LYS A 19 4.91 8.05 4.52
C LYS A 19 3.99 8.53 3.39
N GLU A 20 4.07 9.82 3.09
CA GLU A 20 3.22 10.43 2.06
C GLU A 20 3.47 9.81 0.69
N GLU A 21 4.72 9.48 0.40
CA GLU A 21 5.09 8.90 -0.88
C GLU A 21 4.54 7.48 -1.00
N ILE A 22 4.63 6.74 0.09
CA ILE A 22 4.14 5.37 0.14
C ILE A 22 2.63 5.32 -0.02
N ALA A 23 1.94 6.14 0.78
CA ALA A 23 0.49 6.21 0.73
C ALA A 23 0.01 6.63 -0.66
N ALA A 24 0.81 7.45 -1.31
CA ALA A 24 0.51 7.90 -2.66
C ALA A 24 0.41 6.70 -3.61
N LEU A 25 1.38 5.80 -3.53
CA LEU A 25 1.36 4.60 -4.35
C LEU A 25 0.25 3.65 -3.91
N ILE A 26 -0.01 3.62 -2.60
CA ILE A 26 -1.05 2.76 -2.06
C ILE A 26 -2.42 3.13 -2.62
N VAL A 27 -2.79 4.40 -2.52
CA VAL A 27 -4.07 4.85 -3.03
C VAL A 27 -4.10 4.78 -4.56
N ASN A 28 -2.94 4.98 -5.18
CA ASN A 28 -2.81 4.89 -6.62
C ASN A 28 -3.06 3.46 -7.09
N TYR A 29 -2.52 2.50 -6.35
CA TYR A 29 -2.70 1.09 -6.65
C TYR A 29 -4.18 0.73 -6.62
N PHE A 30 -4.87 1.14 -5.55
CA PHE A 30 -6.29 0.88 -5.43
C PHE A 30 -7.06 1.56 -6.56
N SER A 31 -6.63 2.75 -6.93
CA SER A 31 -7.24 3.48 -8.04
C SER A 31 -7.04 2.73 -9.35
N SER A 32 -5.90 2.08 -9.49
CA SER A 32 -5.60 1.30 -10.69
C SER A 32 -6.58 0.14 -10.83
N ILE A 33 -6.88 -0.52 -9.72
CA ILE A 33 -7.76 -1.68 -9.73
C ILE A 33 -9.17 -1.29 -10.17
N VAL A 34 -9.67 -0.18 -9.64
CA VAL A 34 -11.02 0.28 -9.97
C VAL A 34 -11.04 0.98 -11.33
N GLU A 35 -9.87 1.46 -11.76
CA GLU A 35 -9.74 2.13 -13.05
C GLU A 35 -9.95 1.14 -14.19
N LYS A 36 -9.31 -0.02 -14.08
CA LYS A 36 -9.46 -1.07 -15.08
C LYS A 36 -10.68 -1.94 -14.78
N LYS A 37 -11.37 -1.56 -13.70
CA LYS A 37 -12.61 -2.22 -13.26
C LYS A 37 -12.41 -3.72 -13.07
N GLU A 38 -11.39 -4.09 -12.30
CA GLU A 38 -11.09 -5.49 -12.07
C GLU A 38 -11.78 -5.96 -10.79
N ILE A 39 -11.83 -5.06 -9.83
CA ILE A 39 -12.40 -5.38 -8.52
C ILE A 39 -13.93 -5.23 -8.56
N SER A 40 -14.61 -5.98 -7.72
CA SER A 40 -16.07 -5.99 -7.70
C SER A 40 -16.61 -4.74 -7.00
N GLU A 41 -17.90 -4.47 -7.21
CA GLU A 41 -18.53 -3.23 -6.72
C GLU A 41 -18.28 -2.99 -5.23
N ASP A 42 -18.55 -4.00 -4.43
CA ASP A 42 -18.39 -3.89 -2.98
C ASP A 42 -16.95 -3.57 -2.61
N GLY A 43 -16.01 -4.23 -3.30
CA GLY A 43 -14.61 -3.97 -3.07
C GLY A 43 -14.22 -2.56 -3.49
N ALA A 44 -14.75 -2.12 -4.63
CA ALA A 44 -14.47 -0.79 -5.14
C ALA A 44 -14.96 0.28 -4.17
N ASP A 45 -16.18 0.10 -3.65
CA ASP A 45 -16.75 1.04 -2.70
C ASP A 45 -15.94 1.06 -1.41
N SER A 46 -15.49 -0.13 -0.99
CA SER A 46 -14.65 -0.26 0.19
C SER A 46 -13.34 0.52 0.00
N LEU A 47 -12.78 0.44 -1.20
CA LEU A 47 -11.55 1.16 -1.50
C LEU A 47 -11.77 2.66 -1.50
N ASN A 48 -12.97 3.09 -1.86
CA ASN A 48 -13.30 4.52 -1.90
C ASN A 48 -13.22 5.12 -0.50
N VAL A 49 -14.01 4.59 0.43
CA VAL A 49 -14.03 5.10 1.80
C VAL A 49 -12.65 4.92 2.45
N ALA A 50 -11.99 3.82 2.11
CA ALA A 50 -10.65 3.57 2.62
C ALA A 50 -9.67 4.64 2.14
N MET A 51 -9.83 5.05 0.88
CA MET A 51 -8.92 6.00 0.26
C MET A 51 -8.97 7.36 0.94
N ASP A 52 -10.17 7.81 1.25
CA ASP A 52 -10.35 9.06 1.98
C ASP A 52 -9.69 8.97 3.35
N CYS A 53 -9.77 7.79 3.95
CA CYS A 53 -9.17 7.56 5.24
C CYS A 53 -7.64 7.52 5.13
N ILE A 54 -7.12 6.82 4.12
CA ILE A 54 -5.68 6.74 3.87
C ILE A 54 -5.11 8.15 3.69
N SER A 55 -5.71 8.89 2.77
CA SER A 55 -5.24 10.22 2.42
C SER A 55 -5.26 11.16 3.64
N GLU A 56 -6.38 11.16 4.35
CA GLU A 56 -6.55 12.05 5.48
C GLU A 56 -5.65 11.65 6.65
N ALA A 57 -5.34 10.36 6.75
CA ALA A 57 -4.49 9.84 7.81
C ALA A 57 -3.06 10.35 7.67
N PHE A 58 -2.59 10.41 6.43
CA PHE A 58 -1.22 10.85 6.15
C PHE A 58 -1.15 12.36 6.00
N GLY A 59 -2.25 12.96 5.55
CA GLY A 59 -2.31 14.40 5.45
C GLY A 59 -2.21 14.90 4.02
N PHE A 60 -2.85 14.19 3.10
CA PHE A 60 -2.89 14.62 1.71
C PHE A 60 -4.27 14.36 1.13
N GLU A 61 -4.55 14.95 -0.02
CA GLU A 61 -5.84 14.78 -0.66
C GLU A 61 -5.77 13.74 -1.77
N ARG A 62 -6.88 13.05 -2.03
CA ARG A 62 -6.93 12.05 -3.09
C ARG A 62 -6.54 12.67 -4.42
N GLU A 63 -7.09 13.84 -4.68
CA GLU A 63 -6.89 14.53 -5.95
C GLU A 63 -5.50 15.16 -6.01
N ALA A 64 -4.68 14.93 -4.99
CA ALA A 64 -3.35 15.50 -4.92
C ALA A 64 -2.27 14.43 -5.05
N VAL A 65 -2.69 13.17 -5.17
CA VAL A 65 -1.74 12.06 -5.28
C VAL A 65 -0.92 12.15 -6.56
N SER A 66 -1.55 12.66 -7.61
CA SER A 66 -0.89 12.82 -8.90
C SER A 66 0.30 13.77 -8.78
N GLY A 67 0.12 14.85 -8.02
CA GLY A 67 1.18 15.79 -7.79
C GLY A 67 2.29 15.20 -6.95
N ILE A 68 1.91 14.39 -5.95
CA ILE A 68 2.89 13.74 -5.09
C ILE A 68 3.78 12.81 -5.91
N LEU A 69 3.14 11.93 -6.68
CA LEU A 69 3.87 10.95 -7.48
C LEU A 69 4.73 11.63 -8.55
N GLY A 70 4.24 12.75 -9.07
CA GLY A 70 4.98 13.49 -10.08
C GLY A 70 6.26 14.07 -9.53
N LYS A 71 6.23 14.49 -8.28
CA LYS A 71 7.41 15.05 -7.63
C LYS A 71 8.30 13.94 -7.11
N SER A 72 7.69 12.97 -6.43
CA SER A 72 8.40 11.85 -5.85
C SER A 72 9.06 11.00 -6.94
N GLU A 73 9.95 10.11 -6.53
CA GLU A 73 10.73 9.31 -7.45
C GLU A 73 9.98 8.05 -7.85
N PHE A 74 8.70 8.00 -7.52
CA PHE A 74 7.86 6.88 -7.88
C PHE A 74 7.07 7.17 -9.15
N LYS A 75 7.37 8.33 -9.74
CA LYS A 75 6.81 8.69 -11.03
C LYS A 75 7.28 7.70 -12.10
N GLY A 76 6.32 7.07 -12.77
CA GLY A 76 6.65 6.08 -13.77
C GLY A 76 6.71 4.69 -13.19
N GLN A 77 6.49 4.59 -11.89
CA GLN A 77 6.54 3.31 -11.20
C GLN A 77 5.17 3.00 -10.58
N HIS A 78 4.87 1.71 -10.44
CA HIS A 78 3.63 1.28 -9.84
C HIS A 78 3.90 0.43 -8.61
N LEU A 79 3.04 0.52 -7.61
CA LEU A 79 3.25 -0.19 -6.34
C LEU A 79 3.49 -1.68 -6.56
N ALA A 80 2.54 -2.32 -7.24
CA ALA A 80 2.59 -3.76 -7.45
C ALA A 80 3.86 -4.18 -8.18
N ASP A 81 4.21 -3.43 -9.22
CA ASP A 81 5.41 -3.71 -10.01
C ASP A 81 6.65 -3.61 -9.13
N ILE A 82 6.66 -2.59 -8.27
CA ILE A 82 7.73 -2.38 -7.31
C ILE A 82 7.89 -3.59 -6.39
N LEU A 83 6.79 -4.03 -5.80
CA LEU A 83 6.80 -5.18 -4.90
C LEU A 83 7.25 -6.43 -5.62
N ASN A 84 6.82 -6.60 -6.86
CA ASN A 84 7.19 -7.75 -7.67
C ASN A 84 8.69 -7.73 -7.96
N SER A 85 9.22 -6.55 -8.25
CA SER A 85 10.62 -6.39 -8.56
C SER A 85 11.49 -6.61 -7.32
N ALA A 86 11.01 -6.14 -6.19
CA ALA A 86 11.77 -6.21 -4.94
C ALA A 86 11.42 -7.46 -4.14
N SER A 87 11.11 -8.54 -4.85
CA SER A 87 10.82 -9.81 -4.21
C SER A 87 12.11 -10.48 -3.74
N ARG A 88 12.11 -11.00 -2.52
CA ARG A 88 13.30 -11.62 -1.95
C ARG A 88 13.31 -13.12 -2.23
N VAL A 89 14.47 -13.74 -2.05
CA VAL A 89 14.60 -15.18 -2.18
C VAL A 89 15.01 -15.78 -0.83
N PRO A 90 14.02 -16.24 -0.05
CA PRO A 90 14.26 -16.81 1.28
C PRO A 90 14.97 -18.17 1.21
N GLU A 91 16.07 -18.29 1.93
CA GLU A 91 16.84 -19.53 1.96
C GLU A 91 16.59 -20.27 3.26
N SER A 92 15.47 -19.97 3.89
CA SER A 92 15.10 -20.59 5.13
C SER A 92 13.88 -21.47 4.93
N MET B 14 2.77 -15.46 -4.84
CA MET B 14 4.13 -16.01 -4.64
C MET B 14 5.11 -15.41 -5.64
N MET B 15 6.09 -14.66 -5.13
CA MET B 15 7.09 -13.96 -5.95
C MET B 15 6.47 -12.84 -6.75
N SER B 16 5.56 -13.20 -7.62
CA SER B 16 4.82 -12.23 -8.41
C SER B 16 3.74 -11.61 -7.53
N ALA B 17 4.02 -10.40 -7.07
CA ALA B 17 3.14 -9.68 -6.15
C ALA B 17 1.69 -9.66 -6.63
N SER B 18 0.90 -10.56 -6.07
CA SER B 18 -0.51 -10.64 -6.41
C SER B 18 -1.29 -9.65 -5.54
N LYS B 19 -2.54 -9.39 -5.89
CA LYS B 19 -3.35 -8.41 -5.18
C LYS B 19 -3.35 -8.67 -3.68
N GLU B 20 -3.62 -9.91 -3.29
CA GLU B 20 -3.71 -10.28 -1.88
C GLU B 20 -2.38 -10.08 -1.16
N GLU B 21 -1.28 -10.34 -1.87
CA GLU B 21 0.06 -10.19 -1.30
C GLU B 21 0.39 -8.72 -1.08
N ILE B 22 0.00 -7.90 -2.05
CA ILE B 22 0.24 -6.47 -1.99
C ILE B 22 -0.56 -5.85 -0.86
N ALA B 23 -1.85 -6.14 -0.82
CA ALA B 23 -2.74 -5.61 0.21
C ALA B 23 -2.26 -6.04 1.60
N ALA B 24 -1.68 -7.22 1.67
CA ALA B 24 -1.12 -7.73 2.91
C ALA B 24 -0.06 -6.80 3.45
N LEU B 25 0.85 -6.36 2.59
CA LEU B 25 1.89 -5.42 2.98
C LEU B 25 1.31 -4.05 3.25
N ILE B 26 0.29 -3.68 2.49
CA ILE B 26 -0.37 -2.39 2.65
C ILE B 26 -0.97 -2.26 4.05
N VAL B 27 -1.79 -3.23 4.44
CA VAL B 27 -2.42 -3.20 5.77
C VAL B 27 -1.37 -3.39 6.86
N ASN B 28 -0.33 -4.16 6.56
CA ASN B 28 0.77 -4.39 7.48
C ASN B 28 1.53 -3.08 7.75
N TYR B 29 1.74 -2.31 6.69
CA TYR B 29 2.41 -1.02 6.79
C TYR B 29 1.63 -0.09 7.71
N PHE B 30 0.33 0.01 7.48
CA PHE B 30 -0.53 0.84 8.31
C PHE B 30 -0.50 0.36 9.75
N SER B 31 -0.48 -0.96 9.93
CA SER B 31 -0.41 -1.56 11.26
C SER B 31 0.91 -1.19 11.94
N SER B 32 1.97 -1.10 11.15
CA SER B 32 3.29 -0.74 11.68
C SER B 32 3.27 0.68 12.25
N ILE B 33 2.60 1.59 11.54
CA ILE B 33 2.55 2.98 11.95
C ILE B 33 1.82 3.14 13.29
N VAL B 34 0.70 2.44 13.43
CA VAL B 34 -0.09 2.52 14.66
C VAL B 34 0.53 1.65 15.76
N GLU B 35 1.35 0.69 15.36
CA GLU B 35 2.01 -0.19 16.31
C GLU B 35 3.07 0.57 17.10
N LYS B 36 3.85 1.38 16.40
CA LYS B 36 4.87 2.19 17.04
C LYS B 36 4.28 3.53 17.49
N LYS B 37 2.98 3.67 17.26
CA LYS B 37 2.19 4.84 17.67
C LYS B 37 2.81 6.14 17.14
N GLU B 38 3.05 6.18 15.84
CA GLU B 38 3.67 7.36 15.24
C GLU B 38 2.57 8.27 14.69
N ILE B 39 1.51 7.67 14.19
CA ILE B 39 0.42 8.41 13.60
C ILE B 39 -0.55 8.89 14.69
N SER B 40 -1.22 10.00 14.41
CA SER B 40 -2.13 10.60 15.39
C SER B 40 -3.45 9.84 15.46
N GLU B 41 -4.21 10.07 16.53
CA GLU B 41 -5.42 9.31 16.83
C GLU B 41 -6.37 9.25 15.63
N ASP B 42 -6.67 10.42 15.06
CA ASP B 42 -7.60 10.50 13.93
C ASP B 42 -7.10 9.70 12.75
N GLY B 43 -5.80 9.78 12.51
CA GLY B 43 -5.20 9.00 11.43
C GLY B 43 -5.25 7.52 11.71
N ALA B 44 -4.99 7.14 12.95
CA ALA B 44 -5.03 5.74 13.36
C ALA B 44 -6.42 5.17 13.17
N ASP B 45 -7.44 5.91 13.60
CA ASP B 45 -8.82 5.46 13.46
C ASP B 45 -9.21 5.34 11.99
N SER B 46 -8.72 6.30 11.19
CA SER B 46 -8.96 6.27 9.76
C SER B 46 -8.36 5.01 9.14
N LEU B 47 -7.17 4.64 9.60
CA LEU B 47 -6.50 3.44 9.11
C LEU B 47 -7.26 2.18 9.51
N ASN B 48 -7.93 2.24 10.66
CA ASN B 48 -8.68 1.09 11.16
C ASN B 48 -9.83 0.76 10.20
N VAL B 49 -10.72 1.73 9.98
CA VAL B 49 -11.87 1.52 9.09
C VAL B 49 -11.40 1.22 7.67
N ALA B 50 -10.31 1.87 7.27
CA ALA B 50 -9.73 1.64 5.96
C ALA B 50 -9.26 0.20 5.83
N MET B 51 -8.68 -0.33 6.89
CA MET B 51 -8.08 -1.66 6.88
C MET B 51 -9.13 -2.74 6.66
N ASP B 52 -10.27 -2.58 7.33
CA ASP B 52 -11.39 -3.51 7.14
C ASP B 52 -11.87 -3.45 5.71
N CYS B 53 -11.83 -2.27 5.13
CA CYS B 53 -12.24 -2.07 3.75
C CYS B 53 -11.22 -2.69 2.79
N ILE B 54 -9.93 -2.45 3.05
CA ILE B 54 -8.85 -3.02 2.23
C ILE B 54 -8.96 -4.55 2.22
N SER B 55 -9.00 -5.13 3.41
CA SER B 55 -9.04 -6.57 3.57
C SER B 55 -10.24 -7.18 2.86
N GLU B 56 -11.42 -6.60 3.11
CA GLU B 56 -12.66 -7.13 2.57
C GLU B 56 -12.73 -6.93 1.05
N ALA B 57 -12.08 -5.89 0.56
CA ALA B 57 -12.07 -5.59 -0.87
C ALA B 57 -11.29 -6.65 -1.64
N PHE B 58 -10.19 -7.12 -1.06
CA PHE B 58 -9.36 -8.12 -1.72
C PHE B 58 -9.85 -9.53 -1.41
N GLY B 59 -10.44 -9.69 -0.24
CA GLY B 59 -11.01 -10.98 0.12
C GLY B 59 -10.19 -11.72 1.16
N PHE B 60 -9.66 -10.98 2.12
CA PHE B 60 -8.92 -11.60 3.22
C PHE B 60 -9.27 -10.90 4.53
N GLU B 61 -8.90 -11.51 5.65
CA GLU B 61 -9.20 -10.94 6.95
C GLU B 61 -7.97 -10.24 7.52
N ARG B 62 -8.19 -9.22 8.34
CA ARG B 62 -7.10 -8.47 8.96
C ARG B 62 -6.21 -9.43 9.76
N GLU B 63 -6.86 -10.30 10.51
CA GLU B 63 -6.16 -11.22 11.39
C GLU B 63 -5.53 -12.37 10.61
N ALA B 64 -5.63 -12.31 9.29
CA ALA B 64 -5.09 -13.35 8.43
C ALA B 64 -3.91 -12.86 7.61
N VAL B 65 -3.56 -11.59 7.77
CA VAL B 65 -2.45 -11.00 7.01
C VAL B 65 -1.12 -11.64 7.39
N SER B 66 -1.00 -12.02 8.66
CA SER B 66 0.20 -12.66 9.16
C SER B 66 0.46 -13.98 8.44
N GLY B 67 -0.61 -14.73 8.19
CA GLY B 67 -0.50 -15.98 7.47
C GLY B 67 -0.15 -15.76 6.01
N ILE B 68 -0.72 -14.70 5.42
CA ILE B 68 -0.44 -14.36 4.03
C ILE B 68 1.04 -14.03 3.85
N LEU B 69 1.54 -13.13 4.68
CA LEU B 69 2.93 -12.69 4.60
C LEU B 69 3.88 -13.84 4.90
N GLY B 70 3.48 -14.73 5.79
CA GLY B 70 4.31 -15.87 6.14
C GLY B 70 4.49 -16.84 4.98
N LYS B 71 3.44 -16.97 4.17
CA LYS B 71 3.50 -17.84 3.00
C LYS B 71 4.15 -17.11 1.83
N SER B 72 3.72 -15.88 1.61
CA SER B 72 4.23 -15.07 0.51
C SER B 72 5.72 -14.77 0.70
N GLU B 73 6.34 -14.27 -0.35
CA GLU B 73 7.77 -14.02 -0.35
C GLU B 73 8.10 -12.65 0.23
N PHE B 74 7.11 -12.04 0.86
CA PHE B 74 7.31 -10.75 1.50
C PHE B 74 7.57 -10.92 2.98
N LYS B 75 7.67 -12.17 3.40
CA LYS B 75 8.06 -12.50 4.76
C LYS B 75 9.47 -11.99 5.04
N GLY B 76 9.59 -11.15 6.06
CA GLY B 76 10.87 -10.57 6.40
C GLY B 76 11.10 -9.25 5.70
N GLN B 77 10.13 -8.84 4.89
CA GLN B 77 10.21 -7.59 4.15
C GLN B 77 9.09 -6.65 4.58
N HIS B 78 9.34 -5.35 4.47
CA HIS B 78 8.34 -4.35 4.81
C HIS B 78 8.04 -3.48 3.61
N LEU B 79 6.80 -3.03 3.48
CA LEU B 79 6.37 -2.26 2.31
C LEU B 79 7.28 -1.07 2.05
N ALA B 80 7.42 -0.22 3.07
CA ALA B 80 8.18 1.01 2.95
C ALA B 80 9.63 0.74 2.55
N ASP B 81 10.24 -0.26 3.18
CA ASP B 81 11.61 -0.64 2.88
C ASP B 81 11.73 -1.09 1.42
N ILE B 82 10.73 -1.85 0.98
CA ILE B 82 10.67 -2.31 -0.40
C ILE B 82 10.64 -1.12 -1.37
N LEU B 83 9.75 -0.18 -1.12
CA LEU B 83 9.61 0.99 -1.97
C LEU B 83 10.90 1.82 -1.98
N ASN B 84 11.54 1.91 -0.83
CA ASN B 84 12.79 2.65 -0.69
C ASN B 84 13.90 1.97 -1.49
N SER B 85 13.92 0.65 -1.45
CA SER B 85 14.92 -0.14 -2.15
C SER B 85 14.71 -0.06 -3.66
N ALA B 86 13.45 -0.09 -4.07
CA ALA B 86 13.10 -0.11 -5.49
C ALA B 86 12.87 1.29 -6.03
N SER B 87 13.60 2.26 -5.50
CA SER B 87 13.52 3.63 -5.97
C SER B 87 14.27 3.78 -7.29
N ARG B 88 13.65 4.45 -8.25
CA ARG B 88 14.25 4.62 -9.58
C ARG B 88 15.06 5.92 -9.64
N VAL B 89 15.90 6.02 -10.67
CA VAL B 89 16.66 7.24 -10.91
C VAL B 89 16.24 7.85 -12.25
N PRO B 90 15.30 8.79 -12.22
CA PRO B 90 14.79 9.45 -13.42
C PRO B 90 15.82 10.36 -14.08
N GLU B 91 16.07 10.14 -15.36
CA GLU B 91 17.02 10.94 -16.11
C GLU B 91 16.30 11.93 -17.01
N SER B 92 15.07 12.24 -16.64
CA SER B 92 14.25 13.17 -17.39
C SER B 92 14.00 14.42 -16.55
N MET A 14 9.46 13.25 0.69
CA MET A 14 10.29 12.97 -0.51
C MET A 14 11.57 12.23 -0.10
N MET A 15 11.88 11.18 -0.84
CA MET A 15 13.10 10.37 -0.63
C MET A 15 12.97 9.47 0.59
N SER A 16 13.69 8.34 0.54
CA SER A 16 13.70 7.36 1.63
C SER A 16 12.33 6.75 1.85
N ALA A 17 11.50 6.80 0.79
CA ALA A 17 10.11 6.34 0.86
C ALA A 17 9.38 7.02 2.01
N SER A 18 9.06 8.29 1.81
CA SER A 18 8.38 9.06 2.84
C SER A 18 6.92 8.61 2.95
N LYS A 19 6.28 8.96 4.06
CA LYS A 19 4.89 8.57 4.29
C LYS A 19 4.02 9.01 3.11
N GLU A 20 4.23 10.26 2.68
CA GLU A 20 3.52 10.83 1.54
C GLU A 20 3.68 9.97 0.29
N GLU A 21 4.92 9.53 0.03
CA GLU A 21 5.25 8.81 -1.18
C GLU A 21 4.63 7.42 -1.19
N ILE A 22 4.74 6.74 -0.05
CA ILE A 22 4.20 5.40 0.08
C ILE A 22 2.68 5.42 -0.06
N ALA A 23 2.05 6.31 0.69
CA ALA A 23 0.60 6.43 0.66
C ALA A 23 0.11 6.78 -0.74
N ALA A 24 0.85 7.65 -1.42
CA ALA A 24 0.53 8.06 -2.78
C ALA A 24 0.49 6.84 -3.71
N LEU A 25 1.49 5.98 -3.59
CA LEU A 25 1.55 4.77 -4.39
C LEU A 25 0.43 3.81 -4.02
N ILE A 26 0.14 3.74 -2.73
CA ILE A 26 -0.90 2.87 -2.21
C ILE A 26 -2.28 3.26 -2.74
N VAL A 27 -2.62 4.54 -2.61
CA VAL A 27 -3.93 5.02 -3.07
C VAL A 27 -4.03 4.97 -4.59
N ASN A 28 -2.92 5.24 -5.27
CA ASN A 28 -2.89 5.20 -6.73
C ASN A 28 -3.02 3.76 -7.21
N TYR A 29 -2.48 2.83 -6.42
CA TYR A 29 -2.63 1.41 -6.69
C TYR A 29 -4.09 0.99 -6.59
N PHE A 30 -4.73 1.34 -5.47
CA PHE A 30 -6.14 1.01 -5.26
C PHE A 30 -7.01 1.66 -6.33
N SER A 31 -6.69 2.91 -6.67
CA SER A 31 -7.42 3.63 -7.69
C SER A 31 -7.23 2.95 -9.05
N SER A 32 -6.06 2.39 -9.28
CA SER A 32 -5.76 1.73 -10.54
C SER A 32 -6.51 0.41 -10.63
N ILE A 33 -6.84 -0.18 -9.49
CA ILE A 33 -7.60 -1.42 -9.45
C ILE A 33 -9.00 -1.22 -10.03
N VAL A 34 -9.71 -0.22 -9.52
CA VAL A 34 -11.04 0.09 -10.03
C VAL A 34 -10.94 0.67 -11.44
N GLU A 35 -9.82 1.34 -11.70
CA GLU A 35 -9.52 1.90 -13.01
C GLU A 35 -9.59 0.83 -14.09
N LYS A 36 -8.84 -0.25 -13.90
CA LYS A 36 -8.78 -1.30 -14.91
C LYS A 36 -9.75 -2.44 -14.60
N LYS A 37 -10.74 -2.13 -13.75
CA LYS A 37 -11.83 -3.04 -13.43
C LYS A 37 -11.31 -4.39 -12.93
N GLU A 38 -10.42 -4.35 -11.95
CA GLU A 38 -9.81 -5.56 -11.43
C GLU A 38 -10.49 -5.98 -10.13
N ILE A 39 -11.45 -5.17 -9.71
CA ILE A 39 -12.18 -5.45 -8.49
C ILE A 39 -13.68 -5.28 -8.73
N SER A 40 -14.49 -6.01 -7.96
CA SER A 40 -15.94 -5.98 -8.14
C SER A 40 -16.56 -4.85 -7.32
N GLU A 41 -17.87 -4.68 -7.47
CA GLU A 41 -18.60 -3.56 -6.89
C GLU A 41 -18.33 -3.41 -5.38
N ASP A 42 -18.47 -4.51 -4.65
CA ASP A 42 -18.28 -4.50 -3.20
C ASP A 42 -16.90 -3.97 -2.84
N GLY A 43 -15.88 -4.51 -3.50
CA GLY A 43 -14.52 -4.10 -3.23
C GLY A 43 -14.24 -2.69 -3.69
N ALA A 44 -14.83 -2.32 -4.82
CA ALA A 44 -14.64 -0.99 -5.38
C ALA A 44 -15.12 0.10 -4.41
N ASP A 45 -16.35 -0.05 -3.92
CA ASP A 45 -16.90 0.91 -2.95
C ASP A 45 -16.13 0.86 -1.64
N SER A 46 -15.62 -0.32 -1.31
CA SER A 46 -14.84 -0.49 -0.09
C SER A 46 -13.54 0.30 -0.18
N LEU A 47 -12.94 0.31 -1.37
CA LEU A 47 -11.72 1.07 -1.60
C LEU A 47 -12.00 2.57 -1.62
N ASN A 48 -13.23 2.95 -1.90
CA ASN A 48 -13.60 4.36 -1.97
C ASN A 48 -13.60 4.99 -0.58
N VAL A 49 -14.25 4.35 0.39
CA VAL A 49 -14.25 4.86 1.75
C VAL A 49 -12.84 4.83 2.34
N ALA A 50 -12.11 3.76 2.03
CA ALA A 50 -10.74 3.62 2.48
C ALA A 50 -9.85 4.71 1.88
N MET A 51 -10.13 5.05 0.62
CA MET A 51 -9.36 6.04 -0.13
C MET A 51 -9.27 7.36 0.64
N ASP A 52 -10.42 7.84 1.09
CA ASP A 52 -10.46 9.10 1.83
C ASP A 52 -9.73 8.96 3.16
N CYS A 53 -9.87 7.81 3.79
CA CYS A 53 -9.26 7.55 5.08
C CYS A 53 -7.74 7.48 4.97
N ILE A 54 -7.23 6.82 3.93
CA ILE A 54 -5.79 6.74 3.71
C ILE A 54 -5.22 8.14 3.54
N SER A 55 -5.88 8.93 2.71
CA SER A 55 -5.47 10.30 2.45
C SER A 55 -5.56 11.13 3.74
N GLU A 56 -6.66 10.97 4.45
CA GLU A 56 -6.91 11.67 5.70
C GLU A 56 -5.86 11.33 6.75
N ALA A 57 -5.53 10.04 6.84
CA ALA A 57 -4.58 9.55 7.83
C ALA A 57 -3.21 10.20 7.68
N PHE A 58 -2.74 10.31 6.45
CA PHE A 58 -1.42 10.87 6.18
C PHE A 58 -1.48 12.40 6.11
N GLY A 59 -2.63 12.91 5.73
CA GLY A 59 -2.83 14.35 5.71
C GLY A 59 -2.69 14.95 4.32
N PHE A 60 -3.13 14.23 3.32
CA PHE A 60 -3.10 14.74 1.96
C PHE A 60 -4.45 14.54 1.30
N GLU A 61 -4.69 15.26 0.22
CA GLU A 61 -5.95 15.18 -0.50
C GLU A 61 -5.88 14.08 -1.55
N ARG A 62 -7.01 13.44 -1.80
CA ARG A 62 -7.09 12.35 -2.78
C ARG A 62 -6.75 12.87 -4.19
N GLU A 63 -6.99 14.15 -4.42
CA GLU A 63 -6.63 14.76 -5.69
C GLU A 63 -5.21 15.31 -5.66
N ALA A 64 -4.58 15.24 -4.50
CA ALA A 64 -3.22 15.75 -4.33
C ALA A 64 -2.19 14.66 -4.59
N VAL A 65 -2.64 13.43 -4.75
CA VAL A 65 -1.75 12.32 -5.04
C VAL A 65 -1.02 12.55 -6.37
N SER A 66 -1.70 13.20 -7.31
CA SER A 66 -1.11 13.53 -8.59
C SER A 66 0.06 14.51 -8.40
N GLY A 67 -0.09 15.40 -7.41
CA GLY A 67 0.97 16.33 -7.10
C GLY A 67 2.13 15.65 -6.41
N ILE A 68 1.82 14.76 -5.48
CA ILE A 68 2.85 14.01 -4.77
C ILE A 68 3.65 13.15 -5.74
N LEU A 69 2.95 12.42 -6.60
CA LEU A 69 3.60 11.55 -7.58
C LEU A 69 4.18 12.36 -8.74
N GLY A 70 4.08 13.67 -8.64
CA GLY A 70 4.68 14.54 -9.64
C GLY A 70 5.67 15.49 -9.01
N LYS A 71 6.06 15.20 -7.77
CA LYS A 71 6.99 16.03 -7.03
C LYS A 71 7.96 15.17 -6.25
N SER A 72 7.43 14.20 -5.51
CA SER A 72 8.23 13.29 -4.73
C SER A 72 8.86 12.22 -5.64
N GLU A 73 9.75 11.42 -5.08
CA GLU A 73 10.68 10.60 -5.87
C GLU A 73 10.03 9.41 -6.55
N PHE A 74 8.90 8.95 -6.01
CA PHE A 74 8.27 7.74 -6.53
C PHE A 74 7.29 8.05 -7.66
N LYS A 75 7.81 8.66 -8.72
CA LYS A 75 7.03 8.89 -9.92
C LYS A 75 7.32 7.80 -10.94
N GLY A 76 6.27 7.29 -11.57
CA GLY A 76 6.43 6.24 -12.54
C GLY A 76 5.99 4.90 -11.98
N GLN A 77 5.33 4.11 -12.83
CA GLN A 77 4.90 2.75 -12.48
C GLN A 77 3.84 2.75 -11.39
N HIS A 78 3.40 1.57 -10.99
CA HIS A 78 2.47 1.42 -9.89
C HIS A 78 3.17 0.78 -8.71
N LEU A 79 2.53 0.77 -7.54
CA LEU A 79 3.11 0.16 -6.36
C LEU A 79 3.47 -1.31 -6.64
N ALA A 80 2.56 -2.01 -7.30
CA ALA A 80 2.73 -3.42 -7.57
C ALA A 80 3.92 -3.67 -8.49
N ASP A 81 4.14 -2.77 -9.46
CA ASP A 81 5.29 -2.89 -10.36
C ASP A 81 6.59 -2.94 -9.57
N ILE A 82 6.66 -2.10 -8.55
CA ILE A 82 7.79 -2.06 -7.64
C ILE A 82 7.97 -3.43 -6.97
N LEU A 83 6.88 -3.96 -6.44
CA LEU A 83 6.90 -5.25 -5.75
C LEU A 83 7.21 -6.39 -6.70
N ASN A 84 6.82 -6.23 -7.98
CA ASN A 84 7.13 -7.23 -9.00
C ASN A 84 8.63 -7.41 -9.15
N SER A 85 9.34 -6.29 -9.14
CA SER A 85 10.79 -6.32 -9.30
C SER A 85 11.50 -6.52 -7.97
N ALA A 86 10.84 -6.15 -6.88
CA ALA A 86 11.45 -6.23 -5.57
C ALA A 86 10.80 -7.32 -4.72
N SER A 87 10.80 -8.54 -5.24
CA SER A 87 10.26 -9.67 -4.52
C SER A 87 11.34 -10.27 -3.61
N ARG A 88 11.37 -9.81 -2.37
CA ARG A 88 12.38 -10.24 -1.41
C ARG A 88 12.19 -11.69 -0.98
N VAL A 89 13.28 -12.44 -1.00
CA VAL A 89 13.28 -13.82 -0.54
C VAL A 89 14.34 -14.00 0.54
N PRO A 90 13.97 -13.75 1.81
CA PRO A 90 14.88 -13.89 2.95
C PRO A 90 15.33 -15.34 3.16
N GLU A 91 16.57 -15.63 2.79
CA GLU A 91 17.12 -16.96 2.95
C GLU A 91 17.61 -17.18 4.36
N SER A 92 17.19 -18.28 4.97
CA SER A 92 17.58 -18.60 6.32
C SER A 92 17.41 -20.10 6.57
N MET B 14 -0.12 -15.63 -4.59
CA MET B 14 1.31 -15.94 -4.35
C MET B 14 2.11 -15.74 -5.63
N MET B 15 3.25 -15.04 -5.50
CA MET B 15 4.17 -14.78 -6.61
C MET B 15 3.64 -13.72 -7.57
N SER B 16 4.57 -13.01 -8.22
CA SER B 16 4.25 -11.96 -9.17
C SER B 16 3.50 -10.80 -8.49
N ALA B 17 3.70 -10.68 -7.18
CA ALA B 17 3.00 -9.69 -6.36
C ALA B 17 1.49 -9.81 -6.57
N SER B 18 0.91 -10.85 -6.00
CA SER B 18 -0.52 -11.08 -6.13
C SER B 18 -1.30 -10.06 -5.31
N LYS B 19 -2.59 -9.92 -5.60
CA LYS B 19 -3.44 -8.97 -4.89
C LYS B 19 -3.34 -9.20 -3.38
N GLU B 20 -3.45 -10.48 -3.00
CA GLU B 20 -3.33 -10.90 -1.60
C GLU B 20 -2.03 -10.41 -0.97
N GLU B 21 -0.93 -10.57 -1.69
CA GLU B 21 0.40 -10.26 -1.17
C GLU B 21 0.59 -8.76 -1.00
N ILE B 22 0.17 -8.01 -2.00
CA ILE B 22 0.30 -6.55 -1.97
C ILE B 22 -0.54 -5.97 -0.83
N ALA B 23 -1.80 -6.38 -0.78
CA ALA B 23 -2.72 -5.90 0.24
C ALA B 23 -2.21 -6.26 1.63
N ALA B 24 -1.66 -7.45 1.76
CA ALA B 24 -1.09 -7.92 3.02
C ALA B 24 0.01 -6.98 3.51
N LEU B 25 0.89 -6.59 2.60
CA LEU B 25 1.97 -5.67 2.92
C LEU B 25 1.41 -4.29 3.25
N ILE B 26 0.39 -3.88 2.50
CA ILE B 26 -0.23 -2.58 2.68
C ILE B 26 -0.87 -2.46 4.07
N VAL B 27 -1.69 -3.45 4.44
CA VAL B 27 -2.37 -3.41 5.73
C VAL B 27 -1.38 -3.58 6.87
N ASN B 28 -0.35 -4.41 6.66
CA ASN B 28 0.66 -4.63 7.67
C ASN B 28 1.50 -3.37 7.85
N TYR B 29 1.67 -2.63 6.76
CA TYR B 29 2.35 -1.33 6.81
C TYR B 29 1.56 -0.35 7.66
N PHE B 30 0.28 -0.19 7.34
CA PHE B 30 -0.59 0.71 8.09
C PHE B 30 -0.67 0.30 9.56
N SER B 31 -0.76 -1.00 9.80
CA SER B 31 -0.80 -1.53 11.15
C SER B 31 0.51 -1.23 11.88
N SER B 32 1.61 -1.25 11.15
CA SER B 32 2.91 -1.00 11.73
C SER B 32 3.06 0.48 12.07
N ILE B 33 2.32 1.34 11.38
CA ILE B 33 2.34 2.77 11.65
C ILE B 33 1.80 3.06 13.04
N VAL B 34 0.61 2.54 13.34
CA VAL B 34 0.02 2.73 14.66
C VAL B 34 0.79 1.93 15.70
N GLU B 35 1.37 0.82 15.25
CA GLU B 35 2.22 -0.02 16.07
C GLU B 35 3.36 0.78 16.71
N LYS B 36 4.12 1.47 15.88
CA LYS B 36 5.28 2.22 16.37
C LYS B 36 4.94 3.69 16.62
N LYS B 37 3.63 3.95 16.73
CA LYS B 37 3.12 5.28 17.08
C LYS B 37 3.66 6.36 16.14
N GLU B 38 3.52 6.12 14.84
CA GLU B 38 4.03 7.05 13.84
C GLU B 38 2.91 7.92 13.30
N ILE B 39 1.71 7.68 13.79
CA ILE B 39 0.55 8.42 13.36
C ILE B 39 -0.27 8.86 14.58
N SER B 40 -0.98 9.96 14.45
CA SER B 40 -1.76 10.50 15.55
C SER B 40 -3.16 9.89 15.59
N GLU B 41 -3.92 10.25 16.61
CA GLU B 41 -5.23 9.65 16.89
C GLU B 41 -6.15 9.66 15.66
N ASP B 42 -6.28 10.83 15.03
CA ASP B 42 -7.16 10.98 13.86
C ASP B 42 -6.76 10.00 12.76
N GLY B 43 -5.48 9.96 12.46
CA GLY B 43 -5.00 9.08 11.41
C GLY B 43 -5.09 7.62 11.81
N ALA B 44 -4.85 7.34 13.08
CA ALA B 44 -4.89 5.97 13.59
C ALA B 44 -6.28 5.37 13.41
N ASP B 45 -7.31 6.09 13.85
CA ASP B 45 -8.69 5.62 13.70
C ASP B 45 -9.09 5.57 12.23
N SER B 46 -8.52 6.47 11.45
CA SER B 46 -8.79 6.52 10.02
C SER B 46 -8.26 5.25 9.34
N LEU B 47 -7.10 4.79 9.79
CA LEU B 47 -6.51 3.57 9.26
C LEU B 47 -7.29 2.34 9.72
N ASN B 48 -8.00 2.47 10.82
CA ASN B 48 -8.77 1.35 11.37
C ASN B 48 -9.96 1.01 10.48
N VAL B 49 -10.74 2.02 10.11
CA VAL B 49 -11.89 1.80 9.24
C VAL B 49 -11.40 1.35 7.85
N ALA B 50 -10.31 1.95 7.40
CA ALA B 50 -9.72 1.58 6.12
C ALA B 50 -9.22 0.15 6.15
N MET B 51 -8.67 -0.26 7.30
CA MET B 51 -8.11 -1.59 7.47
C MET B 51 -9.10 -2.68 7.09
N ASP B 52 -10.32 -2.57 7.63
CA ASP B 52 -11.36 -3.54 7.36
C ASP B 52 -11.75 -3.50 5.89
N CYS B 53 -11.79 -2.29 5.33
CA CYS B 53 -12.19 -2.11 3.94
C CYS B 53 -11.15 -2.67 2.97
N ILE B 54 -9.87 -2.47 3.26
CA ILE B 54 -8.81 -3.03 2.44
C ILE B 54 -8.92 -4.55 2.41
N SER B 55 -9.08 -5.12 3.60
CA SER B 55 -9.22 -6.57 3.74
C SER B 55 -10.48 -7.05 3.02
N GLU B 56 -11.58 -6.34 3.24
CA GLU B 56 -12.87 -6.65 2.63
C GLU B 56 -12.79 -6.60 1.11
N ALA B 57 -12.13 -5.56 0.60
CA ALA B 57 -12.02 -5.34 -0.84
C ALA B 57 -11.35 -6.51 -1.54
N PHE B 58 -10.27 -7.01 -0.97
CA PHE B 58 -9.52 -8.10 -1.57
C PHE B 58 -10.13 -9.45 -1.22
N GLY B 59 -10.79 -9.51 -0.07
CA GLY B 59 -11.48 -10.72 0.32
C GLY B 59 -10.69 -11.55 1.32
N PHE B 60 -9.99 -10.89 2.22
CA PHE B 60 -9.26 -11.60 3.26
C PHE B 60 -9.56 -10.97 4.61
N GLU B 61 -9.26 -11.71 5.67
CA GLU B 61 -9.51 -11.24 7.02
C GLU B 61 -8.30 -10.46 7.53
N ARG B 62 -8.56 -9.47 8.37
CA ARG B 62 -7.51 -8.63 8.94
C ARG B 62 -6.56 -9.47 9.80
N GLU B 63 -7.06 -10.56 10.35
CA GLU B 63 -6.24 -11.47 11.13
C GLU B 63 -5.62 -12.54 10.23
N ALA B 64 -5.98 -12.54 8.96
CA ALA B 64 -5.48 -13.53 8.02
C ALA B 64 -4.23 -13.03 7.31
N VAL B 65 -3.90 -11.76 7.53
CA VAL B 65 -2.69 -11.18 6.93
C VAL B 65 -1.45 -11.92 7.43
N SER B 66 -1.49 -12.37 8.67
CA SER B 66 -0.39 -13.13 9.24
C SER B 66 -0.22 -14.45 8.49
N GLY B 67 -1.33 -15.02 8.04
CA GLY B 67 -1.28 -16.24 7.26
C GLY B 67 -0.76 -16.00 5.87
N ILE B 68 -1.22 -14.91 5.26
CA ILE B 68 -0.77 -14.54 3.92
C ILE B 68 0.73 -14.26 3.91
N LEU B 69 1.19 -13.47 4.89
CA LEU B 69 2.60 -13.13 4.99
C LEU B 69 3.42 -14.28 5.57
N GLY B 70 2.75 -15.41 5.79
CA GLY B 70 3.43 -16.60 6.25
C GLY B 70 3.22 -17.76 5.29
N LYS B 71 2.75 -17.44 4.11
CA LYS B 71 2.46 -18.45 3.09
C LYS B 71 2.89 -17.94 1.72
N SER B 72 2.45 -16.73 1.39
CA SER B 72 2.79 -16.10 0.12
C SER B 72 4.22 -15.56 0.16
N GLU B 73 4.71 -15.12 -0.99
CA GLU B 73 6.15 -14.90 -1.20
C GLU B 73 6.70 -13.68 -0.47
N PHE B 74 5.85 -12.72 -0.17
CA PHE B 74 6.30 -11.46 0.42
C PHE B 74 6.34 -11.54 1.94
N LYS B 75 7.14 -12.46 2.45
CA LYS B 75 7.38 -12.56 3.89
C LYS B 75 8.69 -11.87 4.23
N GLY B 76 8.68 -11.09 5.29
CA GLY B 76 9.87 -10.37 5.70
C GLY B 76 9.78 -8.90 5.36
N GLN B 77 10.27 -8.07 6.28
CA GLN B 77 10.32 -6.62 6.08
C GLN B 77 8.93 -6.00 6.01
N HIS B 78 8.88 -4.69 5.83
CA HIS B 78 7.62 -3.98 5.65
C HIS B 78 7.52 -3.50 4.21
N LEU B 79 6.34 -3.03 3.82
CA LEU B 79 6.15 -2.52 2.46
C LEU B 79 7.14 -1.40 2.17
N ALA B 80 7.33 -0.51 3.13
CA ALA B 80 8.20 0.64 2.96
C ALA B 80 9.66 0.22 2.76
N ASP B 81 10.08 -0.84 3.46
CA ASP B 81 11.44 -1.37 3.32
C ASP B 81 11.71 -1.72 1.87
N ILE B 82 10.72 -2.33 1.24
CA ILE B 82 10.78 -2.66 -0.18
C ILE B 82 10.99 -1.41 -1.01
N LEU B 83 10.18 -0.38 -0.74
CA LEU B 83 10.25 0.87 -1.48
C LEU B 83 11.56 1.61 -1.21
N ASN B 84 12.12 1.41 -0.01
CA ASN B 84 13.41 2.00 0.35
C ASN B 84 14.49 1.52 -0.60
N SER B 85 14.48 0.22 -0.89
CA SER B 85 15.48 -0.38 -1.75
C SER B 85 15.09 -0.26 -3.23
N ALA B 86 13.80 -0.14 -3.49
CA ALA B 86 13.31 -0.09 -4.86
C ALA B 86 12.79 1.30 -5.22
N SER B 87 13.64 2.31 -5.05
CA SER B 87 13.29 3.66 -5.41
C SER B 87 13.58 3.90 -6.89
N ARG B 88 12.56 3.70 -7.72
CA ARG B 88 12.71 3.82 -9.16
C ARG B 88 12.90 5.28 -9.60
N VAL B 89 13.89 5.50 -10.45
CA VAL B 89 14.14 6.81 -11.02
C VAL B 89 14.12 6.73 -12.55
N PRO B 90 12.93 6.87 -13.15
CA PRO B 90 12.77 6.83 -14.61
C PRO B 90 13.49 7.97 -15.31
N GLU B 91 14.62 7.66 -15.94
CA GLU B 91 15.41 8.64 -16.66
C GLU B 91 14.83 8.88 -18.04
N SER B 92 14.62 10.14 -18.38
CA SER B 92 14.06 10.51 -19.67
C SER B 92 14.40 11.96 -19.99
N MET A 14 15.47 5.12 -5.62
CA MET A 14 15.67 5.28 -4.16
C MET A 14 15.98 6.73 -3.84
N MET A 15 15.23 7.28 -2.89
CA MET A 15 15.43 8.65 -2.43
C MET A 15 15.00 8.77 -0.97
N SER A 16 13.73 8.53 -0.72
CA SER A 16 13.17 8.57 0.61
C SER A 16 11.90 7.73 0.64
N ALA A 17 11.43 7.43 1.83
CA ALA A 17 10.21 6.67 2.00
C ALA A 17 9.39 7.26 3.14
N SER A 18 8.89 8.46 2.92
CA SER A 18 8.05 9.13 3.91
C SER A 18 6.63 8.58 3.84
N LYS A 19 5.90 8.60 4.94
CA LYS A 19 4.57 8.00 4.97
C LYS A 19 3.68 8.53 3.83
N GLU A 20 3.73 9.84 3.60
CA GLU A 20 2.94 10.47 2.54
C GLU A 20 3.29 9.91 1.17
N GLU A 21 4.57 9.64 0.94
CA GLU A 21 5.06 9.15 -0.34
C GLU A 21 4.61 7.72 -0.56
N ILE A 22 4.61 6.95 0.52
CA ILE A 22 4.20 5.56 0.50
C ILE A 22 2.70 5.46 0.25
N ALA A 23 1.93 6.25 0.98
CA ALA A 23 0.49 6.28 0.83
C ALA A 23 0.10 6.69 -0.58
N ALA A 24 0.94 7.50 -1.20
CA ALA A 24 0.75 7.93 -2.59
C ALA A 24 0.63 6.71 -3.51
N LEU A 25 1.58 5.79 -3.41
CA LEU A 25 1.55 4.58 -4.22
C LEU A 25 0.41 3.67 -3.77
N ILE A 26 0.14 3.66 -2.48
CA ILE A 26 -0.92 2.82 -1.93
C ILE A 26 -2.28 3.21 -2.51
N VAL A 27 -2.63 4.48 -2.42
CA VAL A 27 -3.91 4.96 -2.96
C VAL A 27 -3.91 4.91 -4.48
N ASN A 28 -2.74 5.08 -5.08
CA ASN A 28 -2.61 4.98 -6.53
C ASN A 28 -2.94 3.57 -7.00
N TYR A 29 -2.43 2.58 -6.28
CA TYR A 29 -2.69 1.19 -6.62
C TYR A 29 -4.18 0.87 -6.54
N PHE A 30 -4.81 1.27 -5.43
CA PHE A 30 -6.24 1.04 -5.27
C PHE A 30 -7.02 1.70 -6.41
N SER A 31 -6.64 2.93 -6.74
CA SER A 31 -7.29 3.66 -7.81
C SER A 31 -7.02 2.99 -9.16
N SER A 32 -5.88 2.32 -9.27
CA SER A 32 -5.53 1.60 -10.49
C SER A 32 -6.36 0.33 -10.62
N ILE A 33 -6.70 -0.28 -9.49
CA ILE A 33 -7.53 -1.48 -9.49
C ILE A 33 -8.92 -1.17 -10.01
N VAL A 34 -9.48 -0.05 -9.55
CA VAL A 34 -10.82 0.36 -9.99
C VAL A 34 -10.77 1.01 -11.36
N GLU A 35 -9.58 1.48 -11.75
CA GLU A 35 -9.37 2.05 -13.07
C GLU A 35 -9.60 0.99 -14.15
N LYS A 36 -9.05 -0.19 -13.92
CA LYS A 36 -9.23 -1.31 -14.85
C LYS A 36 -10.41 -2.17 -14.43
N LYS A 37 -10.91 -1.88 -13.23
CA LYS A 37 -12.03 -2.59 -12.63
C LYS A 37 -11.75 -4.09 -12.51
N GLU A 38 -10.68 -4.43 -11.79
CA GLU A 38 -10.29 -5.81 -11.60
C GLU A 38 -10.97 -6.35 -10.35
N ILE A 39 -11.20 -5.45 -9.42
CA ILE A 39 -11.80 -5.81 -8.14
C ILE A 39 -13.32 -5.78 -8.23
N SER A 40 -13.98 -6.54 -7.35
CA SER A 40 -15.43 -6.56 -7.27
C SER A 40 -15.96 -5.18 -6.90
N GLU A 41 -17.14 -4.85 -7.42
CA GLU A 41 -17.74 -3.52 -7.24
C GLU A 41 -18.03 -3.25 -5.77
N ASP A 42 -18.25 -4.31 -5.00
CA ASP A 42 -18.47 -4.18 -3.57
C ASP A 42 -17.17 -3.76 -2.89
N GLY A 43 -16.08 -4.40 -3.29
CA GLY A 43 -14.77 -4.07 -2.75
C GLY A 43 -14.30 -2.71 -3.19
N ALA A 44 -14.65 -2.33 -4.41
CA ALA A 44 -14.33 -1.02 -4.93
C ALA A 44 -14.98 0.06 -4.07
N ASP A 45 -16.20 -0.22 -3.61
CA ASP A 45 -16.94 0.71 -2.77
C ASP A 45 -16.26 0.88 -1.41
N SER A 46 -15.80 -0.21 -0.83
CA SER A 46 -15.12 -0.15 0.46
C SER A 46 -13.76 0.54 0.32
N LEU A 47 -13.16 0.41 -0.85
CA LEU A 47 -11.91 1.12 -1.12
C LEU A 47 -12.16 2.62 -1.25
N ASN A 48 -13.37 2.99 -1.67
CA ASN A 48 -13.74 4.39 -1.82
C ASN A 48 -13.69 5.12 -0.47
N VAL A 49 -14.40 4.60 0.51
CA VAL A 49 -14.41 5.20 1.85
C VAL A 49 -13.02 5.13 2.46
N ALA A 50 -12.31 4.03 2.21
CA ALA A 50 -10.96 3.84 2.71
C ALA A 50 -10.01 4.87 2.10
N MET A 51 -10.26 5.22 0.84
CA MET A 51 -9.41 6.13 0.09
C MET A 51 -9.29 7.47 0.80
N ASP A 52 -10.43 8.06 1.12
CA ASP A 52 -10.45 9.34 1.81
C ASP A 52 -9.90 9.21 3.23
N CYS A 53 -10.12 8.05 3.84
CA CYS A 53 -9.57 7.77 5.16
C CYS A 53 -8.04 7.79 5.12
N ILE A 54 -7.47 7.09 4.14
CA ILE A 54 -6.02 7.07 3.96
C ILE A 54 -5.51 8.50 3.70
N SER A 55 -6.21 9.21 2.84
CA SER A 55 -5.84 10.56 2.47
C SER A 55 -5.85 11.49 3.69
N GLU A 56 -6.93 11.44 4.46
CA GLU A 56 -7.07 12.27 5.65
C GLU A 56 -6.04 11.88 6.70
N ALA A 57 -5.82 10.59 6.86
CA ALA A 57 -4.89 10.07 7.85
C ALA A 57 -3.47 10.60 7.62
N PHE A 58 -3.02 10.54 6.37
CA PHE A 58 -1.67 10.96 6.03
C PHE A 58 -1.61 12.46 5.77
N GLY A 59 -2.78 13.06 5.53
CA GLY A 59 -2.86 14.50 5.35
C GLY A 59 -2.58 14.96 3.94
N PHE A 60 -3.16 14.27 2.97
CA PHE A 60 -3.00 14.66 1.58
C PHE A 60 -4.31 14.47 0.82
N GLU A 61 -4.45 15.16 -0.30
CA GLU A 61 -5.64 15.06 -1.12
C GLU A 61 -5.47 14.00 -2.20
N ARG A 62 -6.58 13.36 -2.56
CA ARG A 62 -6.57 12.28 -3.54
C ARG A 62 -6.16 12.79 -4.92
N GLU A 63 -6.24 14.10 -5.12
CA GLU A 63 -5.85 14.71 -6.38
C GLU A 63 -4.41 15.24 -6.29
N ALA A 64 -3.81 15.09 -5.11
CA ALA A 64 -2.45 15.59 -4.88
C ALA A 64 -1.45 14.45 -4.89
N VAL A 65 -1.94 13.23 -5.10
CA VAL A 65 -1.08 12.06 -5.15
C VAL A 65 -0.06 12.17 -6.27
N SER A 66 -0.47 12.77 -7.38
CA SER A 66 0.40 12.97 -8.52
C SER A 66 1.56 13.90 -8.17
N GLY A 67 1.27 14.89 -7.34
CA GLY A 67 2.30 15.82 -6.88
C GLY A 67 3.29 15.14 -5.96
N ILE A 68 2.79 14.26 -5.10
CA ILE A 68 3.64 13.50 -4.19
C ILE A 68 4.55 12.55 -4.99
N LEU A 69 3.98 11.93 -6.00
CA LEU A 69 4.73 11.01 -6.85
C LEU A 69 5.68 11.78 -7.78
N GLY A 70 5.65 13.09 -7.67
CA GLY A 70 6.58 13.92 -8.42
C GLY A 70 7.69 14.44 -7.54
N LYS A 71 7.61 14.13 -6.25
CA LYS A 71 8.61 14.58 -5.28
C LYS A 71 9.84 13.68 -5.33
N SER A 72 9.59 12.38 -5.37
CA SER A 72 10.65 11.39 -5.39
C SER A 72 10.47 10.45 -6.57
N GLU A 73 11.00 9.24 -6.47
CA GLU A 73 10.84 8.24 -7.51
C GLU A 73 9.41 7.71 -7.55
N PHE A 74 9.23 6.45 -7.18
CA PHE A 74 7.90 5.82 -7.13
C PHE A 74 7.16 6.02 -8.44
N LYS A 75 7.88 5.87 -9.55
CA LYS A 75 7.33 6.14 -10.86
C LYS A 75 7.78 5.08 -11.86
N GLY A 76 7.11 5.04 -13.00
CA GLY A 76 7.43 4.06 -14.03
C GLY A 76 6.86 2.69 -13.71
N GLN A 77 7.16 2.19 -12.52
CA GLN A 77 6.64 0.93 -12.05
C GLN A 77 5.50 1.17 -11.08
N HIS A 78 4.47 0.31 -11.15
CA HIS A 78 3.34 0.42 -10.24
C HIS A 78 3.72 -0.19 -8.90
N LEU A 79 2.84 -0.06 -7.92
CA LEU A 79 3.10 -0.60 -6.58
C LEU A 79 3.46 -2.08 -6.66
N ALA A 80 2.65 -2.84 -7.39
CA ALA A 80 2.86 -4.28 -7.51
C ALA A 80 4.18 -4.61 -8.20
N ASP A 81 4.49 -3.88 -9.27
CA ASP A 81 5.74 -4.08 -10.00
C ASP A 81 6.91 -3.84 -9.07
N ILE A 82 6.80 -2.80 -8.26
CA ILE A 82 7.80 -2.45 -7.26
C ILE A 82 7.95 -3.55 -6.21
N LEU A 83 6.84 -3.99 -5.66
CA LEU A 83 6.83 -4.98 -4.59
C LEU A 83 7.41 -6.32 -5.04
N ASN A 84 7.08 -6.74 -6.25
CA ASN A 84 7.52 -8.04 -6.76
C ASN A 84 9.01 -8.05 -7.05
N SER A 85 9.50 -6.98 -7.68
CA SER A 85 10.88 -6.92 -8.14
C SER A 85 11.88 -6.76 -6.99
N ALA A 86 11.36 -6.58 -5.78
CA ALA A 86 12.20 -6.29 -4.61
C ALA A 86 13.01 -7.50 -4.12
N SER A 87 13.89 -8.00 -4.98
CA SER A 87 14.87 -9.01 -4.61
C SER A 87 14.21 -10.29 -4.08
N ARG A 88 15.02 -11.15 -3.48
CA ARG A 88 14.55 -12.34 -2.79
C ARG A 88 15.10 -12.36 -1.37
N VAL A 89 14.24 -12.68 -0.42
CA VAL A 89 14.62 -12.67 0.99
C VAL A 89 14.22 -13.97 1.66
N PRO A 90 15.11 -14.97 1.66
CA PRO A 90 14.87 -16.25 2.33
C PRO A 90 15.08 -16.14 3.83
N GLU A 91 14.02 -15.77 4.56
CA GLU A 91 14.09 -15.69 6.01
C GLU A 91 14.23 -17.08 6.61
N SER A 92 15.41 -17.39 7.10
CA SER A 92 15.68 -18.69 7.70
C SER A 92 15.40 -18.65 9.21
N MET B 14 11.15 -11.89 -5.58
CA MET B 14 10.22 -11.86 -6.74
C MET B 14 9.59 -13.23 -6.94
N MET B 15 8.26 -13.25 -7.00
CA MET B 15 7.50 -14.49 -7.23
C MET B 15 6.21 -14.16 -7.97
N SER B 16 5.36 -13.38 -7.32
CA SER B 16 4.11 -12.96 -7.89
C SER B 16 3.66 -11.68 -7.19
N ALA B 17 2.69 -11.01 -7.79
CA ALA B 17 2.12 -9.80 -7.21
C ALA B 17 0.62 -9.80 -7.36
N SER B 18 -0.03 -10.71 -6.65
CA SER B 18 -1.49 -10.79 -6.68
C SER B 18 -2.07 -9.73 -5.75
N LYS B 19 -3.28 -9.25 -6.05
CA LYS B 19 -3.86 -8.16 -5.27
C LYS B 19 -3.86 -8.47 -3.76
N GLU B 20 -4.21 -9.71 -3.41
CA GLU B 20 -4.24 -10.13 -2.01
C GLU B 20 -2.86 -10.00 -1.36
N GLU B 21 -1.82 -10.34 -2.10
CA GLU B 21 -0.44 -10.32 -1.61
C GLU B 21 0.02 -8.88 -1.39
N ILE B 22 -0.39 -8.02 -2.30
CA ILE B 22 -0.06 -6.61 -2.23
C ILE B 22 -0.76 -5.95 -1.06
N ALA B 23 -2.06 -6.21 -0.93
CA ALA B 23 -2.85 -5.68 0.15
C ALA B 23 -2.29 -6.12 1.50
N ALA B 24 -1.69 -7.31 1.51
CA ALA B 24 -1.06 -7.85 2.71
C ALA B 24 -0.01 -6.88 3.23
N LEU B 25 0.90 -6.43 2.37
CA LEU B 25 1.91 -5.47 2.76
C LEU B 25 1.29 -4.11 3.06
N ILE B 26 0.26 -3.75 2.30
CA ILE B 26 -0.42 -2.48 2.49
C ILE B 26 -1.01 -2.37 3.90
N VAL B 27 -1.81 -3.35 4.29
CA VAL B 27 -2.42 -3.35 5.62
C VAL B 27 -1.37 -3.56 6.71
N ASN B 28 -0.32 -4.30 6.37
CA ASN B 28 0.78 -4.52 7.30
C ASN B 28 1.48 -3.20 7.62
N TYR B 29 1.71 -2.40 6.58
CA TYR B 29 2.35 -1.11 6.76
C TYR B 29 1.52 -0.21 7.66
N PHE B 30 0.23 -0.09 7.37
CA PHE B 30 -0.68 0.71 8.18
C PHE B 30 -0.65 0.25 9.64
N SER B 31 -0.69 -1.06 9.82
CA SER B 31 -0.66 -1.64 11.16
C SER B 31 0.69 -1.39 11.82
N SER B 32 1.73 -1.27 11.02
CA SER B 32 3.07 -0.98 11.52
C SER B 32 3.17 0.47 11.97
N ILE B 33 2.44 1.36 11.29
CA ILE B 33 2.43 2.78 11.63
C ILE B 33 1.81 2.97 13.00
N VAL B 34 0.70 2.28 13.25
CA VAL B 34 0.02 2.39 14.53
C VAL B 34 0.71 1.54 15.59
N GLU B 35 1.50 0.58 15.15
CA GLU B 35 2.29 -0.25 16.06
C GLU B 35 3.31 0.61 16.80
N LYS B 36 3.99 1.47 16.06
CA LYS B 36 4.96 2.38 16.65
C LYS B 36 4.31 3.72 17.00
N LYS B 37 3.07 3.87 16.54
CA LYS B 37 2.27 5.07 16.74
C LYS B 37 2.98 6.31 16.21
N GLU B 38 3.28 6.30 14.91
CA GLU B 38 3.96 7.42 14.28
C GLU B 38 2.91 8.39 13.75
N ILE B 39 1.77 7.84 13.40
CA ILE B 39 0.69 8.63 12.83
C ILE B 39 -0.19 9.22 13.93
N SER B 40 -0.88 10.31 13.62
CA SER B 40 -1.80 10.94 14.53
C SER B 40 -2.95 9.99 14.87
N GLU B 41 -3.45 10.09 16.10
CA GLU B 41 -4.48 9.17 16.60
C GLU B 41 -5.77 9.30 15.79
N ASP B 42 -5.99 10.48 15.22
CA ASP B 42 -7.15 10.70 14.35
C ASP B 42 -6.99 9.92 13.05
N GLY B 43 -5.79 9.96 12.50
CA GLY B 43 -5.49 9.24 11.28
C GLY B 43 -5.45 7.74 11.51
N ALA B 44 -5.00 7.33 12.69
CA ALA B 44 -5.00 5.94 13.06
C ALA B 44 -6.42 5.38 13.08
N ASP B 45 -7.35 6.22 13.52
CA ASP B 45 -8.77 5.84 13.58
C ASP B 45 -9.34 5.63 12.19
N SER B 46 -9.00 6.52 11.26
CA SER B 46 -9.49 6.42 9.90
C SER B 46 -8.85 5.22 9.20
N LEU B 47 -7.63 4.88 9.60
CA LEU B 47 -6.97 3.69 9.07
C LEU B 47 -7.66 2.42 9.60
N ASN B 48 -8.27 2.52 10.77
CA ASN B 48 -8.97 1.38 11.36
C ASN B 48 -10.13 0.94 10.49
N VAL B 49 -11.03 1.89 10.19
CA VAL B 49 -12.18 1.58 9.34
C VAL B 49 -11.72 1.18 7.94
N ALA B 50 -10.67 1.83 7.46
CA ALA B 50 -10.11 1.53 6.16
C ALA B 50 -9.54 0.12 6.13
N MET B 51 -8.99 -0.32 7.26
CA MET B 51 -8.32 -1.62 7.37
C MET B 51 -9.29 -2.74 7.01
N ASP B 52 -10.44 -2.74 7.65
CA ASP B 52 -11.44 -3.76 7.40
C ASP B 52 -12.02 -3.62 5.99
N CYS B 53 -12.08 -2.39 5.50
CA CYS B 53 -12.53 -2.13 4.14
C CYS B 53 -11.58 -2.79 3.14
N ILE B 54 -10.28 -2.57 3.32
CA ILE B 54 -9.26 -3.17 2.47
C ILE B 54 -9.37 -4.70 2.54
N SER B 55 -9.50 -5.20 3.76
CA SER B 55 -9.57 -6.64 4.01
C SER B 55 -10.79 -7.25 3.31
N GLU B 56 -11.96 -6.63 3.49
CA GLU B 56 -13.18 -7.10 2.87
C GLU B 56 -13.12 -7.00 1.34
N ALA B 57 -12.55 -5.89 0.87
CA ALA B 57 -12.44 -5.65 -0.57
C ALA B 57 -11.64 -6.75 -1.26
N PHE B 58 -10.49 -7.08 -0.70
CA PHE B 58 -9.61 -8.08 -1.30
C PHE B 58 -10.01 -9.49 -0.88
N GLY B 59 -10.80 -9.59 0.18
CA GLY B 59 -11.34 -10.87 0.60
C GLY B 59 -10.40 -11.64 1.50
N PHE B 60 -9.80 -10.96 2.47
CA PHE B 60 -8.91 -11.62 3.43
C PHE B 60 -9.13 -11.05 4.82
N GLU B 61 -8.73 -11.80 5.83
CA GLU B 61 -8.87 -11.37 7.22
C GLU B 61 -7.61 -10.68 7.68
N ARG B 62 -7.77 -9.71 8.58
CA ARG B 62 -6.66 -8.91 9.11
C ARG B 62 -5.69 -9.77 9.90
N GLU B 63 -6.14 -10.94 10.32
CA GLU B 63 -5.29 -11.87 11.04
C GLU B 63 -4.70 -12.91 10.10
N ALA B 64 -5.06 -12.84 8.83
CA ALA B 64 -4.60 -13.79 7.84
C ALA B 64 -3.50 -13.19 6.97
N VAL B 65 -3.16 -11.94 7.24
CA VAL B 65 -2.14 -11.23 6.48
C VAL B 65 -0.79 -11.95 6.62
N SER B 66 -0.53 -12.52 7.79
CA SER B 66 0.70 -13.25 8.05
C SER B 66 0.78 -14.50 7.17
N GLY B 67 -0.37 -15.12 6.95
CA GLY B 67 -0.43 -16.29 6.09
C GLY B 67 -0.17 -15.94 4.63
N ILE B 68 -0.69 -14.79 4.21
CA ILE B 68 -0.48 -14.31 2.85
C ILE B 68 0.99 -13.96 2.64
N LEU B 69 1.59 -13.34 3.65
CA LEU B 69 3.01 -12.97 3.59
C LEU B 69 3.90 -14.21 3.74
N GLY B 70 3.27 -15.37 3.91
CA GLY B 70 4.01 -16.61 3.95
C GLY B 70 3.87 -17.39 2.66
N LYS B 71 3.07 -16.86 1.74
CA LYS B 71 2.85 -17.50 0.46
C LYS B 71 4.00 -17.19 -0.51
N SER B 72 4.39 -15.94 -0.53
CA SER B 72 5.47 -15.49 -1.41
C SER B 72 6.54 -14.77 -0.60
N GLU B 73 7.29 -13.89 -1.25
CA GLU B 73 8.32 -13.11 -0.57
C GLU B 73 7.69 -12.06 0.35
N PHE B 74 7.84 -10.79 -0.01
CA PHE B 74 7.25 -9.68 0.74
C PHE B 74 7.61 -9.78 2.22
N LYS B 75 8.86 -10.13 2.49
CA LYS B 75 9.31 -10.38 3.85
C LYS B 75 10.70 -9.78 4.08
N GLY B 76 11.08 -9.66 5.34
CA GLY B 76 12.37 -9.10 5.68
C GLY B 76 12.37 -7.58 5.61
N GLN B 77 11.94 -7.07 4.48
CA GLN B 77 11.83 -5.63 4.28
C GLN B 77 10.38 -5.21 4.39
N HIS B 78 10.15 -4.05 5.00
CA HIS B 78 8.80 -3.51 5.13
C HIS B 78 8.37 -2.89 3.81
N LEU B 79 7.11 -2.47 3.73
CA LEU B 79 6.60 -1.88 2.51
C LEU B 79 7.47 -0.70 2.07
N ALA B 80 7.79 0.19 3.00
CA ALA B 80 8.59 1.37 2.70
C ALA B 80 9.99 1.00 2.24
N ASP B 81 10.61 0.04 2.93
CA ASP B 81 11.95 -0.43 2.56
C ASP B 81 11.93 -0.96 1.14
N ILE B 82 10.88 -1.70 0.82
CA ILE B 82 10.69 -2.25 -0.52
C ILE B 82 10.52 -1.15 -1.56
N LEU B 83 9.64 -0.20 -1.27
CA LEU B 83 9.32 0.88 -2.20
C LEU B 83 10.53 1.76 -2.50
N ASN B 84 11.32 2.05 -1.49
CA ASN B 84 12.46 2.95 -1.64
C ASN B 84 13.57 2.29 -2.45
N SER B 85 13.85 1.03 -2.15
CA SER B 85 14.99 0.33 -2.75
C SER B 85 14.74 -0.03 -4.21
N ALA B 86 13.55 0.25 -4.71
CA ALA B 86 13.14 -0.15 -6.05
C ALA B 86 13.80 0.68 -7.16
N SER B 87 15.13 0.62 -7.23
CA SER B 87 15.90 1.19 -8.33
C SER B 87 15.66 2.70 -8.48
N ARG B 88 16.11 3.24 -9.60
CA ARG B 88 15.84 4.61 -9.98
C ARG B 88 15.21 4.65 -11.37
N VAL B 89 14.17 5.45 -11.53
CA VAL B 89 13.45 5.53 -12.78
C VAL B 89 13.28 6.98 -13.21
N PRO B 90 14.23 7.51 -14.00
CA PRO B 90 14.16 8.86 -14.52
C PRO B 90 13.22 8.95 -15.73
N GLU B 91 11.95 9.18 -15.47
CA GLU B 91 10.96 9.33 -16.54
C GLU B 91 11.21 10.63 -17.30
N SER B 92 11.73 10.50 -18.51
CA SER B 92 12.02 11.65 -19.34
C SER B 92 10.81 11.99 -20.21
N MET A 14 16.27 9.89 -4.34
CA MET A 14 17.21 8.77 -4.12
C MET A 14 16.78 7.93 -2.91
N MET A 15 15.93 6.93 -3.17
CA MET A 15 15.44 6.02 -2.13
C MET A 15 14.63 6.75 -1.08
N SER A 16 14.29 6.02 -0.01
CA SER A 16 13.57 6.58 1.13
C SER A 16 12.26 7.24 0.72
N ALA A 17 11.24 6.42 0.49
CA ALA A 17 9.91 6.92 0.22
C ALA A 17 9.31 7.47 1.52
N SER A 18 8.85 8.71 1.48
CA SER A 18 8.29 9.34 2.66
C SER A 18 6.88 8.81 2.90
N LYS A 19 6.33 9.05 4.10
CA LYS A 19 5.00 8.55 4.47
C LYS A 19 3.96 8.90 3.41
N GLU A 20 3.87 10.19 3.09
CA GLU A 20 2.93 10.69 2.09
C GLU A 20 3.15 10.02 0.73
N GLU A 21 4.41 9.74 0.41
CA GLU A 21 4.79 9.21 -0.88
C GLU A 21 4.44 7.73 -0.99
N ILE A 22 4.61 7.02 0.11
CA ILE A 22 4.20 5.62 0.19
C ILE A 22 2.69 5.52 0.04
N ALA A 23 1.98 6.32 0.84
CA ALA A 23 0.53 6.34 0.82
C ALA A 23 0.00 6.72 -0.56
N ALA A 24 0.71 7.61 -1.23
CA ALA A 24 0.36 8.04 -2.58
C ALA A 24 0.31 6.83 -3.52
N LEU A 25 1.30 5.96 -3.41
CA LEU A 25 1.34 4.75 -4.22
C LEU A 25 0.27 3.76 -3.78
N ILE A 26 0.00 3.74 -2.49
CA ILE A 26 -1.01 2.85 -1.94
C ILE A 26 -2.39 3.17 -2.52
N VAL A 27 -2.77 4.44 -2.46
CA VAL A 27 -4.04 4.86 -3.01
C VAL A 27 -4.01 4.83 -4.54
N ASN A 28 -2.82 5.03 -5.11
CA ASN A 28 -2.62 4.92 -6.56
C ASN A 28 -2.92 3.50 -7.02
N TYR A 29 -2.44 2.53 -6.27
CA TYR A 29 -2.69 1.13 -6.56
C TYR A 29 -4.18 0.84 -6.59
N PHE A 30 -4.87 1.25 -5.53
CA PHE A 30 -6.32 1.06 -5.43
C PHE A 30 -7.03 1.79 -6.56
N SER A 31 -6.58 3.02 -6.84
CA SER A 31 -7.15 3.82 -7.91
C SER A 31 -6.97 3.11 -9.25
N SER A 32 -5.79 2.52 -9.45
CA SER A 32 -5.49 1.78 -10.67
C SER A 32 -6.38 0.53 -10.77
N ILE A 33 -6.59 -0.13 -9.63
CA ILE A 33 -7.43 -1.31 -9.57
C ILE A 33 -8.84 -1.00 -10.06
N VAL A 34 -9.44 0.05 -9.51
CA VAL A 34 -10.81 0.42 -9.87
C VAL A 34 -10.87 1.05 -11.26
N GLU A 35 -9.76 1.64 -11.68
CA GLU A 35 -9.67 2.29 -12.99
C GLU A 35 -9.87 1.29 -14.12
N LYS A 36 -9.22 0.14 -14.01
CA LYS A 36 -9.32 -0.88 -15.04
C LYS A 36 -10.31 -1.98 -14.63
N LYS A 37 -11.02 -1.71 -13.54
CA LYS A 37 -11.98 -2.65 -12.97
C LYS A 37 -11.35 -4.02 -12.77
N GLU A 38 -10.31 -4.04 -11.95
CA GLU A 38 -9.55 -5.26 -11.68
C GLU A 38 -10.11 -5.93 -10.44
N ILE A 39 -11.00 -5.22 -9.76
CA ILE A 39 -11.62 -5.70 -8.54
C ILE A 39 -13.13 -5.74 -8.71
N SER A 40 -13.80 -6.53 -7.88
CA SER A 40 -15.25 -6.63 -7.91
C SER A 40 -15.88 -5.34 -7.41
N GLU A 41 -17.11 -5.05 -7.82
CA GLU A 41 -17.76 -3.78 -7.48
C GLU A 41 -17.77 -3.53 -5.96
N ASP A 42 -18.09 -4.57 -5.20
CA ASP A 42 -18.12 -4.47 -3.74
C ASP A 42 -16.74 -4.11 -3.19
N GLY A 43 -15.71 -4.62 -3.84
CA GLY A 43 -14.35 -4.32 -3.43
C GLY A 43 -13.94 -2.91 -3.80
N ALA A 44 -14.41 -2.46 -4.96
CA ALA A 44 -14.17 -1.09 -5.40
C ALA A 44 -14.87 -0.12 -4.46
N ASP A 45 -16.03 -0.52 -3.98
CA ASP A 45 -16.82 0.30 -3.07
C ASP A 45 -16.10 0.46 -1.73
N SER A 46 -15.57 -0.63 -1.20
CA SER A 46 -14.84 -0.59 0.06
C SER A 46 -13.55 0.20 -0.09
N LEU A 47 -12.96 0.17 -1.28
CA LEU A 47 -11.77 0.96 -1.57
C LEU A 47 -12.09 2.45 -1.63
N ASN A 48 -13.36 2.78 -1.84
CA ASN A 48 -13.77 4.17 -1.90
C ASN A 48 -13.77 4.80 -0.51
N VAL A 49 -14.40 4.12 0.46
CA VAL A 49 -14.41 4.62 1.83
C VAL A 49 -13.00 4.60 2.41
N ALA A 50 -12.21 3.63 1.96
CA ALA A 50 -10.81 3.54 2.35
C ALA A 50 -10.03 4.72 1.78
N MET A 51 -10.31 5.04 0.53
CA MET A 51 -9.61 6.11 -0.19
C MET A 51 -9.58 7.40 0.61
N ASP A 52 -10.74 7.78 1.12
CA ASP A 52 -10.86 9.01 1.88
C ASP A 52 -10.06 8.96 3.17
N CYS A 53 -10.24 7.88 3.94
CA CYS A 53 -9.60 7.78 5.25
C CYS A 53 -8.10 7.57 5.14
N ILE A 54 -7.65 6.82 4.14
CA ILE A 54 -6.20 6.64 3.90
C ILE A 54 -5.56 7.99 3.64
N SER A 55 -6.14 8.73 2.70
CA SER A 55 -5.62 10.02 2.30
C SER A 55 -5.68 11.01 3.47
N GLU A 56 -6.77 10.96 4.22
CA GLU A 56 -6.98 11.87 5.35
C GLU A 56 -6.02 11.54 6.49
N ALA A 57 -5.69 10.26 6.64
CA ALA A 57 -4.80 9.80 7.70
C ALA A 57 -3.42 10.44 7.58
N PHE A 58 -2.84 10.35 6.38
CA PHE A 58 -1.51 10.87 6.14
C PHE A 58 -1.52 12.38 5.99
N GLY A 59 -2.70 12.94 5.74
CA GLY A 59 -2.84 14.38 5.69
C GLY A 59 -2.65 14.94 4.30
N PHE A 60 -3.23 14.29 3.31
CA PHE A 60 -3.21 14.81 1.94
C PHE A 60 -4.53 14.51 1.25
N GLU A 61 -4.71 15.03 0.05
CA GLU A 61 -5.94 14.83 -0.69
C GLU A 61 -5.68 13.95 -1.92
N ARG A 62 -6.72 13.26 -2.34
CA ARG A 62 -6.63 12.33 -3.47
C ARG A 62 -6.31 13.07 -4.77
N GLU A 63 -6.53 14.37 -4.79
CA GLU A 63 -6.22 15.19 -5.95
C GLU A 63 -4.74 15.59 -5.96
N ALA A 64 -4.04 15.27 -4.88
CA ALA A 64 -2.64 15.65 -4.76
C ALA A 64 -1.73 14.44 -4.92
N VAL A 65 -2.32 13.28 -5.19
CA VAL A 65 -1.55 12.05 -5.29
C VAL A 65 -0.54 12.11 -6.45
N SER A 66 -0.96 12.69 -7.56
CA SER A 66 -0.09 12.80 -8.73
C SER A 66 1.09 13.74 -8.43
N GLY A 67 0.82 14.79 -7.68
CA GLY A 67 1.87 15.72 -7.29
C GLY A 67 2.89 15.06 -6.38
N ILE A 68 2.40 14.28 -5.42
CA ILE A 68 3.28 13.56 -4.51
C ILE A 68 4.11 12.53 -5.26
N LEU A 69 3.46 11.78 -6.15
CA LEU A 69 4.14 10.75 -6.93
C LEU A 69 5.20 11.35 -7.84
N GLY A 70 4.88 12.49 -8.44
CA GLY A 70 5.84 13.18 -9.28
C GLY A 70 7.07 13.62 -8.51
N LYS A 71 6.86 13.93 -7.24
CA LYS A 71 7.96 14.35 -6.37
C LYS A 71 8.75 13.16 -5.86
N SER A 72 8.07 12.05 -5.63
CA SER A 72 8.69 10.87 -5.06
C SER A 72 9.56 10.14 -6.08
N GLU A 73 10.10 9.00 -5.69
CA GLU A 73 10.88 8.16 -6.58
C GLU A 73 10.00 7.61 -7.70
N PHE A 74 8.82 7.14 -7.33
CA PHE A 74 8.02 6.30 -8.20
C PHE A 74 6.97 7.10 -8.96
N LYS A 75 7.43 7.91 -9.90
CA LYS A 75 6.54 8.61 -10.81
C LYS A 75 6.41 7.83 -12.11
N GLY A 76 5.19 7.44 -12.44
CA GLY A 76 4.95 6.63 -13.61
C GLY A 76 4.91 5.16 -13.28
N GLN A 77 4.96 4.86 -11.99
CA GLN A 77 4.96 3.49 -11.50
C GLN A 77 3.86 3.31 -10.46
N HIS A 78 3.23 2.15 -10.48
CA HIS A 78 2.22 1.84 -9.47
C HIS A 78 2.85 1.03 -8.36
N LEU A 79 2.22 1.01 -7.19
CA LEU A 79 2.77 0.26 -6.05
C LEU A 79 3.04 -1.19 -6.43
N ALA A 80 2.09 -1.79 -7.12
CA ALA A 80 2.16 -3.20 -7.47
C ALA A 80 3.31 -3.48 -8.43
N ASP A 81 3.64 -2.52 -9.29
CA ASP A 81 4.77 -2.69 -10.21
C ASP A 81 6.05 -2.92 -9.44
N ILE A 82 6.17 -2.17 -8.35
CA ILE A 82 7.30 -2.31 -7.44
C ILE A 82 7.38 -3.72 -6.86
N LEU A 83 6.28 -4.18 -6.30
CA LEU A 83 6.24 -5.49 -5.64
C LEU A 83 6.30 -6.63 -6.66
N ASN A 84 5.86 -6.35 -7.88
CA ASN A 84 5.86 -7.36 -8.93
C ASN A 84 7.27 -7.61 -9.43
N SER A 85 8.08 -6.56 -9.46
CA SER A 85 9.46 -6.67 -9.93
C SER A 85 10.38 -7.10 -8.79
N ALA A 86 9.92 -6.97 -7.55
CA ALA A 86 10.71 -7.35 -6.39
C ALA A 86 10.57 -8.84 -6.10
N SER A 87 11.54 -9.41 -5.41
CA SER A 87 11.52 -10.83 -5.09
C SER A 87 12.26 -11.10 -3.79
N ARG A 88 11.72 -12.02 -3.00
CA ARG A 88 12.33 -12.41 -1.74
C ARG A 88 12.18 -13.91 -1.53
N VAL A 89 13.19 -14.66 -1.95
CA VAL A 89 13.20 -16.10 -1.77
C VAL A 89 14.18 -16.47 -0.66
N PRO A 90 13.67 -17.08 0.43
CA PRO A 90 14.49 -17.38 1.60
C PRO A 90 15.38 -18.60 1.39
N GLU A 91 16.46 -18.66 2.15
CA GLU A 91 17.37 -19.79 2.11
C GLU A 91 17.41 -20.46 3.47
N SER A 92 17.76 -21.75 3.49
CA SER A 92 17.78 -22.51 4.72
C SER A 92 19.10 -22.32 5.47
N MET B 14 8.82 -16.30 -6.19
CA MET B 14 9.70 -15.63 -7.18
C MET B 14 8.97 -14.50 -7.90
N MET B 15 9.03 -13.30 -7.32
CA MET B 15 8.41 -12.11 -7.89
C MET B 15 6.90 -12.25 -7.98
N SER B 16 6.27 -11.28 -8.62
CA SER B 16 4.83 -11.27 -8.86
C SER B 16 4.03 -11.40 -7.57
N ALA B 17 3.91 -10.29 -6.85
CA ALA B 17 3.06 -10.24 -5.67
C ALA B 17 1.61 -10.26 -6.10
N SER B 18 0.84 -11.18 -5.55
CA SER B 18 -0.56 -11.32 -5.90
C SER B 18 -1.38 -10.22 -5.21
N LYS B 19 -2.62 -10.00 -5.65
CA LYS B 19 -3.47 -8.95 -5.10
C LYS B 19 -3.53 -9.02 -3.58
N GLU B 20 -3.89 -10.19 -3.07
CA GLU B 20 -4.00 -10.42 -1.63
C GLU B 20 -2.67 -10.15 -0.93
N GLU B 21 -1.58 -10.47 -1.60
CA GLU B 21 -0.25 -10.38 -1.01
C GLU B 21 0.21 -8.93 -0.96
N ILE B 22 -0.13 -8.17 -1.99
CA ILE B 22 0.14 -6.74 -2.01
C ILE B 22 -0.64 -6.04 -0.90
N ALA B 23 -1.93 -6.34 -0.85
CA ALA B 23 -2.83 -5.76 0.16
C ALA B 23 -2.37 -6.12 1.56
N ALA B 24 -1.86 -7.33 1.71
CA ALA B 24 -1.33 -7.79 2.98
C ALA B 24 -0.23 -6.85 3.49
N LEU B 25 0.66 -6.47 2.59
CA LEU B 25 1.73 -5.53 2.93
C LEU B 25 1.19 -4.14 3.17
N ILE B 26 0.16 -3.78 2.42
CA ILE B 26 -0.46 -2.47 2.56
C ILE B 26 -1.04 -2.30 3.96
N VAL B 27 -1.84 -3.27 4.40
CA VAL B 27 -2.42 -3.21 5.74
C VAL B 27 -1.35 -3.46 6.80
N ASN B 28 -0.32 -4.23 6.43
CA ASN B 28 0.82 -4.47 7.31
C ASN B 28 1.54 -3.15 7.60
N TYR B 29 1.72 -2.35 6.57
CA TYR B 29 2.35 -1.05 6.71
C TYR B 29 1.57 -0.19 7.69
N PHE B 30 0.26 -0.08 7.47
CA PHE B 30 -0.60 0.71 8.34
C PHE B 30 -0.58 0.14 9.76
N SER B 31 -0.63 -1.17 9.87
CA SER B 31 -0.56 -1.85 11.16
C SER B 31 0.76 -1.52 11.87
N SER B 32 1.84 -1.51 11.12
CA SER B 32 3.15 -1.18 11.65
C SER B 32 3.19 0.29 12.11
N ILE B 33 2.55 1.16 11.33
CA ILE B 33 2.49 2.58 11.65
C ILE B 33 1.83 2.79 13.01
N VAL B 34 0.66 2.18 13.21
CA VAL B 34 -0.08 2.36 14.45
C VAL B 34 0.56 1.58 15.60
N GLU B 35 1.29 0.52 15.25
CA GLU B 35 1.96 -0.33 16.23
C GLU B 35 3.01 0.46 17.00
N LYS B 36 3.81 1.24 16.28
CA LYS B 36 4.86 2.02 16.92
C LYS B 36 4.43 3.48 17.11
N LYS B 37 3.14 3.72 16.86
CA LYS B 37 2.55 5.06 16.93
C LYS B 37 3.37 6.06 16.12
N GLU B 38 3.47 5.80 14.83
CA GLU B 38 4.24 6.62 13.92
C GLU B 38 3.34 7.67 13.29
N ILE B 39 2.04 7.50 13.52
CA ILE B 39 1.04 8.40 12.98
C ILE B 39 0.25 9.03 14.13
N SER B 40 -0.40 10.15 13.85
CA SER B 40 -1.22 10.83 14.83
C SER B 40 -2.49 10.02 15.13
N GLU B 41 -3.08 10.20 16.30
CA GLU B 41 -4.23 9.39 16.71
C GLU B 41 -5.35 9.43 15.68
N ASP B 42 -5.64 10.63 15.17
CA ASP B 42 -6.69 10.81 14.16
C ASP B 42 -6.38 10.01 12.90
N GLY B 43 -5.09 9.93 12.58
CA GLY B 43 -4.66 9.17 11.42
C GLY B 43 -4.74 7.68 11.66
N ALA B 44 -4.42 7.27 12.88
CA ALA B 44 -4.54 5.87 13.25
C ALA B 44 -6.01 5.43 13.23
N ASP B 45 -6.88 6.36 13.61
CA ASP B 45 -8.31 6.11 13.62
C ASP B 45 -8.84 5.89 12.21
N SER B 46 -8.42 6.74 11.29
CA SER B 46 -8.85 6.63 9.90
C SER B 46 -8.29 5.36 9.27
N LEU B 47 -7.11 4.94 9.72
CA LEU B 47 -6.51 3.70 9.25
C LEU B 47 -7.28 2.49 9.76
N ASN B 48 -8.05 2.68 10.83
CA ASN B 48 -8.83 1.58 11.40
C ASN B 48 -10.03 1.27 10.52
N VAL B 49 -10.79 2.29 10.13
CA VAL B 49 -11.94 2.08 9.24
C VAL B 49 -11.45 1.64 7.87
N ALA B 50 -10.27 2.10 7.48
CA ALA B 50 -9.64 1.67 6.25
C ALA B 50 -9.26 0.20 6.33
N MET B 51 -8.71 -0.19 7.48
CA MET B 51 -8.23 -1.56 7.70
C MET B 51 -9.29 -2.58 7.33
N ASP B 52 -10.50 -2.37 7.82
CA ASP B 52 -11.60 -3.29 7.57
C ASP B 52 -11.97 -3.34 6.09
N CYS B 53 -12.15 -2.18 5.48
CA CYS B 53 -12.61 -2.12 4.09
C CYS B 53 -11.53 -2.57 3.11
N ILE B 54 -10.26 -2.26 3.39
CA ILE B 54 -9.15 -2.72 2.56
C ILE B 54 -9.13 -4.25 2.54
N SER B 55 -9.16 -4.83 3.73
CA SER B 55 -9.10 -6.28 3.89
C SER B 55 -10.34 -6.93 3.25
N GLU B 56 -11.49 -6.31 3.46
CA GLU B 56 -12.75 -6.84 2.95
C GLU B 56 -12.80 -6.75 1.43
N ALA B 57 -12.18 -5.72 0.87
CA ALA B 57 -12.17 -5.49 -0.57
C ALA B 57 -11.50 -6.64 -1.30
N PHE B 58 -10.30 -7.00 -0.86
CA PHE B 58 -9.54 -8.06 -1.50
C PHE B 58 -10.06 -9.44 -1.12
N GLY B 59 -10.84 -9.49 -0.05
CA GLY B 59 -11.48 -10.73 0.34
C GLY B 59 -10.65 -11.56 1.30
N PHE B 60 -10.08 -10.90 2.29
CA PHE B 60 -9.35 -11.61 3.34
C PHE B 60 -9.57 -10.91 4.67
N GLU B 61 -9.08 -11.52 5.75
CA GLU B 61 -9.23 -10.96 7.08
C GLU B 61 -7.89 -10.49 7.62
N ARG B 62 -7.94 -9.51 8.51
CA ARG B 62 -6.76 -8.92 9.11
C ARG B 62 -5.98 -9.94 9.94
N GLU B 63 -6.64 -11.02 10.32
CA GLU B 63 -6.00 -12.08 11.09
C GLU B 63 -5.27 -13.05 10.17
N ALA B 64 -5.42 -12.86 8.87
CA ALA B 64 -4.80 -13.75 7.90
C ALA B 64 -3.64 -13.07 7.20
N VAL B 65 -3.35 -11.84 7.58
CA VAL B 65 -2.29 -11.06 6.92
C VAL B 65 -0.93 -11.74 7.08
N SER B 66 -0.66 -12.28 8.26
CA SER B 66 0.61 -12.94 8.52
C SER B 66 0.74 -14.20 7.67
N GLY B 67 -0.37 -14.91 7.49
CA GLY B 67 -0.36 -16.10 6.66
C GLY B 67 -0.08 -15.77 5.21
N ILE B 68 -0.71 -14.72 4.72
CA ILE B 68 -0.51 -14.27 3.36
C ILE B 68 0.94 -13.81 3.14
N LEU B 69 1.45 -13.03 4.09
CA LEU B 69 2.81 -12.52 4.01
C LEU B 69 3.83 -13.66 4.05
N GLY B 70 3.57 -14.65 4.89
CA GLY B 70 4.46 -15.81 4.97
C GLY B 70 4.50 -16.57 3.65
N LYS B 71 3.38 -16.55 2.94
CA LYS B 71 3.29 -17.23 1.66
C LYS B 71 3.92 -16.40 0.54
N SER B 72 3.79 -15.09 0.65
CA SER B 72 4.28 -14.18 -0.38
C SER B 72 5.80 -14.07 -0.37
N GLU B 73 6.33 -13.20 -1.22
CA GLU B 73 7.76 -12.92 -1.24
C GLU B 73 8.19 -12.26 0.06
N PHE B 74 7.42 -11.29 0.51
CA PHE B 74 7.87 -10.35 1.52
C PHE B 74 7.42 -10.77 2.91
N LYS B 75 8.01 -11.84 3.42
CA LYS B 75 7.79 -12.26 4.79
C LYS B 75 8.91 -11.73 5.68
N GLY B 76 8.54 -10.95 6.68
CA GLY B 76 9.53 -10.33 7.54
C GLY B 76 9.89 -8.93 7.07
N GLN B 77 9.15 -8.47 6.06
CA GLN B 77 9.39 -7.16 5.47
C GLN B 77 8.10 -6.36 5.45
N HIS B 78 8.19 -5.06 5.68
CA HIS B 78 7.03 -4.20 5.60
C HIS B 78 6.99 -3.53 4.23
N LEU B 79 5.82 -3.06 3.81
CA LEU B 79 5.69 -2.43 2.50
C LEU B 79 6.71 -1.30 2.33
N ALA B 80 6.84 -0.49 3.38
CA ALA B 80 7.70 0.68 3.33
C ALA B 80 9.17 0.31 3.18
N ASP B 81 9.56 -0.84 3.74
CA ASP B 81 10.94 -1.32 3.62
C ASP B 81 11.29 -1.50 2.14
N ILE B 82 10.32 -2.04 1.41
CA ILE B 82 10.44 -2.22 -0.03
C ILE B 82 10.69 -0.89 -0.73
N LEU B 83 9.83 0.07 -0.47
CA LEU B 83 9.90 1.37 -1.14
C LEU B 83 11.08 2.19 -0.65
N ASN B 84 11.53 1.92 0.57
CA ASN B 84 12.65 2.64 1.15
C ASN B 84 13.96 2.19 0.51
N SER B 85 14.04 0.92 0.16
CA SER B 85 15.24 0.36 -0.46
C SER B 85 15.21 0.57 -1.97
N ALA B 86 14.04 0.86 -2.52
CA ALA B 86 13.89 1.07 -3.95
C ALA B 86 14.22 2.51 -4.32
N SER B 87 14.58 2.74 -5.57
CA SER B 87 14.94 4.07 -6.03
C SER B 87 14.62 4.24 -7.51
N ARG B 88 14.14 5.42 -7.87
CA ARG B 88 13.81 5.74 -9.26
C ARG B 88 14.19 7.18 -9.56
N VAL B 89 15.40 7.36 -10.07
CA VAL B 89 15.88 8.69 -10.46
C VAL B 89 15.88 8.81 -11.98
N PRO B 90 15.08 9.73 -12.52
CA PRO B 90 14.91 9.88 -13.96
C PRO B 90 16.09 10.57 -14.63
N GLU B 91 16.27 10.31 -15.91
CA GLU B 91 17.32 10.93 -16.70
C GLU B 91 16.70 11.76 -17.82
N SER B 92 17.42 12.77 -18.28
CA SER B 92 16.91 13.66 -19.31
C SER B 92 17.14 13.09 -20.71
N MET A 14 9.76 13.05 1.14
CA MET A 14 9.99 12.57 -0.25
C MET A 14 11.44 12.16 -0.45
N MET A 15 11.67 11.28 -1.43
CA MET A 15 13.01 10.85 -1.82
C MET A 15 13.67 10.02 -0.72
N SER A 16 12.86 9.54 0.19
CA SER A 16 13.35 8.70 1.28
C SER A 16 12.32 7.62 1.61
N ALA A 17 11.51 7.25 0.61
CA ALA A 17 10.36 6.39 0.83
C ALA A 17 9.53 6.91 2.00
N SER A 18 9.21 8.19 1.94
CA SER A 18 8.51 8.85 3.01
C SER A 18 7.06 8.41 3.07
N LYS A 19 6.40 8.67 4.19
CA LYS A 19 5.02 8.24 4.41
C LYS A 19 4.14 8.67 3.24
N GLU A 20 4.29 9.94 2.86
CA GLU A 20 3.53 10.52 1.76
C GLU A 20 3.72 9.75 0.46
N GLU A 21 4.94 9.34 0.19
CA GLU A 21 5.29 8.64 -1.04
C GLU A 21 4.65 7.26 -1.06
N ILE A 22 4.75 6.58 0.07
CA ILE A 22 4.22 5.24 0.21
C ILE A 22 2.70 5.25 0.08
N ALA A 23 2.05 6.16 0.81
CA ALA A 23 0.60 6.29 0.77
C ALA A 23 0.12 6.62 -0.64
N ALA A 24 0.89 7.44 -1.35
CA ALA A 24 0.59 7.80 -2.72
C ALA A 24 0.52 6.56 -3.60
N LEU A 25 1.53 5.70 -3.46
CA LEU A 25 1.58 4.46 -4.23
C LEU A 25 0.48 3.50 -3.81
N ILE A 26 0.15 3.53 -2.52
CA ILE A 26 -0.91 2.69 -1.97
C ILE A 26 -2.26 3.04 -2.59
N VAL A 27 -2.63 4.32 -2.54
CA VAL A 27 -3.89 4.77 -3.10
C VAL A 27 -3.88 4.66 -4.63
N ASN A 28 -2.68 4.76 -5.19
CA ASN A 28 -2.48 4.57 -6.63
C ASN A 28 -2.86 3.17 -7.04
N TYR A 29 -2.38 2.18 -6.29
CA TYR A 29 -2.68 0.78 -6.56
C TYR A 29 -4.18 0.52 -6.54
N PHE A 30 -4.83 0.95 -5.47
CA PHE A 30 -6.26 0.76 -5.33
C PHE A 30 -7.01 1.45 -6.46
N SER A 31 -6.58 2.65 -6.81
CA SER A 31 -7.19 3.39 -7.90
C SER A 31 -7.02 2.66 -9.23
N SER A 32 -5.88 2.00 -9.39
CA SER A 32 -5.61 1.25 -10.61
C SER A 32 -6.58 0.09 -10.76
N ILE A 33 -6.92 -0.56 -9.64
CA ILE A 33 -7.82 -1.71 -9.67
C ILE A 33 -9.24 -1.28 -10.05
N VAL A 34 -9.70 -0.18 -9.47
CA VAL A 34 -11.07 0.28 -9.70
C VAL A 34 -11.20 0.97 -11.05
N GLU A 35 -10.13 1.60 -11.51
CA GLU A 35 -10.14 2.33 -12.77
C GLU A 35 -10.37 1.39 -13.94
N LYS A 36 -9.79 0.20 -13.88
CA LYS A 36 -9.96 -0.80 -14.93
C LYS A 36 -11.17 -1.70 -14.65
N LYS A 37 -11.85 -1.40 -13.54
CA LYS A 37 -13.03 -2.15 -13.11
C LYS A 37 -12.71 -3.64 -12.98
N GLU A 38 -11.61 -3.94 -12.30
CA GLU A 38 -11.18 -5.32 -12.14
C GLU A 38 -11.72 -5.88 -10.84
N ILE A 39 -11.93 -5.00 -9.88
CA ILE A 39 -12.46 -5.39 -8.58
C ILE A 39 -13.98 -5.22 -8.57
N SER A 40 -14.66 -6.03 -7.76
CA SER A 40 -16.11 -6.00 -7.68
C SER A 40 -16.60 -4.66 -7.14
N GLU A 41 -17.83 -4.28 -7.50
CA GLU A 41 -18.35 -2.95 -7.17
C GLU A 41 -18.23 -2.63 -5.69
N ASP A 42 -18.62 -3.58 -4.84
CA ASP A 42 -18.54 -3.39 -3.39
C ASP A 42 -17.11 -3.09 -2.95
N GLY A 43 -16.16 -3.86 -3.47
CA GLY A 43 -14.77 -3.65 -3.16
C GLY A 43 -14.28 -2.30 -3.65
N ALA A 44 -14.75 -1.90 -4.83
CA ALA A 44 -14.38 -0.62 -5.41
C ALA A 44 -14.86 0.53 -4.53
N ASP A 45 -16.11 0.45 -4.11
CA ASP A 45 -16.71 1.45 -3.22
C ASP A 45 -16.05 1.41 -1.85
N SER A 46 -15.70 0.21 -1.41
CA SER A 46 -15.03 0.01 -0.13
C SER A 46 -13.67 0.69 -0.13
N LEU A 47 -12.98 0.61 -1.27
CA LEU A 47 -11.68 1.25 -1.42
C LEU A 47 -11.81 2.76 -1.39
N ASN A 48 -12.96 3.28 -1.78
CA ASN A 48 -13.19 4.72 -1.81
C ASN A 48 -13.19 5.31 -0.40
N VAL A 49 -14.01 4.74 0.49
CA VAL A 49 -14.06 5.22 1.87
C VAL A 49 -12.72 4.99 2.55
N ALA A 50 -12.07 3.89 2.20
CA ALA A 50 -10.74 3.59 2.71
C ALA A 50 -9.74 4.63 2.26
N MET A 51 -9.84 5.02 1.00
CA MET A 51 -8.89 5.96 0.40
C MET A 51 -9.02 7.34 1.01
N ASP A 52 -10.24 7.74 1.33
CA ASP A 52 -10.46 9.02 1.99
C ASP A 52 -9.83 9.00 3.37
N CYS A 53 -9.84 7.83 3.99
CA CYS A 53 -9.19 7.64 5.28
C CYS A 53 -7.68 7.65 5.12
N ILE A 54 -7.18 6.92 4.13
CA ILE A 54 -5.74 6.88 3.84
C ILE A 54 -5.19 8.28 3.62
N SER A 55 -5.83 9.01 2.70
CA SER A 55 -5.38 10.34 2.33
C SER A 55 -5.40 11.29 3.52
N GLU A 56 -6.48 11.28 4.28
CA GLU A 56 -6.64 12.18 5.41
C GLU A 56 -5.66 11.83 6.53
N ALA A 57 -5.35 10.55 6.67
CA ALA A 57 -4.43 10.08 7.70
C ALA A 57 -3.03 10.63 7.49
N PHE A 58 -2.62 10.77 6.24
CA PHE A 58 -1.30 11.27 5.90
C PHE A 58 -1.34 12.78 5.66
N GLY A 59 -2.52 13.29 5.35
CA GLY A 59 -2.69 14.72 5.22
C GLY A 59 -2.71 15.21 3.79
N PHE A 60 -3.42 14.50 2.92
CA PHE A 60 -3.59 14.93 1.54
C PHE A 60 -4.93 14.46 0.99
N GLU A 61 -5.22 14.78 -0.26
CA GLU A 61 -6.44 14.31 -0.90
C GLU A 61 -6.11 13.41 -2.08
N ARG A 62 -7.11 12.74 -2.63
CA ARG A 62 -6.88 11.76 -3.69
C ARG A 62 -6.22 12.39 -4.91
N GLU A 63 -6.72 13.54 -5.35
CA GLU A 63 -6.19 14.19 -6.53
C GLU A 63 -4.76 14.70 -6.31
N ALA A 64 -4.30 14.67 -5.07
CA ALA A 64 -2.96 15.14 -4.74
C ALA A 64 -1.92 14.05 -5.01
N VAL A 65 -2.36 12.81 -5.21
CA VAL A 65 -1.45 11.71 -5.45
C VAL A 65 -0.61 11.95 -6.72
N SER A 66 -1.23 12.58 -7.71
CA SER A 66 -0.56 12.89 -8.96
C SER A 66 0.61 13.85 -8.71
N GLY A 67 0.43 14.75 -7.75
CA GLY A 67 1.48 15.69 -7.41
C GLY A 67 2.57 15.03 -6.58
N ILE A 68 2.16 14.18 -5.64
CA ILE A 68 3.11 13.46 -4.80
C ILE A 68 4.00 12.57 -5.68
N LEU A 69 3.39 11.86 -6.61
CA LEU A 69 4.12 10.96 -7.50
C LEU A 69 4.93 11.75 -8.54
N GLY A 70 4.83 13.06 -8.48
CA GLY A 70 5.63 13.90 -9.35
C GLY A 70 6.85 14.43 -8.64
N LYS A 71 6.78 14.52 -7.33
CA LYS A 71 7.86 15.06 -6.52
C LYS A 71 8.64 13.94 -5.83
N SER A 72 7.98 12.80 -5.63
CA SER A 72 8.59 11.67 -4.96
C SER A 72 9.58 10.95 -5.87
N GLU A 73 10.27 9.97 -5.31
CA GLU A 73 11.27 9.22 -6.07
C GLU A 73 10.63 7.99 -6.71
N PHE A 74 9.31 7.95 -6.71
CA PHE A 74 8.57 6.84 -7.29
C PHE A 74 7.77 7.31 -8.49
N LYS A 75 8.43 8.05 -9.37
CA LYS A 75 7.79 8.60 -10.55
C LYS A 75 7.64 7.52 -11.61
N GLY A 76 8.47 6.49 -11.53
CA GLY A 76 8.42 5.39 -12.46
C GLY A 76 8.01 4.10 -11.79
N GLN A 77 7.06 3.40 -12.41
CA GLN A 77 6.50 2.15 -11.87
C GLN A 77 5.60 2.41 -10.68
N HIS A 78 4.44 1.76 -10.67
CA HIS A 78 3.47 1.93 -9.60
C HIS A 78 3.82 1.00 -8.46
N LEU A 79 3.00 0.97 -7.41
CA LEU A 79 3.29 0.17 -6.22
C LEU A 79 3.51 -1.29 -6.59
N ALA A 80 2.55 -1.88 -7.29
CA ALA A 80 2.61 -3.29 -7.63
C ALA A 80 3.76 -3.57 -8.59
N ASP A 81 4.08 -2.59 -9.44
CA ASP A 81 5.22 -2.73 -10.34
C ASP A 81 6.52 -2.80 -9.53
N ILE A 82 6.59 -1.94 -8.53
CA ILE A 82 7.71 -1.91 -7.60
C ILE A 82 7.82 -3.24 -6.86
N LEU A 83 6.72 -3.70 -6.30
CA LEU A 83 6.69 -4.97 -5.58
C LEU A 83 7.00 -6.13 -6.51
N ASN A 84 6.57 -6.03 -7.76
CA ASN A 84 6.82 -7.06 -8.75
C ASN A 84 8.31 -7.11 -9.12
N SER A 85 9.01 -6.04 -8.80
CA SER A 85 10.45 -5.95 -9.05
C SER A 85 11.24 -6.49 -7.87
N ALA A 86 10.56 -6.76 -6.76
CA ALA A 86 11.22 -7.22 -5.55
C ALA A 86 10.67 -8.57 -5.10
N SER A 87 11.45 -9.28 -4.29
CA SER A 87 11.05 -10.57 -3.77
C SER A 87 12.06 -11.04 -2.71
N ARG A 88 11.55 -11.55 -1.59
CA ARG A 88 12.43 -12.04 -0.52
C ARG A 88 11.78 -13.20 0.21
N VAL A 89 12.42 -14.36 0.13
CA VAL A 89 11.94 -15.54 0.83
C VAL A 89 13.00 -16.05 1.81
N PRO A 90 13.05 -15.47 3.03
CA PRO A 90 13.92 -15.93 4.10
C PRO A 90 13.33 -17.15 4.80
N GLU A 91 14.11 -17.77 5.67
CA GLU A 91 13.68 -18.97 6.38
C GLU A 91 13.33 -20.07 5.36
N SER A 92 14.23 -20.25 4.41
CA SER A 92 14.01 -21.20 3.33
C SER A 92 15.17 -22.20 3.29
N MET B 14 -0.17 -15.51 -5.17
CA MET B 14 1.11 -15.40 -4.42
C MET B 14 2.30 -15.67 -5.33
N MET B 15 3.47 -15.15 -4.94
CA MET B 15 4.73 -15.37 -5.65
C MET B 15 4.74 -14.70 -7.01
N SER B 16 3.81 -13.79 -7.20
CA SER B 16 3.71 -13.05 -8.45
C SER B 16 3.30 -11.60 -8.18
N ALA B 17 3.64 -11.11 -6.98
CA ALA B 17 3.14 -9.83 -6.50
C ALA B 17 1.63 -9.76 -6.70
N SER B 18 0.96 -10.78 -6.22
CA SER B 18 -0.48 -10.90 -6.39
C SER B 18 -1.21 -9.89 -5.53
N LYS B 19 -2.49 -9.66 -5.84
CA LYS B 19 -3.30 -8.67 -5.13
C LYS B 19 -3.22 -8.90 -3.62
N GLU B 20 -3.38 -10.17 -3.24
CA GLU B 20 -3.36 -10.57 -1.83
C GLU B 20 -2.04 -10.18 -1.16
N GLU B 21 -0.94 -10.36 -1.88
CA GLU B 21 0.40 -10.09 -1.35
C GLU B 21 0.59 -8.59 -1.15
N ILE B 22 0.16 -7.83 -2.14
CA ILE B 22 0.28 -6.38 -2.10
C ILE B 22 -0.56 -5.80 -0.96
N ALA B 23 -1.82 -6.22 -0.91
CA ALA B 23 -2.74 -5.75 0.13
C ALA B 23 -2.21 -6.09 1.51
N ALA B 24 -1.60 -7.26 1.64
CA ALA B 24 -1.00 -7.69 2.90
C ALA B 24 0.07 -6.71 3.35
N LEU B 25 0.94 -6.33 2.43
CA LEU B 25 2.01 -5.38 2.73
C LEU B 25 1.43 -3.99 3.01
N ILE B 26 0.35 -3.66 2.31
CA ILE B 26 -0.31 -2.37 2.49
C ILE B 26 -0.88 -2.24 3.91
N VAL B 27 -1.65 -3.24 4.34
CA VAL B 27 -2.23 -3.21 5.67
C VAL B 27 -1.15 -3.38 6.73
N ASN B 28 -0.06 -4.06 6.34
CA ASN B 28 1.10 -4.23 7.21
C ASN B 28 1.73 -2.88 7.53
N TYR B 29 1.92 -2.07 6.48
CA TYR B 29 2.51 -0.73 6.64
C TYR B 29 1.67 0.11 7.59
N PHE B 30 0.37 0.19 7.34
CA PHE B 30 -0.52 0.97 8.18
C PHE B 30 -0.50 0.47 9.62
N SER B 31 -0.48 -0.85 9.78
CA SER B 31 -0.43 -1.46 11.11
C SER B 31 0.88 -1.10 11.81
N SER B 32 1.95 -1.00 11.04
CA SER B 32 3.25 -0.66 11.60
C SER B 32 3.24 0.76 12.18
N ILE B 33 2.54 1.67 11.49
CA ILE B 33 2.47 3.07 11.92
C ILE B 33 1.69 3.21 13.22
N VAL B 34 0.56 2.50 13.32
CA VAL B 34 -0.30 2.61 14.48
C VAL B 34 0.25 1.82 15.66
N GLU B 35 0.96 0.74 15.37
CA GLU B 35 1.51 -0.13 16.41
C GLU B 35 2.55 0.60 17.24
N LYS B 36 3.35 1.45 16.59
CA LYS B 36 4.36 2.22 17.29
C LYS B 36 3.80 3.56 17.75
N LYS B 37 2.52 3.78 17.47
CA LYS B 37 1.81 5.01 17.83
C LYS B 37 2.53 6.23 17.27
N GLU B 38 2.86 6.17 15.99
CA GLU B 38 3.58 7.25 15.33
C GLU B 38 2.60 8.21 14.68
N ILE B 39 1.46 7.66 14.28
CA ILE B 39 0.42 8.46 13.65
C ILE B 39 -0.58 8.93 14.69
N SER B 40 -1.22 10.07 14.43
CA SER B 40 -2.17 10.65 15.36
C SER B 40 -3.39 9.76 15.54
N GLU B 41 -4.04 9.85 16.70
CA GLU B 41 -5.13 8.93 17.05
C GLU B 41 -6.19 8.86 15.96
N ASP B 42 -6.62 10.01 15.45
CA ASP B 42 -7.63 10.05 14.39
C ASP B 42 -7.18 9.28 13.16
N GLY B 43 -5.93 9.49 12.77
CA GLY B 43 -5.38 8.77 11.63
C GLY B 43 -5.29 7.29 11.89
N ALA B 44 -4.95 6.92 13.12
CA ALA B 44 -4.86 5.51 13.50
C ALA B 44 -6.22 4.83 13.39
N ASP B 45 -7.24 5.50 13.93
CA ASP B 45 -8.60 5.00 13.87
C ASP B 45 -9.11 5.00 12.43
N SER B 46 -8.72 6.02 11.68
CA SER B 46 -9.09 6.14 10.27
C SER B 46 -8.54 4.96 9.48
N LEU B 47 -7.32 4.57 9.79
CA LEU B 47 -6.68 3.43 9.14
C LEU B 47 -7.39 2.12 9.47
N ASN B 48 -8.05 2.08 10.62
CA ASN B 48 -8.77 0.87 11.04
C ASN B 48 -9.96 0.59 10.14
N VAL B 49 -10.83 1.59 9.96
CA VAL B 49 -12.00 1.42 9.09
C VAL B 49 -11.53 1.19 7.65
N ALA B 50 -10.44 1.84 7.27
CA ALA B 50 -9.87 1.67 5.95
C ALA B 50 -9.38 0.25 5.78
N MET B 51 -8.74 -0.29 6.81
CA MET B 51 -8.14 -1.61 6.77
C MET B 51 -9.20 -2.70 6.65
N ASP B 52 -10.32 -2.50 7.33
CA ASP B 52 -11.44 -3.44 7.22
C ASP B 52 -11.98 -3.45 5.80
N CYS B 53 -11.92 -2.29 5.15
CA CYS B 53 -12.33 -2.16 3.77
C CYS B 53 -11.30 -2.81 2.85
N ILE B 54 -10.02 -2.54 3.10
CA ILE B 54 -8.93 -3.14 2.32
C ILE B 54 -9.02 -4.66 2.36
N SER B 55 -9.08 -5.20 3.57
CA SER B 55 -9.10 -6.65 3.76
C SER B 55 -10.30 -7.29 3.08
N GLU B 56 -11.48 -6.70 3.28
CA GLU B 56 -12.71 -7.25 2.73
C GLU B 56 -12.73 -7.15 1.20
N ALA B 57 -12.11 -6.10 0.67
CA ALA B 57 -12.05 -5.87 -0.77
C ALA B 57 -11.28 -6.98 -1.48
N PHE B 58 -10.24 -7.48 -0.83
CA PHE B 58 -9.41 -8.54 -1.41
C PHE B 58 -9.87 -9.91 -0.94
N GLY B 59 -10.61 -9.94 0.17
CA GLY B 59 -11.22 -11.19 0.62
C GLY B 59 -10.45 -11.86 1.75
N PHE B 60 -10.01 -11.09 2.73
CA PHE B 60 -9.36 -11.64 3.90
C PHE B 60 -9.61 -10.75 5.12
N GLU B 61 -9.07 -11.13 6.27
CA GLU B 61 -9.19 -10.33 7.48
C GLU B 61 -7.82 -9.86 7.94
N ARG B 62 -7.79 -8.94 8.90
CA ARG B 62 -6.53 -8.34 9.32
C ARG B 62 -5.56 -9.38 9.87
N GLU B 63 -6.04 -10.29 10.71
CA GLU B 63 -5.18 -11.30 11.31
C GLU B 63 -4.67 -12.30 10.28
N ALA B 64 -5.21 -12.24 9.07
CA ALA B 64 -4.81 -13.15 8.01
C ALA B 64 -3.55 -12.67 7.31
N VAL B 65 -3.17 -11.40 7.54
CA VAL B 65 -1.98 -10.83 6.90
C VAL B 65 -0.73 -11.61 7.28
N SER B 66 -0.70 -12.09 8.52
CA SER B 66 0.42 -12.86 9.01
C SER B 66 0.58 -14.15 8.21
N GLY B 67 -0.54 -14.73 7.80
CA GLY B 67 -0.52 -15.93 7.00
C GLY B 67 -0.15 -15.65 5.56
N ILE B 68 -0.69 -14.56 5.01
CA ILE B 68 -0.37 -14.16 3.65
C ILE B 68 1.12 -13.88 3.52
N LEU B 69 1.68 -13.14 4.48
CA LEU B 69 3.10 -12.80 4.46
C LEU B 69 3.97 -14.01 4.79
N GLY B 70 3.34 -15.14 5.05
CA GLY B 70 4.07 -16.37 5.27
C GLY B 70 4.13 -17.23 4.02
N LYS B 71 3.14 -17.05 3.15
CA LYS B 71 3.03 -17.84 1.93
C LYS B 71 3.50 -17.04 0.72
N SER B 72 3.43 -15.72 0.83
CA SER B 72 3.82 -14.83 -0.25
C SER B 72 5.34 -14.75 -0.40
N GLU B 73 5.78 -14.07 -1.43
CA GLU B 73 7.21 -13.93 -1.69
C GLU B 73 7.76 -12.68 -1.03
N PHE B 74 6.98 -12.11 -0.13
CA PHE B 74 7.37 -10.90 0.59
C PHE B 74 7.50 -11.20 2.08
N LYS B 75 8.19 -12.30 2.37
CA LYS B 75 8.38 -12.73 3.75
C LYS B 75 9.45 -11.87 4.43
N GLY B 76 10.32 -11.28 3.62
CA GLY B 76 11.36 -10.44 4.15
C GLY B 76 11.19 -9.00 3.72
N GLN B 77 11.33 -8.08 4.68
CA GLN B 77 11.14 -6.64 4.46
C GLN B 77 9.66 -6.30 4.26
N HIS B 78 9.22 -5.24 4.93
CA HIS B 78 7.84 -4.81 4.85
C HIS B 78 7.66 -3.92 3.63
N LEU B 79 6.46 -3.39 3.44
CA LEU B 79 6.16 -2.58 2.26
C LEU B 79 7.14 -1.43 2.11
N ALA B 80 7.27 -0.62 3.16
CA ALA B 80 8.12 0.55 3.12
C ALA B 80 9.58 0.18 2.98
N ASP B 81 9.95 -0.98 3.53
CA ASP B 81 11.31 -1.49 3.39
C ASP B 81 11.58 -1.82 1.92
N ILE B 82 10.60 -2.46 1.31
CA ILE B 82 10.65 -2.77 -0.11
C ILE B 82 10.76 -1.50 -0.95
N LEU B 83 9.89 -0.53 -0.68
CA LEU B 83 9.91 0.74 -1.38
C LEU B 83 11.21 1.49 -1.14
N ASN B 84 11.75 1.36 0.06
CA ASN B 84 13.00 2.01 0.42
C ASN B 84 14.17 1.37 -0.33
N SER B 85 13.95 0.17 -0.86
CA SER B 85 14.96 -0.52 -1.62
C SER B 85 14.86 -0.18 -3.11
N ALA B 86 13.81 0.55 -3.47
CA ALA B 86 13.58 0.90 -4.87
C ALA B 86 13.50 2.41 -5.05
N SER B 87 13.72 2.86 -6.29
CA SER B 87 13.64 4.28 -6.61
C SER B 87 13.74 4.46 -8.13
N ARG B 88 12.88 5.32 -8.68
CA ARG B 88 12.89 5.58 -10.11
C ARG B 88 12.48 7.02 -10.41
N VAL B 89 13.40 7.78 -10.98
CA VAL B 89 13.11 9.16 -11.36
C VAL B 89 13.31 9.35 -12.87
N PRO B 90 12.28 9.02 -13.67
CA PRO B 90 12.28 9.26 -15.11
C PRO B 90 11.94 10.71 -15.41
N GLU B 91 12.09 11.09 -16.68
CA GLU B 91 11.83 12.47 -17.10
C GLU B 91 12.75 13.42 -16.33
N SER B 92 14.02 13.06 -16.28
CA SER B 92 15.01 13.81 -15.53
C SER B 92 16.15 14.23 -16.46
N MET A 14 17.82 9.13 -4.24
CA MET A 14 17.27 7.98 -3.48
C MET A 14 16.65 8.46 -2.18
N MET A 15 15.33 8.48 -2.12
CA MET A 15 14.64 8.89 -0.92
C MET A 15 14.19 7.66 -0.14
N SER A 16 14.05 7.82 1.17
CA SER A 16 13.77 6.70 2.05
C SER A 16 12.29 6.38 2.12
N ALA A 17 11.55 6.74 1.07
CA ALA A 17 10.10 6.52 1.00
C ALA A 17 9.37 7.23 2.14
N SER A 18 8.97 8.46 1.90
CA SER A 18 8.29 9.25 2.91
C SER A 18 6.85 8.74 3.08
N LYS A 19 6.25 9.00 4.23
CA LYS A 19 4.90 8.51 4.52
C LYS A 19 3.93 8.87 3.39
N GLU A 20 3.92 10.15 3.03
CA GLU A 20 3.03 10.66 1.98
C GLU A 20 3.29 9.97 0.65
N GLU A 21 4.55 9.64 0.40
CA GLU A 21 4.97 9.06 -0.87
C GLU A 21 4.56 7.60 -0.97
N ILE A 22 4.65 6.90 0.16
CA ILE A 22 4.22 5.50 0.23
C ILE A 22 2.71 5.43 0.05
N ALA A 23 1.99 6.26 0.80
CA ALA A 23 0.55 6.33 0.71
C ALA A 23 0.11 6.73 -0.69
N ALA A 24 0.92 7.57 -1.34
CA ALA A 24 0.67 7.98 -2.70
C ALA A 24 0.57 6.76 -3.62
N LEU A 25 1.56 5.87 -3.52
CA LEU A 25 1.55 4.65 -4.31
C LEU A 25 0.41 3.73 -3.90
N ILE A 26 0.14 3.69 -2.59
CA ILE A 26 -0.93 2.85 -2.06
C ILE A 26 -2.29 3.26 -2.63
N VAL A 27 -2.61 4.54 -2.55
CA VAL A 27 -3.89 5.03 -3.07
C VAL A 27 -3.93 4.93 -4.59
N ASN A 28 -2.77 5.13 -5.22
CA ASN A 28 -2.66 5.02 -6.68
C ASN A 28 -2.90 3.58 -7.12
N TYR A 29 -2.49 2.64 -6.27
CA TYR A 29 -2.69 1.23 -6.54
C TYR A 29 -4.16 0.87 -6.47
N PHE A 30 -4.82 1.25 -5.38
CA PHE A 30 -6.24 0.94 -5.19
C PHE A 30 -7.08 1.59 -6.28
N SER A 31 -6.80 2.85 -6.58
CA SER A 31 -7.57 3.59 -7.58
C SER A 31 -7.33 3.01 -8.98
N SER A 32 -6.21 2.32 -9.15
CA SER A 32 -5.89 1.69 -10.42
C SER A 32 -6.80 0.49 -10.66
N ILE A 33 -7.02 -0.30 -9.61
CA ILE A 33 -7.81 -1.51 -9.71
C ILE A 33 -9.27 -1.18 -10.03
N VAL A 34 -9.78 -0.11 -9.41
CA VAL A 34 -11.16 0.31 -9.64
C VAL A 34 -11.29 1.01 -10.98
N GLU A 35 -10.19 1.62 -11.44
CA GLU A 35 -10.17 2.31 -12.72
C GLU A 35 -10.38 1.31 -13.85
N LYS A 36 -9.62 0.21 -13.81
CA LYS A 36 -9.74 -0.84 -14.81
C LYS A 36 -10.90 -1.76 -14.51
N LYS A 37 -11.56 -1.48 -13.38
CA LYS A 37 -12.78 -2.18 -12.95
C LYS A 37 -12.54 -3.69 -12.84
N GLU A 38 -11.43 -4.06 -12.24
CA GLU A 38 -11.06 -5.47 -12.14
C GLU A 38 -11.45 -6.02 -10.77
N ILE A 39 -11.67 -5.11 -9.84
CA ILE A 39 -12.06 -5.49 -8.49
C ILE A 39 -13.59 -5.48 -8.36
N SER A 40 -14.10 -6.33 -7.48
CA SER A 40 -15.52 -6.40 -7.21
C SER A 40 -16.04 -5.05 -6.72
N GLU A 41 -17.22 -4.67 -7.22
CA GLU A 41 -17.78 -3.34 -7.03
C GLU A 41 -18.04 -3.01 -5.57
N ASP A 42 -18.33 -4.05 -4.77
CA ASP A 42 -18.51 -3.87 -3.35
C ASP A 42 -17.19 -3.50 -2.69
N GLY A 43 -16.15 -4.23 -3.05
CA GLY A 43 -14.82 -3.94 -2.55
C GLY A 43 -14.31 -2.60 -3.05
N ALA A 44 -14.70 -2.25 -4.27
CA ALA A 44 -14.35 -0.96 -4.85
C ALA A 44 -14.89 0.17 -3.99
N ASP A 45 -16.13 -0.01 -3.51
CA ASP A 45 -16.75 0.98 -2.64
C ASP A 45 -16.01 1.07 -1.31
N SER A 46 -15.61 -0.08 -0.80
CA SER A 46 -14.84 -0.14 0.43
C SER A 46 -13.49 0.57 0.25
N LEU A 47 -12.94 0.48 -0.95
CA LEU A 47 -11.69 1.19 -1.26
C LEU A 47 -11.94 2.69 -1.37
N ASN A 48 -13.15 3.07 -1.74
CA ASN A 48 -13.50 4.48 -1.86
C ASN A 48 -13.51 5.17 -0.49
N VAL A 49 -14.21 4.58 0.46
CA VAL A 49 -14.24 5.12 1.82
C VAL A 49 -12.84 5.05 2.45
N ALA A 50 -12.12 3.98 2.13
CA ALA A 50 -10.75 3.81 2.61
C ALA A 50 -9.84 4.87 2.00
N MET A 51 -10.12 5.23 0.75
CA MET A 51 -9.33 6.22 0.02
C MET A 51 -9.29 7.54 0.76
N ASP A 52 -10.45 8.00 1.19
CA ASP A 52 -10.55 9.21 1.99
C ASP A 52 -9.77 9.06 3.28
N CYS A 53 -9.93 7.90 3.91
CA CYS A 53 -9.29 7.60 5.18
C CYS A 53 -7.76 7.63 5.07
N ILE A 54 -7.23 6.96 4.04
CA ILE A 54 -5.79 6.92 3.80
C ILE A 54 -5.24 8.33 3.60
N SER A 55 -5.88 9.06 2.69
CA SER A 55 -5.46 10.41 2.37
C SER A 55 -5.52 11.31 3.61
N GLU A 56 -6.63 11.22 4.34
CA GLU A 56 -6.84 12.01 5.55
C GLU A 56 -5.80 11.67 6.61
N ALA A 57 -5.51 10.38 6.77
CA ALA A 57 -4.57 9.91 7.78
C ALA A 57 -3.19 10.49 7.59
N PHE A 58 -2.75 10.58 6.34
CA PHE A 58 -1.42 11.08 6.03
C PHE A 58 -1.43 12.58 5.79
N GLY A 59 -2.62 13.14 5.64
CA GLY A 59 -2.76 14.58 5.52
C GLY A 59 -2.54 15.08 4.11
N PHE A 60 -3.04 14.34 3.12
CA PHE A 60 -2.96 14.78 1.74
C PHE A 60 -4.27 14.50 1.03
N GLU A 61 -4.46 15.11 -0.14
CA GLU A 61 -5.66 14.90 -0.92
C GLU A 61 -5.41 13.87 -2.01
N ARG A 62 -6.44 13.06 -2.28
CA ARG A 62 -6.37 11.99 -3.27
C ARG A 62 -6.06 12.55 -4.66
N GLU A 63 -6.32 13.84 -4.85
CA GLU A 63 -6.08 14.48 -6.13
C GLU A 63 -4.62 14.93 -6.25
N ALA A 64 -3.92 14.96 -5.12
CA ALA A 64 -2.56 15.46 -5.09
C ALA A 64 -1.54 14.32 -5.22
N VAL A 65 -2.03 13.09 -5.33
CA VAL A 65 -1.16 11.93 -5.44
C VAL A 65 -0.24 12.05 -6.66
N SER A 66 -0.78 12.57 -7.75
CA SER A 66 0.00 12.76 -8.97
C SER A 66 1.13 13.76 -8.72
N GLY A 67 0.84 14.77 -7.92
CA GLY A 67 1.83 15.77 -7.58
C GLY A 67 2.92 15.21 -6.68
N ILE A 68 2.51 14.38 -5.72
CA ILE A 68 3.46 13.74 -4.81
C ILE A 68 4.46 12.87 -5.58
N LEU A 69 3.93 12.06 -6.48
CA LEU A 69 4.76 11.16 -7.28
C LEU A 69 5.63 11.94 -8.25
N GLY A 70 5.09 13.03 -8.79
CA GLY A 70 5.84 13.88 -9.68
C GLY A 70 6.90 14.68 -8.94
N LYS A 71 6.65 14.92 -7.66
CA LYS A 71 7.56 15.70 -6.83
C LYS A 71 8.85 14.93 -6.57
N SER A 72 8.73 13.74 -6.01
CA SER A 72 9.89 12.96 -5.64
C SER A 72 10.20 11.90 -6.69
N GLU A 73 10.07 10.64 -6.33
CA GLU A 73 10.35 9.54 -7.22
C GLU A 73 9.15 8.60 -7.30
N PHE A 74 9.42 7.31 -7.49
CA PHE A 74 8.38 6.30 -7.63
C PHE A 74 7.61 6.52 -8.92
N LYS A 75 8.33 7.01 -9.92
CA LYS A 75 7.75 7.31 -11.22
C LYS A 75 7.90 6.10 -12.15
N GLY A 76 7.01 6.00 -13.12
CA GLY A 76 7.07 4.91 -14.07
C GLY A 76 6.54 3.61 -13.50
N GLN A 77 7.24 3.08 -12.52
CA GLN A 77 6.85 1.83 -11.88
C GLN A 77 5.79 2.10 -10.82
N HIS A 78 4.78 1.25 -10.77
CA HIS A 78 3.71 1.40 -9.80
C HIS A 78 4.05 0.60 -8.55
N LEU A 79 3.17 0.62 -7.57
CA LEU A 79 3.41 -0.09 -6.32
C LEU A 79 3.68 -1.57 -6.57
N ALA A 80 2.76 -2.21 -7.29
CA ALA A 80 2.88 -3.65 -7.56
C ALA A 80 4.10 -3.95 -8.42
N ASP A 81 4.46 -3.01 -9.30
CA ASP A 81 5.67 -3.16 -10.11
C ASP A 81 6.89 -3.16 -9.21
N ILE A 82 6.90 -2.22 -8.28
CA ILE A 82 7.96 -2.11 -7.29
C ILE A 82 8.09 -3.39 -6.47
N LEU A 83 6.97 -3.86 -5.94
CA LEU A 83 6.94 -5.08 -5.13
C LEU A 83 7.45 -6.28 -5.92
N ASN A 84 7.08 -6.33 -7.20
CA ASN A 84 7.53 -7.42 -8.07
C ASN A 84 9.04 -7.31 -8.35
N SER A 85 9.51 -6.08 -8.50
CA SER A 85 10.92 -5.83 -8.77
C SER A 85 11.77 -6.17 -7.55
N ALA A 86 11.17 -6.04 -6.37
CA ALA A 86 11.86 -6.33 -5.12
C ALA A 86 11.53 -7.72 -4.61
N SER A 87 11.10 -8.58 -5.53
CA SER A 87 10.75 -9.96 -5.20
C SER A 87 11.90 -10.68 -4.50
N ARG A 88 11.56 -11.52 -3.54
CA ARG A 88 12.56 -12.25 -2.77
C ARG A 88 12.27 -13.74 -2.81
N VAL A 89 13.33 -14.54 -2.80
CA VAL A 89 13.18 -15.98 -2.71
C VAL A 89 13.06 -16.41 -1.24
N PRO A 90 11.92 -17.02 -0.86
CA PRO A 90 11.68 -17.48 0.51
C PRO A 90 12.65 -18.58 0.92
N GLU A 91 13.70 -18.20 1.62
CA GLU A 91 14.70 -19.14 2.10
C GLU A 91 14.24 -19.76 3.42
N SER A 92 13.50 -20.83 3.33
CA SER A 92 12.99 -21.53 4.50
C SER A 92 13.96 -22.64 4.92
N MET B 14 10.01 -16.20 -7.47
CA MET B 14 9.63 -14.81 -7.84
C MET B 14 8.17 -14.78 -8.28
N MET B 15 7.32 -14.23 -7.42
CA MET B 15 5.91 -14.10 -7.73
C MET B 15 5.60 -12.69 -8.20
N SER B 16 4.57 -12.55 -9.01
CA SER B 16 4.28 -11.28 -9.64
C SER B 16 3.45 -10.37 -8.75
N ALA B 17 3.56 -10.57 -7.43
CA ALA B 17 2.82 -9.80 -6.44
C ALA B 17 1.32 -9.93 -6.64
N SER B 18 0.72 -10.92 -5.99
CA SER B 18 -0.71 -11.15 -6.11
C SER B 18 -1.48 -10.08 -5.34
N LYS B 19 -2.74 -9.87 -5.71
CA LYS B 19 -3.57 -8.84 -5.09
C LYS B 19 -3.55 -8.96 -3.57
N GLU B 20 -3.83 -10.16 -3.08
CA GLU B 20 -3.87 -10.43 -1.64
C GLU B 20 -2.52 -10.16 -0.98
N GLU B 21 -1.45 -10.41 -1.72
CA GLU B 21 -0.10 -10.29 -1.19
C GLU B 21 0.32 -8.82 -1.10
N ILE B 22 -0.10 -8.04 -2.08
CA ILE B 22 0.16 -6.61 -2.07
C ILE B 22 -0.61 -5.96 -0.94
N ALA B 23 -1.90 -6.28 -0.85
CA ALA B 23 -2.75 -5.75 0.21
C ALA B 23 -2.23 -6.19 1.57
N ALA B 24 -1.65 -7.37 1.63
CA ALA B 24 -1.04 -7.89 2.85
C ALA B 24 0.02 -6.91 3.36
N LEU B 25 0.91 -6.50 2.47
CA LEU B 25 1.95 -5.54 2.83
C LEU B 25 1.35 -4.18 3.14
N ILE B 26 0.32 -3.81 2.41
CA ILE B 26 -0.34 -2.53 2.60
C ILE B 26 -0.96 -2.43 4.00
N VAL B 27 -1.73 -3.43 4.38
CA VAL B 27 -2.37 -3.43 5.70
C VAL B 27 -1.32 -3.60 6.80
N ASN B 28 -0.26 -4.36 6.50
CA ASN B 28 0.83 -4.56 7.44
C ASN B 28 1.59 -3.25 7.67
N TYR B 29 1.64 -2.44 6.63
CA TYR B 29 2.29 -1.13 6.72
C TYR B 29 1.48 -0.19 7.61
N PHE B 30 0.18 -0.07 7.33
CA PHE B 30 -0.68 0.81 8.11
C PHE B 30 -0.73 0.39 9.57
N SER B 31 -0.87 -0.90 9.81
CA SER B 31 -0.96 -1.41 11.18
C SER B 31 0.37 -1.25 11.91
N SER B 32 1.46 -1.12 11.16
CA SER B 32 2.78 -0.91 11.75
C SER B 32 2.88 0.50 12.32
N ILE B 33 2.34 1.47 11.59
CA ILE B 33 2.43 2.87 11.99
C ILE B 33 1.61 3.12 13.27
N VAL B 34 0.45 2.48 13.35
CA VAL B 34 -0.41 2.62 14.51
C VAL B 34 0.13 1.81 15.69
N GLU B 35 0.85 0.74 15.37
CA GLU B 35 1.46 -0.11 16.39
C GLU B 35 2.51 0.68 17.17
N LYS B 36 3.39 1.35 16.44
CA LYS B 36 4.43 2.17 17.05
C LYS B 36 3.88 3.53 17.47
N LYS B 37 2.60 3.74 17.16
CA LYS B 37 1.86 4.94 17.55
C LYS B 37 2.55 6.21 17.07
N GLU B 38 2.99 6.20 15.81
CA GLU B 38 3.71 7.33 15.25
C GLU B 38 2.77 8.20 14.44
N ILE B 39 1.64 7.65 14.07
CA ILE B 39 0.64 8.39 13.31
C ILE B 39 -0.38 9.02 14.26
N SER B 40 -0.94 10.15 13.83
CA SER B 40 -1.97 10.85 14.60
C SER B 40 -3.17 9.93 14.82
N GLU B 41 -3.71 9.99 16.04
CA GLU B 41 -4.72 9.06 16.51
C GLU B 41 -6.00 9.14 15.69
N ASP B 42 -6.29 10.31 15.16
CA ASP B 42 -7.44 10.49 14.28
C ASP B 42 -7.24 9.72 12.98
N GLY B 43 -6.05 9.88 12.40
CA GLY B 43 -5.71 9.16 11.20
C GLY B 43 -5.60 7.67 11.44
N ALA B 44 -5.15 7.30 12.64
CA ALA B 44 -5.08 5.90 13.04
C ALA B 44 -6.46 5.26 12.99
N ASP B 45 -7.46 6.01 13.45
CA ASP B 45 -8.84 5.53 13.42
C ASP B 45 -9.32 5.38 11.98
N SER B 46 -8.96 6.34 11.14
CA SER B 46 -9.29 6.29 9.74
C SER B 46 -8.64 5.07 9.08
N LEU B 47 -7.46 4.71 9.53
CA LEU B 47 -6.78 3.52 9.03
C LEU B 47 -7.46 2.25 9.53
N ASN B 48 -8.11 2.34 10.68
CA ASN B 48 -8.82 1.19 11.25
C ASN B 48 -10.03 0.83 10.40
N VAL B 49 -10.87 1.82 10.09
CA VAL B 49 -12.02 1.57 9.23
C VAL B 49 -11.57 1.18 7.82
N ALA B 50 -10.47 1.78 7.37
CA ALA B 50 -9.90 1.45 6.08
C ALA B 50 -9.36 0.02 6.08
N MET B 51 -8.83 -0.40 7.23
CA MET B 51 -8.27 -1.72 7.38
C MET B 51 -9.29 -2.81 7.04
N ASP B 52 -10.47 -2.66 7.61
CA ASP B 52 -11.57 -3.57 7.31
C ASP B 52 -11.92 -3.52 5.83
N CYS B 53 -11.96 -2.32 5.29
CA CYS B 53 -12.30 -2.09 3.90
C CYS B 53 -11.30 -2.76 2.95
N ILE B 54 -10.01 -2.56 3.21
CA ILE B 54 -8.95 -3.15 2.39
C ILE B 54 -9.06 -4.67 2.41
N SER B 55 -9.14 -5.23 3.61
CA SER B 55 -9.21 -6.67 3.80
C SER B 55 -10.46 -7.23 3.11
N GLU B 56 -11.59 -6.57 3.32
CA GLU B 56 -12.87 -6.98 2.72
C GLU B 56 -12.81 -6.92 1.20
N ALA B 57 -12.21 -5.85 0.67
CA ALA B 57 -12.14 -5.63 -0.76
C ALA B 57 -11.39 -6.76 -1.47
N PHE B 58 -10.32 -7.23 -0.86
CA PHE B 58 -9.50 -8.27 -1.45
C PHE B 58 -9.97 -9.67 -1.02
N GLY B 59 -10.82 -9.70 0.00
CA GLY B 59 -11.41 -10.96 0.42
C GLY B 59 -10.53 -11.74 1.38
N PHE B 60 -9.87 -11.05 2.28
CA PHE B 60 -9.06 -11.72 3.29
C PHE B 60 -9.26 -11.05 4.65
N GLU B 61 -8.84 -11.72 5.71
CA GLU B 61 -8.96 -11.18 7.04
C GLU B 61 -7.64 -10.55 7.49
N ARG B 62 -7.76 -9.45 8.24
CA ARG B 62 -6.61 -8.69 8.72
C ARG B 62 -5.70 -9.56 9.60
N GLU B 63 -6.26 -10.64 10.12
CA GLU B 63 -5.51 -11.54 10.98
C GLU B 63 -4.72 -12.55 10.17
N ALA B 64 -5.07 -12.67 8.89
CA ALA B 64 -4.46 -13.67 8.02
C ALA B 64 -3.30 -13.10 7.23
N VAL B 65 -3.01 -11.81 7.43
CA VAL B 65 -1.93 -11.14 6.73
C VAL B 65 -0.59 -11.84 6.99
N SER B 66 -0.39 -12.28 8.23
CA SER B 66 0.83 -12.98 8.61
C SER B 66 0.94 -14.29 7.84
N GLY B 67 -0.20 -14.94 7.63
CA GLY B 67 -0.23 -16.18 6.88
C GLY B 67 0.05 -15.97 5.41
N ILE B 68 -0.50 -14.90 4.85
CA ILE B 68 -0.28 -14.55 3.45
C ILE B 68 1.21 -14.31 3.18
N LEU B 69 1.84 -13.52 4.04
CA LEU B 69 3.25 -13.19 3.90
C LEU B 69 4.12 -14.43 4.13
N GLY B 70 3.69 -15.26 5.08
CA GLY B 70 4.41 -16.50 5.34
C GLY B 70 4.24 -17.52 4.23
N LYS B 71 3.12 -17.42 3.54
CA LYS B 71 2.78 -18.34 2.45
C LYS B 71 3.72 -18.13 1.26
N SER B 72 3.75 -16.92 0.73
CA SER B 72 4.53 -16.62 -0.45
C SER B 72 5.87 -15.98 -0.08
N GLU B 73 6.06 -14.75 -0.47
CA GLU B 73 7.29 -14.03 -0.20
C GLU B 73 7.00 -12.72 0.49
N PHE B 74 7.82 -11.70 0.23
CA PHE B 74 7.69 -10.39 0.86
C PHE B 74 8.02 -10.50 2.34
N LYS B 75 8.92 -11.41 2.66
CA LYS B 75 9.32 -11.66 4.02
C LYS B 75 10.54 -10.81 4.38
N GLY B 76 10.70 -10.51 5.66
CA GLY B 76 11.83 -9.73 6.12
C GLY B 76 11.65 -8.25 5.84
N GLN B 77 11.64 -7.89 4.57
CA GLN B 77 11.48 -6.50 4.16
C GLN B 77 10.01 -6.13 4.17
N HIS B 78 9.70 -4.95 4.69
CA HIS B 78 8.33 -4.47 4.74
C HIS B 78 8.02 -3.67 3.48
N LEU B 79 6.80 -3.16 3.38
CA LEU B 79 6.39 -2.41 2.20
C LEU B 79 7.33 -1.23 1.96
N ALA B 80 7.53 -0.41 2.96
CA ALA B 80 8.38 0.78 2.84
C ALA B 80 9.83 0.41 2.58
N ASP B 81 10.26 -0.73 3.12
CA ASP B 81 11.60 -1.24 2.85
C ASP B 81 11.74 -1.59 1.38
N ILE B 82 10.73 -2.27 0.87
CA ILE B 82 10.66 -2.63 -0.54
C ILE B 82 10.71 -1.40 -1.43
N LEU B 83 9.86 -0.42 -1.13
CA LEU B 83 9.80 0.82 -1.90
C LEU B 83 11.14 1.55 -1.88
N ASN B 84 11.81 1.53 -0.74
CA ASN B 84 13.12 2.16 -0.60
C ASN B 84 14.17 1.41 -1.39
N SER B 85 14.06 0.08 -1.40
CA SER B 85 15.01 -0.76 -2.11
C SER B 85 14.84 -0.59 -3.63
N ALA B 86 13.62 -0.26 -4.04
CA ALA B 86 13.32 -0.08 -5.45
C ALA B 86 13.33 1.40 -5.82
N SER B 87 14.05 2.19 -5.03
CA SER B 87 14.18 3.62 -5.26
C SER B 87 14.70 3.91 -6.66
N ARG B 88 14.20 4.97 -7.28
CA ARG B 88 14.59 5.35 -8.62
C ARG B 88 15.05 6.79 -8.66
N VAL B 89 16.01 7.08 -9.52
CA VAL B 89 16.45 8.45 -9.72
C VAL B 89 15.56 9.13 -10.76
N PRO B 90 14.86 10.21 -10.36
CA PRO B 90 13.97 10.96 -11.26
C PRO B 90 14.74 11.62 -12.40
N GLU B 91 14.74 10.97 -13.56
CA GLU B 91 15.42 11.50 -14.73
C GLU B 91 14.50 12.45 -15.47
N SER B 92 14.56 13.72 -15.09
CA SER B 92 13.74 14.75 -15.70
C SER B 92 14.49 15.42 -16.85
#